data_8TC1
#
_entry.id   8TC1
#
_cell.length_a   1.00
_cell.length_b   1.00
_cell.length_c   1.00
_cell.angle_alpha   90.00
_cell.angle_beta   90.00
_cell.angle_gamma   90.00
#
_symmetry.space_group_name_H-M   'P 1'
#
loop_
_entity.id
_entity.type
_entity.pdbx_description
1 polymer 'Spike glycoprotein'
2 branched 2-acetamido-2-deoxy-beta-D-glucopyranose-(1-4)-2-acetamido-2-deoxy-beta-D-glucopyranose
3 branched beta-D-mannopyranose-(1-4)-2-acetamido-2-deoxy-beta-D-glucopyranose-(1-4)-2-acetamido-2-deoxy-beta-D-glucopyranose
4 non-polymer 2-acetamido-2-deoxy-beta-D-glucopyranose
5 non-polymer 'LINOLEIC ACID'
6 water water
#
_entity_poly.entity_id   1
_entity_poly.type   'polypeptide(L)'
_entity_poly.pdbx_seq_one_letter_code
;LDRCTTFDDVQAPNYTQHTSSMRGVYYPDEIFRSDTLYLTQDLFLPFYSNVTGFHTINHTFDNPVIPFKDGIYFAATEKS
NVVRGWVFGSTMNNKSQSVIIINNSTNVVIRACNFELCDNPFFVVSKPMGTQTHTMIFDNAFNCTFEYISDAFSLDVSEK
SGNFKHLREFVFKNKDGFLYVYKGYQPIDVVRDLPSGFNTLKPIFKLPLGIKITNFRAILTAFSPAQGTWGTSAAAYFVG
YLKPTTFMLKYDENGTITDAVDCSQNPLAELKCSVKSFEIDKGIYQTSNFRVVPSGDVVRFPNITNLCPFGEVFNATKFP
SVYAWERKRISNCVADYSVLYNSTSFSTFKCYGVSATKLNDLCFSNVYADSFVVKGDDVRQIAPGQTGVIADYNYKLPDD
FMGCVLAWNTRNIDATSTGNYNYKYRYLRHGKLRPFERDISNVPFSSDGKPCTPPAPNCYWPLRGYGFYTTSGIGYQPYR
VVVLSFELLNAPATVCGPKLSTDLIKNQCVNFNFNGLTGTGVLTPSSKRFQPFQQFGRDVSDFTDSVRDPKTSEILDISP
CSFGGVSVITPGTNASSEVAVLYQDVNCTDVSTLIHAEQLTPAWRIYSTGNNVFQTQAGCLIGAEHVDTSYECDIPIGAG
ICASYHTVSSLRSTSQKSIVAYTMSLGADSSIAYSNNTIAIPTNFSISITTEVMPVSMAKTSVDCNMYICGDSTECANLL
LQYGSFCRQLNRALSGIAAEQDRNTREVFVQVKQMYKTPTLKDFGGFNFSQILPDPLKPTKRSFIEDLLFNKVTLADAGF
MKQYGECLGDINARDLICAQKFNGLTVLPPLLTDDMIAAYTAALVSGTATAGWTFGAGAALQIPFAMQMAYRFNGIGVTQ
NVLYENQKQIANQFNKAISQIQESLTTTSTALGKLQDVVNQNAQALNTLVKQLSSNFGAISSVLNDILSRLDKVEAEVQI
DRLITGRLQSLQTYVTQQLIRAAEIRASANLAATKMSECVLGQSKRVDFCGKGYHLMSFPQAAPHGVVFLHVTYVPSQER
NFTTAPAICHEGKAYFPREGVFVFSGTSWFITQRNFFSPQIITTDNTFVSGNCDVVIGIINNTVYD
;
_entity_poly.pdbx_strand_id   A,B,C
#
# COMPACT_ATOMS: atom_id res chain seq x y z
N LEU A 1 -43.61 46.00 43.57
CA LEU A 1 -42.90 44.83 43.06
C LEU A 1 -43.70 44.15 41.96
N ASP A 2 -44.90 44.66 41.68
CA ASP A 2 -45.71 44.10 40.60
C ASP A 2 -44.95 44.18 39.28
N ARG A 3 -44.38 45.34 38.96
CA ARG A 3 -43.44 45.48 37.87
C ARG A 3 -42.06 45.08 38.37
N CYS A 4 -41.03 45.29 37.57
CA CYS A 4 -39.67 44.96 37.95
C CYS A 4 -38.91 46.22 38.33
N THR A 5 -38.20 46.14 39.45
CA THR A 5 -37.54 47.29 40.06
C THR A 5 -36.03 47.24 39.82
N THR A 6 -35.40 48.39 40.00
CA THR A 6 -33.95 48.52 39.93
C THR A 6 -33.41 48.82 41.32
N PHE A 7 -32.43 48.03 41.75
CA PHE A 7 -31.83 48.24 43.07
C PHE A 7 -31.07 49.55 43.10
N ASP A 8 -31.17 50.24 44.23
CA ASP A 8 -30.49 51.52 44.43
C ASP A 8 -29.27 51.33 45.31
N ASP A 9 -28.18 52.02 44.94
CA ASP A 9 -26.92 51.96 45.69
C ASP A 9 -26.36 50.54 45.71
N VAL A 10 -26.05 50.04 44.50
CA VAL A 10 -25.47 48.71 44.31
C VAL A 10 -24.05 48.90 43.80
N GLN A 11 -23.09 48.25 44.46
CA GLN A 11 -21.70 48.37 44.07
C GLN A 11 -21.45 47.69 42.73
N ALA A 12 -20.49 48.22 41.98
CA ALA A 12 -20.17 47.67 40.68
C ALA A 12 -19.44 46.34 40.82
N PRO A 13 -19.54 45.45 39.84
CA PRO A 13 -18.88 44.14 39.96
C PRO A 13 -17.37 44.25 40.00
N ASN A 14 -16.76 43.30 40.70
CA ASN A 14 -15.32 43.09 40.70
C ASN A 14 -15.07 41.77 39.98
N TYR A 15 -14.60 41.84 38.74
CA TYR A 15 -14.39 40.64 37.93
C TYR A 15 -13.12 39.94 38.42
N THR A 16 -13.27 39.23 39.53
CA THR A 16 -12.16 38.47 40.08
C THR A 16 -11.73 37.36 39.13
N GLN A 17 -10.44 37.05 39.13
CA GLN A 17 -9.85 36.10 38.21
C GLN A 17 -9.46 34.83 38.95
N HIS A 18 -9.80 33.68 38.37
CA HIS A 18 -9.42 32.39 38.92
C HIS A 18 -8.99 31.50 37.77
N THR A 19 -8.56 30.28 38.09
CA THR A 19 -8.15 29.31 37.08
C THR A 19 -9.01 28.06 37.18
N SER A 20 -9.40 27.52 36.03
CA SER A 20 -9.96 26.18 36.00
C SER A 20 -8.88 25.19 36.42
N SER A 21 -9.31 23.99 36.77
CA SER A 21 -8.36 22.95 37.16
C SER A 21 -8.95 21.61 36.72
N MET A 22 -8.60 21.18 35.51
CA MET A 22 -9.06 19.91 34.96
C MET A 22 -10.57 19.73 35.12
N ARG A 23 -11.30 20.84 35.15
CA ARG A 23 -12.75 20.82 35.29
C ARG A 23 -13.42 21.02 33.94
N GLY A 24 -14.64 20.53 33.83
CA GLY A 24 -15.47 20.76 32.66
C GLY A 24 -15.54 19.64 31.65
N VAL A 25 -14.94 18.48 31.92
CA VAL A 25 -15.01 17.37 30.99
C VAL A 25 -16.41 16.76 31.02
N TYR A 26 -16.91 16.38 29.85
CA TYR A 26 -18.23 15.77 29.73
C TYR A 26 -18.15 14.58 28.79
N TYR A 27 -19.22 13.78 28.78
CA TYR A 27 -19.28 12.59 27.94
C TYR A 27 -19.47 12.99 26.49
N PRO A 28 -18.60 12.57 25.56
CA PRO A 28 -18.71 13.07 24.19
C PRO A 28 -19.86 12.48 23.39
N ASP A 29 -20.31 11.27 23.71
CA ASP A 29 -21.42 10.65 22.98
C ASP A 29 -22.18 9.73 23.93
N GLU A 30 -23.03 8.87 23.36
CA GLU A 30 -23.89 7.98 24.14
C GLU A 30 -23.46 6.52 24.05
N ILE A 31 -22.23 6.25 23.66
CA ILE A 31 -21.73 4.88 23.50
C ILE A 31 -21.04 4.46 24.79
N PHE A 32 -21.25 3.21 25.21
CA PHE A 32 -20.61 2.69 26.39
C PHE A 32 -19.21 2.16 26.06
N ARG A 33 -18.22 2.56 26.86
CA ARG A 33 -16.86 2.09 26.74
C ARG A 33 -16.28 1.89 28.14
N SER A 34 -15.28 1.02 28.25
CA SER A 34 -14.67 0.75 29.55
C SER A 34 -13.24 0.26 29.35
N ASP A 35 -12.38 0.59 30.31
CA ASP A 35 -10.99 0.15 30.33
C ASP A 35 -10.28 0.50 29.03
N THR A 36 -10.27 1.79 28.71
CA THR A 36 -9.70 2.19 27.42
C THR A 36 -9.36 3.68 27.44
N LEU A 37 -8.57 4.08 26.45
CA LEU A 37 -8.25 5.48 26.19
C LEU A 37 -8.89 5.87 24.87
N TYR A 38 -9.42 7.09 24.82
CA TYR A 38 -10.20 7.54 23.67
C TYR A 38 -9.79 8.96 23.30
N LEU A 39 -9.25 9.12 22.09
CA LEU A 39 -8.85 10.43 21.60
C LEU A 39 -10.00 11.05 20.81
N THR A 40 -10.33 12.30 21.14
CA THR A 40 -11.45 12.96 20.49
C THR A 40 -11.17 14.45 20.40
N GLN A 41 -11.86 15.10 19.46
CA GLN A 41 -11.71 16.54 19.23
C GLN A 41 -13.08 17.19 19.33
N ASP A 42 -13.20 18.22 20.15
CA ASP A 42 -14.49 18.85 20.40
C ASP A 42 -14.27 20.17 21.12
N LEU A 43 -15.37 20.82 21.49
CA LEU A 43 -15.33 22.07 22.25
C LEU A 43 -15.18 21.73 23.72
N PHE A 44 -13.99 21.94 24.26
CA PHE A 44 -13.68 21.63 25.65
C PHE A 44 -13.13 22.87 26.33
N LEU A 45 -13.14 22.84 27.67
CA LEU A 45 -12.52 23.90 28.46
C LEU A 45 -11.07 23.53 28.70
N PRO A 46 -10.11 24.24 28.13
CA PRO A 46 -8.70 23.86 28.32
C PRO A 46 -8.31 23.91 29.79
N PHE A 47 -7.46 22.96 30.19
CA PHE A 47 -7.01 22.91 31.58
C PHE A 47 -6.34 24.23 31.96
N TYR A 48 -6.65 24.70 33.16
CA TYR A 48 -6.03 25.90 33.73
C TYR A 48 -6.31 27.13 32.86
N SER A 49 -7.53 27.22 32.34
CA SER A 49 -7.98 28.42 31.67
C SER A 49 -8.35 29.49 32.69
N ASN A 50 -8.37 30.74 32.24
CA ASN A 50 -8.77 31.84 33.10
C ASN A 50 -10.29 31.92 33.14
N VAL A 51 -10.84 31.98 34.34
CA VAL A 51 -12.28 32.07 34.56
C VAL A 51 -12.57 33.32 35.38
N THR A 52 -13.76 33.86 35.20
CA THR A 52 -14.18 35.07 35.89
C THR A 52 -15.21 34.74 36.96
N GLY A 53 -15.05 35.34 38.13
CA GLY A 53 -15.93 35.11 39.25
C GLY A 53 -16.88 36.27 39.49
N PHE A 54 -18.09 35.93 39.92
CA PHE A 54 -19.14 36.89 40.23
C PHE A 54 -19.74 36.51 41.58
N HIS A 55 -20.09 37.52 42.38
CA HIS A 55 -20.44 37.30 43.77
C HIS A 55 -21.71 38.07 44.14
N THR A 56 -22.47 37.50 45.05
CA THR A 56 -23.57 38.19 45.72
C THR A 56 -23.26 38.23 47.20
N ILE A 57 -23.09 39.45 47.74
CA ILE A 57 -22.80 39.64 49.17
C ILE A 57 -22.99 41.10 49.54
N ASN A 58 -23.53 41.35 50.73
CA ASN A 58 -23.74 42.71 51.22
C ASN A 58 -24.52 43.56 50.22
N HIS A 59 -23.83 44.46 49.50
CA HIS A 59 -24.48 45.33 48.53
C HIS A 59 -24.04 45.03 47.10
N THR A 60 -23.16 44.06 46.90
CA THR A 60 -22.77 43.63 45.56
C THR A 60 -23.73 42.56 45.08
N PHE A 61 -24.36 42.81 43.93
CA PHE A 61 -25.35 41.94 43.31
C PHE A 61 -24.98 41.85 41.83
N ASP A 62 -24.11 40.90 41.50
CA ASP A 62 -23.47 40.83 40.18
C ASP A 62 -24.35 40.03 39.23
N ASN A 63 -24.90 40.70 38.21
CA ASN A 63 -25.67 40.04 37.18
C ASN A 63 -25.58 40.81 35.87
N PRO A 64 -24.40 40.98 35.31
CA PRO A 64 -24.26 41.68 34.04
C PRO A 64 -24.60 40.77 32.86
N VAL A 65 -24.73 41.38 31.69
CA VAL A 65 -24.87 40.63 30.45
C VAL A 65 -23.50 40.10 30.05
N ILE A 66 -23.40 38.80 29.81
CA ILE A 66 -22.12 38.16 29.55
C ILE A 66 -22.12 37.55 28.15
N PRO A 67 -21.06 37.72 27.37
CA PRO A 67 -21.02 37.12 26.03
C PRO A 67 -20.99 35.60 26.09
N PHE A 68 -21.59 34.98 25.06
CA PHE A 68 -21.67 33.53 24.98
C PHE A 68 -20.51 32.92 24.19
N LYS A 69 -20.12 33.55 23.09
CA LYS A 69 -18.99 33.11 22.25
C LYS A 69 -19.30 31.70 21.74
N ASP A 70 -18.43 30.72 21.91
CA ASP A 70 -18.58 29.40 21.34
C ASP A 70 -19.07 28.35 22.35
N GLY A 71 -19.61 28.78 23.48
CA GLY A 71 -20.04 27.85 24.51
C GLY A 71 -19.48 28.20 25.87
N ILE A 72 -20.09 27.69 26.93
CA ILE A 72 -19.85 28.21 28.27
C ILE A 72 -19.69 27.06 29.26
N TYR A 73 -18.81 27.25 30.24
CA TYR A 73 -18.77 26.45 31.46
C TYR A 73 -19.14 27.36 32.63
N PHE A 74 -20.12 26.93 33.43
CA PHE A 74 -20.72 27.76 34.47
C PHE A 74 -20.80 26.96 35.76
N ALA A 75 -20.07 27.39 36.79
CA ALA A 75 -20.01 26.66 38.06
C ALA A 75 -20.40 27.56 39.22
N ALA A 76 -21.36 27.09 40.03
CA ALA A 76 -21.88 27.85 41.16
C ALA A 76 -21.47 27.19 42.47
N THR A 77 -20.90 27.98 43.38
CA THR A 77 -20.61 27.57 44.75
C THR A 77 -21.58 28.30 45.67
N GLU A 78 -22.34 27.53 46.45
CA GLU A 78 -23.37 28.15 47.29
C GLU A 78 -23.73 27.25 48.46
N LYS A 79 -24.56 27.81 49.34
CA LYS A 79 -25.11 27.08 50.47
C LYS A 79 -26.58 27.35 50.71
N SER A 80 -27.21 28.31 50.00
CA SER A 80 -28.61 28.63 50.25
C SER A 80 -29.41 28.83 48.96
N ASN A 81 -28.96 28.25 47.85
CA ASN A 81 -29.73 28.24 46.60
C ASN A 81 -30.07 29.66 46.14
N VAL A 82 -29.03 30.42 45.84
CA VAL A 82 -29.21 31.79 45.35
C VAL A 82 -29.33 31.83 43.83
N VAL A 83 -28.50 31.09 43.12
CA VAL A 83 -28.53 31.07 41.66
C VAL A 83 -29.62 30.10 41.22
N ARG A 84 -30.57 30.60 40.42
CA ARG A 84 -31.75 29.83 40.05
C ARG A 84 -31.87 29.50 38.58
N GLY A 85 -31.10 30.13 37.70
CA GLY A 85 -31.18 29.80 36.29
C GLY A 85 -30.55 30.88 35.44
N TRP A 86 -30.93 30.86 34.15
CA TRP A 86 -30.31 31.73 33.15
C TRP A 86 -31.36 32.21 32.15
N VAL A 87 -31.02 33.31 31.48
CA VAL A 87 -31.71 33.78 30.29
C VAL A 87 -30.68 33.89 29.18
N PHE A 88 -30.94 33.20 28.07
CA PHE A 88 -30.06 33.23 26.90
C PHE A 88 -30.77 33.94 25.76
N GLY A 89 -30.02 34.76 25.01
CA GLY A 89 -30.61 35.46 23.89
C GLY A 89 -29.56 36.20 23.09
N SER A 90 -30.03 37.12 22.25
CA SER A 90 -29.14 37.96 21.46
C SER A 90 -29.25 39.43 21.83
N THR A 91 -30.44 40.03 21.76
CA THR A 91 -30.63 41.42 22.11
C THR A 91 -31.13 41.63 23.54
N MET A 92 -31.67 40.59 24.17
CA MET A 92 -32.11 40.64 25.56
C MET A 92 -33.23 41.65 25.75
N ASN A 93 -34.13 41.73 24.78
CA ASN A 93 -35.37 42.51 24.90
C ASN A 93 -36.42 41.84 24.01
N ASN A 94 -37.57 42.49 23.86
CA ASN A 94 -38.68 41.91 23.12
C ASN A 94 -38.56 42.07 21.61
N LYS A 95 -37.38 42.42 21.11
CA LYS A 95 -37.15 42.52 19.68
C LYS A 95 -36.66 41.20 19.07
N SER A 96 -36.45 40.17 19.88
CA SER A 96 -36.00 38.87 19.38
C SER A 96 -36.41 37.81 20.40
N GLN A 97 -36.15 36.56 20.04
CA GLN A 97 -36.52 35.43 20.88
C GLN A 97 -35.45 35.17 21.93
N SER A 98 -35.88 34.89 23.15
CA SER A 98 -35.00 34.52 24.25
C SER A 98 -35.55 33.28 24.93
N VAL A 99 -34.66 32.55 25.60
CA VAL A 99 -35.03 31.34 26.32
C VAL A 99 -34.67 31.51 27.79
N ILE A 100 -35.64 31.23 28.65
CA ILE A 100 -35.49 31.27 30.10
C ILE A 100 -35.44 29.84 30.61
N ILE A 101 -34.43 29.53 31.44
CA ILE A 101 -34.30 28.23 32.09
C ILE A 101 -34.16 28.50 33.57
N ILE A 102 -35.21 28.22 34.35
CA ILE A 102 -35.21 28.57 35.76
C ILE A 102 -35.68 27.39 36.60
N ASN A 103 -35.26 27.39 37.86
CA ASN A 103 -35.75 26.47 38.89
C ASN A 103 -36.47 27.32 39.91
N ASN A 104 -37.77 27.54 39.71
CA ASN A 104 -38.55 28.21 40.74
C ASN A 104 -38.73 27.24 41.90
N SER A 105 -39.47 27.68 42.92
CA SER A 105 -39.47 26.94 44.18
C SER A 105 -39.96 25.50 44.02
N THR A 106 -40.71 25.19 42.96
CA THR A 106 -41.36 23.90 42.84
C THR A 106 -41.16 23.19 41.50
N ASN A 107 -40.67 23.86 40.47
CA ASN A 107 -40.56 23.24 39.16
C ASN A 107 -39.32 23.76 38.44
N VAL A 108 -38.89 23.00 37.43
CA VAL A 108 -37.92 23.46 36.46
C VAL A 108 -38.68 23.86 35.20
N VAL A 109 -38.58 25.14 34.83
CA VAL A 109 -39.35 25.70 33.73
C VAL A 109 -38.39 26.17 32.65
N ILE A 110 -38.69 25.80 31.40
CA ILE A 110 -37.93 26.24 30.24
C ILE A 110 -38.93 26.82 29.24
N ARG A 111 -38.70 28.07 28.81
CA ARG A 111 -39.64 28.73 27.92
C ARG A 111 -38.89 29.59 26.92
N ALA A 112 -39.29 29.51 25.64
CA ALA A 112 -38.71 30.33 24.59
C ALA A 112 -39.79 31.24 24.03
N CYS A 113 -39.58 32.55 24.13
CA CYS A 113 -40.61 33.51 23.74
C CYS A 113 -39.96 34.84 23.39
N ASN A 114 -40.79 35.77 22.92
CA ASN A 114 -40.44 37.19 22.87
C ASN A 114 -40.69 37.76 24.26
N PHE A 115 -39.63 37.91 25.05
CA PHE A 115 -39.75 38.35 26.43
C PHE A 115 -39.46 39.84 26.53
N GLU A 116 -40.31 40.55 27.28
CA GLU A 116 -39.99 41.92 27.69
C GLU A 116 -39.13 41.84 28.96
N LEU A 117 -37.88 41.42 28.75
CA LEU A 117 -37.01 41.10 29.86
C LEU A 117 -36.73 42.34 30.71
N CYS A 118 -36.57 42.10 32.00
CA CYS A 118 -36.23 43.16 32.95
C CYS A 118 -34.74 43.11 33.23
N ASP A 119 -34.10 44.28 33.23
CA ASP A 119 -32.65 44.35 33.36
C ASP A 119 -32.17 43.82 34.70
N ASN A 120 -33.05 43.68 35.69
CA ASN A 120 -32.70 43.16 37.01
C ASN A 120 -33.69 42.06 37.37
N PRO A 121 -33.51 40.86 36.81
CA PRO A 121 -34.41 39.75 37.15
C PRO A 121 -33.97 39.02 38.41
N PHE A 122 -34.90 38.71 39.31
CA PHE A 122 -34.53 38.10 40.58
C PHE A 122 -35.75 37.44 41.20
N PHE A 123 -35.48 36.57 42.17
CA PHE A 123 -36.48 36.04 43.08
C PHE A 123 -36.35 36.76 44.42
N VAL A 124 -37.45 36.76 45.18
CA VAL A 124 -37.51 37.42 46.47
C VAL A 124 -37.84 36.39 47.54
N VAL A 125 -37.05 36.38 48.61
CA VAL A 125 -37.24 35.47 49.74
C VAL A 125 -37.19 36.28 51.02
N SER A 126 -38.09 35.95 51.95
CA SER A 126 -38.18 36.66 53.23
C SER A 126 -37.30 35.96 54.25
N LYS A 127 -36.35 36.71 54.81
CA LYS A 127 -35.47 36.14 55.83
C LYS A 127 -36.21 35.65 57.05
N PRO A 128 -37.08 36.44 57.69
CA PRO A 128 -37.75 35.94 58.91
C PRO A 128 -38.58 34.69 58.68
N MET A 129 -39.24 34.59 57.52
CA MET A 129 -40.13 33.46 57.25
C MET A 129 -39.48 32.35 56.44
N GLY A 130 -38.48 32.68 55.63
CA GLY A 130 -37.87 31.66 54.78
C GLY A 130 -38.80 31.12 53.74
N THR A 131 -39.58 31.98 53.09
CA THR A 131 -40.53 31.58 52.06
C THR A 131 -40.40 32.51 50.86
N GLN A 132 -40.50 31.95 49.66
CA GLN A 132 -40.44 32.74 48.45
C GLN A 132 -41.70 33.59 48.31
N THR A 133 -41.52 34.87 48.04
CA THR A 133 -42.61 35.83 47.99
C THR A 133 -42.94 36.32 46.58
N HIS A 134 -41.93 36.66 45.79
CA HIS A 134 -42.16 37.22 44.46
C HIS A 134 -41.17 36.64 43.47
N THR A 135 -41.57 36.69 42.19
CA THR A 135 -40.69 36.41 41.06
C THR A 135 -40.89 37.52 40.04
N MET A 136 -39.79 38.12 39.60
CA MET A 136 -39.83 39.33 38.79
C MET A 136 -38.88 39.21 37.60
N ILE A 137 -38.97 38.11 36.87
CA ILE A 137 -38.04 37.85 35.77
C ILE A 137 -38.40 38.68 34.54
N PHE A 138 -39.67 38.72 34.16
CA PHE A 138 -40.08 39.43 32.95
C PHE A 138 -41.44 40.06 33.14
N ASP A 139 -41.71 41.07 32.32
CA ASP A 139 -42.97 41.81 32.38
C ASP A 139 -44.01 41.29 31.41
N ASN A 140 -43.60 40.77 30.25
CA ASN A 140 -44.54 40.33 29.23
C ASN A 140 -43.89 39.27 28.37
N ALA A 141 -44.72 38.46 27.72
CA ALA A 141 -44.25 37.42 26.83
C ALA A 141 -45.29 37.15 25.76
N PHE A 142 -44.83 36.90 24.54
CA PHE A 142 -45.73 36.60 23.44
C PHE A 142 -44.95 35.87 22.35
N ASN A 143 -45.67 35.29 21.41
CA ASN A 143 -45.09 34.48 20.33
C ASN A 143 -44.20 33.38 20.89
N CYS A 144 -44.75 32.61 21.83
CA CYS A 144 -44.01 31.53 22.46
C CYS A 144 -43.96 30.31 21.54
N THR A 145 -42.77 29.72 21.42
CA THR A 145 -42.55 28.61 20.51
C THR A 145 -42.14 27.31 21.20
N PHE A 146 -41.65 27.35 22.43
CA PHE A 146 -41.23 26.14 23.12
C PHE A 146 -41.49 26.31 24.61
N GLU A 147 -41.96 25.22 25.24
CA GLU A 147 -42.23 25.22 26.67
C GLU A 147 -41.99 23.82 27.23
N TYR A 148 -41.43 23.76 28.43
CA TYR A 148 -41.22 22.50 29.13
C TYR A 148 -41.32 22.75 30.63
N ILE A 149 -42.12 21.92 31.30
CA ILE A 149 -42.31 22.00 32.75
C ILE A 149 -42.12 20.61 33.31
N SER A 150 -41.30 20.51 34.38
CA SER A 150 -40.97 19.23 34.96
C SER A 150 -41.95 18.84 36.05
N ASP A 151 -41.74 17.67 36.63
CA ASP A 151 -42.57 17.22 37.76
C ASP A 151 -42.29 18.08 38.98
N ALA A 152 -43.33 18.28 39.79
CA ALA A 152 -43.22 19.14 40.95
C ALA A 152 -42.28 18.55 41.99
N PHE A 153 -41.66 19.43 42.77
CA PHE A 153 -40.79 19.03 43.88
C PHE A 153 -40.86 20.13 44.93
N SER A 154 -39.96 20.06 45.91
CA SER A 154 -39.87 21.07 46.95
C SER A 154 -38.41 21.42 47.19
N LEU A 155 -38.13 22.72 47.29
CA LEU A 155 -36.78 23.22 47.53
C LEU A 155 -36.71 23.93 48.88
N ASP A 156 -35.56 23.82 49.53
CA ASP A 156 -35.29 24.55 50.76
C ASP A 156 -34.77 25.92 50.38
N VAL A 157 -35.64 26.94 50.45
CA VAL A 157 -35.29 28.28 50.01
C VAL A 157 -34.76 29.15 51.14
N SER A 158 -34.78 28.67 52.37
CA SER A 158 -34.37 29.49 53.51
C SER A 158 -32.88 29.76 53.49
N GLU A 159 -32.50 30.89 54.09
CA GLU A 159 -31.09 31.26 54.20
C GLU A 159 -30.35 30.32 55.15
N LYS A 160 -29.06 30.17 54.92
CA LYS A 160 -28.21 29.32 55.73
C LYS A 160 -26.93 30.08 56.10
N SER A 161 -26.17 29.49 57.02
CA SER A 161 -24.93 30.10 57.49
C SER A 161 -23.82 29.06 57.51
N GLY A 162 -22.59 29.53 57.32
CA GLY A 162 -21.42 28.68 57.36
C GLY A 162 -20.63 28.77 56.06
N ASN A 163 -20.00 27.66 55.70
CA ASN A 163 -19.21 27.57 54.48
C ASN A 163 -20.07 27.09 53.32
N PHE A 164 -19.59 27.35 52.10
CA PHE A 164 -20.28 26.88 50.91
C PHE A 164 -20.27 25.37 50.88
N LYS A 165 -21.44 24.78 50.60
CA LYS A 165 -21.61 23.33 50.67
C LYS A 165 -21.77 22.66 49.31
N HIS A 166 -22.35 23.33 48.32
CA HIS A 166 -22.68 22.69 47.04
C HIS A 166 -21.96 23.38 45.90
N LEU A 167 -21.36 22.57 45.01
CA LEU A 167 -20.77 23.03 43.77
C LEU A 167 -21.56 22.39 42.62
N ARG A 168 -22.25 23.21 41.84
CA ARG A 168 -23.05 22.74 40.72
C ARG A 168 -22.43 23.26 39.42
N GLU A 169 -22.09 22.35 38.51
CA GLU A 169 -21.39 22.68 37.28
C GLU A 169 -22.28 22.39 36.08
N PHE A 170 -22.23 23.29 35.09
CA PHE A 170 -22.98 23.15 33.85
C PHE A 170 -22.10 23.47 32.67
N VAL A 171 -22.41 22.86 31.53
CA VAL A 171 -21.78 23.18 30.26
C VAL A 171 -22.88 23.42 29.23
N PHE A 172 -22.77 24.53 28.51
CA PHE A 172 -23.76 24.94 27.51
C PHE A 172 -23.11 25.04 26.14
N LYS A 173 -23.75 24.45 25.13
CA LYS A 173 -23.30 24.54 23.75
C LYS A 173 -24.49 24.84 22.85
N ASN A 174 -24.21 25.43 21.68
CA ASN A 174 -25.25 25.77 20.71
C ASN A 174 -24.80 25.29 19.34
N LYS A 175 -25.59 24.42 18.71
CA LYS A 175 -25.20 23.82 17.44
C LYS A 175 -26.43 23.34 16.68
N ASP A 176 -26.55 23.77 15.43
CA ASP A 176 -27.60 23.30 14.53
C ASP A 176 -28.98 23.47 15.15
N GLY A 177 -29.19 24.60 15.82
CA GLY A 177 -30.47 24.90 16.42
C GLY A 177 -30.75 24.23 17.74
N PHE A 178 -29.81 23.44 18.27
CA PHE A 178 -29.97 22.76 19.54
C PHE A 178 -29.07 23.43 20.59
N LEU A 179 -29.61 23.56 21.80
CA LEU A 179 -28.84 24.03 22.96
C LEU A 179 -28.55 22.81 23.83
N TYR A 180 -27.32 22.33 23.78
CA TYR A 180 -26.88 21.20 24.60
C TYR A 180 -26.60 21.67 26.02
N VAL A 181 -27.09 20.91 27.00
CA VAL A 181 -26.90 21.18 28.41
C VAL A 181 -26.31 19.95 29.07
N TYR A 182 -25.19 20.12 29.78
CA TYR A 182 -24.59 19.08 30.59
C TYR A 182 -24.51 19.55 32.03
N LYS A 183 -24.64 18.62 32.98
CA LYS A 183 -24.72 18.94 34.40
C LYS A 183 -23.85 18.01 35.22
N GLY A 184 -23.38 18.53 36.36
CA GLY A 184 -22.67 17.75 37.35
C GLY A 184 -22.74 18.41 38.70
N TYR A 185 -22.48 17.62 39.74
CA TYR A 185 -22.63 18.09 41.12
C TYR A 185 -21.49 17.57 41.99
N GLN A 186 -21.16 18.34 43.03
CA GLN A 186 -20.15 17.94 44.02
C GLN A 186 -20.44 18.54 45.38
N PRO A 187 -20.25 17.78 46.47
CA PRO A 187 -20.21 18.39 47.79
C PRO A 187 -18.84 19.00 48.08
N ILE A 188 -18.84 20.16 48.72
CA ILE A 188 -17.62 20.89 49.00
C ILE A 188 -17.70 21.47 50.41
N ASP A 189 -16.55 21.93 50.91
CA ASP A 189 -16.47 22.68 52.17
C ASP A 189 -15.32 23.67 52.02
N VAL A 190 -15.65 24.89 51.61
CA VAL A 190 -14.66 25.92 51.31
C VAL A 190 -15.23 27.27 51.72
N VAL A 191 -14.46 28.33 51.48
CA VAL A 191 -14.79 29.67 51.93
C VAL A 191 -15.08 30.61 50.75
N ARG A 192 -14.11 30.75 49.83
CA ARG A 192 -14.21 31.80 48.83
C ARG A 192 -14.02 31.35 47.39
N ASP A 193 -13.13 30.39 47.13
CA ASP A 193 -12.62 30.16 45.78
C ASP A 193 -13.42 29.08 45.06
N LEU A 194 -12.95 28.74 43.86
CA LEU A 194 -13.50 27.63 43.09
C LEU A 194 -12.62 26.41 43.30
N PRO A 195 -13.11 25.34 43.92
CA PRO A 195 -12.23 24.21 44.27
C PRO A 195 -11.59 23.57 43.05
N SER A 196 -10.40 23.02 43.26
CA SER A 196 -9.65 22.36 42.21
C SER A 196 -9.94 20.86 42.24
N GLY A 197 -10.17 20.29 41.06
CA GLY A 197 -10.43 18.86 40.98
C GLY A 197 -10.97 18.49 39.61
N PHE A 198 -11.41 17.23 39.52
CA PHE A 198 -11.89 16.64 38.28
C PHE A 198 -13.28 16.05 38.50
N ASN A 199 -14.18 16.28 37.56
CA ASN A 199 -15.55 15.78 37.68
C ASN A 199 -16.21 15.82 36.32
N THR A 200 -16.68 14.67 35.84
CA THR A 200 -17.29 14.58 34.52
C THR A 200 -18.77 14.91 34.57
N LEU A 201 -19.24 15.67 33.59
CA LEU A 201 -20.63 16.07 33.48
C LEU A 201 -21.39 15.13 32.56
N LYS A 202 -22.71 15.08 32.75
CA LYS A 202 -23.57 14.19 31.99
C LYS A 202 -24.60 15.00 31.20
N PRO A 203 -25.02 14.51 30.03
CA PRO A 203 -26.04 15.22 29.26
C PRO A 203 -27.37 15.22 30.00
N ILE A 204 -28.10 16.35 29.91
CA ILE A 204 -29.40 16.49 30.55
C ILE A 204 -30.47 16.88 29.53
N PHE A 205 -30.18 17.86 28.68
CA PHE A 205 -31.15 18.37 27.73
C PHE A 205 -30.50 18.56 26.37
N LYS A 206 -31.32 18.47 25.32
CA LYS A 206 -30.96 18.91 23.97
C LYS A 206 -32.18 19.64 23.42
N LEU A 207 -32.22 20.95 23.63
CA LEU A 207 -33.44 21.73 23.44
C LEU A 207 -33.54 22.21 22.00
N PRO A 208 -34.61 21.87 21.27
CA PRO A 208 -34.77 22.36 19.89
C PRO A 208 -35.38 23.76 19.82
N LEU A 209 -34.54 24.76 20.09
CA LEU A 209 -35.02 26.14 20.18
C LEU A 209 -34.93 26.89 18.86
N GLY A 210 -33.81 26.73 18.14
CA GLY A 210 -33.63 27.41 16.88
C GLY A 210 -33.55 28.92 16.98
N ILE A 211 -32.78 29.41 17.96
CA ILE A 211 -32.60 30.85 18.15
C ILE A 211 -31.11 31.16 18.17
N LYS A 212 -30.80 32.43 17.89
CA LYS A 212 -29.43 32.91 17.94
C LYS A 212 -29.07 33.27 19.37
N ILE A 213 -27.97 32.72 19.88
CA ILE A 213 -27.53 32.95 21.24
C ILE A 213 -26.15 33.59 21.18
N THR A 214 -26.07 34.84 21.62
CA THR A 214 -24.80 35.55 21.75
C THR A 214 -24.54 36.09 23.15
N ASN A 215 -25.58 36.25 23.97
CA ASN A 215 -25.45 36.82 25.31
C ASN A 215 -26.30 36.01 26.29
N PHE A 216 -25.89 36.03 27.56
CA PHE A 216 -26.65 35.37 28.60
C PHE A 216 -26.51 36.14 29.90
N ARG A 217 -27.53 36.01 30.76
CA ARG A 217 -27.51 36.61 32.09
C ARG A 217 -28.04 35.60 33.10
N ALA A 218 -27.49 35.66 34.31
CA ALA A 218 -27.90 34.76 35.38
C ALA A 218 -29.04 35.36 36.19
N ILE A 219 -29.89 34.48 36.73
CA ILE A 219 -31.03 34.88 37.57
C ILE A 219 -30.67 34.54 39.00
N LEU A 220 -30.80 35.52 39.89
CA LEU A 220 -30.35 35.40 41.27
C LEU A 220 -31.53 35.57 42.22
N THR A 221 -31.24 35.45 43.51
CA THR A 221 -32.23 35.57 44.58
C THR A 221 -31.85 36.71 45.51
N ALA A 222 -32.82 37.52 45.88
CA ALA A 222 -32.65 38.62 46.82
C ALA A 222 -33.41 38.33 48.09
N PHE A 223 -32.72 38.41 49.23
CA PHE A 223 -33.32 38.15 50.54
C PHE A 223 -33.70 39.48 51.17
N SER A 224 -34.98 39.65 51.47
CA SER A 224 -35.49 40.92 51.98
C SER A 224 -35.68 40.84 53.48
N PRO A 225 -34.93 41.60 54.29
CA PRO A 225 -35.18 41.59 55.73
C PRO A 225 -36.59 42.05 56.08
N ALA A 226 -37.14 42.98 55.32
CA ALA A 226 -38.50 43.47 55.53
C ALA A 226 -39.07 43.90 54.20
N GLN A 227 -40.40 44.00 54.15
CA GLN A 227 -41.06 44.36 52.91
C GLN A 227 -40.55 45.71 52.41
N GLY A 228 -40.14 45.74 51.15
CA GLY A 228 -39.63 46.96 50.54
C GLY A 228 -38.13 47.03 50.47
N THR A 229 -37.46 46.60 51.54
CA THR A 229 -36.00 46.62 51.58
C THR A 229 -35.43 45.38 50.90
N TRP A 230 -34.30 45.56 50.21
CA TRP A 230 -33.66 44.49 49.46
C TRP A 230 -32.32 44.14 50.10
N GLY A 231 -32.09 42.84 50.30
CA GLY A 231 -30.83 42.35 50.81
C GLY A 231 -30.34 41.18 49.99
N THR A 232 -29.17 40.68 50.37
CA THR A 232 -28.53 39.59 49.64
C THR A 232 -27.94 38.58 50.61
N SER A 233 -27.60 37.41 50.08
CA SER A 233 -26.90 36.37 50.82
C SER A 233 -25.69 35.93 50.00
N ALA A 234 -24.69 35.40 50.71
CA ALA A 234 -23.44 35.05 50.06
C ALA A 234 -23.65 33.97 49.00
N ALA A 235 -23.02 34.17 47.83
CA ALA A 235 -22.99 33.11 46.81
C ALA A 235 -21.99 33.52 45.74
N ALA A 236 -21.47 32.53 45.01
CA ALA A 236 -20.54 32.83 43.92
C ALA A 236 -20.82 31.95 42.72
N TYR A 237 -20.58 32.51 41.52
CA TYR A 237 -20.61 31.71 40.30
C TYR A 237 -19.50 32.16 39.37
N PHE A 238 -18.95 31.19 38.62
CA PHE A 238 -17.75 31.37 37.82
C PHE A 238 -18.02 30.94 36.38
N VAL A 239 -17.40 31.66 35.44
CA VAL A 239 -17.64 31.47 34.02
C VAL A 239 -16.32 31.24 33.30
N GLY A 240 -16.31 30.27 32.38
CA GLY A 240 -15.19 30.05 31.50
C GLY A 240 -15.68 29.72 30.09
N TYR A 241 -14.76 29.82 29.13
CA TYR A 241 -15.09 29.73 27.71
C TYR A 241 -14.51 28.48 27.08
N LEU A 242 -15.31 27.83 26.23
CA LEU A 242 -14.90 26.62 25.54
C LEU A 242 -14.09 26.96 24.29
N LYS A 243 -13.20 26.03 23.91
CA LYS A 243 -12.37 26.16 22.73
C LYS A 243 -12.28 24.81 22.04
N PRO A 244 -12.12 24.78 20.71
CA PRO A 244 -11.92 23.50 20.02
C PRO A 244 -10.55 22.93 20.32
N THR A 245 -10.52 21.70 20.83
CA THR A 245 -9.27 21.08 21.27
C THR A 245 -9.42 19.57 21.19
N THR A 246 -8.27 18.90 21.24
CA THR A 246 -8.19 17.44 21.27
C THR A 246 -7.88 16.98 22.68
N PHE A 247 -8.73 16.11 23.21
CA PHE A 247 -8.57 15.51 24.53
C PHE A 247 -8.38 14.01 24.41
N MET A 248 -7.72 13.44 25.41
CA MET A 248 -7.61 11.99 25.55
C MET A 248 -8.29 11.60 26.85
N LEU A 249 -9.40 10.88 26.75
CA LEU A 249 -10.22 10.50 27.89
C LEU A 249 -9.92 9.07 28.31
N LYS A 250 -10.06 8.80 29.61
CA LYS A 250 -9.80 7.48 30.16
C LYS A 250 -11.09 6.90 30.74
N TYR A 251 -11.48 5.72 30.26
CA TYR A 251 -12.60 4.97 30.80
C TYR A 251 -12.06 3.84 31.67
N ASP A 252 -12.57 3.73 32.89
CA ASP A 252 -12.08 2.79 33.89
C ASP A 252 -12.81 1.45 33.75
N GLU A 253 -12.67 0.59 34.77
CA GLU A 253 -13.30 -0.73 34.73
C GLU A 253 -14.80 -0.61 34.52
N ASN A 254 -15.45 0.29 35.25
CA ASN A 254 -16.82 0.66 34.98
C ASN A 254 -16.83 1.58 33.76
N GLY A 255 -17.99 2.17 33.46
CA GLY A 255 -18.10 2.99 32.26
C GLY A 255 -17.85 4.47 32.50
N THR A 256 -17.18 4.81 33.60
CA THR A 256 -17.05 6.19 34.03
C THR A 256 -15.70 6.77 33.61
N ILE A 257 -15.73 8.01 33.12
CA ILE A 257 -14.52 8.73 32.76
C ILE A 257 -13.90 9.32 34.03
N THR A 258 -12.69 8.88 34.36
CA THR A 258 -12.04 9.28 35.59
C THR A 258 -10.82 10.17 35.40
N ASP A 259 -10.34 10.34 34.17
CA ASP A 259 -9.16 11.16 33.94
C ASP A 259 -9.10 11.56 32.47
N ALA A 260 -8.33 12.62 32.21
CA ALA A 260 -8.19 13.13 30.85
C ALA A 260 -6.85 13.83 30.72
N VAL A 261 -6.40 13.95 29.47
CA VAL A 261 -5.21 14.72 29.11
C VAL A 261 -5.61 15.73 28.05
N ASP A 262 -5.26 17.00 28.28
CA ASP A 262 -5.51 18.07 27.32
C ASP A 262 -4.26 18.23 26.46
N CYS A 263 -4.37 17.88 25.18
CA CYS A 263 -3.19 17.77 24.32
C CYS A 263 -2.52 19.11 24.08
N SER A 264 -3.21 20.23 24.28
CA SER A 264 -2.67 21.55 23.99
C SER A 264 -2.15 22.27 25.23
N GLN A 265 -2.09 21.60 26.38
CA GLN A 265 -1.67 22.27 27.61
C GLN A 265 -0.18 22.61 27.57
N ASN A 266 0.66 21.65 27.19
CA ASN A 266 2.10 21.88 27.19
C ASN A 266 2.82 20.74 26.47
N PRO A 267 4.14 20.85 26.24
CA PRO A 267 4.83 19.80 25.46
C PRO A 267 4.69 18.40 26.03
N LEU A 268 4.70 18.25 27.35
CA LEU A 268 4.53 16.92 27.93
C LEU A 268 3.16 16.34 27.57
N ALA A 269 2.12 17.17 27.63
CA ALA A 269 0.79 16.70 27.24
C ALA A 269 0.75 16.36 25.76
N GLU A 270 1.45 17.15 24.93
CA GLU A 270 1.52 16.82 23.50
C GLU A 270 2.17 15.47 23.29
N LEU A 271 3.26 15.19 24.00
CA LEU A 271 3.92 13.89 23.88
C LEU A 271 3.00 12.77 24.35
N LYS A 272 2.27 12.98 25.45
CA LYS A 272 1.36 11.96 25.95
C LYS A 272 0.28 11.66 24.92
N CYS A 273 -0.26 12.69 24.27
CA CYS A 273 -1.27 12.46 23.25
C CYS A 273 -0.68 11.81 22.01
N SER A 274 0.57 12.14 21.67
CA SER A 274 1.17 11.59 20.46
C SER A 274 1.51 10.12 20.60
N VAL A 275 1.85 9.67 21.81
CA VAL A 275 2.10 8.25 22.04
C VAL A 275 0.88 7.52 22.59
N LYS A 276 -0.21 8.23 22.90
CA LYS A 276 -1.44 7.65 23.41
C LYS A 276 -1.17 6.79 24.65
N SER A 277 -0.66 7.44 25.69
CA SER A 277 -0.43 6.79 26.97
C SER A 277 -0.28 7.84 28.04
N PHE A 278 -0.76 7.53 29.25
CA PHE A 278 -0.68 8.43 30.38
C PHE A 278 0.67 8.41 31.07
N GLU A 279 1.52 7.42 30.79
CA GLU A 279 2.80 7.27 31.44
C GLU A 279 3.91 7.25 30.39
N ILE A 280 5.03 7.90 30.73
CA ILE A 280 6.17 8.02 29.83
C ILE A 280 7.42 7.57 30.58
N ASP A 281 8.20 6.70 29.95
CA ASP A 281 9.47 6.26 30.52
C ASP A 281 10.54 7.32 30.30
N LYS A 282 11.61 7.22 31.08
CA LYS A 282 12.70 8.18 30.99
C LYS A 282 13.34 8.15 29.61
N GLY A 283 13.58 9.33 29.04
CA GLY A 283 14.25 9.41 27.76
C GLY A 283 13.92 10.71 27.05
N ILE A 284 14.31 10.74 25.77
CA ILE A 284 14.08 11.89 24.90
C ILE A 284 13.19 11.43 23.74
N TYR A 285 12.22 12.27 23.39
CA TYR A 285 11.21 11.90 22.42
C TYR A 285 10.97 13.04 21.43
N GLN A 286 10.81 12.69 20.16
CA GLN A 286 10.42 13.67 19.16
C GLN A 286 8.94 14.01 19.33
N THR A 287 8.64 15.31 19.27
CA THR A 287 7.28 15.81 19.30
C THR A 287 7.01 16.55 18.00
N SER A 288 5.83 17.15 17.90
CA SER A 288 5.46 17.84 16.68
C SER A 288 6.37 19.06 16.45
N ASN A 289 6.50 19.44 15.19
CA ASN A 289 7.32 20.59 14.83
C ASN A 289 6.71 21.87 15.40
N PHE A 290 7.57 22.87 15.62
CA PHE A 290 7.13 24.11 16.26
C PHE A 290 5.99 24.74 15.48
N ARG A 291 4.93 25.10 16.20
CA ARG A 291 3.68 25.54 15.60
C ARG A 291 3.43 27.02 15.87
N VAL A 292 2.87 27.71 14.89
CA VAL A 292 2.48 29.11 15.00
C VAL A 292 1.07 29.25 14.45
N VAL A 293 0.26 30.06 15.13
CA VAL A 293 -1.13 30.27 14.72
C VAL A 293 -1.27 31.67 14.14
N PRO A 294 -2.17 31.88 13.18
CA PRO A 294 -2.29 33.21 12.57
C PRO A 294 -2.82 34.24 13.56
N SER A 295 -2.42 35.49 13.33
CA SER A 295 -2.85 36.61 14.16
C SER A 295 -3.20 37.81 13.29
N GLY A 296 -3.94 37.56 12.21
CA GLY A 296 -4.33 38.64 11.31
C GLY A 296 -5.19 38.10 10.19
N ASP A 297 -5.63 39.02 9.34
CA ASP A 297 -6.50 38.68 8.22
C ASP A 297 -6.25 39.65 7.08
N VAL A 298 -6.04 39.11 5.88
CA VAL A 298 -5.76 39.91 4.69
C VAL A 298 -6.70 39.45 3.58
N VAL A 299 -7.38 40.40 2.96
CA VAL A 299 -8.25 40.15 1.82
C VAL A 299 -7.86 41.12 0.71
N ARG A 300 -7.52 40.60 -0.46
CA ARG A 300 -7.09 41.43 -1.58
C ARG A 300 -7.87 41.05 -2.83
N PHE A 301 -8.75 41.94 -3.27
CA PHE A 301 -9.51 41.81 -4.49
C PHE A 301 -9.19 42.99 -5.42
N PRO A 302 -9.51 42.88 -6.70
CA PRO A 302 -9.25 44.00 -7.61
C PRO A 302 -10.20 45.17 -7.38
N ASN A 303 -9.79 46.33 -7.88
CA ASN A 303 -10.65 47.52 -7.84
C ASN A 303 -11.82 47.32 -8.79
N ILE A 304 -13.03 47.17 -8.24
CA ILE A 304 -14.23 46.99 -9.05
C ILE A 304 -15.32 47.87 -8.45
N THR A 305 -16.01 48.62 -9.31
CA THR A 305 -17.06 49.54 -8.88
C THR A 305 -18.44 49.17 -9.41
N ASN A 306 -18.53 48.72 -10.66
CA ASN A 306 -19.83 48.50 -11.29
C ASN A 306 -20.41 47.14 -10.92
N LEU A 307 -21.74 47.11 -10.84
CA LEU A 307 -22.46 45.85 -10.68
C LEU A 307 -22.62 45.17 -12.04
N CYS A 308 -22.59 43.84 -12.03
CA CYS A 308 -22.67 43.09 -13.27
C CYS A 308 -24.02 43.30 -13.94
N PRO A 309 -24.09 43.11 -15.28
CA PRO A 309 -25.30 43.48 -16.04
C PRO A 309 -26.42 42.44 -15.93
N PHE A 310 -26.86 42.20 -14.69
CA PHE A 310 -27.96 41.26 -14.47
C PHE A 310 -29.21 41.69 -15.25
N GLY A 311 -29.54 42.97 -15.21
CA GLY A 311 -30.71 43.44 -15.94
C GLY A 311 -30.59 43.21 -17.43
N GLU A 312 -29.43 43.56 -18.00
CA GLU A 312 -29.24 43.39 -19.43
C GLU A 312 -29.37 41.91 -19.83
N VAL A 313 -28.80 41.01 -19.04
CA VAL A 313 -28.77 39.60 -19.44
C VAL A 313 -30.13 38.95 -19.20
N PHE A 314 -30.65 39.03 -17.98
CA PHE A 314 -31.85 38.28 -17.61
C PHE A 314 -33.16 38.99 -17.93
N ASN A 315 -33.12 40.28 -18.28
CA ASN A 315 -34.33 41.04 -18.54
C ASN A 315 -34.37 41.58 -19.97
N ALA A 316 -33.59 40.99 -20.88
CA ALA A 316 -33.56 41.45 -22.25
C ALA A 316 -34.93 41.26 -22.90
N THR A 317 -35.29 42.21 -23.77
CA THR A 317 -36.57 42.13 -24.46
C THR A 317 -36.63 40.92 -25.38
N LYS A 318 -35.55 40.63 -26.10
CA LYS A 318 -35.52 39.59 -27.11
C LYS A 318 -34.47 38.54 -26.75
N PHE A 319 -34.77 37.29 -27.09
CA PHE A 319 -33.86 36.17 -26.93
C PHE A 319 -33.71 35.47 -28.27
N PRO A 320 -32.55 34.86 -28.53
CA PRO A 320 -32.33 34.21 -29.83
C PRO A 320 -32.83 32.76 -29.86
N SER A 321 -33.01 32.26 -31.08
CA SER A 321 -33.33 30.86 -31.28
C SER A 321 -32.15 29.99 -30.88
N VAL A 322 -32.46 28.76 -30.45
CA VAL A 322 -31.41 27.90 -29.92
C VAL A 322 -30.35 27.62 -30.97
N TYR A 323 -30.78 27.32 -32.20
CA TYR A 323 -29.80 27.02 -33.25
C TYR A 323 -28.87 28.20 -33.51
N ALA A 324 -29.27 29.40 -33.12
CA ALA A 324 -28.44 30.60 -33.23
C ALA A 324 -28.17 31.20 -31.86
N TRP A 325 -27.92 30.35 -30.86
CA TRP A 325 -27.66 30.82 -29.50
C TRP A 325 -26.60 31.91 -29.50
N GLU A 326 -26.70 32.84 -28.56
CA GLU A 326 -25.80 34.00 -28.56
C GLU A 326 -24.94 34.05 -27.31
N ARG A 327 -23.74 34.63 -27.47
CA ARG A 327 -22.72 34.65 -26.43
C ARG A 327 -22.32 36.09 -26.10
N LYS A 328 -22.05 36.34 -24.82
CA LYS A 328 -21.70 37.68 -24.34
C LYS A 328 -20.62 37.58 -23.27
N ARG A 329 -19.62 38.46 -23.37
CA ARG A 329 -18.52 38.49 -22.41
C ARG A 329 -18.91 39.33 -21.20
N ILE A 330 -18.46 38.89 -20.01
CA ILE A 330 -18.70 39.60 -18.76
C ILE A 330 -17.35 39.90 -18.12
N SER A 331 -17.12 41.16 -17.78
CA SER A 331 -15.86 41.54 -17.16
C SER A 331 -16.02 42.83 -16.37
N ASN A 332 -15.14 43.01 -15.40
CA ASN A 332 -15.03 44.25 -14.62
C ASN A 332 -16.36 44.64 -13.97
N CYS A 333 -16.85 43.75 -13.11
CA CYS A 333 -18.10 44.02 -12.41
C CYS A 333 -18.17 43.14 -11.17
N VAL A 334 -19.09 43.48 -10.28
CA VAL A 334 -19.32 42.76 -9.02
C VAL A 334 -20.51 41.84 -9.21
N ALA A 335 -20.32 40.55 -8.89
CA ALA A 335 -21.35 39.53 -9.10
C ALA A 335 -22.16 39.33 -7.82
N ASP A 336 -22.95 40.35 -7.49
CA ASP A 336 -23.83 40.32 -6.32
C ASP A 336 -25.22 39.89 -6.82
N TYR A 337 -25.43 38.58 -6.86
CA TYR A 337 -26.64 38.03 -7.47
C TYR A 337 -27.88 38.16 -6.59
N SER A 338 -27.73 38.53 -5.32
CA SER A 338 -28.89 38.66 -4.45
C SER A 338 -29.88 39.70 -4.97
N VAL A 339 -29.42 40.63 -5.81
CA VAL A 339 -30.33 41.62 -6.38
C VAL A 339 -31.43 40.96 -7.18
N LEU A 340 -31.17 39.75 -7.70
CA LEU A 340 -32.18 39.04 -8.47
C LEU A 340 -33.35 38.58 -7.61
N TYR A 341 -33.15 38.44 -6.29
CA TYR A 341 -34.17 37.81 -5.45
C TYR A 341 -35.52 38.50 -5.57
N ASN A 342 -35.53 39.81 -5.80
CA ASN A 342 -36.78 40.57 -5.82
C ASN A 342 -37.45 40.61 -7.19
N SER A 343 -36.85 40.04 -8.23
CA SER A 343 -37.38 40.19 -9.58
C SER A 343 -37.48 38.91 -10.38
N THR A 344 -36.73 37.86 -10.05
CA THR A 344 -36.66 36.67 -10.89
C THR A 344 -36.86 35.42 -10.05
N SER A 345 -37.45 34.42 -10.68
CA SER A 345 -37.62 33.09 -10.10
C SER A 345 -37.19 32.06 -11.13
N PHE A 346 -36.31 31.15 -10.74
CA PHE A 346 -35.71 30.19 -11.66
C PHE A 346 -36.23 28.79 -11.37
N SER A 347 -36.77 28.14 -12.40
CA SER A 347 -37.16 26.74 -12.28
C SER A 347 -35.94 25.83 -12.22
N THR A 348 -34.88 26.17 -12.96
CA THR A 348 -33.67 25.36 -12.99
C THR A 348 -32.46 26.23 -12.63
N PHE A 349 -31.65 25.75 -11.69
CA PHE A 349 -30.38 26.38 -11.36
C PHE A 349 -29.43 25.29 -10.89
N LYS A 350 -28.40 24.99 -11.69
CA LYS A 350 -27.45 23.94 -11.34
C LYS A 350 -26.04 24.37 -11.69
N CYS A 351 -25.08 24.07 -10.80
CA CYS A 351 -23.71 24.51 -10.99
C CYS A 351 -22.75 23.32 -11.00
N TYR A 352 -21.70 23.44 -11.81
CA TYR A 352 -20.72 22.39 -12.04
C TYR A 352 -19.32 22.93 -11.78
N GLY A 353 -18.54 22.18 -11.00
CA GLY A 353 -17.18 22.54 -10.68
C GLY A 353 -17.03 23.44 -9.47
N VAL A 354 -18.12 23.79 -8.80
CA VAL A 354 -18.07 24.72 -7.68
C VAL A 354 -19.36 24.55 -6.89
N SER A 355 -19.29 24.79 -5.58
CA SER A 355 -20.44 24.69 -4.71
C SER A 355 -21.21 26.00 -4.69
N ALA A 356 -22.54 25.90 -4.76
CA ALA A 356 -23.37 27.09 -4.85
C ALA A 356 -23.17 28.01 -3.65
N THR A 357 -22.79 27.46 -2.50
CA THR A 357 -22.62 28.27 -1.30
C THR A 357 -21.27 28.97 -1.24
N LYS A 358 -20.36 28.71 -2.18
CA LYS A 358 -19.07 29.39 -2.22
C LYS A 358 -19.05 30.55 -3.21
N LEU A 359 -20.10 30.73 -4.00
CA LEU A 359 -20.05 31.71 -5.09
C LEU A 359 -19.73 33.11 -4.58
N ASN A 360 -20.19 33.47 -3.38
CA ASN A 360 -19.99 34.83 -2.89
C ASN A 360 -18.56 35.10 -2.45
N ASP A 361 -17.71 34.08 -2.37
CA ASP A 361 -16.35 34.25 -1.85
C ASP A 361 -15.27 34.14 -2.92
N LEU A 362 -15.63 34.13 -4.20
CA LEU A 362 -14.69 33.82 -5.27
C LEU A 362 -14.63 34.93 -6.31
N CYS A 363 -13.55 34.93 -7.07
CA CYS A 363 -13.41 35.72 -8.28
C CYS A 363 -13.31 34.79 -9.48
N PHE A 364 -13.95 35.17 -10.58
CA PHE A 364 -14.11 34.32 -11.75
C PHE A 364 -13.34 34.88 -12.94
N SER A 365 -12.68 33.99 -13.67
CA SER A 365 -11.86 34.36 -14.83
C SER A 365 -12.57 34.00 -16.12
N ASN A 366 -12.51 34.93 -17.09
CA ASN A 366 -12.94 34.66 -18.47
C ASN A 366 -14.40 34.19 -18.51
N VAL A 367 -15.28 35.11 -18.12
CA VAL A 367 -16.69 34.79 -17.90
C VAL A 367 -17.49 35.06 -19.17
N TYR A 368 -18.27 34.06 -19.59
CA TYR A 368 -19.17 34.19 -20.73
C TYR A 368 -20.57 33.75 -20.34
N ALA A 369 -21.56 34.36 -21.00
CA ALA A 369 -22.96 34.02 -20.81
C ALA A 369 -23.59 33.71 -22.17
N ASP A 370 -24.18 32.54 -22.30
CA ASP A 370 -24.88 32.12 -23.50
C ASP A 370 -26.37 32.13 -23.25
N SER A 371 -27.13 32.67 -24.20
CA SER A 371 -28.57 32.81 -24.06
C SER A 371 -29.29 32.17 -25.24
N PHE A 372 -30.45 31.57 -24.94
CA PHE A 372 -31.35 31.05 -25.98
C PHE A 372 -32.67 30.62 -25.34
N VAL A 373 -33.57 30.08 -26.17
CA VAL A 373 -34.90 29.67 -25.77
C VAL A 373 -35.14 28.23 -26.25
N VAL A 374 -35.79 27.42 -25.42
CA VAL A 374 -36.14 26.04 -25.78
C VAL A 374 -37.53 25.71 -25.26
N LYS A 375 -37.95 24.48 -25.48
CA LYS A 375 -39.20 23.92 -25.01
C LYS A 375 -39.03 23.34 -23.61
N GLY A 376 -40.15 23.21 -22.90
CA GLY A 376 -40.08 22.72 -21.53
C GLY A 376 -39.45 21.35 -21.41
N ASP A 377 -39.81 20.42 -22.31
CA ASP A 377 -39.25 19.08 -22.27
C ASP A 377 -37.78 19.03 -22.68
N ASP A 378 -37.29 20.04 -23.38
CA ASP A 378 -35.91 20.06 -23.86
C ASP A 378 -34.93 20.61 -22.85
N VAL A 379 -35.39 21.22 -21.77
CA VAL A 379 -34.48 21.84 -20.81
C VAL A 379 -33.54 20.81 -20.24
N ARG A 380 -34.04 19.60 -19.97
CA ARG A 380 -33.20 18.55 -19.41
C ARG A 380 -32.00 18.23 -20.28
N GLN A 381 -32.06 18.52 -21.58
CA GLN A 381 -30.95 18.23 -22.46
C GLN A 381 -29.78 19.19 -22.30
N ILE A 382 -29.97 20.30 -21.59
CA ILE A 382 -28.88 21.29 -21.41
C ILE A 382 -28.11 20.83 -20.18
N ALA A 383 -27.20 19.91 -20.38
CA ALA A 383 -26.36 19.36 -19.32
C ALA A 383 -25.27 18.48 -19.95
N PRO A 384 -24.12 18.33 -19.31
CA PRO A 384 -23.07 17.49 -19.89
C PRO A 384 -23.55 16.06 -20.11
N GLY A 385 -23.14 15.47 -21.23
CA GLY A 385 -23.36 14.06 -21.48
C GLY A 385 -24.77 13.69 -21.93
N GLN A 386 -25.56 14.65 -22.38
CA GLN A 386 -26.91 14.37 -22.80
C GLN A 386 -26.96 14.00 -24.29
N THR A 387 -28.10 13.45 -24.70
CA THR A 387 -28.39 13.19 -26.10
C THR A 387 -29.79 13.73 -26.40
N GLY A 388 -30.18 13.66 -27.67
CA GLY A 388 -31.42 14.26 -28.13
C GLY A 388 -31.15 15.26 -29.23
N VAL A 389 -32.24 15.81 -29.76
CA VAL A 389 -32.13 16.68 -30.93
C VAL A 389 -31.35 17.95 -30.58
N ILE A 390 -31.67 18.56 -29.44
CA ILE A 390 -31.00 19.81 -29.06
C ILE A 390 -29.51 19.54 -28.80
N ALA A 391 -29.21 18.56 -27.95
CA ALA A 391 -27.83 18.29 -27.59
C ALA A 391 -27.02 17.77 -28.77
N ASP A 392 -27.67 17.24 -29.80
CA ASP A 392 -26.97 16.69 -30.95
C ASP A 392 -26.71 17.74 -32.03
N TYR A 393 -27.68 18.61 -32.31
CA TYR A 393 -27.60 19.47 -33.47
C TYR A 393 -27.64 20.97 -33.18
N ASN A 394 -27.90 21.39 -31.94
CA ASN A 394 -28.13 22.81 -31.67
C ASN A 394 -27.15 23.40 -30.67
N TYR A 395 -26.94 22.77 -29.51
CA TYR A 395 -26.09 23.33 -28.47
C TYR A 395 -25.60 22.20 -27.58
N LYS A 396 -24.29 22.04 -27.47
CA LYS A 396 -23.69 20.98 -26.67
C LYS A 396 -22.71 21.57 -25.67
N LEU A 397 -22.75 21.05 -24.43
CA LEU A 397 -21.80 21.43 -23.40
C LEU A 397 -20.61 20.46 -23.37
N PRO A 398 -19.43 20.92 -22.98
CA PRO A 398 -18.28 20.01 -22.90
C PRO A 398 -18.40 19.05 -21.71
N ASP A 399 -17.65 17.95 -21.82
CA ASP A 399 -17.69 16.93 -20.78
C ASP A 399 -17.16 17.45 -19.45
N ASP A 400 -16.15 18.33 -19.49
CA ASP A 400 -15.55 18.90 -18.28
C ASP A 400 -16.05 20.32 -18.03
N PHE A 401 -17.34 20.56 -18.29
CA PHE A 401 -17.91 21.88 -18.12
C PHE A 401 -17.74 22.39 -16.70
N MET A 402 -17.46 23.69 -16.58
CA MET A 402 -17.46 24.39 -15.31
C MET A 402 -18.29 25.66 -15.47
N GLY A 403 -19.27 25.83 -14.59
CA GLY A 403 -20.15 26.99 -14.73
C GLY A 403 -21.49 26.71 -14.07
N CYS A 404 -22.53 27.35 -14.61
CA CYS A 404 -23.88 27.16 -14.09
C CYS A 404 -24.89 27.27 -15.22
N VAL A 405 -26.05 26.65 -15.00
CA VAL A 405 -27.15 26.62 -15.96
C VAL A 405 -28.39 27.11 -15.25
N LEU A 406 -29.08 28.09 -15.85
CA LEU A 406 -30.29 28.69 -15.30
C LEU A 406 -31.37 28.69 -16.35
N ALA A 407 -32.60 28.38 -15.93
CA ALA A 407 -33.73 28.36 -16.85
C ALA A 407 -35.01 28.75 -16.13
N TRP A 408 -35.87 29.49 -16.82
CA TRP A 408 -37.16 29.88 -16.24
C TRP A 408 -38.24 29.94 -17.31
N ASN A 409 -39.48 29.81 -16.85
CA ASN A 409 -40.65 29.74 -17.73
C ASN A 409 -41.10 31.13 -18.15
N THR A 410 -41.39 31.30 -19.44
CA THR A 410 -41.76 32.59 -20.02
C THR A 410 -42.98 32.44 -20.92
N ARG A 411 -44.00 31.73 -20.44
CA ARG A 411 -45.20 31.53 -21.23
C ARG A 411 -45.88 32.86 -21.54
N ASN A 412 -46.02 33.72 -20.52
CA ASN A 412 -46.73 34.99 -20.71
C ASN A 412 -46.03 35.89 -21.71
N ILE A 413 -44.71 35.78 -21.84
CA ILE A 413 -43.96 36.64 -22.75
C ILE A 413 -43.87 36.04 -24.14
N ASP A 414 -43.61 34.74 -24.25
CA ASP A 414 -43.24 34.11 -25.51
C ASP A 414 -44.32 33.20 -26.09
N ALA A 415 -45.53 33.21 -25.53
CA ALA A 415 -46.63 32.41 -26.06
C ALA A 415 -47.82 33.32 -26.37
N THR A 416 -48.52 33.01 -27.46
CA THR A 416 -49.69 33.76 -27.88
C THR A 416 -50.82 32.79 -28.18
N SER A 417 -52.05 33.32 -28.13
CA SER A 417 -53.22 32.48 -28.37
C SER A 417 -53.19 31.86 -29.76
N THR A 418 -52.82 32.64 -30.76
CA THR A 418 -52.76 32.15 -32.13
C THR A 418 -51.57 31.21 -32.37
N GLY A 419 -50.52 31.33 -31.57
CA GLY A 419 -49.35 30.49 -31.73
C GLY A 419 -48.17 31.22 -32.30
N ASN A 420 -47.06 31.24 -31.57
CA ASN A 420 -45.85 31.94 -31.98
C ASN A 420 -44.85 30.93 -32.53
N TYR A 421 -44.39 31.16 -33.77
CA TYR A 421 -43.49 30.24 -34.47
C TYR A 421 -42.13 30.88 -34.76
N ASN A 422 -41.79 31.98 -34.09
CA ASN A 422 -40.57 32.69 -34.42
C ASN A 422 -39.32 31.97 -33.91
N TYR A 423 -39.46 31.12 -32.90
CA TYR A 423 -38.33 30.38 -32.35
C TYR A 423 -38.19 29.05 -33.08
N LYS A 424 -36.95 28.70 -33.43
CA LYS A 424 -36.68 27.58 -34.31
C LYS A 424 -35.53 26.74 -33.78
N TYR A 425 -35.44 25.52 -34.30
CA TYR A 425 -34.32 24.63 -33.99
C TYR A 425 -34.06 23.72 -35.18
N ARG A 426 -32.84 23.21 -35.26
CA ARG A 426 -32.43 22.31 -36.34
C ARG A 426 -32.73 20.88 -35.95
N TYR A 427 -33.33 20.12 -36.87
CA TYR A 427 -33.66 18.72 -36.61
C TYR A 427 -33.09 17.75 -37.64
N LEU A 428 -32.31 18.22 -38.61
CA LEU A 428 -31.62 17.34 -39.54
C LEU A 428 -30.20 17.83 -39.71
N ARG A 429 -29.24 16.90 -39.68
CA ARG A 429 -27.84 17.27 -39.83
C ARG A 429 -27.02 16.00 -40.10
N HIS A 430 -25.87 16.20 -40.74
CA HIS A 430 -24.91 15.13 -40.98
C HIS A 430 -23.83 15.23 -39.90
N GLY A 431 -23.99 14.46 -38.83
CA GLY A 431 -23.04 14.45 -37.74
C GLY A 431 -23.47 15.36 -36.59
N LYS A 432 -22.84 15.14 -35.44
CA LYS A 432 -23.16 15.85 -34.21
C LYS A 432 -22.23 17.03 -34.00
N LEU A 433 -22.75 18.05 -33.32
CA LEU A 433 -21.95 19.23 -33.02
C LEU A 433 -20.90 18.91 -31.96
N ARG A 434 -19.79 19.65 -32.03
CA ARG A 434 -18.78 19.63 -30.98
C ARG A 434 -19.11 20.65 -29.91
N PRO A 435 -18.51 20.55 -28.73
CA PRO A 435 -18.87 21.46 -27.63
C PRO A 435 -18.70 22.92 -28.01
N PHE A 436 -19.70 23.73 -27.64
CA PHE A 436 -19.68 25.17 -27.88
C PHE A 436 -19.50 25.51 -29.36
N GLU A 437 -20.09 24.70 -30.23
CA GLU A 437 -20.09 24.93 -31.66
C GLU A 437 -21.49 25.35 -32.09
N ARG A 438 -21.58 26.28 -33.05
CA ARG A 438 -22.85 26.70 -33.59
C ARG A 438 -22.84 26.54 -35.11
N ASP A 439 -24.01 26.27 -35.66
CA ASP A 439 -24.21 26.08 -37.09
C ASP A 439 -25.46 26.86 -37.50
N ILE A 440 -25.27 27.92 -38.27
CA ILE A 440 -26.36 28.81 -38.63
C ILE A 440 -26.66 28.73 -40.14
N SER A 441 -26.15 27.72 -40.82
CA SER A 441 -26.45 27.54 -42.24
C SER A 441 -27.89 27.05 -42.42
N ASN A 442 -28.40 27.24 -43.63
CA ASN A 442 -29.77 26.86 -43.98
C ASN A 442 -29.80 26.14 -45.33
N VAL A 443 -28.90 25.18 -45.51
CA VAL A 443 -28.82 24.44 -46.77
C VAL A 443 -29.86 23.33 -46.76
N PRO A 444 -30.63 23.16 -47.84
CA PRO A 444 -31.61 22.06 -47.87
C PRO A 444 -30.94 20.70 -47.70
N PHE A 445 -31.64 19.80 -47.02
CA PHE A 445 -31.08 18.55 -46.53
C PHE A 445 -31.59 17.31 -47.23
N SER A 446 -30.67 16.40 -47.59
CA SER A 446 -31.02 15.11 -48.16
C SER A 446 -30.16 14.04 -47.49
N SER A 447 -30.77 12.89 -47.23
CA SER A 447 -30.04 11.80 -46.58
C SER A 447 -28.89 11.30 -47.44
N ASP A 448 -29.05 11.32 -48.76
CA ASP A 448 -27.99 10.87 -49.65
C ASP A 448 -26.74 11.72 -49.54
N GLY A 449 -26.86 12.96 -49.08
CA GLY A 449 -25.73 13.85 -48.93
C GLY A 449 -25.44 14.71 -50.14
N LYS A 450 -26.20 14.57 -51.23
CA LYS A 450 -25.96 15.36 -52.43
C LYS A 450 -26.88 16.57 -52.47
N PRO A 451 -26.49 17.64 -53.17
CA PRO A 451 -27.36 18.82 -53.25
C PRO A 451 -28.71 18.48 -53.86
N CYS A 452 -29.75 19.14 -53.36
CA CYS A 452 -31.11 18.93 -53.83
C CYS A 452 -31.86 20.25 -53.82
N THR A 453 -32.99 20.27 -54.54
CA THR A 453 -33.87 21.43 -54.56
C THR A 453 -35.08 21.18 -53.68
N PRO A 454 -35.52 22.15 -52.88
CA PRO A 454 -36.52 21.86 -51.83
C PRO A 454 -37.76 21.18 -52.38
N PRO A 455 -38.28 21.58 -53.55
CA PRO A 455 -39.50 20.92 -54.06
C PRO A 455 -39.19 19.62 -54.79
N ALA A 456 -38.53 18.70 -54.11
CA ALA A 456 -38.18 17.40 -54.65
C ALA A 456 -38.29 16.37 -53.54
N PRO A 457 -38.52 15.11 -53.89
CA PRO A 457 -38.59 14.06 -52.85
C PRO A 457 -37.26 13.88 -52.16
N ASN A 458 -37.33 13.49 -50.89
CA ASN A 458 -36.14 13.25 -50.06
C ASN A 458 -35.26 14.50 -49.97
N CYS A 459 -35.91 15.66 -49.86
CA CYS A 459 -35.20 16.93 -49.70
C CYS A 459 -36.04 17.82 -48.79
N TYR A 460 -35.48 18.19 -47.64
CA TYR A 460 -36.21 18.93 -46.62
C TYR A 460 -35.40 20.12 -46.14
N TRP A 461 -36.10 21.16 -45.73
CA TRP A 461 -35.47 22.28 -45.03
C TRP A 461 -35.08 21.85 -43.62
N PRO A 462 -33.86 22.12 -43.16
CA PRO A 462 -33.40 21.51 -41.90
C PRO A 462 -33.88 22.22 -40.64
N LEU A 463 -34.51 23.38 -40.72
CA LEU A 463 -34.93 24.14 -39.55
C LEU A 463 -36.44 24.05 -39.37
N ARG A 464 -36.87 23.81 -38.14
CA ARG A 464 -38.27 23.67 -37.78
C ARG A 464 -38.62 24.72 -36.73
N GLY A 465 -39.90 25.05 -36.64
CA GLY A 465 -40.39 26.09 -35.75
C GLY A 465 -41.16 25.52 -34.58
N TYR A 466 -40.79 25.97 -33.38
CA TYR A 466 -41.58 25.66 -32.19
C TYR A 466 -42.97 26.26 -32.31
N GLY A 467 -43.96 25.52 -31.81
CA GLY A 467 -45.31 26.06 -31.71
C GLY A 467 -45.67 26.35 -30.27
N PHE A 468 -45.67 27.63 -29.90
CA PHE A 468 -45.90 28.05 -28.52
C PHE A 468 -47.29 28.67 -28.41
N TYR A 469 -48.23 27.93 -27.83
CA TYR A 469 -49.59 28.40 -27.63
C TYR A 469 -49.84 28.68 -26.15
N THR A 470 -50.71 29.65 -25.89
CA THR A 470 -51.04 29.98 -24.50
C THR A 470 -51.67 28.80 -23.78
N THR A 471 -52.39 27.94 -24.49
CA THR A 471 -53.09 26.81 -23.90
C THR A 471 -52.29 25.53 -23.91
N SER A 472 -51.00 25.58 -24.27
CA SER A 472 -50.19 24.38 -24.34
C SER A 472 -49.91 23.84 -22.94
N GLY A 473 -49.57 22.54 -22.89
CA GLY A 473 -49.14 21.93 -21.66
C GLY A 473 -47.73 22.36 -21.28
N ILE A 474 -47.37 22.07 -20.03
CA ILE A 474 -46.11 22.57 -19.49
C ILE A 474 -44.93 22.07 -20.31
N GLY A 475 -45.00 20.82 -20.79
CA GLY A 475 -43.92 20.27 -21.58
C GLY A 475 -43.71 20.98 -22.91
N TYR A 476 -44.74 21.67 -23.41
CA TYR A 476 -44.66 22.40 -24.67
C TYR A 476 -44.70 23.91 -24.48
N GLN A 477 -44.29 24.38 -23.30
CA GLN A 477 -44.25 25.82 -23.07
C GLN A 477 -42.83 26.34 -23.21
N PRO A 478 -42.65 27.61 -23.55
CA PRO A 478 -41.31 28.13 -23.77
C PRO A 478 -40.56 28.39 -22.47
N TYR A 479 -39.25 28.18 -22.53
CA TYR A 479 -38.36 28.47 -21.41
C TYR A 479 -37.14 29.22 -21.92
N ARG A 480 -36.76 30.25 -21.17
CA ARG A 480 -35.53 30.99 -21.46
C ARG A 480 -34.40 30.41 -20.64
N VAL A 481 -33.23 30.26 -21.29
CA VAL A 481 -32.09 29.57 -20.71
C VAL A 481 -30.85 30.45 -20.85
N VAL A 482 -30.10 30.55 -19.75
CA VAL A 482 -28.82 31.25 -19.70
C VAL A 482 -27.78 30.31 -19.11
N VAL A 483 -26.63 30.19 -19.77
CA VAL A 483 -25.54 29.32 -19.34
C VAL A 483 -24.32 30.19 -19.08
N LEU A 484 -23.79 30.13 -17.86
CA LEU A 484 -22.61 30.89 -17.47
C LEU A 484 -21.41 29.96 -17.43
N SER A 485 -20.31 30.38 -18.06
CA SER A 485 -19.07 29.62 -18.07
C SER A 485 -17.91 30.49 -17.59
N PHE A 486 -16.97 29.88 -16.88
CA PHE A 486 -15.84 30.60 -16.30
C PHE A 486 -14.79 29.59 -15.83
N GLU A 487 -13.66 30.12 -15.37
CA GLU A 487 -12.57 29.34 -14.81
C GLU A 487 -12.20 29.93 -13.45
N LEU A 488 -11.58 29.11 -12.59
CA LEU A 488 -11.39 29.46 -11.20
C LEU A 488 -9.94 29.28 -10.76
N LEU A 489 -9.40 30.31 -10.11
CA LEU A 489 -8.19 30.21 -9.28
C LEU A 489 -6.97 29.72 -10.06
N ASN A 490 -6.86 30.14 -11.33
CA ASN A 490 -5.69 29.77 -12.11
C ASN A 490 -5.17 30.89 -13.00
N ALA A 491 -5.79 32.06 -13.00
CA ALA A 491 -5.43 33.12 -13.92
C ALA A 491 -6.03 34.44 -13.47
N PRO A 492 -5.69 35.57 -14.10
CA PRO A 492 -6.28 36.85 -13.68
C PRO A 492 -7.79 36.85 -13.81
N ALA A 493 -8.44 37.63 -12.94
CA ALA A 493 -9.88 37.74 -12.93
C ALA A 493 -10.28 39.19 -12.72
N THR A 494 -11.44 39.56 -13.26
CA THR A 494 -11.99 40.90 -13.10
C THR A 494 -13.47 40.89 -12.72
N VAL A 495 -14.03 39.73 -12.38
CA VAL A 495 -15.39 39.61 -11.86
C VAL A 495 -15.28 38.96 -10.49
N CYS A 496 -15.92 39.57 -9.49
CA CYS A 496 -15.76 39.10 -8.12
C CYS A 496 -17.06 39.27 -7.36
N GLY A 497 -17.19 38.50 -6.29
CA GLY A 497 -18.30 38.63 -5.38
C GLY A 497 -18.14 39.83 -4.47
N PRO A 498 -19.24 40.20 -3.81
CA PRO A 498 -19.19 41.37 -2.93
C PRO A 498 -18.40 41.13 -1.66
N LYS A 499 -17.21 41.71 -1.56
CA LYS A 499 -16.36 41.52 -0.41
C LYS A 499 -15.54 42.79 -0.19
N LEU A 500 -15.12 43.00 1.05
CA LEU A 500 -14.34 44.16 1.43
C LEU A 500 -12.87 43.80 1.53
N SER A 501 -12.04 44.55 0.83
CA SER A 501 -10.60 44.34 0.89
C SER A 501 -10.00 45.09 2.09
N THR A 502 -8.92 44.54 2.61
CA THR A 502 -8.20 45.12 3.74
C THR A 502 -6.79 45.51 3.30
N ASP A 503 -5.98 45.93 4.27
CA ASP A 503 -4.61 46.31 3.99
C ASP A 503 -3.71 45.06 3.98
N LEU A 504 -2.49 45.25 3.50
CA LEU A 504 -1.53 44.16 3.36
C LEU A 504 -0.64 44.10 4.60
N ILE A 505 -0.54 42.91 5.19
CA ILE A 505 0.29 42.68 6.37
C ILE A 505 1.41 41.72 5.96
N LYS A 506 2.64 42.08 6.29
CA LYS A 506 3.82 41.34 5.87
C LYS A 506 4.66 40.94 7.07
N ASN A 507 5.42 39.86 6.90
CA ASN A 507 6.28 39.32 7.95
C ASN A 507 5.48 38.94 9.20
N GLN A 508 4.32 38.32 8.99
CA GLN A 508 3.45 37.93 10.08
C GLN A 508 2.52 36.83 9.61
N CYS A 509 2.34 35.80 10.45
CA CYS A 509 1.47 34.69 10.09
C CYS A 509 0.02 35.14 10.12
N VAL A 510 -0.64 35.07 8.96
CA VAL A 510 -2.00 35.57 8.81
C VAL A 510 -2.80 34.61 7.93
N ASN A 511 -4.12 34.69 8.07
CA ASN A 511 -5.03 34.16 7.06
C ASN A 511 -5.11 35.15 5.92
N PHE A 512 -5.11 34.64 4.69
CA PHE A 512 -5.11 35.47 3.50
C PHE A 512 -6.12 34.95 2.49
N ASN A 513 -6.63 35.87 1.68
CA ASN A 513 -7.55 35.54 0.59
C ASN A 513 -7.22 36.45 -0.60
N PHE A 514 -6.64 35.85 -1.64
CA PHE A 514 -6.26 36.57 -2.86
C PHE A 514 -7.17 36.10 -3.99
N ASN A 515 -8.07 36.98 -4.43
CA ASN A 515 -8.95 36.69 -5.57
C ASN A 515 -9.73 35.39 -5.38
N GLY A 516 -9.98 35.01 -4.13
CA GLY A 516 -10.72 33.82 -3.81
C GLY A 516 -9.88 32.66 -3.33
N LEU A 517 -8.58 32.67 -3.57
CA LEU A 517 -7.69 31.64 -3.05
C LEU A 517 -7.36 31.96 -1.60
N THR A 518 -7.80 31.08 -0.69
CA THR A 518 -7.66 31.30 0.74
C THR A 518 -6.58 30.39 1.31
N GLY A 519 -5.95 30.85 2.39
CA GLY A 519 -4.91 30.06 3.02
C GLY A 519 -4.37 30.76 4.24
N THR A 520 -3.29 30.18 4.78
CA THR A 520 -2.59 30.73 5.94
C THR A 520 -1.10 30.74 5.67
N GLY A 521 -0.43 31.80 6.07
CA GLY A 521 1.01 31.86 5.87
C GLY A 521 1.58 33.23 6.16
N VAL A 522 2.84 33.39 5.78
CA VAL A 522 3.60 34.64 5.94
C VAL A 522 3.90 35.19 4.56
N LEU A 523 3.63 36.48 4.37
CA LEU A 523 3.78 37.15 3.08
C LEU A 523 5.02 38.03 3.12
N THR A 524 5.87 37.90 2.12
CA THR A 524 7.08 38.71 2.01
C THR A 524 7.21 39.26 0.60
N PRO A 525 7.97 40.33 0.41
CA PRO A 525 8.25 40.81 -0.95
C PRO A 525 9.10 39.83 -1.73
N SER A 526 8.84 39.74 -3.04
CA SER A 526 9.45 38.74 -3.90
C SER A 526 10.26 39.40 -5.01
N SER A 527 11.29 38.69 -5.46
CA SER A 527 12.09 39.11 -6.60
C SER A 527 11.68 38.45 -7.90
N LYS A 528 10.67 37.57 -7.87
CA LYS A 528 10.18 36.95 -9.10
C LYS A 528 9.48 37.98 -9.97
N ARG A 529 9.52 37.76 -11.28
CA ARG A 529 8.92 38.66 -12.27
C ARG A 529 7.89 37.88 -13.07
N PHE A 530 6.62 38.07 -12.72
CA PHE A 530 5.53 37.43 -13.45
C PHE A 530 5.31 38.14 -14.79
N GLN A 531 4.90 37.36 -15.78
CA GLN A 531 4.43 37.92 -17.03
C GLN A 531 2.99 38.40 -16.87
N PRO A 532 2.51 39.28 -17.74
CA PRO A 532 1.18 39.86 -17.54
C PRO A 532 0.06 38.84 -17.49
N PHE A 533 0.23 37.68 -18.13
CA PHE A 533 -0.84 36.67 -18.17
C PHE A 533 -0.75 35.67 -17.02
N GLN A 534 0.20 35.83 -16.10
CA GLN A 534 0.36 34.93 -14.97
C GLN A 534 -0.07 35.63 -13.69
N GLN A 535 -0.83 34.91 -12.86
CA GLN A 535 -1.32 35.44 -11.59
C GLN A 535 -0.78 34.71 -10.37
N PHE A 536 -0.52 33.39 -10.47
CA PHE A 536 -0.05 32.60 -9.35
C PHE A 536 1.21 31.85 -9.74
N GLY A 537 1.99 31.48 -8.74
CA GLY A 537 3.16 30.65 -8.94
C GLY A 537 3.11 29.43 -8.04
N ARG A 538 3.76 28.37 -8.49
CA ARG A 538 3.73 27.10 -7.77
C ARG A 538 5.13 26.47 -7.77
N ASP A 539 5.40 25.67 -6.75
CA ASP A 539 6.68 25.01 -6.58
C ASP A 539 6.58 23.56 -7.06
N VAL A 540 7.65 22.79 -6.85
CA VAL A 540 7.71 21.43 -7.35
C VAL A 540 6.64 20.55 -6.70
N SER A 541 6.23 20.89 -5.47
CA SER A 541 5.17 20.16 -4.79
C SER A 541 3.78 20.61 -5.19
N ASP A 542 3.66 21.55 -6.13
CA ASP A 542 2.39 22.13 -6.57
C ASP A 542 1.77 23.03 -5.50
N PHE A 543 2.51 23.37 -4.46
CA PHE A 543 2.05 24.31 -3.46
C PHE A 543 2.17 25.73 -4.00
N THR A 544 1.13 26.54 -3.77
CA THR A 544 1.12 27.92 -4.25
C THR A 544 2.04 28.76 -3.39
N ASP A 545 3.16 29.21 -3.96
CA ASP A 545 4.21 29.87 -3.20
C ASP A 545 4.41 31.34 -3.57
N SER A 546 3.69 31.88 -4.55
CA SER A 546 3.82 33.29 -4.87
C SER A 546 2.58 33.77 -5.59
N VAL A 547 2.30 35.07 -5.47
CA VAL A 547 1.08 35.65 -6.01
C VAL A 547 1.31 37.13 -6.30
N ARG A 548 0.64 37.64 -7.32
CA ARG A 548 0.67 39.06 -7.64
C ARG A 548 -0.52 39.74 -6.96
N ASP A 549 -0.23 40.80 -6.21
CA ASP A 549 -1.30 41.53 -5.53
C ASP A 549 -2.22 42.17 -6.56
N PRO A 550 -3.54 41.97 -6.45
CA PRO A 550 -4.44 42.48 -7.50
C PRO A 550 -4.61 43.99 -7.50
N LYS A 551 -4.10 44.71 -6.50
CA LYS A 551 -4.26 46.15 -6.43
C LYS A 551 -3.00 46.92 -6.78
N THR A 552 -1.83 46.47 -6.32
CA THR A 552 -0.58 47.17 -6.58
C THR A 552 0.30 46.47 -7.62
N SER A 553 -0.04 45.24 -8.00
CA SER A 553 0.73 44.44 -8.95
C SER A 553 2.08 43.98 -8.40
N GLU A 554 2.33 44.18 -7.11
CA GLU A 554 3.56 43.70 -6.50
C GLU A 554 3.51 42.18 -6.34
N ILE A 555 4.66 41.54 -6.50
CA ILE A 555 4.77 40.09 -6.38
C ILE A 555 5.18 39.74 -4.96
N LEU A 556 4.45 38.81 -4.35
CA LEU A 556 4.66 38.41 -2.97
C LEU A 556 4.94 36.91 -2.89
N ASP A 557 5.91 36.55 -2.07
CA ASP A 557 6.17 35.16 -1.71
C ASP A 557 5.34 34.78 -0.50
N ILE A 558 4.89 33.52 -0.48
CA ILE A 558 4.06 32.98 0.58
C ILE A 558 4.83 31.82 1.21
N SER A 559 4.92 31.82 2.54
CA SER A 559 5.67 30.79 3.24
C SER A 559 4.85 30.20 4.37
N PRO A 560 5.04 28.91 4.68
CA PRO A 560 4.33 28.32 5.82
C PRO A 560 4.75 28.92 7.14
N CYS A 561 3.85 28.81 8.12
CA CYS A 561 4.08 29.37 9.45
C CYS A 561 4.83 28.41 10.37
N SER A 562 4.49 27.11 10.35
CA SER A 562 5.10 26.14 11.25
C SER A 562 6.38 25.58 10.65
N PHE A 563 7.41 25.48 11.49
CA PHE A 563 8.74 25.09 11.03
C PHE A 563 9.63 24.88 12.24
N GLY A 564 10.49 23.86 12.19
CA GLY A 564 11.47 23.63 13.22
C GLY A 564 11.19 22.37 14.02
N GLY A 565 12.27 21.72 14.45
CA GLY A 565 12.19 20.47 15.19
C GLY A 565 12.26 20.67 16.70
N VAL A 566 11.44 19.90 17.42
CA VAL A 566 11.29 20.02 18.87
C VAL A 566 11.38 18.65 19.50
N SER A 567 12.09 18.56 20.63
CA SER A 567 12.23 17.31 21.37
C SER A 567 11.96 17.56 22.85
N VAL A 568 11.49 16.52 23.54
CA VAL A 568 11.13 16.59 24.94
C VAL A 568 11.98 15.58 25.71
N ILE A 569 12.59 16.04 26.80
CA ILE A 569 13.44 15.22 27.66
C ILE A 569 12.74 15.05 29.00
N THR A 570 12.56 13.80 29.42
CA THR A 570 11.80 13.46 30.62
C THR A 570 12.58 12.46 31.46
N PRO A 571 12.59 12.63 32.79
CA PRO A 571 13.14 11.59 33.66
C PRO A 571 12.17 10.45 33.95
N GLY A 572 10.98 10.46 33.34
CA GLY A 572 9.95 9.49 33.64
C GLY A 572 8.82 10.11 34.43
N THR A 573 7.58 9.96 33.95
CA THR A 573 6.45 10.53 34.65
C THR A 573 6.31 9.97 36.05
N ASN A 574 6.74 8.72 36.26
CA ASN A 574 6.71 8.13 37.60
C ASN A 574 7.57 8.93 38.57
N ALA A 575 8.63 9.58 38.08
CA ALA A 575 9.54 10.31 38.95
C ALA A 575 9.19 11.80 39.06
N SER A 576 8.74 12.42 37.97
CA SER A 576 8.46 13.84 37.99
C SER A 576 7.65 14.22 36.76
N SER A 577 7.04 15.40 36.82
CA SER A 577 6.30 15.97 35.69
C SER A 577 7.06 17.09 35.01
N GLU A 578 8.29 17.39 35.45
CA GLU A 578 9.10 18.42 34.84
C GLU A 578 9.86 17.85 33.64
N VAL A 579 9.99 18.66 32.58
CA VAL A 579 10.64 18.25 31.36
C VAL A 579 11.58 19.35 30.89
N ALA A 580 12.50 18.98 30.01
CA ALA A 580 13.32 19.95 29.29
C ALA A 580 12.95 19.90 27.81
N VAL A 581 13.04 21.04 27.13
CA VAL A 581 12.65 21.14 25.73
C VAL A 581 13.85 21.56 24.92
N LEU A 582 14.12 20.83 23.84
CA LEU A 582 15.21 21.09 22.93
C LEU A 582 14.64 21.58 21.60
N TYR A 583 15.03 22.78 21.19
CA TYR A 583 14.61 23.36 19.92
C TYR A 583 15.79 23.28 18.96
N GLN A 584 15.72 22.34 18.03
CA GLN A 584 16.64 22.35 16.91
C GLN A 584 16.23 23.47 15.96
N ASP A 585 17.22 24.14 15.37
CA ASP A 585 17.01 25.24 14.44
C ASP A 585 16.69 26.56 15.14
N VAL A 586 17.01 26.71 16.42
CA VAL A 586 16.90 27.98 17.13
C VAL A 586 18.24 28.26 17.78
N ASN A 587 18.73 29.49 17.63
CA ASN A 587 20.01 29.92 18.20
C ASN A 587 19.72 30.87 19.36
N CYS A 588 20.17 30.48 20.56
CA CYS A 588 19.90 31.21 21.79
C CYS A 588 21.16 31.75 22.45
N THR A 589 22.26 31.88 21.70
CA THR A 589 23.52 32.25 22.33
C THR A 589 23.43 33.60 23.04
N ASP A 590 22.84 34.60 22.38
CA ASP A 590 22.69 35.92 22.97
C ASP A 590 21.33 36.00 23.62
N VAL A 591 21.27 35.66 24.91
CA VAL A 591 20.02 35.68 25.66
C VAL A 591 19.90 37.09 26.24
N SER A 592 19.38 38.00 25.42
CA SER A 592 19.14 39.37 25.85
C SER A 592 17.67 39.72 25.92
N THR A 593 16.80 39.00 25.22
CA THR A 593 15.36 39.20 25.29
C THR A 593 14.71 38.36 26.38
N LEU A 594 15.48 37.60 27.13
CA LEU A 594 14.96 36.78 28.21
C LEU A 594 14.12 37.60 29.18
N ALA A 603 11.58 37.73 19.77
CA ALA A 603 10.82 37.03 18.73
C ALA A 603 11.30 35.59 18.58
N TRP A 604 11.82 35.03 19.66
CA TRP A 604 12.33 33.66 19.62
C TRP A 604 11.18 32.68 19.36
N ARG A 605 11.46 31.65 18.58
CA ARG A 605 10.47 30.63 18.25
C ARG A 605 10.57 29.49 19.25
N ILE A 606 10.13 29.79 20.47
CA ILE A 606 10.06 28.83 21.56
C ILE A 606 8.70 28.95 22.22
N TYR A 607 8.25 27.87 22.87
CA TYR A 607 6.93 27.87 23.48
C TYR A 607 6.93 28.68 24.77
N SER A 608 8.01 28.60 25.55
CA SER A 608 8.08 29.29 26.82
C SER A 608 9.54 29.35 27.26
N THR A 609 9.91 30.47 27.85
CA THR A 609 11.26 30.63 28.39
C THR A 609 11.30 30.05 29.80
N GLY A 610 12.38 30.32 30.52
CA GLY A 610 12.49 29.83 31.89
C GLY A 610 13.89 30.06 32.43
N ASN A 611 14.24 29.24 33.41
CA ASN A 611 15.57 29.29 33.99
C ASN A 611 16.51 28.35 33.23
N ASN A 612 17.76 28.77 33.09
CA ASN A 612 18.80 27.94 32.49
C ASN A 612 18.56 27.72 31.00
N VAL A 613 18.09 28.76 30.31
CA VAL A 613 18.01 28.71 28.85
C VAL A 613 19.42 28.90 28.29
N PHE A 614 19.87 27.95 27.47
CA PHE A 614 21.21 28.12 26.89
C PHE A 614 21.36 27.28 25.63
N GLN A 615 22.38 27.63 24.86
CA GLN A 615 22.64 27.00 23.57
C GLN A 615 23.60 25.84 23.72
N THR A 616 23.38 24.79 22.93
CA THR A 616 24.25 23.63 22.87
C THR A 616 24.42 23.24 21.41
N GLN A 617 25.36 22.33 21.17
CA GLN A 617 25.64 21.92 19.80
C GLN A 617 24.42 21.29 19.13
N ALA A 618 23.44 20.85 19.91
CA ALA A 618 22.23 20.24 19.37
C ALA A 618 21.06 21.20 19.28
N GLY A 619 21.20 22.45 19.71
CA GLY A 619 20.16 23.44 19.60
C GLY A 619 19.97 24.20 20.89
N CYS A 620 18.83 24.90 20.98
CA CYS A 620 18.52 25.71 22.16
C CYS A 620 17.83 24.83 23.20
N LEU A 621 18.41 24.73 24.39
CA LEU A 621 17.90 23.89 25.44
C LEU A 621 17.30 24.75 26.54
N ILE A 622 16.07 24.43 26.93
CA ILE A 622 15.31 25.20 27.92
C ILE A 622 14.81 24.24 28.99
N GLY A 623 15.16 24.52 30.25
CA GLY A 623 14.70 23.74 31.37
C GLY A 623 15.72 22.82 32.00
N ALA A 624 17.00 22.93 31.63
CA ALA A 624 18.04 22.09 32.19
C ALA A 624 19.18 22.97 32.68
N GLU A 625 19.85 22.50 33.74
CA GLU A 625 20.98 23.22 34.32
C GLU A 625 22.29 22.67 33.76
N HIS A 626 23.20 23.56 33.39
CA HIS A 626 24.48 23.17 32.82
C HIS A 626 25.49 22.91 33.93
N VAL A 627 26.20 21.78 33.81
CA VAL A 627 27.24 21.40 34.76
C VAL A 627 28.50 21.08 33.97
N ASP A 628 29.65 21.46 34.51
CA ASP A 628 30.91 21.32 33.79
C ASP A 628 31.51 19.93 33.92
N THR A 629 31.05 19.12 34.86
CA THR A 629 31.60 17.77 35.01
C THR A 629 31.10 16.87 33.88
N SER A 630 31.86 15.81 33.62
CA SER A 630 31.55 14.84 32.58
C SER A 630 31.23 13.50 33.23
N TYR A 631 30.09 12.92 32.84
CA TYR A 631 29.67 11.61 33.30
C TYR A 631 29.39 10.72 32.10
N GLU A 632 29.12 9.44 32.37
CA GLU A 632 28.66 8.54 31.32
C GLU A 632 27.28 8.98 30.85
N CYS A 633 27.03 8.82 29.55
CA CYS A 633 25.79 9.31 28.98
C CYS A 633 24.60 8.59 29.59
N ASP A 634 23.68 9.36 30.16
CA ASP A 634 22.43 8.81 30.69
C ASP A 634 21.30 8.92 29.66
N ILE A 635 20.98 10.14 29.25
CA ILE A 635 20.03 10.39 28.17
C ILE A 635 20.76 11.13 27.06
N PRO A 636 21.11 10.47 25.96
CA PRO A 636 21.84 11.16 24.89
C PRO A 636 20.95 12.15 24.16
N ILE A 637 21.34 13.42 24.17
CA ILE A 637 20.59 14.45 23.48
C ILE A 637 21.05 14.58 22.03
N GLY A 638 22.35 14.50 21.78
CA GLY A 638 22.90 14.59 20.44
C GLY A 638 24.14 15.46 20.42
N ALA A 639 25.02 15.19 19.46
CA ALA A 639 26.23 15.98 19.26
C ALA A 639 27.08 16.06 20.52
N GLY A 640 27.22 14.94 21.22
CA GLY A 640 28.09 14.86 22.36
C GLY A 640 27.51 15.36 23.66
N ILE A 641 26.22 15.69 23.70
CA ILE A 641 25.57 16.23 24.89
C ILE A 641 24.68 15.15 25.49
N CYS A 642 24.68 15.05 26.81
CA CYS A 642 23.85 14.09 27.52
C CYS A 642 23.20 14.75 28.73
N ALA A 643 21.99 14.30 29.04
CA ALA A 643 21.20 14.85 30.14
C ALA A 643 20.95 13.76 31.19
N SER A 644 20.69 14.22 32.41
CA SER A 644 20.44 13.33 33.53
C SER A 644 19.56 14.04 34.54
N TYR A 645 19.19 13.33 35.61
CA TYR A 645 18.32 13.83 36.67
C TYR A 645 19.08 13.70 37.98
N HIS A 646 19.60 14.82 38.50
CA HIS A 646 20.55 14.79 39.60
C HIS A 646 20.05 15.61 40.78
N THR A 647 20.59 15.31 41.96
CA THR A 647 20.31 16.11 43.14
C THR A 647 21.04 17.44 43.04
N VAL A 648 20.31 18.53 43.28
CA VAL A 648 20.89 19.86 43.17
C VAL A 648 22.04 20.01 44.16
N GLN A 656 16.52 18.19 46.74
CA GLN A 656 15.86 18.57 45.50
C GLN A 656 16.60 18.01 44.29
N LYS A 657 15.86 17.65 43.26
CA LYS A 657 16.42 17.07 42.04
C LYS A 657 15.98 17.88 40.84
N SER A 658 16.85 17.94 39.83
CA SER A 658 16.57 18.70 38.62
C SER A 658 17.30 18.08 37.45
N ILE A 659 16.89 18.50 36.25
CA ILE A 659 17.49 18.00 35.02
C ILE A 659 18.77 18.77 34.74
N VAL A 660 19.83 18.05 34.43
CA VAL A 660 21.14 18.63 34.15
C VAL A 660 21.61 18.15 32.79
N ALA A 661 22.46 18.95 32.16
CA ALA A 661 23.03 18.64 30.85
C ALA A 661 24.53 18.85 30.90
N TYR A 662 25.27 18.02 30.15
CA TYR A 662 26.72 18.05 30.20
C TYR A 662 27.27 17.42 28.94
N THR A 663 28.59 17.54 28.78
CA THR A 663 29.32 16.89 27.70
C THR A 663 29.74 15.49 28.17
N MET A 664 29.40 14.48 27.37
CA MET A 664 29.70 13.10 27.74
C MET A 664 31.19 12.84 27.68
N SER A 665 31.66 11.95 28.55
CA SER A 665 33.06 11.55 28.59
C SER A 665 33.29 10.39 27.63
N LEU A 666 34.48 10.36 27.03
CA LEU A 666 34.83 9.36 26.04
C LEU A 666 35.55 8.15 26.64
N GLY A 667 35.88 8.19 27.92
CA GLY A 667 36.62 7.11 28.55
C GLY A 667 37.67 7.61 29.51
N ALA A 668 38.18 6.73 30.37
CA ALA A 668 39.14 7.15 31.37
C ALA A 668 40.48 7.51 30.72
N ASP A 669 41.20 8.42 31.37
CA ASP A 669 42.48 8.90 30.87
C ASP A 669 43.59 7.93 31.29
N SER A 670 44.58 7.78 30.43
CA SER A 670 45.68 6.86 30.67
C SER A 670 46.96 7.42 30.10
N SER A 671 48.08 6.96 30.64
CA SER A 671 49.42 7.32 30.16
C SER A 671 50.24 6.05 30.06
N ILE A 672 50.63 5.69 28.84
CA ILE A 672 51.44 4.51 28.57
C ILE A 672 52.78 4.98 28.04
N ALA A 673 53.86 4.46 28.64
CA ALA A 673 55.21 4.88 28.29
C ALA A 673 55.74 3.98 27.17
N TYR A 674 55.87 4.54 25.98
CA TYR A 674 56.50 3.82 24.88
C TYR A 674 58.00 3.78 25.10
N SER A 675 58.54 2.58 25.25
CA SER A 675 59.96 2.36 25.54
C SER A 675 60.65 1.71 24.35
N ASN A 676 61.94 1.42 24.53
CA ASN A 676 62.71 0.73 23.50
C ASN A 676 63.59 -0.38 24.04
N ASN A 677 63.69 -0.57 25.36
CA ASN A 677 64.57 -1.60 25.91
C ASN A 677 63.96 -2.35 27.09
N THR A 678 62.67 -2.19 27.38
CA THR A 678 62.04 -2.83 28.52
C THR A 678 60.71 -3.44 28.10
N ILE A 679 60.30 -4.47 28.85
CA ILE A 679 59.09 -5.23 28.57
C ILE A 679 58.33 -5.41 29.88
N ALA A 680 57.02 -5.65 29.75
CA ALA A 680 56.13 -5.91 30.87
C ALA A 680 55.54 -7.31 30.70
N ILE A 681 55.72 -8.15 31.72
CA ILE A 681 55.30 -9.54 31.68
C ILE A 681 54.32 -9.77 32.83
N PRO A 682 53.15 -10.37 32.59
CA PRO A 682 52.28 -10.74 33.71
C PRO A 682 52.93 -11.79 34.60
N THR A 683 52.60 -11.73 35.89
CA THR A 683 53.04 -12.74 36.85
C THR A 683 51.89 -13.51 37.46
N ASN A 684 50.64 -13.17 37.14
CA ASN A 684 49.48 -13.86 37.67
C ASN A 684 48.38 -13.82 36.63
N PHE A 685 47.23 -14.40 36.98
CA PHE A 685 46.10 -14.47 36.06
C PHE A 685 44.83 -14.69 36.87
N SER A 686 43.69 -14.50 36.21
CA SER A 686 42.39 -14.75 36.81
C SER A 686 41.49 -15.40 35.78
N ILE A 687 40.53 -16.19 36.26
CA ILE A 687 39.53 -16.82 35.42
C ILE A 687 38.29 -15.94 35.41
N SER A 688 37.82 -15.61 34.21
CA SER A 688 36.67 -14.73 34.04
C SER A 688 35.59 -15.44 33.24
N ILE A 689 34.35 -15.29 33.67
CA ILE A 689 33.19 -15.85 32.98
C ILE A 689 32.21 -14.72 32.69
N THR A 690 31.81 -14.58 31.43
CA THR A 690 30.88 -13.55 31.00
C THR A 690 29.77 -14.18 30.18
N THR A 691 28.72 -13.40 29.95
CA THR A 691 27.48 -13.88 29.35
C THR A 691 27.22 -13.19 28.02
N GLU A 692 26.59 -13.91 27.11
CA GLU A 692 26.18 -13.38 25.81
C GLU A 692 24.79 -13.89 25.48
N VAL A 693 23.86 -12.98 25.22
CA VAL A 693 22.45 -13.30 25.01
C VAL A 693 22.12 -13.09 23.53
N MET A 694 21.50 -14.10 22.91
CA MET A 694 21.24 -14.05 21.48
C MET A 694 19.83 -14.52 21.14
N PRO A 695 19.02 -13.73 20.45
CA PRO A 695 17.74 -14.23 19.96
C PRO A 695 17.95 -15.34 18.94
N VAL A 696 17.01 -16.28 18.92
CA VAL A 696 17.05 -17.43 18.00
C VAL A 696 15.79 -17.50 17.14
N SER A 697 14.62 -17.37 17.77
CA SER A 697 13.36 -17.53 17.06
C SER A 697 12.32 -16.56 17.61
N MET A 698 11.34 -16.25 16.77
CA MET A 698 10.20 -15.41 17.14
C MET A 698 8.91 -16.20 16.93
N ALA A 699 7.79 -15.58 17.29
CA ALA A 699 6.51 -16.27 17.30
C ALA A 699 6.03 -16.57 15.88
N LYS A 700 5.44 -17.75 15.71
CA LYS A 700 4.85 -18.16 14.44
C LYS A 700 3.38 -17.77 14.45
N THR A 701 2.91 -17.11 13.38
CA THR A 701 1.56 -16.61 13.33
C THR A 701 0.90 -16.97 12.00
N SER A 702 -0.43 -16.96 12.02
CA SER A 702 -1.24 -17.18 10.83
C SER A 702 -2.47 -16.31 10.89
N VAL A 703 -3.03 -16.00 9.73
CA VAL A 703 -4.13 -15.05 9.59
C VAL A 703 -5.24 -15.69 8.77
N ASP A 704 -6.48 -15.51 9.23
CA ASP A 704 -7.67 -15.88 8.47
C ASP A 704 -8.21 -14.60 7.83
N CYS A 705 -7.91 -14.42 6.54
CA CYS A 705 -8.31 -13.20 5.83
C CYS A 705 -9.79 -12.92 5.99
N ASN A 706 -10.63 -13.92 5.71
CA ASN A 706 -12.06 -13.67 5.75
C ASN A 706 -12.50 -13.25 7.14
N MET A 707 -12.02 -13.93 8.16
CA MET A 707 -12.38 -13.56 9.53
C MET A 707 -11.99 -12.11 9.80
N TYR A 708 -10.72 -11.76 9.55
CA TYR A 708 -10.25 -10.42 9.88
C TYR A 708 -11.01 -9.35 9.12
N ILE A 709 -11.26 -9.57 7.82
CA ILE A 709 -11.79 -8.50 6.99
C ILE A 709 -13.31 -8.39 7.10
N CYS A 710 -14.01 -9.52 7.07
CA CYS A 710 -15.46 -9.53 6.98
C CYS A 710 -16.17 -9.98 8.24
N GLY A 711 -15.49 -10.65 9.17
CA GLY A 711 -16.19 -11.22 10.30
C GLY A 711 -17.11 -12.34 9.86
N ASP A 712 -18.38 -12.24 10.24
CA ASP A 712 -19.38 -13.26 9.92
C ASP A 712 -20.35 -12.80 8.83
N SER A 713 -19.98 -11.80 8.03
CA SER A 713 -20.88 -11.22 7.05
C SER A 713 -20.74 -11.92 5.71
N THR A 714 -21.84 -12.52 5.24
CA THR A 714 -21.82 -13.23 3.96
C THR A 714 -21.72 -12.26 2.78
N GLU A 715 -22.34 -11.09 2.88
CA GLU A 715 -22.21 -10.10 1.81
C GLU A 715 -20.74 -9.71 1.61
N CYS A 716 -20.05 -9.38 2.71
CA CYS A 716 -18.65 -9.03 2.61
C CYS A 716 -17.82 -10.22 2.14
N ALA A 717 -18.14 -11.42 2.62
CA ALA A 717 -17.40 -12.60 2.15
C ALA A 717 -17.52 -12.75 0.65
N ASN A 718 -18.73 -12.58 0.10
CA ASN A 718 -18.92 -12.68 -1.34
C ASN A 718 -18.14 -11.59 -2.07
N LEU A 719 -18.16 -10.36 -1.55
CA LEU A 719 -17.43 -9.28 -2.21
C LEU A 719 -15.92 -9.51 -2.14
N LEU A 720 -15.43 -10.24 -1.16
CA LEU A 720 -14.01 -10.46 -0.99
C LEU A 720 -13.43 -11.52 -1.93
N LEU A 721 -14.28 -12.28 -2.62
CA LEU A 721 -13.78 -13.40 -3.42
C LEU A 721 -12.83 -12.94 -4.52
N GLN A 722 -13.01 -11.72 -5.03
CA GLN A 722 -12.18 -11.24 -6.12
C GLN A 722 -10.79 -10.78 -5.69
N TYR A 723 -10.45 -10.93 -4.41
CA TYR A 723 -9.11 -10.60 -3.91
C TYR A 723 -8.37 -11.81 -3.37
N GLY A 724 -8.76 -13.01 -3.80
CA GLY A 724 -8.17 -14.22 -3.23
C GLY A 724 -6.66 -14.32 -3.45
N SER A 725 -6.18 -13.80 -4.59
CA SER A 725 -4.76 -13.90 -4.89
C SER A 725 -3.92 -13.20 -3.83
N PHE A 726 -4.34 -12.01 -3.41
CA PHE A 726 -3.58 -11.25 -2.42
C PHE A 726 -3.50 -11.99 -1.09
N CYS A 727 -4.61 -12.59 -0.67
CA CYS A 727 -4.63 -13.33 0.59
C CYS A 727 -3.77 -14.58 0.52
N ARG A 728 -3.83 -15.30 -0.61
CA ARG A 728 -2.94 -16.44 -0.78
C ARG A 728 -1.48 -16.02 -0.70
N GLN A 729 -1.15 -14.88 -1.30
CA GLN A 729 0.21 -14.36 -1.23
C GLN A 729 0.63 -14.09 0.22
N LEU A 730 -0.24 -13.40 0.97
CA LEU A 730 0.06 -13.08 2.36
C LEU A 730 0.31 -14.35 3.16
N ASN A 731 -0.57 -15.34 3.01
CA ASN A 731 -0.43 -16.56 3.80
C ASN A 731 0.79 -17.35 3.39
N ARG A 732 1.17 -17.31 2.11
CA ARG A 732 2.41 -17.93 1.68
C ARG A 732 3.59 -17.34 2.44
N ALA A 733 3.66 -16.01 2.50
CA ALA A 733 4.76 -15.37 3.21
C ALA A 733 4.78 -15.77 4.68
N LEU A 734 3.61 -15.74 5.33
CA LEU A 734 3.55 -16.05 6.76
C LEU A 734 3.97 -17.49 7.04
N SER A 735 3.52 -18.44 6.21
CA SER A 735 3.88 -19.83 6.44
C SER A 735 5.37 -20.05 6.22
N GLY A 736 5.96 -19.36 5.24
CA GLY A 736 7.41 -19.43 5.09
C GLY A 736 8.13 -18.99 6.35
N ILE A 737 7.70 -17.86 6.92
CA ILE A 737 8.32 -17.39 8.17
C ILE A 737 8.17 -18.44 9.27
N ALA A 738 6.97 -19.01 9.39
CA ALA A 738 6.70 -19.96 10.45
C ALA A 738 7.61 -21.18 10.36
N ALA A 739 7.82 -21.70 9.15
CA ALA A 739 8.74 -22.82 8.99
C ALA A 739 10.18 -22.40 9.32
N GLU A 740 10.57 -21.19 8.91
CA GLU A 740 11.94 -20.75 9.18
C GLU A 740 12.22 -20.70 10.68
N GLN A 741 11.22 -20.39 11.51
CA GLN A 741 11.49 -20.33 12.95
C GLN A 741 11.96 -21.68 13.50
N ASP A 742 11.24 -22.75 13.17
CA ASP A 742 11.65 -24.08 13.61
C ASP A 742 13.01 -24.45 13.00
N ARG A 743 13.25 -24.03 11.75
CA ARG A 743 14.56 -24.27 11.16
C ARG A 743 15.66 -23.63 12.00
N ASN A 744 15.45 -22.38 12.41
CA ASN A 744 16.44 -21.68 13.23
C ASN A 744 16.73 -22.43 14.51
N THR A 745 15.67 -22.82 15.22
CA THR A 745 15.87 -23.52 16.49
C THR A 745 16.64 -24.82 16.29
N ARG A 746 16.27 -25.60 15.27
CA ARG A 746 16.97 -26.85 15.02
C ARG A 746 18.44 -26.59 14.72
N GLU A 747 18.73 -25.61 13.85
CA GLU A 747 20.11 -25.36 13.47
C GLU A 747 20.94 -24.96 14.69
N VAL A 748 20.37 -24.14 15.58
CA VAL A 748 21.14 -23.70 16.74
C VAL A 748 21.40 -24.86 17.70
N PHE A 749 20.36 -25.63 18.03
CA PHE A 749 20.46 -26.53 19.18
C PHE A 749 20.78 -27.98 18.84
N VAL A 750 20.38 -28.49 17.68
CA VAL A 750 20.58 -29.91 17.35
C VAL A 750 21.95 -30.02 16.69
N GLN A 751 22.98 -30.12 17.53
CA GLN A 751 24.36 -30.21 17.06
C GLN A 751 25.07 -31.43 17.63
N VAL A 752 24.32 -32.40 18.15
CA VAL A 752 24.89 -33.62 18.71
C VAL A 752 24.06 -34.80 18.25
N LYS A 753 24.73 -35.91 17.95
CA LYS A 753 24.05 -37.11 17.49
C LYS A 753 23.68 -38.06 18.62
N GLN A 754 24.39 -37.99 19.75
CA GLN A 754 24.17 -38.85 20.90
C GLN A 754 23.63 -38.03 22.05
N MET A 755 22.56 -38.53 22.70
CA MET A 755 21.99 -37.86 23.87
C MET A 755 22.75 -38.31 25.10
N TYR A 756 23.91 -37.69 25.31
CA TYR A 756 24.77 -38.05 26.43
C TYR A 756 24.04 -37.88 27.76
N LYS A 757 24.12 -38.90 28.60
CA LYS A 757 23.44 -38.88 29.89
C LYS A 757 24.17 -37.97 30.87
N THR A 758 23.40 -37.32 31.72
CA THR A 758 23.98 -36.43 32.73
C THR A 758 24.72 -37.25 33.77
N PRO A 759 26.01 -36.98 34.01
CA PRO A 759 26.75 -37.79 34.99
C PRO A 759 26.17 -37.63 36.39
N THR A 760 26.28 -38.72 37.17
CA THR A 760 25.75 -38.69 38.53
C THR A 760 26.61 -37.84 39.46
N LEU A 761 27.93 -37.91 39.29
CA LEU A 761 28.86 -37.12 40.10
C LEU A 761 29.30 -35.90 39.31
N LYS A 762 29.14 -34.73 39.92
CA LYS A 762 29.36 -33.44 39.25
C LYS A 762 30.52 -32.69 39.90
N ASP A 763 31.60 -33.40 40.21
CA ASP A 763 32.77 -32.80 40.84
C ASP A 763 33.81 -32.36 39.82
N PHE A 764 34.31 -33.30 39.02
CA PHE A 764 35.27 -33.00 37.95
C PHE A 764 36.50 -32.26 38.51
N GLY A 765 37.13 -32.86 39.51
CA GLY A 765 38.38 -32.31 40.02
C GLY A 765 38.27 -30.91 40.57
N GLY A 766 37.22 -30.63 41.34
CA GLY A 766 37.05 -29.35 41.98
C GLY A 766 36.25 -28.34 41.21
N PHE A 767 35.90 -28.62 39.96
CA PHE A 767 35.08 -27.72 39.16
C PHE A 767 33.61 -28.09 39.34
N ASN A 768 32.88 -27.24 40.06
CA ASN A 768 31.50 -27.54 40.45
C ASN A 768 30.57 -27.19 39.29
N PHE A 769 29.95 -28.22 38.70
CA PHE A 769 29.09 -28.07 37.54
C PHE A 769 27.61 -28.08 37.86
N SER A 770 27.25 -28.38 39.12
CA SER A 770 25.85 -28.65 39.46
C SER A 770 24.93 -27.55 38.94
N GLN A 771 25.29 -26.29 39.19
CA GLN A 771 24.38 -25.19 38.89
C GLN A 771 24.02 -25.08 37.42
N ILE A 772 24.82 -25.68 36.52
CA ILE A 772 24.54 -25.63 35.09
C ILE A 772 24.01 -26.95 34.55
N LEU A 773 23.91 -27.99 35.38
CA LEU A 773 23.32 -29.25 34.96
C LEU A 773 22.04 -29.52 35.73
N PRO A 774 21.10 -30.26 35.15
CA PRO A 774 19.84 -30.50 35.86
C PRO A 774 20.04 -31.35 37.10
N ASP A 775 19.19 -31.10 38.10
CA ASP A 775 19.28 -31.79 39.38
C ASP A 775 18.23 -32.89 39.43
N PRO A 776 18.61 -34.16 39.58
CA PRO A 776 17.59 -35.22 39.59
C PRO A 776 16.56 -35.07 40.70
N LEU A 777 16.96 -34.51 41.85
CA LEU A 777 16.04 -34.41 42.97
C LEU A 777 14.87 -33.49 42.65
N LYS A 778 15.15 -32.34 42.06
CA LYS A 778 14.11 -31.35 41.83
C LYS A 778 13.15 -31.82 40.73
N PRO A 779 11.87 -31.43 40.81
CA PRO A 779 10.94 -31.83 39.75
C PRO A 779 11.33 -31.30 38.37
N THR A 780 11.89 -30.10 38.30
CA THR A 780 12.20 -29.49 37.02
C THR A 780 13.28 -30.28 36.28
N LYS A 781 13.17 -30.30 34.96
CA LYS A 781 14.15 -30.94 34.10
C LYS A 781 15.25 -29.98 33.65
N ARG A 782 15.20 -28.72 34.09
CA ARG A 782 16.19 -27.72 33.74
C ARG A 782 17.22 -27.58 34.85
N SER A 783 18.20 -26.71 34.62
CA SER A 783 19.20 -26.39 35.62
C SER A 783 18.78 -25.14 36.40
N PHE A 784 19.52 -24.84 37.45
CA PHE A 784 19.20 -23.69 38.30
C PHE A 784 19.29 -22.38 37.52
N ILE A 785 20.38 -22.22 36.76
CA ILE A 785 20.55 -20.99 35.99
C ILE A 785 19.50 -20.88 34.91
N GLU A 786 19.13 -22.01 34.29
CA GLU A 786 18.06 -21.99 33.30
C GLU A 786 16.73 -21.59 33.93
N ASP A 787 16.48 -22.05 35.15
CA ASP A 787 15.27 -21.62 35.87
C ASP A 787 15.28 -20.11 36.09
N LEU A 788 16.42 -19.57 36.52
CA LEU A 788 16.51 -18.12 36.69
C LEU A 788 16.23 -17.40 35.37
N LEU A 789 16.85 -17.87 34.29
CA LEU A 789 16.67 -17.23 33.00
C LEU A 789 15.21 -17.25 32.56
N PHE A 790 14.54 -18.39 32.75
CA PHE A 790 13.14 -18.47 32.36
C PHE A 790 12.25 -17.62 33.28
N ASN A 791 12.68 -17.40 34.52
CA ASN A 791 11.93 -16.51 35.40
C ASN A 791 12.11 -15.05 35.04
N LYS A 792 13.23 -14.69 34.41
CA LYS A 792 13.50 -13.28 34.13
C LYS A 792 12.73 -12.71 32.95
N VAL A 793 12.05 -13.53 32.16
CA VAL A 793 11.32 -13.07 30.98
C VAL A 793 9.85 -13.40 31.16
N THR A 794 8.98 -12.41 30.93
CA THR A 794 7.54 -12.55 31.15
C THR A 794 6.82 -12.61 29.81
N LEU A 795 5.94 -13.60 29.66
CA LEU A 795 5.21 -13.83 28.43
C LEU A 795 3.71 -13.68 28.70
N ALA A 796 2.98 -13.19 27.69
CA ALA A 796 1.55 -13.00 27.83
C ALA A 796 0.83 -14.32 28.09
N ASP A 797 1.20 -15.36 27.35
CA ASP A 797 0.59 -16.67 27.53
C ASP A 797 1.58 -17.73 27.06
N ALA A 798 1.48 -18.92 27.66
CA ALA A 798 2.41 -20.01 27.35
C ALA A 798 1.72 -21.30 26.94
N GLY A 799 0.38 -21.37 26.95
CA GLY A 799 -0.28 -22.63 26.67
C GLY A 799 -0.56 -22.88 25.20
N PHE A 800 -0.72 -21.81 24.41
CA PHE A 800 -1.12 -21.93 23.01
C PHE A 800 -2.49 -22.60 22.89
N MET A 801 -3.32 -22.51 23.93
CA MET A 801 -4.64 -23.13 23.92
C MET A 801 -5.59 -22.23 24.70
N LYS A 802 -6.57 -21.65 24.00
CA LYS A 802 -7.57 -20.78 24.60
C LYS A 802 -8.93 -21.23 24.12
N GLN A 803 -9.75 -21.75 25.03
CA GLN A 803 -11.00 -22.38 24.65
C GLN A 803 -12.12 -21.34 24.51
N TYR A 804 -13.07 -21.66 23.63
CA TYR A 804 -14.22 -20.80 23.41
C TYR A 804 -14.98 -20.55 24.70
N GLY A 805 -15.08 -21.58 25.55
CA GLY A 805 -15.71 -21.40 26.85
C GLY A 805 -14.94 -20.45 27.74
N GLU A 806 -13.61 -20.52 27.71
CA GLU A 806 -12.81 -19.60 28.49
C GLU A 806 -13.01 -18.16 28.05
N CYS A 807 -12.93 -17.92 26.73
CA CYS A 807 -13.10 -16.55 26.25
C CYS A 807 -14.52 -16.06 26.52
N LEU A 808 -15.52 -16.91 26.34
CA LEU A 808 -16.91 -16.58 26.59
C LEU A 808 -17.24 -17.01 28.03
N GLY A 809 -17.13 -16.07 28.95
CA GLY A 809 -17.25 -16.38 30.36
C GLY A 809 -16.28 -15.56 31.19
N ASP A 810 -15.21 -15.09 30.57
CA ASP A 810 -14.31 -14.09 31.14
C ASP A 810 -14.32 -12.76 30.40
N ILE A 811 -15.46 -12.40 29.82
CA ILE A 811 -15.55 -11.23 28.96
C ILE A 811 -15.12 -9.98 29.73
N ASN A 812 -15.47 -9.90 31.01
CA ASN A 812 -15.14 -8.71 31.79
C ASN A 812 -13.64 -8.43 31.77
N ALA A 813 -12.81 -9.47 31.63
CA ALA A 813 -11.36 -9.26 31.66
C ALA A 813 -10.89 -8.47 30.44
N ARG A 814 -11.58 -8.59 29.30
CA ARG A 814 -11.14 -7.96 28.06
C ARG A 814 -9.75 -8.46 27.67
N ASP A 815 -9.66 -9.76 27.39
CA ASP A 815 -8.39 -10.40 27.14
C ASP A 815 -7.88 -10.07 25.73
N LEU A 816 -6.61 -9.65 25.66
CA LEU A 816 -6.01 -9.32 24.38
C LEU A 816 -5.94 -10.55 23.47
N ILE A 817 -5.60 -11.71 24.03
CA ILE A 817 -5.55 -12.93 23.25
C ILE A 817 -6.94 -13.27 22.71
N CYS A 818 -7.97 -13.12 23.55
CA CYS A 818 -9.33 -13.39 23.08
C CYS A 818 -9.70 -12.47 21.93
N ALA A 819 -9.36 -11.18 22.02
CA ALA A 819 -9.66 -10.26 20.93
C ALA A 819 -8.93 -10.66 19.65
N GLN A 820 -7.62 -10.93 19.76
CA GLN A 820 -6.85 -11.38 18.61
C GLN A 820 -7.52 -12.57 17.95
N LYS A 821 -7.85 -13.59 18.74
CA LYS A 821 -8.45 -14.80 18.19
C LYS A 821 -9.79 -14.52 17.54
N PHE A 822 -10.63 -13.72 18.20
CA PHE A 822 -11.94 -13.43 17.63
C PHE A 822 -11.83 -12.65 16.33
N ASN A 823 -10.69 -11.98 16.08
CA ASN A 823 -10.49 -11.30 14.82
C ASN A 823 -9.62 -12.09 13.84
N GLY A 824 -9.42 -13.38 14.09
CA GLY A 824 -8.83 -14.27 13.11
C GLY A 824 -7.32 -14.33 13.07
N LEU A 825 -6.65 -14.00 14.17
CA LEU A 825 -5.19 -14.06 14.25
C LEU A 825 -4.79 -15.17 15.20
N THR A 826 -3.93 -16.08 14.74
CA THR A 826 -3.56 -17.27 15.50
C THR A 826 -2.04 -17.32 15.69
N VAL A 827 -1.63 -17.81 16.85
CA VAL A 827 -0.22 -18.05 17.17
C VAL A 827 -0.02 -19.56 17.30
N LEU A 828 0.95 -20.10 16.54
CA LEU A 828 1.16 -21.53 16.49
C LEU A 828 2.24 -21.96 17.49
N PRO A 829 2.20 -23.18 17.97
CA PRO A 829 3.22 -23.64 18.93
C PRO A 829 4.47 -24.09 18.21
N PRO A 830 5.65 -23.88 18.81
CA PRO A 830 6.88 -24.38 18.19
C PRO A 830 6.97 -25.89 18.21
N LEU A 831 7.74 -26.43 17.26
CA LEU A 831 7.86 -27.88 17.14
C LEU A 831 8.57 -28.48 18.35
N LEU A 832 9.69 -27.91 18.75
CA LEU A 832 10.45 -28.40 19.89
C LEU A 832 9.97 -27.73 21.16
N THR A 833 9.78 -28.51 22.22
CA THR A 833 9.35 -27.98 23.50
C THR A 833 10.55 -27.53 24.33
N ASP A 834 10.26 -26.76 25.38
CA ASP A 834 11.31 -26.30 26.27
C ASP A 834 12.03 -27.48 26.93
N ASP A 835 11.29 -28.54 27.25
CA ASP A 835 11.93 -29.72 27.82
C ASP A 835 12.93 -30.32 26.84
N MET A 836 12.56 -30.40 25.56
CA MET A 836 13.46 -30.97 24.56
C MET A 836 14.70 -30.10 24.38
N ILE A 837 14.52 -28.78 24.33
CA ILE A 837 15.66 -27.88 24.19
C ILE A 837 16.58 -27.99 25.40
N ALA A 838 16.01 -28.07 26.59
CA ALA A 838 16.81 -28.23 27.80
C ALA A 838 17.56 -29.55 27.78
N ALA A 839 16.93 -30.60 27.27
CA ALA A 839 17.61 -31.88 27.14
C ALA A 839 18.82 -31.75 26.22
N TYR A 840 18.66 -31.03 25.10
CA TYR A 840 19.79 -30.83 24.21
C TYR A 840 20.92 -30.06 24.88
N THR A 841 20.59 -29.00 25.62
CA THR A 841 21.64 -28.24 26.30
C THR A 841 22.35 -29.07 27.35
N ALA A 842 21.58 -29.88 28.10
CA ALA A 842 22.19 -30.76 29.09
C ALA A 842 23.12 -31.76 28.42
N ALA A 843 22.69 -32.32 27.27
CA ALA A 843 23.55 -33.24 26.55
C ALA A 843 24.84 -32.57 26.10
N LEU A 844 24.75 -31.33 25.61
CA LEU A 844 25.95 -30.63 25.18
C LEU A 844 26.90 -30.38 26.34
N VAL A 845 26.37 -29.94 27.48
CA VAL A 845 27.23 -29.67 28.63
C VAL A 845 27.89 -30.95 29.13
N SER A 846 27.12 -32.04 29.21
CA SER A 846 27.69 -33.31 29.65
C SER A 846 28.75 -33.80 28.68
N GLY A 847 28.50 -33.66 27.38
CA GLY A 847 29.47 -34.09 26.40
C GLY A 847 30.77 -33.34 26.50
N THR A 848 30.70 -32.01 26.67
CA THR A 848 31.94 -31.25 26.80
C THR A 848 32.65 -31.57 28.11
N ALA A 849 31.88 -31.80 29.19
CA ALA A 849 32.51 -32.10 30.47
C ALA A 849 33.19 -33.46 30.47
N THR A 850 32.65 -34.44 29.73
CA THR A 850 33.17 -35.80 29.76
C THR A 850 34.19 -36.09 28.66
N ALA A 851 33.99 -35.55 27.45
CA ALA A 851 34.88 -35.79 26.33
C ALA A 851 35.61 -34.55 25.85
N GLY A 852 35.13 -33.36 26.19
CA GLY A 852 35.82 -32.14 25.81
C GLY A 852 35.43 -31.62 24.45
N TRP A 853 36.35 -31.73 23.49
CA TRP A 853 36.18 -31.19 22.16
C TRP A 853 36.23 -32.24 21.06
N THR A 854 36.67 -33.45 21.37
CA THR A 854 36.80 -34.49 20.35
C THR A 854 35.46 -34.81 19.71
N PHE A 855 34.41 -34.90 20.52
CA PHE A 855 33.06 -35.07 19.98
C PHE A 855 32.66 -33.81 19.23
N GLY A 856 31.99 -34.00 18.10
CA GLY A 856 31.73 -32.95 17.15
C GLY A 856 32.67 -32.94 15.97
N ALA A 857 33.85 -33.55 16.11
CA ALA A 857 34.74 -33.83 15.00
C ALA A 857 34.80 -35.32 14.68
N GLY A 858 33.92 -36.12 15.29
CA GLY A 858 33.93 -37.55 15.12
C GLY A 858 33.29 -38.27 16.30
N ALA A 859 33.94 -39.31 16.79
CA ALA A 859 33.46 -40.06 17.94
C ALA A 859 33.98 -39.45 19.23
N ALA A 860 33.10 -39.35 20.22
CA ALA A 860 33.49 -38.79 21.51
C ALA A 860 34.58 -39.64 22.15
N LEU A 861 35.59 -38.97 22.71
CA LEU A 861 36.69 -39.63 23.41
C LEU A 861 36.80 -39.02 24.80
N GLN A 862 36.47 -39.81 25.82
CA GLN A 862 36.47 -39.29 27.18
C GLN A 862 37.89 -38.99 27.66
N ILE A 863 38.00 -38.05 28.59
CA ILE A 863 39.29 -37.61 29.11
C ILE A 863 39.07 -36.90 30.45
N PRO A 864 39.98 -37.01 31.42
CA PRO A 864 39.80 -36.29 32.68
C PRO A 864 39.80 -34.78 32.50
N PHE A 865 38.98 -34.13 33.32
CA PHE A 865 38.77 -32.69 33.16
C PHE A 865 40.05 -31.90 33.41
N ALA A 866 40.90 -32.36 34.32
CA ALA A 866 42.16 -31.66 34.57
C ALA A 866 43.06 -31.69 33.34
N MET A 867 43.18 -32.85 32.68
CA MET A 867 43.96 -32.92 31.46
C MET A 867 43.33 -32.08 30.35
N GLN A 868 42.00 -32.05 30.30
CA GLN A 868 41.33 -31.21 29.31
C GLN A 868 41.70 -29.74 29.53
N MET A 869 41.65 -29.28 30.78
CA MET A 869 42.01 -27.90 31.07
C MET A 869 43.48 -27.63 30.77
N ALA A 870 44.34 -28.62 31.02
CA ALA A 870 45.75 -28.46 30.66
C ALA A 870 45.91 -28.26 29.16
N TYR A 871 45.16 -29.03 28.36
CA TYR A 871 45.20 -28.83 26.91
C TYR A 871 44.73 -27.44 26.53
N ARG A 872 43.64 -26.97 27.15
CA ARG A 872 43.12 -25.65 26.83
C ARG A 872 44.15 -24.57 27.17
N PHE A 873 44.83 -24.72 28.31
CA PHE A 873 45.90 -23.80 28.67
C PHE A 873 47.00 -23.82 27.62
N ASN A 874 47.41 -25.03 27.20
CA ASN A 874 48.41 -25.15 26.16
C ASN A 874 47.98 -24.45 24.88
N GLY A 875 46.67 -24.37 24.63
CA GLY A 875 46.19 -23.76 23.40
C GLY A 875 46.31 -22.24 23.38
N ILE A 876 46.64 -21.61 24.49
CA ILE A 876 46.78 -20.15 24.55
C ILE A 876 48.22 -19.73 24.84
N GLY A 877 49.18 -20.63 24.63
CA GLY A 877 50.57 -20.29 24.83
C GLY A 877 51.05 -20.35 26.26
N VAL A 878 50.39 -21.12 27.12
CA VAL A 878 50.80 -21.31 28.51
C VAL A 878 51.03 -22.79 28.73
N THR A 879 52.13 -23.12 29.38
CA THR A 879 52.47 -24.52 29.60
C THR A 879 51.47 -25.17 30.57
N GLN A 880 51.39 -26.50 30.49
CA GLN A 880 50.44 -27.24 31.31
C GLN A 880 50.86 -27.30 32.78
N ASN A 881 52.15 -27.11 33.06
CA ASN A 881 52.61 -27.11 34.44
C ASN A 881 51.92 -26.02 35.25
N VAL A 882 51.64 -24.88 34.62
CA VAL A 882 50.95 -23.79 35.32
C VAL A 882 49.59 -24.26 35.81
N LEU A 883 48.81 -24.84 34.90
CA LEU A 883 47.48 -25.33 35.27
C LEU A 883 47.58 -26.39 36.36
N TYR A 884 48.49 -27.35 36.21
CA TYR A 884 48.56 -28.43 37.18
C TYR A 884 49.03 -27.93 38.55
N GLU A 885 49.91 -26.93 38.58
CA GLU A 885 50.43 -26.43 39.85
C GLU A 885 49.52 -25.41 40.52
N ASN A 886 48.56 -24.84 39.78
CA ASN A 886 47.61 -23.90 40.37
C ASN A 886 46.18 -24.41 40.24
N GLN A 887 46.00 -25.74 40.28
CA GLN A 887 44.69 -26.32 40.00
C GLN A 887 43.66 -25.88 41.04
N LYS A 888 44.03 -25.89 42.33
CA LYS A 888 43.06 -25.54 43.36
C LYS A 888 42.60 -24.10 43.23
N GLN A 889 43.55 -23.18 43.01
CA GLN A 889 43.21 -21.78 42.85
C GLN A 889 42.35 -21.57 41.61
N ILE A 890 42.68 -22.25 40.51
CA ILE A 890 41.91 -22.10 39.28
C ILE A 890 40.48 -22.60 39.49
N ALA A 891 40.33 -23.75 40.15
CA ALA A 891 39.00 -24.27 40.41
C ALA A 891 38.20 -23.34 41.30
N ASN A 892 38.83 -22.79 42.34
CA ASN A 892 38.14 -21.86 43.22
C ASN A 892 37.69 -20.63 42.45
N GLN A 893 38.54 -20.10 41.57
CA GLN A 893 38.16 -18.94 40.77
C GLN A 893 36.99 -19.27 39.85
N PHE A 894 37.02 -20.45 39.24
CA PHE A 894 35.90 -20.87 38.38
C PHE A 894 34.61 -20.93 39.17
N ASN A 895 34.65 -21.55 40.36
CA ASN A 895 33.45 -21.66 41.18
C ASN A 895 32.94 -20.28 41.59
N LYS A 896 33.86 -19.38 41.94
CA LYS A 896 33.45 -18.03 42.34
C LYS A 896 32.82 -17.28 41.17
N ALA A 897 33.36 -17.46 39.97
CA ALA A 897 32.74 -16.84 38.79
C ALA A 897 31.33 -17.37 38.57
N ILE A 898 31.15 -18.69 38.72
CA ILE A 898 29.80 -19.26 38.58
C ILE A 898 28.87 -18.65 39.62
N SER A 899 29.33 -18.53 40.86
CA SER A 899 28.49 -17.97 41.91
C SER A 899 28.13 -16.52 41.61
N GLN A 900 29.09 -15.74 41.10
CA GLN A 900 28.81 -14.35 40.76
C GLN A 900 27.76 -14.26 39.66
N ILE A 901 27.87 -15.11 38.64
CA ILE A 901 26.85 -15.13 37.59
C ILE A 901 25.49 -15.44 38.20
N GLN A 902 25.43 -16.43 39.08
CA GLN A 902 24.17 -16.81 39.69
C GLN A 902 23.56 -15.65 40.48
N GLU A 903 24.38 -14.97 41.29
CA GLU A 903 23.88 -13.86 42.08
C GLU A 903 23.38 -12.73 41.18
N SER A 904 24.15 -12.39 40.15
CA SER A 904 23.74 -11.31 39.26
C SER A 904 22.43 -11.65 38.57
N LEU A 905 22.27 -12.89 38.12
CA LEU A 905 21.01 -13.28 37.49
C LEU A 905 19.86 -13.24 38.49
N THR A 906 20.12 -13.65 39.74
CA THR A 906 19.06 -13.60 40.75
C THR A 906 18.60 -12.17 40.98
N THR A 907 19.52 -11.23 41.05
CA THR A 907 19.16 -9.83 41.22
C THR A 907 18.41 -9.34 39.98
N THR A 908 17.33 -8.59 40.21
CA THR A 908 16.55 -8.06 39.11
C THR A 908 17.36 -7.07 38.29
N SER A 909 17.28 -7.20 36.97
CA SER A 909 18.02 -6.34 36.06
C SER A 909 17.39 -6.45 34.67
N THR A 910 18.08 -5.92 33.67
CA THR A 910 17.62 -5.97 32.29
C THR A 910 18.62 -6.73 31.42
N ALA A 911 19.09 -7.88 31.91
CA ALA A 911 20.08 -8.64 31.17
C ALA A 911 19.48 -9.35 29.96
N LEU A 912 18.18 -9.68 30.00
CA LEU A 912 17.50 -10.38 28.91
C LEU A 912 16.61 -9.43 28.12
N GLY A 913 17.05 -8.18 27.98
CA GLY A 913 16.25 -7.19 27.27
C GLY A 913 15.98 -7.55 25.83
N LYS A 914 16.94 -8.20 25.17
CA LYS A 914 16.75 -8.54 23.76
C LYS A 914 15.60 -9.53 23.58
N LEU A 915 15.59 -10.60 24.38
CA LEU A 915 14.50 -11.55 24.30
C LEU A 915 13.18 -10.91 24.70
N GLN A 916 13.21 -10.10 25.76
CA GLN A 916 11.98 -9.43 26.20
C GLN A 916 11.41 -8.55 25.10
N ASP A 917 12.27 -7.82 24.37
CA ASP A 917 11.76 -6.93 23.35
C ASP A 917 11.33 -7.67 22.09
N VAL A 918 11.90 -8.85 21.82
CA VAL A 918 11.33 -9.70 20.78
C VAL A 918 9.88 -10.03 21.11
N VAL A 919 9.65 -10.48 22.34
CA VAL A 919 8.29 -10.81 22.78
C VAL A 919 7.38 -9.58 22.64
N ASN A 920 7.87 -8.43 23.12
CA ASN A 920 7.07 -7.22 23.11
C ASN A 920 6.71 -6.79 21.69
N GLN A 921 7.67 -6.88 20.77
CA GLN A 921 7.41 -6.49 19.39
C GLN A 921 6.32 -7.36 18.77
N ASN A 922 6.40 -8.68 18.97
CA ASN A 922 5.35 -9.54 18.42
C ASN A 922 3.98 -9.16 18.96
N ALA A 923 3.89 -9.02 20.29
CA ALA A 923 2.60 -8.70 20.90
C ALA A 923 2.07 -7.37 20.39
N GLN A 924 2.94 -6.35 20.30
CA GLN A 924 2.51 -5.04 19.84
C GLN A 924 2.02 -5.08 18.41
N ALA A 925 2.69 -5.85 17.55
CA ALA A 925 2.23 -5.95 16.17
C ALA A 925 0.81 -6.51 16.11
N LEU A 926 0.56 -7.61 16.84
CA LEU A 926 -0.78 -8.18 16.79
C LEU A 926 -1.83 -7.22 17.36
N ASN A 927 -1.52 -6.56 18.48
CA ASN A 927 -2.49 -5.68 19.10
C ASN A 927 -2.78 -4.46 18.22
N THR A 928 -1.76 -3.94 17.54
CA THR A 928 -1.99 -2.86 16.59
C THR A 928 -2.89 -3.31 15.45
N LEU A 929 -2.65 -4.53 14.95
CA LEU A 929 -3.53 -5.05 13.92
C LEU A 929 -4.98 -5.08 14.39
N VAL A 930 -5.20 -5.49 15.64
CA VAL A 930 -6.58 -5.50 16.17
C VAL A 930 -7.13 -4.08 16.25
N LYS A 931 -6.33 -3.14 16.74
CA LYS A 931 -6.84 -1.78 16.93
C LYS A 931 -7.16 -1.08 15.61
N GLN A 932 -6.45 -1.42 14.54
CA GLN A 932 -6.63 -0.70 13.28
C GLN A 932 -7.97 -0.99 12.61
N LEU A 933 -8.80 -1.87 13.15
CA LEU A 933 -10.11 -2.13 12.56
C LEU A 933 -11.10 -0.99 12.75
N SER A 934 -10.77 0.02 13.55
CA SER A 934 -11.69 1.11 13.85
C SER A 934 -11.62 2.26 12.85
N SER A 935 -10.78 2.16 11.83
CA SER A 935 -10.66 3.24 10.86
C SER A 935 -11.75 3.16 9.80
N ASN A 936 -12.24 4.33 9.38
CA ASN A 936 -13.30 4.38 8.37
C ASN A 936 -12.75 4.14 6.96
N PHE A 937 -11.52 4.55 6.69
CA PHE A 937 -10.95 4.48 5.34
C PHE A 937 -11.79 5.23 4.33
N GLY A 938 -12.52 6.26 4.78
CA GLY A 938 -13.35 7.05 3.91
C GLY A 938 -14.78 6.60 3.77
N ALA A 939 -15.16 5.49 4.41
CA ALA A 939 -16.54 5.04 4.39
C ALA A 939 -17.36 5.81 5.43
N ILE A 940 -18.69 5.71 5.29
CA ILE A 940 -19.58 6.42 6.23
C ILE A 940 -19.43 5.88 7.63
N SER A 941 -18.96 4.64 7.79
CA SER A 941 -18.77 4.05 9.10
C SER A 941 -17.77 2.91 8.98
N SER A 942 -17.21 2.53 10.12
CA SER A 942 -16.31 1.39 10.20
C SER A 942 -17.00 0.12 10.68
N VAL A 943 -18.33 0.14 10.78
CA VAL A 943 -19.10 -0.99 11.29
C VAL A 943 -19.93 -1.56 10.14
N LEU A 944 -19.58 -2.79 9.74
CA LEU A 944 -20.29 -3.44 8.64
C LEU A 944 -21.76 -3.62 8.98
N ASN A 945 -22.06 -3.96 10.24
CA ASN A 945 -23.45 -4.14 10.64
C ASN A 945 -24.24 -2.84 10.50
N ASP A 946 -23.65 -1.72 10.89
CA ASP A 946 -24.33 -0.43 10.73
C ASP A 946 -24.55 -0.13 9.25
N ILE A 947 -23.53 -0.34 8.42
CA ILE A 947 -23.69 -0.08 7.00
C ILE A 947 -24.83 -0.91 6.42
N LEU A 948 -24.83 -2.20 6.72
CA LEU A 948 -25.83 -3.10 6.13
C LEU A 948 -27.22 -2.89 6.73
N SER A 949 -27.30 -2.35 7.95
CA SER A 949 -28.61 -2.04 8.52
C SER A 949 -29.19 -0.76 7.92
N ARG A 950 -28.35 0.19 7.53
CA ARG A 950 -28.87 1.46 7.01
C ARG A 950 -29.06 1.45 5.50
N LEU A 951 -28.13 0.88 4.74
CA LEU A 951 -28.08 1.08 3.29
C LEU A 951 -28.52 -0.16 2.54
N ASP A 952 -29.07 0.06 1.34
CA ASP A 952 -29.40 -1.02 0.43
C ASP A 952 -28.14 -1.49 -0.30
N LYS A 953 -28.28 -2.62 -1.01
CA LYS A 953 -27.12 -3.35 -1.49
C LYS A 953 -26.20 -2.47 -2.35
N VAL A 954 -26.78 -1.60 -3.17
CA VAL A 954 -25.98 -0.90 -4.17
C VAL A 954 -24.94 0.00 -3.50
N GLU A 955 -25.37 0.84 -2.56
CA GLU A 955 -24.44 1.73 -1.87
C GLU A 955 -23.65 0.99 -0.80
N ALA A 956 -24.27 0.00 -0.16
CA ALA A 956 -23.54 -0.83 0.78
C ALA A 956 -22.31 -1.43 0.13
N GLU A 957 -22.42 -1.77 -1.16
CA GLU A 957 -21.28 -2.35 -1.87
C GLU A 957 -20.12 -1.37 -1.96
N VAL A 958 -20.40 -0.10 -2.25
CA VAL A 958 -19.34 0.90 -2.33
C VAL A 958 -18.65 1.04 -0.97
N GLN A 959 -19.44 1.18 0.09
CA GLN A 959 -18.84 1.37 1.41
C GLN A 959 -18.02 0.15 1.81
N ILE A 960 -18.56 -1.04 1.58
CA ILE A 960 -17.85 -2.27 1.95
C ILE A 960 -16.58 -2.43 1.13
N ASP A 961 -16.59 -2.00 -0.14
CA ASP A 961 -15.38 -2.06 -0.94
C ASP A 961 -14.28 -1.19 -0.35
N ARG A 962 -14.64 0.02 0.09
CA ARG A 962 -13.65 0.87 0.74
C ARG A 962 -13.07 0.17 1.97
N LEU A 963 -13.94 -0.41 2.80
CA LEU A 963 -13.45 -1.08 4.00
C LEU A 963 -12.53 -2.25 3.66
N ILE A 964 -12.89 -3.03 2.63
CA ILE A 964 -12.07 -4.18 2.25
C ILE A 964 -10.69 -3.71 1.82
N THR A 965 -10.63 -2.66 0.99
CA THR A 965 -9.34 -2.14 0.56
C THR A 965 -8.48 -1.76 1.76
N GLY A 966 -9.05 -0.99 2.69
CA GLY A 966 -8.25 -0.55 3.84
C GLY A 966 -7.73 -1.69 4.68
N ARG A 967 -8.60 -2.66 4.99
CA ARG A 967 -8.20 -3.74 5.88
C ARG A 967 -7.16 -4.65 5.21
N LEU A 968 -7.32 -4.90 3.91
CA LEU A 968 -6.32 -5.66 3.19
C LEU A 968 -4.96 -4.96 3.26
N GLN A 969 -4.95 -3.63 3.11
CA GLN A 969 -3.70 -2.89 3.20
C GLN A 969 -3.08 -3.05 4.59
N SER A 970 -3.90 -3.02 5.64
CA SER A 970 -3.38 -3.21 6.99
C SER A 970 -2.68 -4.57 7.11
N LEU A 971 -3.31 -5.62 6.58
CA LEU A 971 -2.71 -6.95 6.65
C LEU A 971 -1.38 -6.99 5.89
N GLN A 972 -1.34 -6.35 4.70
CA GLN A 972 -0.11 -6.35 3.92
C GLN A 972 1.04 -5.67 4.67
N THR A 973 0.74 -4.54 5.33
CA THR A 973 1.76 -3.86 6.12
C THR A 973 2.29 -4.77 7.22
N TYR A 974 1.38 -5.44 7.93
CA TYR A 974 1.80 -6.36 8.98
C TYR A 974 2.75 -7.42 8.43
N VAL A 975 2.40 -8.00 7.29
CA VAL A 975 3.20 -9.10 6.74
C VAL A 975 4.58 -8.60 6.33
N THR A 976 4.65 -7.40 5.72
CA THR A 976 5.94 -6.86 5.31
C THR A 976 6.87 -6.67 6.51
N GLN A 977 6.35 -6.06 7.57
CA GLN A 977 7.18 -5.85 8.75
C GLN A 977 7.59 -7.18 9.39
N GLN A 978 6.70 -8.17 9.36
CA GLN A 978 7.07 -9.50 9.84
C GLN A 978 8.23 -10.07 9.03
N LEU A 979 8.20 -9.91 7.71
CA LEU A 979 9.30 -10.43 6.89
C LEU A 979 10.63 -9.79 7.27
N ILE A 980 10.64 -8.47 7.45
CA ILE A 980 11.89 -7.80 7.81
C ILE A 980 12.40 -8.29 9.17
N ARG A 981 11.49 -8.38 10.15
CA ARG A 981 11.89 -8.88 11.47
C ARG A 981 12.44 -10.29 11.37
N ALA A 982 11.82 -11.13 10.55
CA ALA A 982 12.28 -12.52 10.42
C ALA A 982 13.67 -12.57 9.83
N ALA A 983 13.97 -11.70 8.86
CA ALA A 983 15.34 -11.66 8.32
C ALA A 983 16.34 -11.32 9.41
N GLU A 984 16.02 -10.33 10.25
CA GLU A 984 16.93 -9.98 11.34
C GLU A 984 17.14 -11.16 12.29
N ILE A 985 16.04 -11.84 12.65
CA ILE A 985 16.14 -12.97 13.56
C ILE A 985 16.98 -14.09 12.95
N ARG A 986 16.83 -14.31 11.64
CA ARG A 986 17.60 -15.36 10.99
C ARG A 986 19.08 -15.05 11.02
N ALA A 987 19.46 -13.79 10.79
CA ALA A 987 20.87 -13.43 10.92
C ALA A 987 21.38 -13.73 12.33
N SER A 988 20.59 -13.36 13.35
CA SER A 988 21.00 -13.63 14.72
C SER A 988 21.18 -15.13 14.97
N ALA A 989 20.24 -15.94 14.47
CA ALA A 989 20.30 -17.39 14.69
C ALA A 989 21.50 -18.01 14.00
N ASN A 990 21.82 -17.54 12.79
CA ASN A 990 23.02 -18.04 12.11
C ASN A 990 24.27 -17.73 12.92
N LEU A 991 24.37 -16.50 13.44
CA LEU A 991 25.52 -16.17 14.27
C LEU A 991 25.57 -17.07 15.51
N ALA A 992 24.41 -17.33 16.12
CA ALA A 992 24.39 -18.18 17.32
C ALA A 992 24.84 -19.59 17.01
N ALA A 993 24.42 -20.14 15.88
CA ALA A 993 24.86 -21.48 15.49
C ALA A 993 26.37 -21.53 15.26
N THR A 994 26.90 -20.50 14.60
CA THR A 994 28.35 -20.43 14.42
C THR A 994 29.07 -20.38 15.75
N LYS A 995 28.55 -19.60 16.69
CA LYS A 995 29.17 -19.53 18.01
C LYS A 995 29.10 -20.87 18.73
N MET A 996 27.97 -21.56 18.63
CA MET A 996 27.87 -22.90 19.20
C MET A 996 29.01 -23.77 18.67
N SER A 997 29.13 -23.84 17.35
CA SER A 997 30.14 -24.71 16.75
C SER A 997 31.55 -24.32 17.16
N GLU A 998 31.87 -23.03 17.16
CA GLU A 998 33.25 -22.60 17.28
C GLU A 998 33.69 -22.33 18.72
N CYS A 999 32.76 -22.12 19.66
CA CYS A 999 33.11 -21.87 21.05
C CYS A 999 32.74 -23.00 21.98
N VAL A 1000 31.65 -23.73 21.71
CA VAL A 1000 31.25 -24.82 22.59
C VAL A 1000 31.91 -26.13 22.18
N LEU A 1001 31.97 -26.42 20.88
CA LEU A 1001 32.55 -27.65 20.37
C LEU A 1001 34.04 -27.54 20.07
N GLY A 1002 34.64 -26.37 20.29
CA GLY A 1002 36.07 -26.22 20.04
C GLY A 1002 36.59 -24.98 20.75
N GLN A 1003 37.91 -24.81 20.67
CA GLN A 1003 38.59 -23.66 21.25
C GLN A 1003 38.95 -22.69 20.13
N SER A 1004 38.51 -21.44 20.27
CA SER A 1004 38.63 -20.44 19.22
C SER A 1004 39.85 -19.56 19.44
N LYS A 1005 40.45 -19.14 18.33
CA LYS A 1005 41.54 -18.16 18.34
C LYS A 1005 41.13 -16.81 17.76
N ARG A 1006 39.87 -16.64 17.41
CA ARG A 1006 39.40 -15.37 16.87
C ARG A 1006 39.23 -14.38 18.02
N VAL A 1007 39.96 -13.27 17.96
CA VAL A 1007 39.96 -12.31 19.05
C VAL A 1007 38.55 -11.82 19.31
N ASP A 1008 38.14 -11.84 20.57
CA ASP A 1008 36.89 -11.27 21.05
C ASP A 1008 35.66 -11.96 20.46
N PHE A 1009 35.82 -13.13 19.85
CA PHE A 1009 34.65 -13.84 19.33
C PHE A 1009 33.91 -14.57 20.43
N CYS A 1010 34.62 -15.44 21.16
CA CYS A 1010 34.05 -16.16 22.30
C CYS A 1010 34.41 -15.45 23.61
N GLY A 1011 33.91 -14.22 23.76
CA GLY A 1011 34.16 -13.44 24.95
C GLY A 1011 35.47 -12.66 24.88
N LYS A 1012 35.68 -11.86 25.92
CA LYS A 1012 36.85 -10.99 26.00
C LYS A 1012 37.97 -11.69 26.77
N GLY A 1013 39.15 -11.75 26.18
CA GLY A 1013 40.27 -12.46 26.73
C GLY A 1013 40.66 -13.65 25.86
N TYR A 1014 41.52 -14.49 26.42
CA TYR A 1014 41.97 -15.70 25.74
C TYR A 1014 40.96 -16.81 26.03
N HIS A 1015 40.24 -17.23 24.99
CA HIS A 1015 39.15 -18.18 25.18
C HIS A 1015 39.66 -19.51 25.72
N LEU A 1016 38.98 -20.01 26.76
CA LEU A 1016 39.19 -21.37 27.26
C LEU A 1016 38.08 -22.31 26.86
N MET A 1017 36.82 -21.96 27.16
CA MET A 1017 35.72 -22.86 26.80
C MET A 1017 34.40 -22.17 27.09
N SER A 1018 33.32 -22.69 26.49
CA SER A 1018 32.01 -22.08 26.62
C SER A 1018 30.95 -23.12 26.92
N PHE A 1019 29.88 -22.67 27.60
CA PHE A 1019 28.75 -23.53 27.96
C PHE A 1019 27.45 -22.88 27.52
N PRO A 1020 26.54 -23.62 26.88
CA PRO A 1020 25.24 -23.05 26.51
C PRO A 1020 24.15 -23.28 27.55
N GLN A 1021 23.17 -22.38 27.55
CA GLN A 1021 21.98 -22.52 28.38
C GLN A 1021 20.78 -22.01 27.59
N ALA A 1022 19.66 -22.73 27.68
CA ALA A 1022 18.46 -22.33 26.97
C ALA A 1022 17.79 -21.15 27.65
N ALA A 1023 17.08 -20.35 26.86
CA ALA A 1023 16.33 -19.22 27.39
C ALA A 1023 15.12 -19.01 26.49
N PRO A 1024 14.08 -18.34 26.99
CA PRO A 1024 12.89 -18.12 26.16
C PRO A 1024 13.24 -17.44 24.85
N HIS A 1025 12.99 -18.15 23.75
CA HIS A 1025 13.22 -17.69 22.38
C HIS A 1025 14.70 -17.53 22.04
N GLY A 1026 15.61 -18.09 22.83
CA GLY A 1026 17.01 -17.89 22.52
C GLY A 1026 17.94 -18.74 23.36
N VAL A 1027 19.22 -18.39 23.28
CA VAL A 1027 20.28 -19.11 23.99
C VAL A 1027 21.16 -18.09 24.71
N VAL A 1028 21.84 -18.55 25.75
CA VAL A 1028 22.78 -17.76 26.52
C VAL A 1028 24.09 -18.54 26.59
N PHE A 1029 25.18 -17.91 26.17
CA PHE A 1029 26.50 -18.51 26.22
C PHE A 1029 27.26 -17.99 27.43
N LEU A 1030 27.89 -18.89 28.17
CA LEU A 1030 28.80 -18.55 29.26
C LEU A 1030 30.21 -18.84 28.77
N HIS A 1031 30.98 -17.77 28.53
CA HIS A 1031 32.34 -17.88 28.01
C HIS A 1031 33.33 -17.83 29.17
N VAL A 1032 34.30 -18.75 29.15
CA VAL A 1032 35.35 -18.84 30.16
C VAL A 1032 36.65 -18.55 29.45
N THR A 1033 37.36 -17.51 29.91
CA THR A 1033 38.55 -16.97 29.27
C THR A 1033 39.63 -16.72 30.33
N TYR A 1034 40.85 -16.52 29.83
CA TYR A 1034 42.04 -16.36 30.65
C TYR A 1034 42.50 -14.92 30.58
N VAL A 1035 42.71 -14.29 31.74
CA VAL A 1035 43.02 -12.86 31.81
C VAL A 1035 44.32 -12.63 32.54
N PRO A 1036 45.40 -12.25 31.85
CA PRO A 1036 46.65 -11.94 32.56
C PRO A 1036 46.52 -10.71 33.43
N SER A 1037 47.29 -10.68 34.52
CA SER A 1037 47.21 -9.60 35.49
C SER A 1037 48.55 -9.48 36.20
N GLN A 1038 48.73 -8.35 36.90
CA GLN A 1038 49.91 -8.11 37.73
C GLN A 1038 51.19 -8.17 36.88
N GLU A 1039 51.32 -7.20 36.00
CA GLU A 1039 52.51 -7.11 35.16
C GLU A 1039 53.69 -6.58 35.95
N ARG A 1040 54.88 -7.05 35.59
CA ARG A 1040 56.12 -6.61 36.19
C ARG A 1040 57.11 -6.26 35.09
N ASN A 1041 58.04 -5.36 35.43
CA ASN A 1041 59.01 -4.84 34.47
C ASN A 1041 60.22 -5.77 34.34
N PHE A 1042 60.77 -5.83 33.13
CA PHE A 1042 62.03 -6.50 32.90
C PHE A 1042 62.75 -5.79 31.76
N THR A 1043 64.06 -6.01 31.68
CA THR A 1043 64.89 -5.47 30.60
C THR A 1043 65.06 -6.55 29.54
N THR A 1044 64.83 -6.18 28.28
CA THR A 1044 64.79 -7.16 27.19
C THR A 1044 65.81 -6.80 26.12
N ALA A 1045 66.25 -7.83 25.39
CA ALA A 1045 67.18 -7.66 24.28
C ALA A 1045 66.66 -8.46 23.09
N PRO A 1046 66.68 -7.90 21.87
CA PRO A 1046 66.22 -8.68 20.72
C PRO A 1046 66.98 -9.96 20.49
N ALA A 1047 68.29 -9.97 20.73
CA ALA A 1047 69.11 -11.14 20.50
C ALA A 1047 70.34 -11.05 21.40
N ILE A 1048 71.03 -12.18 21.56
CA ILE A 1048 72.21 -12.24 22.41
C ILE A 1048 73.39 -12.78 21.60
N CYS A 1049 74.55 -12.17 21.78
CA CYS A 1049 75.77 -12.54 21.08
C CYS A 1049 76.62 -13.43 21.96
N HIS A 1050 77.08 -14.56 21.40
CA HIS A 1050 77.90 -15.52 22.12
C HIS A 1050 78.91 -16.11 21.16
N GLU A 1051 80.20 -15.94 21.47
CA GLU A 1051 81.29 -16.44 20.63
C GLU A 1051 81.13 -15.95 19.20
N GLY A 1052 80.68 -14.70 19.05
CA GLY A 1052 80.54 -14.11 17.74
C GLY A 1052 79.32 -14.55 16.97
N LYS A 1053 78.45 -15.37 17.56
CA LYS A 1053 77.25 -15.86 16.90
C LYS A 1053 76.02 -15.25 17.56
N ALA A 1054 75.02 -14.93 16.74
CA ALA A 1054 73.80 -14.31 17.23
C ALA A 1054 72.74 -15.37 17.51
N TYR A 1055 72.09 -15.27 18.66
CA TYR A 1055 71.01 -16.17 19.06
C TYR A 1055 69.74 -15.35 19.24
N PHE A 1056 68.65 -15.85 18.69
CA PHE A 1056 67.35 -15.19 18.68
C PHE A 1056 66.34 -16.04 19.44
N PRO A 1057 65.26 -15.43 19.94
CA PRO A 1057 64.18 -16.21 20.55
C PRO A 1057 63.21 -16.76 19.51
N ARG A 1058 62.20 -17.50 19.97
CA ARG A 1058 61.15 -18.00 19.08
C ARG A 1058 59.83 -17.99 19.82
N GLU A 1059 59.05 -16.92 19.63
CA GLU A 1059 57.76 -16.70 20.24
C GLU A 1059 57.94 -16.23 21.68
N GLY A 1060 59.13 -16.35 22.26
CA GLY A 1060 59.38 -15.91 23.62
C GLY A 1060 60.20 -14.65 23.66
N VAL A 1061 60.74 -14.32 24.84
CA VAL A 1061 61.49 -13.07 24.99
C VAL A 1061 62.62 -13.28 25.99
N PHE A 1062 63.76 -12.64 25.72
CA PHE A 1062 64.83 -12.56 26.69
C PHE A 1062 64.49 -11.54 27.77
N VAL A 1063 64.82 -11.86 29.02
CA VAL A 1063 64.52 -11.01 30.17
C VAL A 1063 65.71 -11.01 31.10
N PHE A 1064 66.06 -9.84 31.62
CA PHE A 1064 67.15 -9.68 32.57
C PHE A 1064 66.56 -9.51 33.96
N SER A 1065 66.77 -10.51 34.81
CA SER A 1065 66.25 -10.47 36.17
C SER A 1065 66.78 -9.26 36.93
N SER A 1068 71.40 -11.71 35.67
CA SER A 1068 71.47 -12.77 34.68
C SER A 1068 70.36 -12.63 33.65
N TRP A 1069 70.53 -13.31 32.52
CA TRP A 1069 69.55 -13.29 31.44
C TRP A 1069 68.87 -14.64 31.33
N PHE A 1070 67.57 -14.61 31.07
CA PHE A 1070 66.74 -15.79 30.92
C PHE A 1070 65.86 -15.63 29.70
N ILE A 1071 65.12 -16.68 29.38
CA ILE A 1071 64.14 -16.68 28.31
C ILE A 1071 62.80 -17.10 28.90
N THR A 1072 61.72 -16.46 28.45
CA THR A 1072 60.40 -16.74 29.02
C THR A 1072 59.32 -16.54 27.97
N GLN A 1073 58.16 -17.13 28.26
CA GLN A 1073 56.97 -16.94 27.44
C GLN A 1073 56.29 -15.62 27.80
N ARG A 1074 55.60 -15.05 26.82
CA ARG A 1074 55.09 -13.69 26.95
C ARG A 1074 53.87 -13.58 27.85
N ASN A 1075 53.12 -14.66 28.05
CA ASN A 1075 51.85 -14.59 28.78
C ASN A 1075 51.96 -14.95 30.25
N PHE A 1076 53.08 -15.48 30.70
CA PHE A 1076 53.25 -15.85 32.10
C PHE A 1076 54.74 -15.93 32.39
N PHE A 1077 55.18 -15.21 33.42
CA PHE A 1077 56.61 -15.12 33.71
C PHE A 1077 57.08 -16.43 34.33
N SER A 1078 57.88 -17.18 33.56
CA SER A 1078 58.50 -18.42 34.03
C SER A 1078 59.94 -18.44 33.52
N PRO A 1079 60.83 -17.67 34.14
CA PRO A 1079 62.17 -17.52 33.58
C PRO A 1079 62.90 -18.85 33.47
N GLN A 1080 63.61 -19.04 32.35
CA GLN A 1080 64.35 -20.26 32.10
C GLN A 1080 65.76 -19.91 31.64
N ILE A 1081 66.71 -20.77 32.00
CA ILE A 1081 68.11 -20.52 31.65
C ILE A 1081 68.30 -20.74 30.15
N ILE A 1082 69.05 -19.84 29.52
CA ILE A 1082 69.26 -19.91 28.07
C ILE A 1082 70.11 -21.13 27.75
N THR A 1083 69.73 -21.83 26.68
CA THR A 1083 70.50 -22.96 26.18
C THR A 1083 70.17 -23.15 24.71
N THR A 1084 71.04 -23.86 24.00
CA THR A 1084 70.84 -24.08 22.57
C THR A 1084 69.47 -24.68 22.27
N ASP A 1085 68.82 -25.28 23.26
CA ASP A 1085 67.49 -25.86 23.03
C ASP A 1085 66.47 -24.77 22.72
N ASN A 1086 66.50 -23.65 23.43
CA ASN A 1086 65.46 -22.64 23.34
C ASN A 1086 65.89 -21.40 22.55
N THR A 1087 67.00 -21.49 21.81
CA THR A 1087 67.50 -20.36 21.06
C THR A 1087 67.78 -20.79 19.62
N PHE A 1088 67.56 -19.87 18.69
CA PHE A 1088 67.78 -20.10 17.26
C PHE A 1088 68.99 -19.29 16.83
N VAL A 1089 70.04 -19.97 16.37
CA VAL A 1089 71.31 -19.33 16.07
C VAL A 1089 71.35 -18.98 14.59
N SER A 1090 71.69 -17.73 14.28
CA SER A 1090 71.71 -17.29 12.89
C SER A 1090 72.59 -16.06 12.76
N GLY A 1091 73.56 -16.12 11.85
CA GLY A 1091 74.36 -14.95 11.52
C GLY A 1091 75.42 -14.63 12.55
N ASN A 1092 75.87 -13.38 12.51
CA ASN A 1092 76.87 -12.84 13.42
C ASN A 1092 76.24 -11.73 14.25
N CYS A 1093 77.07 -11.03 15.02
CA CYS A 1093 76.60 -10.00 15.94
C CYS A 1093 76.77 -8.59 15.39
N ASP A 1094 76.60 -8.42 14.08
CA ASP A 1094 76.78 -7.12 13.43
C ASP A 1094 75.48 -6.51 12.95
N VAL A 1095 74.67 -7.26 12.18
CA VAL A 1095 73.45 -6.70 11.62
C VAL A 1095 72.43 -6.41 12.71
N VAL A 1096 72.35 -7.29 13.72
CA VAL A 1096 71.29 -7.17 14.72
C VAL A 1096 71.46 -5.86 15.47
N ILE A 1097 70.39 -5.07 15.51
CA ILE A 1097 70.37 -3.80 16.23
C ILE A 1097 69.93 -4.06 17.66
N GLY A 1098 70.72 -3.56 18.62
CA GLY A 1098 70.37 -3.72 20.02
C GLY A 1098 70.78 -5.02 20.64
N ILE A 1099 71.66 -5.80 19.99
CA ILE A 1099 72.08 -7.08 20.55
C ILE A 1099 73.01 -6.84 21.73
N ILE A 1100 72.77 -7.57 22.81
CA ILE A 1100 73.62 -7.53 24.00
C ILE A 1100 74.46 -8.80 24.02
N ASN A 1101 75.60 -8.72 24.70
CA ASN A 1101 76.53 -9.83 24.79
C ASN A 1101 76.20 -10.70 26.00
N ASN A 1102 76.15 -12.01 25.79
CA ASN A 1102 75.89 -12.95 26.88
C ASN A 1102 76.50 -14.30 26.52
N THR A 1103 76.34 -15.26 27.43
CA THR A 1103 76.77 -16.63 27.23
C THR A 1103 75.56 -17.55 27.14
N VAL A 1104 75.74 -18.66 26.42
CA VAL A 1104 74.68 -19.66 26.25
C VAL A 1104 75.22 -21.01 26.71
N TYR A 1105 74.49 -21.64 27.61
CA TYR A 1105 74.90 -22.94 28.15
C TYR A 1105 74.76 -24.03 27.09
N LEU B 1 -62.74 -39.37 -20.68
CA LEU B 1 -61.38 -38.83 -20.62
C LEU B 1 -61.33 -37.40 -21.13
N ASP B 2 -62.47 -36.90 -21.62
CA ASP B 2 -62.52 -35.52 -22.08
C ASP B 2 -62.22 -34.55 -20.94
N ARG B 3 -62.78 -34.81 -19.76
CA ARG B 3 -62.42 -34.10 -18.54
C ARG B 3 -61.44 -34.95 -17.73
N CYS B 4 -60.51 -34.29 -17.07
CA CYS B 4 -59.45 -35.00 -16.37
C CYS B 4 -60.02 -35.86 -15.25
N THR B 5 -59.40 -37.02 -15.05
CA THR B 5 -59.90 -38.05 -14.15
C THR B 5 -58.89 -38.31 -13.03
N THR B 6 -59.38 -38.93 -11.97
CA THR B 6 -58.56 -39.34 -10.84
C THR B 6 -58.43 -40.86 -10.85
N PHE B 7 -57.20 -41.35 -10.73
CA PHE B 7 -56.98 -42.79 -10.71
C PHE B 7 -57.51 -43.39 -9.42
N ASP B 8 -58.02 -44.62 -9.51
CA ASP B 8 -58.55 -45.34 -8.37
C ASP B 8 -57.61 -46.46 -7.97
N ASP B 9 -57.45 -46.65 -6.66
CA ASP B 9 -56.58 -47.70 -6.12
C ASP B 9 -55.13 -47.49 -6.56
N VAL B 10 -54.57 -46.35 -6.16
CA VAL B 10 -53.19 -46.00 -6.43
C VAL B 10 -52.43 -45.97 -5.11
N GLN B 11 -51.30 -46.67 -5.07
CA GLN B 11 -50.51 -46.75 -3.85
C GLN B 11 -49.85 -45.41 -3.54
N ALA B 12 -49.67 -45.15 -2.25
CA ALA B 12 -49.04 -43.89 -1.84
C ALA B 12 -47.55 -43.91 -2.16
N PRO B 13 -46.96 -42.73 -2.40
CA PRO B 13 -45.54 -42.69 -2.77
C PRO B 13 -44.64 -43.18 -1.65
N ASN B 14 -43.52 -43.78 -2.06
CA ASN B 14 -42.41 -44.09 -1.17
C ASN B 14 -41.27 -43.15 -1.51
N TYR B 15 -40.97 -42.23 -0.61
CA TYR B 15 -39.93 -41.22 -0.86
C TYR B 15 -38.57 -41.85 -0.59
N THR B 16 -38.12 -42.67 -1.54
CA THR B 16 -36.82 -43.32 -1.42
C THR B 16 -35.71 -42.28 -1.40
N GLN B 17 -34.65 -42.58 -0.67
CA GLN B 17 -33.54 -41.65 -0.47
C GLN B 17 -32.32 -42.12 -1.23
N HIS B 18 -31.66 -41.19 -1.91
CA HIS B 18 -30.43 -41.48 -2.64
C HIS B 18 -29.47 -40.32 -2.42
N THR B 19 -28.26 -40.44 -2.95
CA THR B 19 -27.26 -39.39 -2.84
C THR B 19 -26.87 -38.90 -4.23
N SER B 20 -26.75 -37.58 -4.37
CA SER B 20 -26.07 -37.04 -5.54
C SER B 20 -24.62 -37.49 -5.53
N SER B 21 -23.99 -37.39 -6.69
CA SER B 21 -22.58 -37.79 -6.79
C SER B 21 -21.93 -36.86 -7.82
N MET B 22 -21.38 -35.75 -7.34
CA MET B 22 -20.68 -34.79 -8.20
C MET B 22 -21.53 -34.42 -9.42
N ARG B 23 -22.85 -34.46 -9.26
CA ARG B 23 -23.77 -34.18 -10.36
C ARG B 23 -24.36 -32.78 -10.21
N GLY B 24 -24.78 -32.21 -11.33
CA GLY B 24 -25.50 -30.96 -11.33
C GLY B 24 -24.70 -29.71 -11.67
N VAL B 25 -23.42 -29.85 -12.01
CA VAL B 25 -22.61 -28.69 -12.36
C VAL B 25 -23.06 -28.16 -13.72
N TYR B 26 -23.05 -26.84 -13.87
CA TYR B 26 -23.44 -26.20 -15.13
C TYR B 26 -22.52 -25.02 -15.40
N TYR B 27 -22.58 -24.53 -16.64
CA TYR B 27 -21.72 -23.43 -17.05
C TYR B 27 -22.18 -22.13 -16.41
N PRO B 28 -21.33 -21.43 -15.65
CA PRO B 28 -21.83 -20.26 -14.90
C PRO B 28 -22.13 -19.04 -15.77
N ASP B 29 -21.46 -18.88 -16.90
CA ASP B 29 -21.68 -17.71 -17.75
C ASP B 29 -21.45 -18.12 -19.21
N GLU B 30 -21.33 -17.12 -20.09
CA GLU B 30 -21.23 -17.33 -21.53
C GLU B 30 -19.83 -17.07 -22.07
N ILE B 31 -18.83 -16.97 -21.20
CA ILE B 31 -17.46 -16.64 -21.61
C ILE B 31 -16.69 -17.93 -21.88
N PHE B 32 -15.85 -17.92 -22.91
CA PHE B 32 -15.01 -19.07 -23.21
C PHE B 32 -13.71 -19.01 -22.41
N ARG B 33 -13.36 -20.14 -21.79
CA ARG B 33 -12.12 -20.29 -21.06
C ARG B 33 -11.58 -21.70 -21.29
N SER B 34 -10.27 -21.87 -21.17
CA SER B 34 -9.65 -23.17 -21.39
C SER B 34 -8.37 -23.28 -20.57
N ASP B 35 -8.08 -24.51 -20.15
CA ASP B 35 -6.85 -24.83 -19.41
C ASP B 35 -6.67 -23.92 -18.20
N THR B 36 -7.67 -23.95 -17.30
CA THR B 36 -7.62 -23.03 -16.17
C THR B 36 -8.54 -23.53 -15.05
N LEU B 37 -8.34 -22.95 -13.88
CA LEU B 37 -9.22 -23.15 -12.73
C LEU B 37 -9.96 -21.85 -12.44
N TYR B 38 -11.23 -21.96 -12.08
CA TYR B 38 -12.10 -20.79 -11.92
C TYR B 38 -12.90 -20.95 -10.64
N LEU B 39 -12.69 -20.04 -9.69
CA LEU B 39 -13.44 -20.03 -8.44
C LEU B 39 -14.67 -19.14 -8.60
N THR B 40 -15.83 -19.67 -8.23
CA THR B 40 -17.07 -18.91 -8.38
C THR B 40 -18.02 -19.27 -7.25
N GLN B 41 -18.98 -18.38 -7.00
CA GLN B 41 -19.98 -18.57 -5.96
C GLN B 41 -21.36 -18.44 -6.61
N ASP B 42 -22.21 -19.44 -6.38
CA ASP B 42 -23.52 -19.46 -7.03
C ASP B 42 -24.38 -20.53 -6.37
N LEU B 43 -25.60 -20.70 -6.90
CA LEU B 43 -26.53 -21.71 -6.42
C LEU B 43 -26.17 -23.03 -7.08
N PHE B 44 -25.51 -23.91 -6.33
CA PHE B 44 -25.06 -25.20 -6.84
C PHE B 44 -25.66 -26.31 -5.99
N LEU B 45 -25.62 -27.53 -6.53
CA LEU B 45 -26.02 -28.72 -5.78
C LEU B 45 -24.80 -29.25 -5.05
N PRO B 46 -24.75 -29.22 -3.72
CA PRO B 46 -23.56 -29.72 -3.02
C PRO B 46 -23.33 -31.19 -3.30
N PHE B 47 -22.05 -31.57 -3.40
CA PHE B 47 -21.71 -32.97 -3.65
C PHE B 47 -22.28 -33.86 -2.55
N TYR B 48 -22.81 -35.01 -2.97
CA TYR B 48 -23.33 -36.03 -2.04
C TYR B 48 -24.46 -35.47 -1.18
N SER B 49 -25.32 -34.66 -1.79
CA SER B 49 -26.53 -34.21 -1.13
C SER B 49 -27.58 -35.33 -1.15
N ASN B 50 -28.56 -35.22 -0.25
CA ASN B 50 -29.66 -36.17 -0.23
C ASN B 50 -30.69 -35.77 -1.28
N VAL B 51 -31.09 -36.75 -2.10
CA VAL B 51 -32.08 -36.55 -3.14
C VAL B 51 -33.21 -37.54 -2.92
N THR B 52 -34.40 -37.15 -3.38
CA THR B 52 -35.60 -37.95 -3.22
C THR B 52 -36.00 -38.56 -4.56
N GLY B 53 -36.32 -39.85 -4.55
CA GLY B 53 -36.71 -40.56 -5.74
C GLY B 53 -38.20 -40.78 -5.82
N PHE B 54 -38.72 -40.78 -7.06
CA PHE B 54 -40.13 -41.00 -7.34
C PHE B 54 -40.21 -41.97 -8.51
N HIS B 55 -41.20 -42.86 -8.47
CA HIS B 55 -41.25 -43.99 -9.38
C HIS B 55 -42.63 -44.15 -9.98
N THR B 56 -42.66 -44.66 -11.21
CA THR B 56 -43.90 -45.13 -11.84
C THR B 56 -43.71 -46.60 -12.16
N ILE B 57 -44.52 -47.45 -11.52
CA ILE B 57 -44.46 -48.89 -11.74
C ILE B 57 -45.70 -49.57 -11.16
N ASN B 58 -46.26 -50.53 -11.89
CA ASN B 58 -47.42 -51.29 -11.43
C ASN B 58 -48.58 -50.35 -11.09
N HIS B 59 -48.86 -50.17 -9.79
CA HIS B 59 -49.94 -49.29 -9.34
C HIS B 59 -49.44 -48.04 -8.65
N THR B 60 -48.13 -47.83 -8.59
CA THR B 60 -47.56 -46.61 -8.04
C THR B 60 -47.35 -45.61 -9.16
N PHE B 61 -47.97 -44.44 -9.01
CA PHE B 61 -47.96 -43.35 -9.98
C PHE B 61 -47.66 -42.08 -9.19
N ASP B 62 -46.37 -41.77 -9.02
CA ASP B 62 -45.92 -40.72 -8.10
C ASP B 62 -45.89 -39.38 -8.82
N ASN B 63 -46.77 -38.47 -8.42
CA ASN B 63 -46.77 -37.11 -8.96
C ASN B 63 -47.30 -36.12 -7.93
N PRO B 64 -46.66 -36.01 -6.77
CA PRO B 64 -47.12 -35.05 -5.76
C PRO B 64 -46.66 -33.64 -6.07
N VAL B 65 -47.24 -32.68 -5.35
CA VAL B 65 -46.79 -31.30 -5.41
C VAL B 65 -45.50 -31.19 -4.59
N ILE B 66 -44.45 -30.66 -5.21
CA ILE B 66 -43.14 -30.62 -4.57
C ILE B 66 -42.70 -29.17 -4.38
N PRO B 67 -42.15 -28.81 -3.22
CA PRO B 67 -41.65 -27.45 -3.04
C PRO B 67 -40.48 -27.13 -3.94
N PHE B 68 -40.37 -25.85 -4.31
CA PHE B 68 -39.32 -25.37 -5.20
C PHE B 68 -38.12 -24.78 -4.45
N LYS B 69 -38.36 -24.06 -3.37
CA LYS B 69 -37.30 -23.49 -2.51
C LYS B 69 -36.44 -22.57 -3.39
N ASP B 70 -35.12 -22.72 -3.42
CA ASP B 70 -34.23 -21.81 -4.11
C ASP B 70 -33.69 -22.40 -5.41
N GLY B 71 -34.43 -23.29 -6.06
CA GLY B 71 -33.98 -23.91 -7.29
C GLY B 71 -33.87 -25.41 -7.19
N ILE B 72 -33.84 -26.10 -8.32
CA ILE B 72 -34.05 -27.54 -8.35
C ILE B 72 -33.06 -28.21 -9.30
N TYR B 73 -32.65 -29.42 -8.94
CA TYR B 73 -32.00 -30.36 -9.85
C TYR B 73 -32.93 -31.56 -10.03
N PHE B 74 -33.21 -31.90 -11.28
CA PHE B 74 -34.22 -32.91 -11.62
C PHE B 74 -33.63 -33.87 -12.65
N ALA B 75 -33.50 -35.14 -12.27
CA ALA B 75 -32.88 -36.14 -13.15
C ALA B 75 -33.81 -37.33 -13.35
N ALA B 76 -34.05 -37.69 -14.61
CA ALA B 76 -34.95 -38.77 -14.96
C ALA B 76 -34.18 -39.93 -15.58
N THR B 77 -34.42 -41.14 -15.07
CA THR B 77 -33.89 -42.37 -15.66
C THR B 77 -35.06 -43.14 -16.27
N GLU B 78 -34.95 -43.43 -17.57
CA GLU B 78 -36.07 -44.06 -18.26
C GLU B 78 -35.60 -44.80 -19.49
N LYS B 79 -36.55 -45.51 -20.12
CA LYS B 79 -36.34 -46.18 -21.38
C LYS B 79 -37.49 -46.03 -22.36
N SER B 80 -38.64 -45.47 -21.95
CA SER B 80 -39.78 -45.36 -22.85
C SER B 80 -40.45 -43.98 -22.78
N ASN B 81 -39.74 -42.95 -22.32
CA ASN B 81 -40.23 -41.57 -22.39
C ASN B 81 -41.54 -41.40 -21.62
N VAL B 82 -41.47 -41.63 -20.32
CA VAL B 82 -42.65 -41.48 -19.45
C VAL B 82 -42.77 -40.06 -18.93
N VAL B 83 -41.67 -39.47 -18.47
CA VAL B 83 -41.69 -38.11 -17.96
C VAL B 83 -41.66 -37.14 -19.13
N ARG B 84 -42.66 -36.26 -19.21
CA ARG B 84 -42.84 -35.40 -20.37
C ARG B 84 -42.69 -33.91 -20.08
N GLY B 85 -42.67 -33.49 -18.82
CA GLY B 85 -42.50 -32.08 -18.55
C GLY B 85 -42.94 -31.74 -17.13
N TRP B 86 -43.18 -30.44 -16.91
CA TRP B 86 -43.44 -29.91 -15.59
C TRP B 86 -44.51 -28.82 -15.65
N VAL B 87 -45.12 -28.59 -14.50
CA VAL B 87 -45.95 -27.41 -14.24
C VAL B 87 -45.37 -26.71 -13.03
N PHE B 88 -45.02 -25.43 -13.19
CA PHE B 88 -44.49 -24.61 -12.12
C PHE B 88 -45.51 -23.54 -11.75
N GLY B 89 -45.65 -23.29 -10.45
CA GLY B 89 -46.59 -22.27 -10.01
C GLY B 89 -46.51 -22.05 -8.52
N SER B 90 -47.52 -21.36 -8.00
CA SER B 90 -47.61 -21.06 -6.57
C SER B 90 -48.79 -21.74 -5.91
N THR B 91 -50.01 -21.51 -6.39
CA THR B 91 -51.19 -22.15 -5.82
C THR B 91 -51.65 -23.37 -6.61
N MET B 92 -51.21 -23.51 -7.86
CA MET B 92 -51.53 -24.68 -8.68
C MET B 92 -53.03 -24.78 -8.95
N ASN B 93 -53.67 -23.64 -9.18
CA ASN B 93 -55.06 -23.59 -9.63
C ASN B 93 -55.25 -22.31 -10.43
N ASN B 94 -56.49 -22.00 -10.79
CA ASN B 94 -56.78 -20.85 -11.64
C ASN B 94 -56.82 -19.54 -10.87
N LYS B 95 -56.31 -19.50 -9.64
CA LYS B 95 -56.24 -18.27 -8.87
C LYS B 95 -54.91 -17.54 -9.04
N SER B 96 -53.98 -18.10 -9.82
CA SER B 96 -52.69 -17.47 -10.04
C SER B 96 -52.11 -18.01 -11.34
N GLN B 97 -51.04 -17.37 -11.80
CA GLN B 97 -50.40 -17.77 -13.05
C GLN B 97 -49.50 -18.97 -12.85
N SER B 98 -49.52 -19.89 -13.81
CA SER B 98 -48.66 -21.05 -13.81
C SER B 98 -48.05 -21.21 -15.20
N VAL B 99 -46.92 -21.89 -15.26
CA VAL B 99 -46.22 -22.14 -16.53
C VAL B 99 -46.11 -23.65 -16.73
N ILE B 100 -46.53 -24.10 -17.91
CA ILE B 100 -46.45 -25.49 -18.33
C ILE B 100 -45.31 -25.61 -19.34
N ILE B 101 -44.45 -26.61 -19.15
CA ILE B 101 -43.36 -26.90 -20.08
C ILE B 101 -43.46 -28.40 -20.39
N ILE B 102 -43.91 -28.73 -21.60
CA ILE B 102 -44.21 -30.12 -21.94
C ILE B 102 -43.65 -30.47 -23.31
N ASN B 103 -43.07 -31.67 -23.41
CA ASN B 103 -42.74 -32.29 -24.69
C ASN B 103 -43.89 -33.21 -25.06
N ASN B 104 -44.87 -32.67 -25.78
CA ASN B 104 -45.90 -33.53 -26.33
C ASN B 104 -45.31 -34.33 -27.49
N SER B 105 -46.14 -35.16 -28.12
CA SER B 105 -45.60 -36.15 -29.05
C SER B 105 -44.79 -35.51 -30.17
N THR B 106 -45.06 -34.25 -30.52
CA THR B 106 -44.48 -33.65 -31.71
C THR B 106 -43.81 -32.29 -31.48
N ASN B 107 -43.99 -31.65 -30.33
CA ASN B 107 -43.47 -30.31 -30.13
C ASN B 107 -43.06 -30.12 -28.67
N VAL B 108 -42.23 -29.13 -28.44
CA VAL B 108 -41.94 -28.62 -27.11
C VAL B 108 -42.78 -27.35 -26.94
N VAL B 109 -43.67 -27.36 -25.95
CA VAL B 109 -44.63 -26.27 -25.75
C VAL B 109 -44.39 -25.68 -24.37
N ILE B 110 -44.32 -24.35 -24.32
CA ILE B 110 -44.17 -23.59 -23.07
C ILE B 110 -45.25 -22.54 -23.04
N ARG B 111 -46.07 -22.54 -22.00
CA ARG B 111 -47.21 -21.62 -21.92
C ARG B 111 -47.41 -21.13 -20.49
N ALA B 112 -47.61 -19.83 -20.33
CA ALA B 112 -47.88 -19.22 -19.03
C ALA B 112 -49.29 -18.63 -19.04
N CYS B 113 -50.15 -19.12 -18.15
CA CYS B 113 -51.55 -18.71 -18.15
C CYS B 113 -52.15 -18.94 -16.77
N ASN B 114 -53.40 -18.50 -16.62
CA ASN B 114 -54.24 -18.92 -15.51
C ASN B 114 -54.84 -20.28 -15.88
N PHE B 115 -54.26 -21.35 -15.36
CA PHE B 115 -54.65 -22.71 -15.73
C PHE B 115 -55.60 -23.27 -14.70
N GLU B 116 -56.70 -23.88 -15.16
CA GLU B 116 -57.54 -24.71 -14.31
C GLU B 116 -56.90 -26.09 -14.23
N LEU B 117 -55.78 -26.15 -13.52
CA LEU B 117 -54.95 -27.35 -13.51
C LEU B 117 -55.71 -28.53 -12.93
N CYS B 118 -55.42 -29.71 -13.45
CA CYS B 118 -55.97 -30.95 -12.96
C CYS B 118 -54.97 -31.61 -12.02
N ASP B 119 -55.46 -32.09 -10.88
CA ASP B 119 -54.58 -32.63 -9.85
C ASP B 119 -53.82 -33.87 -10.33
N ASN B 120 -54.27 -34.50 -11.41
CA ASN B 120 -53.61 -35.68 -11.97
C ASN B 120 -53.40 -35.45 -13.46
N PRO B 121 -52.37 -34.68 -13.84
CA PRO B 121 -52.11 -34.45 -15.26
C PRO B 121 -51.26 -35.57 -15.87
N PHE B 122 -51.67 -36.08 -17.04
CA PHE B 122 -50.96 -37.20 -17.63
C PHE B 122 -51.22 -37.25 -19.12
N PHE B 123 -50.39 -38.03 -19.82
CA PHE B 123 -50.61 -38.44 -21.19
C PHE B 123 -51.08 -39.88 -21.21
N VAL B 124 -51.76 -40.26 -22.28
CA VAL B 124 -52.31 -41.60 -22.46
C VAL B 124 -51.70 -42.20 -23.72
N VAL B 125 -51.15 -43.41 -23.58
CA VAL B 125 -50.54 -44.13 -24.70
C VAL B 125 -51.12 -45.54 -24.72
N SER B 126 -51.44 -46.02 -25.92
CA SER B 126 -52.04 -47.34 -26.09
C SER B 126 -50.94 -48.38 -26.25
N LYS B 127 -50.93 -49.37 -25.34
CA LYS B 127 -49.92 -50.43 -25.43
C LYS B 127 -50.01 -51.23 -26.72
N PRO B 128 -51.15 -51.78 -27.10
CA PRO B 128 -51.18 -52.62 -28.32
C PRO B 128 -50.84 -51.87 -29.60
N MET B 129 -50.99 -50.54 -29.61
CA MET B 129 -50.72 -49.75 -30.80
C MET B 129 -49.49 -48.88 -30.70
N GLY B 130 -49.04 -48.55 -29.50
CA GLY B 130 -47.90 -47.66 -29.35
C GLY B 130 -48.15 -46.28 -29.90
N THR B 131 -49.33 -45.72 -29.64
CA THR B 131 -49.71 -44.41 -30.13
C THR B 131 -50.30 -43.60 -28.99
N GLN B 132 -50.05 -42.29 -29.03
CA GLN B 132 -50.61 -41.38 -28.03
C GLN B 132 -52.06 -41.07 -28.38
N THR B 133 -52.94 -41.20 -27.40
CA THR B 133 -54.38 -41.06 -27.60
C THR B 133 -54.96 -39.80 -26.99
N HIS B 134 -54.58 -39.45 -25.76
CA HIS B 134 -55.16 -38.31 -25.07
C HIS B 134 -54.10 -37.53 -24.33
N THR B 135 -54.40 -36.25 -24.08
CA THR B 135 -53.62 -35.40 -23.19
C THR B 135 -54.60 -34.68 -22.29
N MET B 136 -54.36 -34.74 -20.98
CA MET B 136 -55.31 -34.30 -19.96
C MET B 136 -54.61 -33.44 -18.91
N ILE B 137 -53.85 -32.44 -19.36
CA ILE B 137 -53.07 -31.63 -18.42
C ILE B 137 -53.95 -30.60 -17.72
N PHE B 138 -54.82 -29.91 -18.45
CA PHE B 138 -55.64 -28.86 -17.85
C PHE B 138 -57.01 -28.84 -18.51
N ASP B 139 -57.97 -28.24 -17.80
CA ASP B 139 -59.34 -28.12 -18.28
C ASP B 139 -59.63 -26.78 -18.95
N ASN B 140 -58.95 -25.71 -18.53
CA ASN B 140 -59.23 -24.39 -19.06
C ASN B 140 -58.00 -23.51 -18.88
N ALA B 141 -57.94 -22.44 -19.68
CA ALA B 141 -56.83 -21.50 -19.60
C ALA B 141 -57.30 -20.15 -20.10
N PHE B 142 -56.84 -19.08 -19.44
CA PHE B 142 -57.20 -17.72 -19.84
C PHE B 142 -56.15 -16.77 -19.28
N ASN B 143 -56.16 -15.53 -19.80
CA ASN B 143 -55.19 -14.51 -19.45
C ASN B 143 -53.77 -15.00 -19.68
N CYS B 144 -53.53 -15.52 -20.88
CA CYS B 144 -52.22 -16.05 -21.23
C CYS B 144 -51.26 -14.91 -21.57
N THR B 145 -50.04 -14.99 -21.04
CA THR B 145 -49.05 -13.93 -21.20
C THR B 145 -47.79 -14.34 -21.92
N PHE B 146 -47.51 -15.64 -22.05
CA PHE B 146 -46.31 -16.10 -22.73
C PHE B 146 -46.57 -17.44 -23.40
N GLU B 147 -46.02 -17.60 -24.60
CA GLU B 147 -46.16 -18.82 -25.36
C GLU B 147 -44.92 -19.05 -26.21
N TYR B 148 -44.53 -20.31 -26.34
CA TYR B 148 -43.43 -20.70 -27.20
C TYR B 148 -43.67 -22.11 -27.71
N ILE B 149 -43.53 -22.29 -29.02
CA ILE B 149 -43.69 -23.58 -29.68
C ILE B 149 -42.49 -23.80 -30.58
N SER B 150 -41.89 -24.98 -30.48
CA SER B 150 -40.68 -25.28 -31.23
C SER B 150 -41.02 -25.92 -32.57
N ASP B 151 -39.99 -26.20 -33.37
CA ASP B 151 -40.17 -26.89 -34.63
C ASP B 151 -40.64 -28.32 -34.39
N ALA B 152 -41.43 -28.83 -35.34
CA ALA B 152 -42.01 -30.15 -35.19
C ALA B 152 -40.94 -31.24 -35.28
N PHE B 153 -41.20 -32.35 -34.61
CA PHE B 153 -40.34 -33.53 -34.67
C PHE B 153 -41.21 -34.76 -34.49
N SER B 154 -40.57 -35.91 -34.30
CA SER B 154 -41.28 -37.16 -34.04
C SER B 154 -40.59 -37.89 -32.89
N LEU B 155 -41.39 -38.40 -31.95
CA LEU B 155 -40.89 -39.08 -30.77
C LEU B 155 -41.43 -40.50 -30.72
N ASP B 156 -40.57 -41.43 -30.30
CA ASP B 156 -40.97 -42.83 -30.14
C ASP B 156 -41.68 -42.96 -28.81
N VAL B 157 -43.02 -43.07 -28.86
CA VAL B 157 -43.83 -43.12 -27.64
C VAL B 157 -44.13 -44.54 -27.19
N SER B 158 -43.75 -45.54 -27.97
CA SER B 158 -44.10 -46.92 -27.65
C SER B 158 -43.35 -47.41 -26.42
N GLU B 159 -43.98 -48.35 -25.72
CA GLU B 159 -43.36 -48.95 -24.54
C GLU B 159 -42.17 -49.81 -24.95
N LYS B 160 -41.22 -49.94 -24.02
CA LYS B 160 -40.01 -50.72 -24.24
C LYS B 160 -39.78 -51.63 -23.04
N SER B 161 -38.81 -52.53 -23.18
CA SER B 161 -38.48 -53.49 -22.14
C SER B 161 -36.97 -53.55 -21.98
N GLY B 162 -36.53 -53.92 -20.78
CA GLY B 162 -35.12 -54.06 -20.46
C GLY B 162 -34.71 -53.16 -19.32
N ASN B 163 -33.48 -52.65 -19.41
CA ASN B 163 -32.92 -51.75 -18.41
C ASN B 163 -33.09 -50.30 -18.86
N PHE B 164 -32.95 -49.39 -17.89
CA PHE B 164 -33.05 -47.97 -18.20
C PHE B 164 -31.89 -47.55 -19.09
N LYS B 165 -32.18 -46.81 -20.15
CA LYS B 165 -31.19 -46.45 -21.15
C LYS B 165 -30.81 -44.99 -21.14
N HIS B 166 -31.71 -44.08 -20.77
CA HIS B 166 -31.46 -42.65 -20.89
C HIS B 166 -31.52 -41.98 -19.52
N LEU B 167 -30.53 -41.13 -19.23
CA LEU B 167 -30.52 -40.26 -18.08
C LEU B 167 -30.56 -38.82 -18.57
N ARG B 168 -31.63 -38.10 -18.23
CA ARG B 168 -31.81 -36.71 -18.64
C ARG B 168 -31.83 -35.83 -17.40
N GLU B 169 -30.94 -34.85 -17.35
CA GLU B 169 -30.77 -34.00 -16.17
C GLU B 169 -31.11 -32.56 -16.52
N PHE B 170 -31.77 -31.88 -15.58
CA PHE B 170 -32.13 -30.47 -15.73
C PHE B 170 -31.83 -29.73 -14.44
N VAL B 171 -31.56 -28.44 -14.57
CA VAL B 171 -31.43 -27.53 -13.44
C VAL B 171 -32.33 -26.33 -13.68
N PHE B 172 -33.12 -25.96 -12.67
CA PHE B 172 -34.08 -24.87 -12.76
C PHE B 172 -33.76 -23.81 -11.71
N LYS B 173 -33.73 -22.55 -12.14
CA LYS B 173 -33.51 -21.42 -11.24
C LYS B 173 -34.53 -20.32 -11.54
N ASN B 174 -34.84 -19.51 -10.52
CA ASN B 174 -35.73 -18.37 -10.67
C ASN B 174 -35.04 -17.12 -10.14
N LYS B 175 -34.97 -16.08 -10.96
CA LYS B 175 -34.25 -14.87 -10.56
C LYS B 175 -34.69 -13.70 -11.43
N ASP B 176 -35.12 -12.61 -10.77
CA ASP B 176 -35.44 -11.35 -11.45
C ASP B 176 -36.44 -11.58 -12.59
N GLY B 177 -37.43 -12.43 -12.34
CA GLY B 177 -38.48 -12.68 -13.30
C GLY B 177 -38.11 -13.66 -14.40
N PHE B 178 -36.90 -14.19 -14.42
CA PHE B 178 -36.46 -15.16 -15.40
C PHE B 178 -36.38 -16.55 -14.78
N LEU B 179 -36.82 -17.56 -15.53
CA LEU B 179 -36.66 -18.96 -15.15
C LEU B 179 -35.55 -19.56 -16.01
N TYR B 180 -34.38 -19.71 -15.41
CA TYR B 180 -33.24 -20.32 -16.08
C TYR B 180 -33.40 -21.83 -16.14
N VAL B 181 -33.14 -22.40 -17.31
CA VAL B 181 -33.22 -23.84 -17.55
C VAL B 181 -31.89 -24.31 -18.12
N TYR B 182 -31.30 -25.33 -17.49
CA TYR B 182 -30.11 -26.00 -18.00
C TYR B 182 -30.41 -27.47 -18.21
N LYS B 183 -29.76 -28.06 -19.21
CA LYS B 183 -30.05 -29.43 -19.62
C LYS B 183 -28.76 -30.21 -19.86
N GLY B 184 -28.85 -31.53 -19.68
CA GLY B 184 -27.78 -32.44 -20.00
C GLY B 184 -28.32 -33.85 -20.19
N TYR B 185 -27.53 -34.68 -20.87
CA TYR B 185 -27.96 -36.01 -21.26
C TYR B 185 -26.83 -37.02 -21.10
N GLN B 186 -27.19 -38.27 -20.82
CA GLN B 186 -26.21 -39.36 -20.74
C GLN B 186 -26.83 -40.70 -21.10
N PRO B 187 -26.13 -41.55 -21.86
CA PRO B 187 -26.53 -42.95 -21.97
C PRO B 187 -26.14 -43.73 -20.73
N ILE B 188 -27.03 -44.62 -20.29
CA ILE B 188 -26.81 -45.43 -19.11
C ILE B 188 -27.26 -46.86 -19.39
N ASP B 189 -26.87 -47.77 -18.49
CA ASP B 189 -27.38 -49.14 -18.48
C ASP B 189 -27.40 -49.59 -17.02
N VAL B 190 -28.57 -49.42 -16.39
CA VAL B 190 -28.71 -49.69 -14.96
C VAL B 190 -30.10 -50.24 -14.69
N VAL B 191 -30.40 -50.53 -13.43
CA VAL B 191 -31.64 -51.19 -13.03
C VAL B 191 -32.55 -50.25 -12.23
N ARG B 192 -32.07 -49.72 -11.11
CA ARG B 192 -32.96 -49.06 -10.16
C ARG B 192 -32.52 -47.68 -9.69
N ASP B 193 -31.21 -47.43 -9.58
CA ASP B 193 -30.73 -46.29 -8.84
C ASP B 193 -30.42 -45.11 -9.76
N LEU B 194 -29.86 -44.04 -9.17
CA LEU B 194 -29.36 -42.90 -9.92
C LEU B 194 -27.86 -43.05 -10.10
N PRO B 195 -27.35 -43.25 -11.32
CA PRO B 195 -25.92 -43.54 -11.48
C PRO B 195 -25.04 -42.42 -10.94
N SER B 196 -23.87 -42.83 -10.44
CA SER B 196 -22.87 -41.89 -9.94
C SER B 196 -21.95 -41.45 -11.08
N GLY B 197 -21.65 -40.16 -11.12
CA GLY B 197 -20.76 -39.64 -12.13
C GLY B 197 -20.83 -38.13 -12.21
N PHE B 198 -20.15 -37.58 -13.22
CA PHE B 198 -20.02 -36.15 -13.41
C PHE B 198 -20.44 -35.80 -14.84
N ASN B 199 -21.20 -34.71 -14.98
CA ASN B 199 -21.67 -34.28 -16.29
C ASN B 199 -22.14 -32.84 -16.19
N THR B 200 -21.57 -31.96 -17.02
CA THR B 200 -21.91 -30.54 -16.99
C THR B 200 -23.12 -30.26 -17.86
N LEU B 201 -24.01 -29.42 -17.35
CA LEU B 201 -25.23 -29.01 -18.05
C LEU B 201 -25.01 -27.70 -18.79
N LYS B 202 -25.82 -27.48 -19.82
CA LYS B 202 -25.71 -26.31 -20.68
C LYS B 202 -27.00 -25.50 -20.63
N PRO B 203 -26.92 -24.18 -20.80
CA PRO B 203 -28.15 -23.35 -20.76
C PRO B 203 -28.99 -23.57 -22.01
N ILE B 204 -30.30 -23.64 -21.83
CA ILE B 204 -31.20 -23.88 -22.95
C ILE B 204 -32.27 -22.80 -23.05
N PHE B 205 -32.60 -22.16 -21.93
CA PHE B 205 -33.70 -21.20 -21.91
C PHE B 205 -33.47 -20.17 -20.82
N LYS B 206 -33.99 -18.96 -21.07
CA LYS B 206 -34.12 -17.92 -20.04
C LYS B 206 -35.49 -17.27 -20.29
N LEU B 207 -36.51 -17.80 -19.62
CA LEU B 207 -37.90 -17.47 -19.94
C LEU B 207 -38.32 -16.22 -19.16
N PRO B 208 -38.78 -15.16 -19.83
CA PRO B 208 -39.25 -13.96 -19.11
C PRO B 208 -40.71 -14.06 -18.67
N LEU B 209 -40.95 -14.84 -17.62
CA LEU B 209 -42.31 -15.11 -17.17
C LEU B 209 -42.81 -14.11 -16.14
N GLY B 210 -41.99 -13.76 -15.16
CA GLY B 210 -42.39 -12.83 -14.12
C GLY B 210 -43.50 -13.35 -13.24
N ILE B 211 -43.39 -14.61 -12.80
CA ILE B 211 -44.39 -15.22 -11.91
C ILE B 211 -43.68 -15.78 -10.70
N LYS B 212 -44.41 -15.85 -9.59
CA LYS B 212 -43.91 -16.45 -8.37
C LYS B 212 -43.95 -17.96 -8.49
N ILE B 213 -42.83 -18.61 -8.20
CA ILE B 213 -42.72 -20.07 -8.28
C ILE B 213 -42.32 -20.57 -6.90
N THR B 214 -43.22 -21.32 -6.26
CA THR B 214 -42.94 -21.99 -4.99
C THR B 214 -43.16 -23.49 -5.04
N ASN B 215 -43.95 -23.99 -5.99
CA ASN B 215 -44.26 -25.40 -6.09
C ASN B 215 -44.19 -25.84 -7.54
N PHE B 216 -43.93 -27.14 -7.73
CA PHE B 216 -43.91 -27.71 -9.08
C PHE B 216 -44.38 -29.16 -9.03
N ARG B 217 -44.91 -29.62 -10.16
CA ARG B 217 -45.35 -31.00 -10.30
C ARG B 217 -44.94 -31.54 -11.67
N ALA B 218 -44.62 -32.83 -11.72
CA ALA B 218 -44.19 -33.48 -12.94
C ALA B 218 -45.37 -34.04 -13.72
N ILE B 219 -45.23 -34.10 -15.04
CA ILE B 219 -46.25 -34.63 -15.93
C ILE B 219 -45.76 -35.97 -16.45
N LEU B 220 -46.58 -37.00 -16.32
CA LEU B 220 -46.19 -38.37 -16.61
C LEU B 220 -47.08 -38.95 -17.71
N THR B 221 -46.77 -40.19 -18.09
CA THR B 221 -47.49 -40.91 -19.13
C THR B 221 -48.10 -42.17 -18.53
N ALA B 222 -49.36 -42.43 -18.85
CA ALA B 222 -50.07 -43.62 -18.43
C ALA B 222 -50.33 -44.50 -19.63
N PHE B 223 -49.96 -45.77 -19.53
CA PHE B 223 -50.10 -46.73 -20.63
C PHE B 223 -51.37 -47.55 -20.40
N SER B 224 -52.33 -47.43 -21.32
CA SER B 224 -53.62 -48.08 -21.16
C SER B 224 -53.62 -49.42 -21.89
N PRO B 225 -53.89 -50.54 -21.21
CA PRO B 225 -53.98 -51.80 -21.95
C PRO B 225 -55.27 -51.91 -22.76
N ALA B 226 -56.34 -51.27 -22.31
CA ALA B 226 -57.61 -51.27 -23.01
C ALA B 226 -58.26 -49.90 -22.85
N GLN B 227 -59.32 -49.67 -23.60
CA GLN B 227 -60.00 -48.38 -23.56
C GLN B 227 -60.77 -48.21 -22.26
N GLY B 228 -60.14 -47.56 -21.28
CA GLY B 228 -60.77 -47.33 -19.99
C GLY B 228 -59.89 -47.73 -18.82
N THR B 229 -59.14 -48.81 -18.98
CA THR B 229 -58.22 -49.24 -17.94
C THR B 229 -56.94 -48.43 -17.99
N TRP B 230 -56.39 -48.11 -16.82
CA TRP B 230 -55.18 -47.30 -16.72
C TRP B 230 -54.03 -48.16 -16.22
N GLY B 231 -52.90 -48.09 -16.92
CA GLY B 231 -51.70 -48.78 -16.53
C GLY B 231 -50.50 -47.84 -16.54
N THR B 232 -49.36 -48.40 -16.16
CA THR B 232 -48.12 -47.62 -16.06
C THR B 232 -46.97 -48.43 -16.61
N SER B 233 -45.84 -47.76 -16.82
CA SER B 233 -44.60 -48.37 -17.23
C SER B 233 -43.48 -47.88 -16.32
N ALA B 234 -42.44 -48.68 -16.19
CA ALA B 234 -41.36 -48.38 -15.27
C ALA B 234 -40.68 -47.06 -15.64
N ALA B 235 -40.43 -46.22 -14.63
CA ALA B 235 -39.62 -45.02 -14.84
C ALA B 235 -39.31 -44.40 -13.48
N ALA B 236 -38.22 -43.63 -13.42
CA ALA B 236 -37.87 -42.98 -12.16
C ALA B 236 -37.39 -41.55 -12.41
N TYR B 237 -37.66 -40.68 -11.45
CA TYR B 237 -37.09 -39.33 -11.46
C TYR B 237 -36.74 -38.90 -10.05
N PHE B 238 -35.65 -38.13 -9.93
CA PHE B 238 -35.04 -37.78 -8.67
C PHE B 238 -34.90 -36.26 -8.57
N VAL B 239 -35.05 -35.75 -7.34
CA VAL B 239 -35.07 -34.32 -7.07
C VAL B 239 -34.05 -33.98 -6.00
N GLY B 240 -33.33 -32.87 -6.20
CA GLY B 240 -32.44 -32.33 -5.21
C GLY B 240 -32.50 -30.81 -5.18
N TYR B 241 -32.03 -30.23 -4.08
CA TYR B 241 -32.19 -28.81 -3.81
C TYR B 241 -30.86 -28.06 -3.88
N LEU B 242 -30.88 -26.91 -4.53
CA LEU B 242 -29.70 -26.07 -4.68
C LEU B 242 -29.45 -25.23 -3.43
N LYS B 243 -28.17 -24.90 -3.20
CA LYS B 243 -27.76 -24.05 -2.10
C LYS B 243 -26.68 -23.10 -2.58
N PRO B 244 -26.58 -21.91 -1.99
CA PRO B 244 -25.47 -21.00 -2.33
C PRO B 244 -24.15 -21.52 -1.80
N THR B 245 -23.18 -21.74 -2.70
CA THR B 245 -21.91 -22.33 -2.33
C THR B 245 -20.84 -21.86 -3.30
N THR B 246 -19.58 -22.06 -2.90
CA THR B 246 -18.42 -21.73 -3.71
C THR B 246 -17.85 -23.01 -4.32
N PHE B 247 -17.73 -23.01 -5.64
CA PHE B 247 -17.16 -24.12 -6.39
C PHE B 247 -15.88 -23.66 -7.08
N MET B 248 -15.02 -24.63 -7.38
CA MET B 248 -13.83 -24.40 -8.19
C MET B 248 -13.92 -25.31 -9.40
N LEU B 249 -14.09 -24.73 -10.58
CA LEU B 249 -14.32 -25.47 -11.82
C LEU B 249 -13.02 -25.57 -12.62
N LYS B 250 -12.89 -26.65 -13.38
CA LYS B 250 -11.70 -26.90 -14.19
C LYS B 250 -12.09 -26.90 -15.67
N TYR B 251 -11.42 -26.06 -16.45
CA TYR B 251 -11.56 -26.04 -17.90
C TYR B 251 -10.34 -26.70 -18.53
N ASP B 252 -10.58 -27.67 -19.41
CA ASP B 252 -9.53 -28.48 -20.01
C ASP B 252 -8.97 -27.79 -21.26
N GLU B 253 -8.22 -28.54 -22.07
CA GLU B 253 -7.62 -27.97 -23.27
C GLU B 253 -8.69 -27.37 -24.18
N ASN B 254 -9.75 -28.12 -24.44
CA ASN B 254 -10.94 -27.56 -25.05
C ASN B 254 -11.67 -26.69 -24.02
N GLY B 255 -12.80 -26.15 -24.41
CA GLY B 255 -13.51 -25.23 -23.51
C GLY B 255 -14.53 -25.91 -22.62
N THR B 256 -14.32 -27.19 -22.30
CA THR B 256 -15.31 -27.98 -21.59
C THR B 256 -14.91 -28.15 -20.13
N ILE B 257 -15.88 -27.97 -19.24
CA ILE B 257 -15.66 -28.21 -17.81
C ILE B 257 -15.71 -29.70 -17.55
N THR B 258 -14.61 -30.26 -17.04
CA THR B 258 -14.50 -31.69 -16.83
C THR B 258 -14.39 -32.10 -15.36
N ASP B 259 -14.26 -31.16 -14.44
CA ASP B 259 -14.12 -31.51 -13.03
C ASP B 259 -14.39 -30.26 -12.18
N ALA B 260 -14.69 -30.51 -10.91
CA ALA B 260 -14.97 -29.42 -9.98
C ALA B 260 -14.65 -29.87 -8.56
N VAL B 261 -14.48 -28.88 -7.69
CA VAL B 261 -14.31 -29.10 -6.25
C VAL B 261 -15.35 -28.26 -5.53
N ASP B 262 -16.10 -28.89 -4.64
CA ASP B 262 -17.10 -28.21 -3.81
C ASP B 262 -16.42 -27.83 -2.49
N CYS B 263 -16.26 -26.53 -2.25
CA CYS B 263 -15.42 -26.06 -1.16
C CYS B 263 -16.00 -26.40 0.21
N SER B 264 -17.30 -26.67 0.30
CA SER B 264 -17.96 -26.90 1.57
C SER B 264 -18.16 -28.39 1.89
N GLN B 265 -17.58 -29.28 1.09
CA GLN B 265 -17.83 -30.71 1.30
C GLN B 265 -17.11 -31.22 2.55
N ASN B 266 -15.85 -30.85 2.73
CA ASN B 266 -15.08 -31.32 3.88
C ASN B 266 -13.76 -30.55 4.00
N PRO B 267 -13.00 -30.75 5.08
CA PRO B 267 -11.77 -29.97 5.25
C PRO B 267 -10.78 -30.09 4.12
N LEU B 268 -10.64 -31.27 3.51
CA LEU B 268 -9.74 -31.41 2.37
C LEU B 268 -10.19 -30.53 1.22
N ALA B 269 -11.49 -30.50 0.96
CA ALA B 269 -12.02 -29.62 -0.09
C ALA B 269 -11.77 -28.16 0.24
N GLU B 270 -11.93 -27.80 1.52
CA GLU B 270 -11.65 -26.42 1.92
C GLU B 270 -10.19 -26.07 1.66
N LEU B 271 -9.27 -26.97 1.99
CA LEU B 271 -7.86 -26.72 1.74
C LEU B 271 -7.58 -26.60 0.24
N LYS B 272 -8.19 -27.46 -0.56
CA LYS B 272 -8.01 -27.39 -2.01
C LYS B 272 -8.47 -26.04 -2.55
N CYS B 273 -9.63 -25.56 -2.07
CA CYS B 273 -10.11 -24.26 -2.53
C CYS B 273 -9.23 -23.13 -2.01
N SER B 274 -8.68 -23.26 -0.81
CA SER B 274 -7.88 -22.18 -0.23
C SER B 274 -6.53 -22.05 -0.91
N VAL B 275 -5.97 -23.14 -1.43
CA VAL B 275 -4.72 -23.05 -2.19
C VAL B 275 -4.95 -23.03 -3.70
N LYS B 276 -6.19 -23.19 -4.16
CA LYS B 276 -6.53 -23.15 -5.58
C LYS B 276 -5.69 -24.16 -6.39
N SER B 277 -5.87 -25.43 -6.05
CA SER B 277 -5.21 -26.52 -6.77
C SER B 277 -5.90 -27.82 -6.45
N PHE B 278 -5.96 -28.70 -7.45
CA PHE B 278 -6.58 -30.02 -7.27
C PHE B 278 -5.66 -31.02 -6.60
N GLU B 279 -4.37 -30.75 -6.50
CA GLU B 279 -3.41 -31.67 -5.93
C GLU B 279 -2.71 -31.01 -4.74
N ILE B 280 -2.45 -31.81 -3.70
CA ILE B 280 -1.83 -31.33 -2.48
C ILE B 280 -0.68 -32.26 -2.14
N ASP B 281 0.47 -31.70 -1.81
CA ASP B 281 1.61 -32.49 -1.39
C ASP B 281 1.49 -32.88 0.09
N LYS B 282 2.27 -33.89 0.48
CA LYS B 282 2.24 -34.37 1.85
C LYS B 282 2.67 -33.27 2.81
N GLY B 283 1.91 -33.11 3.89
CA GLY B 283 2.25 -32.14 4.91
C GLY B 283 1.04 -31.72 5.71
N ILE B 284 1.25 -30.67 6.51
CA ILE B 284 0.22 -30.10 7.37
C ILE B 284 -0.01 -28.65 6.94
N TYR B 285 -1.26 -28.26 6.81
CA TYR B 285 -1.63 -26.96 6.28
C TYR B 285 -2.68 -26.31 7.16
N GLN B 286 -2.52 -25.00 7.38
CA GLN B 286 -3.55 -24.22 8.05
C GLN B 286 -4.76 -24.05 7.14
N THR B 287 -5.94 -24.21 7.71
CA THR B 287 -7.19 -23.97 7.03
C THR B 287 -7.95 -22.86 7.76
N SER B 288 -9.17 -22.59 7.32
CA SER B 288 -9.96 -21.53 7.92
C SER B 288 -10.30 -21.88 9.37
N ASN B 289 -10.53 -20.84 10.17
CA ASN B 289 -10.88 -21.03 11.57
C ASN B 289 -12.24 -21.71 11.68
N PHE B 290 -12.45 -22.40 12.79
CA PHE B 290 -13.66 -23.19 12.98
C PHE B 290 -14.90 -22.31 12.81
N ARG B 291 -15.83 -22.78 11.99
CA ARG B 291 -16.99 -21.99 11.57
C ARG B 291 -18.26 -22.57 12.16
N VAL B 292 -19.17 -21.67 12.55
CA VAL B 292 -20.48 -22.04 13.08
C VAL B 292 -21.53 -21.16 12.40
N VAL B 293 -22.66 -21.77 12.04
CA VAL B 293 -23.73 -21.03 11.37
C VAL B 293 -24.89 -20.84 12.33
N PRO B 294 -25.65 -19.75 12.21
CA PRO B 294 -26.75 -19.50 13.15
C PRO B 294 -27.87 -20.51 13.00
N SER B 295 -28.59 -20.72 14.10
CA SER B 295 -29.71 -21.66 14.13
C SER B 295 -30.88 -21.05 14.91
N GLY B 296 -31.16 -19.78 14.66
CA GLY B 296 -32.26 -19.12 15.34
C GLY B 296 -32.40 -17.69 14.85
N ASP B 297 -33.39 -17.00 15.41
CA ASP B 297 -33.69 -15.63 15.02
C ASP B 297 -34.31 -14.90 16.20
N VAL B 298 -33.76 -13.73 16.52
CA VAL B 298 -34.20 -12.92 17.64
C VAL B 298 -34.48 -11.50 17.14
N VAL B 299 -35.65 -10.98 17.47
CA VAL B 299 -36.02 -9.60 17.16
C VAL B 299 -36.52 -8.95 18.43
N ARG B 300 -35.92 -7.81 18.80
CA ARG B 300 -36.30 -7.11 20.03
C ARG B 300 -36.52 -5.64 19.73
N PHE B 301 -37.77 -5.20 19.79
CA PHE B 301 -38.17 -3.81 19.68
C PHE B 301 -38.86 -3.39 20.98
N PRO B 302 -39.02 -2.08 21.20
CA PRO B 302 -39.69 -1.62 22.42
C PRO B 302 -41.19 -1.85 22.35
N ASN B 303 -41.84 -1.73 23.51
CA ASN B 303 -43.29 -1.84 23.60
C ASN B 303 -43.93 -0.60 23.01
N ILE B 304 -44.60 -0.74 21.86
CA ILE B 304 -45.26 0.37 21.20
C ILE B 304 -46.62 -0.09 20.73
N THR B 305 -47.63 0.74 20.94
CA THR B 305 -49.01 0.42 20.57
C THR B 305 -49.62 1.41 19.59
N ASN B 306 -49.38 2.71 19.76
CA ASN B 306 -50.04 3.72 18.96
C ASN B 306 -49.36 3.89 17.60
N LEU B 307 -50.18 4.18 16.60
CA LEU B 307 -49.69 4.58 15.28
C LEU B 307 -49.28 6.05 15.31
N CYS B 308 -48.24 6.38 14.55
CA CYS B 308 -47.73 7.74 14.53
C CYS B 308 -48.78 8.70 13.95
N PRO B 309 -48.70 9.99 14.30
CA PRO B 309 -49.77 10.96 13.95
C PRO B 309 -49.67 11.45 12.51
N PHE B 310 -49.75 10.51 11.56
CA PHE B 310 -49.74 10.88 10.16
C PHE B 310 -50.88 11.85 9.83
N GLY B 311 -52.07 11.58 10.38
CA GLY B 311 -53.19 12.47 10.12
C GLY B 311 -52.93 13.88 10.61
N GLU B 312 -52.46 14.01 11.86
CA GLU B 312 -52.19 15.33 12.41
C GLU B 312 -51.15 16.08 11.59
N VAL B 313 -50.09 15.40 11.18
CA VAL B 313 -48.99 16.09 10.50
C VAL B 313 -49.39 16.44 9.06
N PHE B 314 -49.79 15.44 8.27
CA PHE B 314 -49.98 15.64 6.84
C PHE B 314 -51.37 16.10 6.45
N ASN B 315 -52.33 16.13 7.39
CA ASN B 315 -53.70 16.52 7.08
C ASN B 315 -54.15 17.70 7.92
N ALA B 316 -53.22 18.44 8.52
CA ALA B 316 -53.59 19.59 9.35
C ALA B 316 -54.32 20.63 8.51
N THR B 317 -55.29 21.30 9.13
CA THR B 317 -56.05 22.32 8.42
C THR B 317 -55.17 23.50 8.02
N LYS B 318 -54.26 23.92 8.90
CA LYS B 318 -53.46 25.11 8.69
C LYS B 318 -51.98 24.76 8.67
N PHE B 319 -51.23 25.48 7.85
CA PHE B 319 -49.78 25.38 7.78
C PHE B 319 -49.15 26.75 7.99
N PRO B 320 -47.95 26.82 8.55
CA PRO B 320 -47.33 28.12 8.83
C PRO B 320 -46.54 28.67 7.64
N SER B 321 -46.28 29.97 7.71
CA SER B 321 -45.39 30.60 6.75
C SER B 321 -43.97 30.09 6.90
N VAL B 322 -43.24 30.07 5.78
CA VAL B 322 -41.89 29.49 5.79
C VAL B 322 -41.00 30.23 6.77
N TYR B 323 -41.05 31.57 6.75
CA TYR B 323 -40.20 32.34 7.65
C TYR B 323 -40.49 32.01 9.11
N ALA B 324 -41.68 31.49 9.42
CA ALA B 324 -42.04 31.06 10.75
C ALA B 324 -42.34 29.56 10.80
N TRP B 325 -41.52 28.77 10.10
CA TRP B 325 -41.73 27.32 10.06
C TRP B 325 -41.87 26.75 11.47
N GLU B 326 -42.65 25.67 11.60
CA GLU B 326 -42.96 25.11 12.91
C GLU B 326 -42.40 23.70 13.05
N ARG B 327 -42.09 23.32 14.29
CA ARG B 327 -41.43 22.06 14.61
C ARG B 327 -42.26 21.27 15.61
N LYS B 328 -42.30 19.95 15.44
CA LYS B 328 -43.09 19.07 16.29
C LYS B 328 -42.31 17.79 16.60
N ARG B 329 -42.33 17.39 17.87
CA ARG B 329 -41.64 16.18 18.31
C ARG B 329 -42.50 14.95 18.04
N ILE B 330 -41.86 13.84 17.66
CA ILE B 330 -42.55 12.57 17.42
C ILE B 330 -41.90 11.52 18.30
N SER B 331 -42.73 10.78 19.06
CA SER B 331 -42.19 9.75 19.94
C SER B 331 -43.27 8.75 20.30
N ASN B 332 -42.84 7.52 20.60
CA ASN B 332 -43.71 6.47 21.12
C ASN B 332 -44.85 6.14 20.16
N CYS B 333 -44.48 5.72 18.95
CA CYS B 333 -45.47 5.36 17.95
C CYS B 333 -44.83 4.46 16.90
N VAL B 334 -45.68 3.82 16.09
CA VAL B 334 -45.26 2.92 15.03
C VAL B 334 -45.33 3.67 13.70
N ALA B 335 -44.23 3.67 12.97
CA ALA B 335 -44.13 4.40 11.70
C ALA B 335 -44.49 3.49 10.53
N ASP B 336 -45.78 3.18 10.44
CA ASP B 336 -46.31 2.35 9.35
C ASP B 336 -46.87 3.29 8.28
N TYR B 337 -45.98 3.78 7.42
CA TYR B 337 -46.33 4.83 6.47
C TYR B 337 -47.22 4.33 5.34
N SER B 338 -47.38 3.02 5.17
CA SER B 338 -48.23 2.51 4.09
C SER B 338 -49.66 3.03 4.20
N VAL B 339 -50.10 3.41 5.39
CA VAL B 339 -51.46 3.94 5.56
C VAL B 339 -51.65 5.20 4.72
N LEU B 340 -50.58 5.90 4.38
CA LEU B 340 -50.70 7.09 3.56
C LEU B 340 -51.08 6.77 2.11
N TYR B 341 -50.83 5.54 1.66
CA TYR B 341 -50.99 5.23 0.25
C TYR B 341 -52.40 5.53 -0.26
N ASN B 342 -53.40 5.45 0.60
CA ASN B 342 -54.78 5.62 0.18
C ASN B 342 -55.26 7.07 0.25
N SER B 343 -54.45 8.00 0.74
CA SER B 343 -54.92 9.36 0.97
C SER B 343 -54.01 10.46 0.46
N THR B 344 -52.73 10.19 0.20
CA THR B 344 -51.77 11.25 -0.12
C THR B 344 -50.94 10.86 -1.33
N SER B 345 -50.54 11.87 -2.10
CA SER B 345 -49.65 11.72 -3.24
C SER B 345 -48.59 12.81 -3.16
N PHE B 346 -47.32 12.42 -3.18
CA PHE B 346 -46.21 13.32 -2.93
C PHE B 346 -45.48 13.60 -4.24
N SER B 347 -45.37 14.88 -4.60
CA SER B 347 -44.55 15.25 -5.74
C SER B 347 -43.07 15.03 -5.46
N THR B 348 -42.62 15.34 -4.26
CA THR B 348 -41.21 15.21 -3.89
C THR B 348 -41.08 14.32 -2.66
N PHE B 349 -40.16 13.35 -2.74
CA PHE B 349 -39.81 12.51 -1.59
C PHE B 349 -38.36 12.11 -1.74
N LYS B 350 -37.50 12.60 -0.85
CA LYS B 350 -36.08 12.28 -0.92
C LYS B 350 -35.50 12.09 0.48
N CYS B 351 -34.70 11.05 0.66
CA CYS B 351 -34.15 10.71 1.96
C CYS B 351 -32.62 10.74 1.93
N TYR B 352 -32.03 11.17 3.05
CA TYR B 352 -30.59 11.36 3.20
C TYR B 352 -30.11 10.57 4.41
N GLY B 353 -29.04 9.80 4.22
CA GLY B 353 -28.44 9.02 5.27
C GLY B 353 -29.00 7.62 5.44
N VAL B 354 -29.98 7.23 4.62
CA VAL B 354 -30.64 5.94 4.77
C VAL B 354 -31.35 5.63 3.46
N SER B 355 -31.44 4.35 3.13
CA SER B 355 -32.11 3.91 1.92
C SER B 355 -33.61 3.79 2.15
N ALA B 356 -34.39 4.27 1.19
CA ALA B 356 -35.85 4.29 1.34
C ALA B 356 -36.41 2.90 1.55
N THR B 357 -35.72 1.86 1.06
CA THR B 357 -36.22 0.50 1.19
C THR B 357 -35.88 -0.13 2.53
N LYS B 358 -35.09 0.53 3.38
CA LYS B 358 -34.80 0.03 4.72
C LYS B 358 -35.68 0.64 5.80
N LEU B 359 -36.50 1.63 5.47
CA LEU B 359 -37.23 2.38 6.49
C LEU B 359 -38.10 1.47 7.34
N ASN B 360 -38.65 0.40 6.77
CA ASN B 360 -39.55 -0.47 7.51
C ASN B 360 -38.84 -1.35 8.54
N ASP B 361 -37.51 -1.43 8.50
CA ASP B 361 -36.77 -2.35 9.35
C ASP B 361 -36.00 -1.66 10.47
N LEU B 362 -36.22 -0.37 10.69
CA LEU B 362 -35.37 0.42 11.59
C LEU B 362 -36.19 1.04 12.72
N CYS B 363 -35.46 1.52 13.72
CA CYS B 363 -36.00 2.39 14.77
C CYS B 363 -35.23 3.71 14.74
N PHE B 364 -35.95 4.80 14.92
CA PHE B 364 -35.41 6.15 14.77
C PHE B 364 -35.36 6.86 16.11
N SER B 365 -34.29 7.61 16.35
CA SER B 365 -34.09 8.34 17.59
C SER B 365 -34.26 9.84 17.36
N ASN B 366 -34.91 10.51 18.31
CA ASN B 366 -34.96 11.98 18.36
C ASN B 366 -35.57 12.55 17.07
N VAL B 367 -36.84 12.23 16.88
CA VAL B 367 -37.55 12.50 15.64
C VAL B 367 -38.30 13.82 15.75
N TYR B 368 -38.08 14.70 14.77
CA TYR B 368 -38.82 15.95 14.65
C TYR B 368 -39.39 16.07 13.25
N ALA B 369 -40.47 16.83 13.14
CA ALA B 369 -41.09 17.14 11.85
C ALA B 369 -41.27 18.65 11.74
N ASP B 370 -40.76 19.22 10.66
CA ASP B 370 -40.89 20.65 10.40
C ASP B 370 -41.86 20.89 9.26
N SER B 371 -42.71 21.89 9.41
CA SER B 371 -43.76 22.19 8.45
C SER B 371 -43.76 23.67 8.08
N PHE B 372 -44.09 23.91 6.80
CA PHE B 372 -44.21 25.24 6.22
C PHE B 372 -44.69 25.16 4.77
N VAL B 373 -44.90 26.31 4.12
CA VAL B 373 -45.40 26.38 2.75
C VAL B 373 -44.47 27.26 1.92
N VAL B 374 -44.17 26.84 0.69
CA VAL B 374 -43.34 27.59 -0.23
C VAL B 374 -43.98 27.58 -1.61
N LYS B 375 -43.35 28.29 -2.55
CA LYS B 375 -43.76 28.34 -3.94
C LYS B 375 -43.24 27.10 -4.69
N GLY B 376 -43.81 26.87 -5.88
CA GLY B 376 -43.40 25.73 -6.67
C GLY B 376 -41.94 25.77 -7.07
N ASP B 377 -41.46 26.94 -7.49
CA ASP B 377 -40.07 27.07 -7.90
C ASP B 377 -39.10 27.01 -6.73
N ASP B 378 -39.58 27.20 -5.51
CA ASP B 378 -38.72 27.24 -4.34
C ASP B 378 -38.48 25.87 -3.70
N VAL B 379 -39.27 24.85 -4.09
CA VAL B 379 -39.13 23.54 -3.46
C VAL B 379 -37.72 23.00 -3.64
N ARG B 380 -37.13 23.22 -4.83
CA ARG B 380 -35.79 22.73 -5.09
C ARG B 380 -34.77 23.26 -4.08
N GLN B 381 -35.06 24.39 -3.44
CA GLN B 381 -34.11 24.98 -2.48
C GLN B 381 -34.09 24.24 -1.14
N ILE B 382 -35.06 23.37 -0.87
CA ILE B 382 -35.11 22.66 0.41
C ILE B 382 -34.27 21.41 0.23
N ALA B 383 -32.95 21.57 0.38
CA ALA B 383 -31.99 20.49 0.22
C ALA B 383 -30.63 20.98 0.71
N PRO B 384 -29.77 20.08 1.18
CA PRO B 384 -28.47 20.54 1.69
C PRO B 384 -27.66 21.26 0.62
N GLY B 385 -26.94 22.30 1.04
CA GLY B 385 -26.03 23.00 0.16
C GLY B 385 -26.67 23.77 -0.97
N GLN B 386 -27.82 24.40 -0.73
CA GLN B 386 -28.48 25.22 -1.72
C GLN B 386 -28.31 26.69 -1.40
N THR B 387 -28.55 27.53 -2.40
CA THR B 387 -28.59 28.98 -2.24
C THR B 387 -29.89 29.51 -2.83
N GLY B 388 -30.15 30.78 -2.60
CA GLY B 388 -31.41 31.39 -2.94
C GLY B 388 -32.04 32.06 -1.73
N VAL B 389 -33.17 32.73 -1.99
CA VAL B 389 -33.79 33.53 -0.94
C VAL B 389 -34.25 32.66 0.22
N ILE B 390 -34.90 31.54 -0.08
CA ILE B 390 -35.41 30.68 0.97
C ILE B 390 -34.26 30.08 1.78
N ALA B 391 -33.30 29.46 1.09
CA ALA B 391 -32.19 28.82 1.78
C ALA B 391 -31.29 29.81 2.51
N ASP B 392 -31.30 31.08 2.12
CA ASP B 392 -30.46 32.08 2.75
C ASP B 392 -31.12 32.73 3.95
N TYR B 393 -32.40 33.07 3.87
CA TYR B 393 -33.04 33.89 4.88
C TYR B 393 -34.20 33.25 5.60
N ASN B 394 -34.67 32.06 5.20
CA ASN B 394 -35.89 31.51 5.76
C ASN B 394 -35.69 30.15 6.42
N TYR B 395 -35.05 29.20 5.75
CA TYR B 395 -34.93 27.84 6.29
C TYR B 395 -33.75 27.17 5.62
N LYS B 396 -32.81 26.68 6.41
CA LYS B 396 -31.61 26.02 5.90
C LYS B 396 -31.41 24.67 6.58
N LEU B 397 -31.00 23.67 5.78
CA LEU B 397 -30.67 22.35 6.31
C LEU B 397 -29.17 22.23 6.54
N PRO B 398 -28.74 21.42 7.51
CA PRO B 398 -27.30 21.24 7.74
C PRO B 398 -26.64 20.44 6.62
N ASP B 399 -25.32 20.60 6.52
CA ASP B 399 -24.57 19.90 5.47
C ASP B 399 -24.60 18.39 5.66
N ASP B 400 -24.62 17.92 6.91
CA ASP B 400 -24.66 16.49 7.23
C ASP B 400 -26.06 16.05 7.62
N PHE B 401 -27.07 16.58 6.93
CA PHE B 401 -28.45 16.28 7.25
C PHE B 401 -28.75 14.79 7.13
N MET B 402 -29.54 14.28 8.06
CA MET B 402 -30.07 12.92 8.01
C MET B 402 -31.57 12.99 8.20
N GLY B 403 -32.32 12.44 7.25
CA GLY B 403 -33.77 12.54 7.35
C GLY B 403 -34.42 12.37 5.99
N CYS B 404 -35.59 12.99 5.84
CA CYS B 404 -36.32 12.93 4.58
C CYS B 404 -37.08 14.23 4.36
N VAL B 405 -37.34 14.52 3.08
CA VAL B 405 -38.02 15.73 2.64
C VAL B 405 -39.19 15.31 1.78
N LEU B 406 -40.39 15.83 2.08
CA LEU B 406 -41.61 15.50 1.37
C LEU B 406 -42.31 16.78 0.97
N ALA B 407 -42.92 16.80 -0.21
CA ALA B 407 -43.64 17.99 -0.67
C ALA B 407 -44.75 17.60 -1.63
N TRP B 408 -45.87 18.31 -1.55
CA TRP B 408 -47.00 18.03 -2.43
C TRP B 408 -47.76 19.32 -2.75
N ASN B 409 -48.39 19.31 -3.93
CA ASN B 409 -49.14 20.46 -4.43
C ASN B 409 -50.45 20.64 -3.67
N THR B 410 -50.78 21.89 -3.36
CA THR B 410 -52.01 22.21 -2.63
C THR B 410 -52.69 23.43 -3.22
N ARG B 411 -52.79 23.48 -4.55
CA ARG B 411 -53.45 24.61 -5.20
C ARG B 411 -54.90 24.73 -4.76
N ASN B 412 -55.63 23.61 -4.78
CA ASN B 412 -57.05 23.65 -4.47
C ASN B 412 -57.31 24.13 -3.05
N ILE B 413 -56.38 23.90 -2.13
CA ILE B 413 -56.57 24.28 -0.74
C ILE B 413 -56.08 25.69 -0.47
N ASP B 414 -54.91 26.06 -0.98
CA ASP B 414 -54.22 27.28 -0.58
C ASP B 414 -54.24 28.37 -1.63
N ALA B 415 -54.98 28.21 -2.73
CA ALA B 415 -55.09 29.24 -3.75
C ALA B 415 -56.54 29.62 -3.97
N THR B 416 -56.78 30.91 -4.20
CA THR B 416 -58.11 31.43 -4.42
C THR B 416 -58.11 32.28 -5.70
N SER B 417 -59.30 32.43 -6.28
CA SER B 417 -59.41 33.15 -7.55
C SER B 417 -58.95 34.59 -7.40
N THR B 418 -59.21 35.21 -6.25
CA THR B 418 -58.83 36.59 -6.02
C THR B 418 -57.39 36.74 -5.55
N GLY B 419 -56.74 35.65 -5.14
CA GLY B 419 -55.36 35.72 -4.70
C GLY B 419 -55.22 35.72 -3.19
N ASN B 420 -54.50 34.73 -2.67
CA ASN B 420 -54.26 34.58 -1.24
C ASN B 420 -52.86 35.06 -0.90
N TYR B 421 -52.77 36.00 0.04
CA TYR B 421 -51.51 36.64 0.40
C TYR B 421 -51.13 36.36 1.85
N ASN B 422 -51.73 35.36 2.49
CA ASN B 422 -51.48 35.10 3.90
C ASN B 422 -50.14 34.43 4.16
N TYR B 423 -49.55 33.78 3.15
CA TYR B 423 -48.25 33.14 3.32
C TYR B 423 -47.14 34.10 2.92
N LYS B 424 -46.11 34.18 3.75
CA LYS B 424 -45.08 35.20 3.61
C LYS B 424 -43.69 34.59 3.73
N TYR B 425 -42.71 35.33 3.24
CA TYR B 425 -41.30 34.96 3.37
C TYR B 425 -40.45 36.21 3.50
N ARG B 426 -39.27 36.05 4.07
CA ARG B 426 -38.33 37.14 4.25
C ARG B 426 -37.42 37.24 3.03
N TYR B 427 -37.25 38.46 2.51
CA TYR B 427 -36.39 38.67 1.34
C TYR B 427 -35.29 39.70 1.57
N LEU B 428 -35.15 40.24 2.79
CA LEU B 428 -34.06 41.14 3.13
C LEU B 428 -33.51 40.75 4.50
N ARG B 429 -32.18 40.71 4.62
CA ARG B 429 -31.57 40.34 5.88
C ARG B 429 -30.08 40.64 5.82
N HIS B 430 -29.49 40.93 6.98
CA HIS B 430 -28.05 41.12 7.11
C HIS B 430 -27.44 39.78 7.52
N GLY B 431 -26.91 39.05 6.54
CA GLY B 431 -26.30 37.76 6.80
C GLY B 431 -27.26 36.60 6.57
N LYS B 432 -26.68 35.41 6.56
CA LYS B 432 -27.41 34.18 6.25
C LYS B 432 -27.71 33.40 7.53
N LEU B 433 -28.80 32.65 7.50
CA LEU B 433 -29.18 31.82 8.63
C LEU B 433 -28.26 30.62 8.77
N ARG B 434 -28.07 30.17 10.00
CA ARG B 434 -27.41 28.91 10.28
C ARG B 434 -28.43 27.77 10.26
N PRO B 435 -27.96 26.52 10.14
CA PRO B 435 -28.91 25.40 9.99
C PRO B 435 -29.90 25.33 11.13
N PHE B 436 -31.16 25.04 10.77
CA PHE B 436 -32.25 24.89 11.74
C PHE B 436 -32.39 26.12 12.63
N GLU B 437 -32.20 27.30 12.05
CA GLU B 437 -32.40 28.57 12.73
C GLU B 437 -33.61 29.26 12.14
N ARG B 438 -34.37 29.95 13.00
CA ARG B 438 -35.52 30.72 12.54
C ARG B 438 -35.41 32.15 13.04
N ASP B 439 -35.92 33.08 12.24
CA ASP B 439 -35.93 34.49 12.56
C ASP B 439 -37.33 35.02 12.30
N ILE B 440 -38.00 35.47 13.36
CA ILE B 440 -39.38 35.93 13.26
C ILE B 440 -39.51 37.40 13.64
N SER B 441 -38.41 38.16 13.59
CA SER B 441 -38.49 39.59 13.81
C SER B 441 -39.10 40.30 12.61
N ASN B 442 -39.58 41.52 12.83
CA ASN B 442 -40.19 42.33 11.78
C ASN B 442 -39.68 43.77 11.86
N VAL B 443 -38.37 43.92 11.99
CA VAL B 443 -37.76 45.25 12.10
C VAL B 443 -37.58 45.83 10.70
N PRO B 444 -37.95 47.10 10.48
CA PRO B 444 -37.73 47.69 9.15
C PRO B 444 -36.25 47.67 8.76
N PHE B 445 -36.01 47.51 7.47
CA PHE B 445 -34.69 47.20 6.94
C PHE B 445 -34.07 48.31 6.11
N SER B 446 -32.78 48.59 6.36
CA SER B 446 -32.01 49.53 5.55
C SER B 446 -30.64 48.94 5.29
N SER B 447 -30.14 49.12 4.06
CA SER B 447 -28.84 48.57 3.70
C SER B 447 -27.74 49.16 4.57
N ASP B 448 -27.86 50.44 4.92
CA ASP B 448 -26.85 51.08 5.76
C ASP B 448 -26.71 50.40 7.11
N GLY B 449 -27.73 49.71 7.58
CA GLY B 449 -27.69 49.03 8.85
C GLY B 449 -28.17 49.84 10.04
N LYS B 450 -28.54 51.11 9.83
CA LYS B 450 -29.00 51.94 10.92
C LYS B 450 -30.52 51.93 11.00
N PRO B 451 -31.11 52.17 12.18
CA PRO B 451 -32.57 52.18 12.28
C PRO B 451 -33.18 53.22 11.38
N CYS B 452 -34.33 52.88 10.81
CA CYS B 452 -35.06 53.77 9.91
C CYS B 452 -36.56 53.64 10.18
N THR B 453 -37.31 54.61 9.68
CA THR B 453 -38.76 54.60 9.78
C THR B 453 -39.37 54.20 8.44
N PRO B 454 -40.38 53.34 8.42
CA PRO B 454 -40.83 52.74 7.15
C PRO B 454 -41.10 53.78 6.09
N PRO B 455 -41.75 54.90 6.41
CA PRO B 455 -41.99 55.90 5.35
C PRO B 455 -40.79 56.82 5.14
N ALA B 456 -39.76 56.27 4.49
CA ALA B 456 -38.53 57.00 4.24
C ALA B 456 -37.76 56.27 3.15
N PRO B 457 -36.90 56.97 2.40
CA PRO B 457 -36.12 56.30 1.37
C PRO B 457 -35.13 55.31 1.95
N ASN B 458 -34.86 54.25 1.18
CA ASN B 458 -33.91 53.21 1.58
C ASN B 458 -34.33 52.56 2.91
N CYS B 459 -35.63 52.38 3.10
CA CYS B 459 -36.16 51.68 4.27
C CYS B 459 -37.34 50.84 3.82
N TYR B 460 -37.24 49.52 4.03
CA TYR B 460 -38.25 48.57 3.55
C TYR B 460 -38.67 47.63 4.66
N TRP B 461 -39.92 47.17 4.58
CA TRP B 461 -40.37 46.07 5.41
C TRP B 461 -39.76 44.76 4.89
N PRO B 462 -39.16 43.94 5.75
CA PRO B 462 -38.39 42.79 5.24
C PRO B 462 -39.22 41.58 4.83
N LEU B 463 -40.52 41.56 5.12
CA LEU B 463 -41.36 40.40 4.83
C LEU B 463 -42.26 40.70 3.63
N ARG B 464 -42.39 39.72 2.74
CA ARG B 464 -43.17 39.85 1.52
C ARG B 464 -44.18 38.71 1.45
N GLY B 465 -45.28 38.96 0.76
CA GLY B 465 -46.37 38.00 0.67
C GLY B 465 -46.41 37.28 -0.66
N TYR B 466 -46.50 35.96 -0.60
CA TYR B 466 -46.75 35.17 -1.80
C TYR B 466 -48.11 35.52 -2.38
N GLY B 467 -48.20 35.54 -3.71
CA GLY B 467 -49.46 35.70 -4.39
C GLY B 467 -49.90 34.40 -5.04
N PHE B 468 -50.86 33.70 -4.42
CA PHE B 468 -51.30 32.39 -4.91
C PHE B 468 -52.68 32.55 -5.55
N TYR B 469 -52.72 32.45 -6.87
CA TYR B 469 -53.96 32.55 -7.64
C TYR B 469 -54.31 31.19 -8.22
N THR B 470 -55.61 30.96 -8.41
CA THR B 470 -56.06 29.71 -8.99
C THR B 470 -55.54 29.53 -10.42
N THR B 471 -55.35 30.62 -11.15
CA THR B 471 -54.94 30.57 -12.55
C THR B 471 -53.43 30.66 -12.74
N SER B 472 -52.65 30.60 -11.66
CA SER B 472 -51.21 30.74 -11.76
C SER B 472 -50.59 29.51 -12.42
N GLY B 473 -49.39 29.70 -12.96
CA GLY B 473 -48.63 28.59 -13.49
C GLY B 473 -48.06 27.73 -12.38
N ILE B 474 -47.59 26.54 -12.77
CA ILE B 474 -47.15 25.56 -11.78
C ILE B 474 -46.02 26.11 -10.93
N GLY B 475 -45.13 26.89 -11.53
CA GLY B 475 -44.02 27.46 -10.78
C GLY B 475 -44.44 28.44 -9.70
N TYR B 476 -45.65 29.00 -9.80
CA TYR B 476 -46.17 29.96 -8.84
C TYR B 476 -47.37 29.40 -8.07
N GLN B 477 -47.42 28.08 -7.89
CA GLN B 477 -48.50 27.47 -7.13
C GLN B 477 -48.00 27.02 -5.76
N PRO B 478 -48.87 27.01 -4.75
CA PRO B 478 -48.41 26.65 -3.40
C PRO B 478 -48.11 25.18 -3.26
N TYR B 479 -47.10 24.86 -2.46
CA TYR B 479 -46.75 23.50 -2.11
C TYR B 479 -46.59 23.41 -0.60
N ARG B 480 -47.07 22.31 -0.02
CA ARG B 480 -46.85 22.03 1.39
C ARG B 480 -45.67 21.08 1.53
N VAL B 481 -44.81 21.38 2.50
CA VAL B 481 -43.53 20.69 2.69
C VAL B 481 -43.45 20.19 4.12
N VAL B 482 -42.92 18.98 4.29
CA VAL B 482 -42.64 18.40 5.60
C VAL B 482 -41.23 17.83 5.58
N VAL B 483 -40.43 18.20 6.58
CA VAL B 483 -39.05 17.75 6.71
C VAL B 483 -38.94 16.94 8.00
N LEU B 484 -38.52 15.68 7.88
CA LEU B 484 -38.33 14.79 9.02
C LEU B 484 -36.84 14.64 9.26
N SER B 485 -36.44 14.76 10.53
CA SER B 485 -35.04 14.59 10.94
C SER B 485 -34.98 13.59 12.09
N PHE B 486 -33.89 12.83 12.15
CA PHE B 486 -33.73 11.79 13.16
C PHE B 486 -32.29 11.31 13.15
N GLU B 487 -31.99 10.38 14.07
CA GLU B 487 -30.69 9.73 14.16
C GLU B 487 -30.91 8.22 14.21
N LEU B 488 -29.87 7.47 13.87
CA LEU B 488 -30.00 6.03 13.67
C LEU B 488 -28.92 5.25 14.41
N LEU B 489 -29.36 4.22 15.15
CA LEU B 489 -28.48 3.14 15.62
C LEU B 489 -27.33 3.65 16.49
N ASN B 490 -27.59 4.67 17.30
CA ASN B 490 -26.57 5.16 18.21
C ASN B 490 -27.09 5.55 19.59
N ALA B 491 -28.38 5.45 19.85
CA ALA B 491 -28.96 5.97 21.08
C ALA B 491 -30.34 5.36 21.26
N PRO B 492 -30.99 5.57 22.41
CA PRO B 492 -32.32 5.02 22.62
C PRO B 492 -33.32 5.57 21.60
N ALA B 493 -34.32 4.75 21.28
CA ALA B 493 -35.34 5.11 20.30
C ALA B 493 -36.70 4.65 20.78
N THR B 494 -37.74 5.38 20.37
CA THR B 494 -39.12 5.02 20.70
C THR B 494 -40.06 5.12 19.50
N VAL B 495 -39.53 5.30 18.30
CA VAL B 495 -40.30 5.24 17.06
C VAL B 495 -39.72 4.12 16.22
N CYS B 496 -40.58 3.22 15.75
CA CYS B 496 -40.11 2.04 15.06
C CYS B 496 -41.07 1.65 13.95
N GLY B 497 -40.56 0.88 12.99
CA GLY B 497 -41.39 0.34 11.94
C GLY B 497 -42.20 -0.84 12.42
N PRO B 498 -43.19 -1.23 11.62
CA PRO B 498 -44.06 -2.34 12.03
C PRO B 498 -43.35 -3.69 11.94
N LYS B 499 -43.00 -4.25 13.09
CA LYS B 499 -42.30 -5.53 13.12
C LYS B 499 -42.74 -6.30 14.34
N LEU B 500 -42.63 -7.63 14.27
CA LEU B 500 -43.03 -8.52 15.34
C LEU B 500 -41.80 -8.94 16.13
N SER B 501 -41.82 -8.69 17.44
CA SER B 501 -40.73 -9.11 18.30
C SER B 501 -40.90 -10.57 18.70
N THR B 502 -39.77 -11.23 18.97
CA THR B 502 -39.76 -12.63 19.38
C THR B 502 -39.16 -12.73 20.77
N ASP B 503 -38.94 -13.97 21.22
CA ASP B 503 -38.35 -14.21 22.52
C ASP B 503 -36.82 -14.10 22.43
N LEU B 504 -36.19 -14.11 23.60
CA LEU B 504 -34.75 -13.95 23.72
C LEU B 504 -34.11 -15.34 23.84
N ILE B 505 -33.19 -15.65 22.93
CA ILE B 505 -32.45 -16.90 22.94
C ILE B 505 -31.01 -16.61 23.35
N LYS B 506 -30.50 -17.41 24.29
CA LYS B 506 -29.19 -17.15 24.88
C LYS B 506 -28.32 -18.40 24.77
N ASN B 507 -27.00 -18.17 24.73
CA ASN B 507 -26.01 -19.24 24.61
C ASN B 507 -26.23 -20.06 23.34
N GLN B 508 -26.41 -19.34 22.22
CA GLN B 508 -26.64 -20.00 20.94
C GLN B 508 -26.43 -19.04 19.79
N CYS B 509 -25.72 -19.47 18.75
CA CYS B 509 -25.45 -18.60 17.60
C CYS B 509 -26.75 -18.33 16.86
N VAL B 510 -27.16 -17.05 16.80
CA VAL B 510 -28.41 -16.66 16.20
C VAL B 510 -28.20 -15.37 15.39
N ASN B 511 -29.12 -15.15 14.45
CA ASN B 511 -29.31 -13.82 13.89
C ASN B 511 -30.12 -12.99 14.85
N PHE B 512 -29.73 -11.73 15.02
CA PHE B 512 -30.40 -10.85 15.97
C PHE B 512 -30.66 -9.50 15.33
N ASN B 513 -31.71 -8.84 15.82
CA ASN B 513 -32.07 -7.48 15.41
C ASN B 513 -32.55 -6.73 16.64
N PHE B 514 -31.73 -5.80 17.12
CA PHE B 514 -32.04 -4.97 18.28
C PHE B 514 -32.28 -3.54 17.81
N ASN B 515 -33.55 -3.11 17.85
CA ASN B 515 -33.92 -1.74 17.52
C ASN B 515 -33.43 -1.33 16.12
N GLY B 516 -33.27 -2.31 15.23
CA GLY B 516 -32.82 -2.07 13.87
C GLY B 516 -31.40 -2.49 13.60
N LEU B 517 -30.56 -2.61 14.62
CA LEU B 517 -29.20 -3.08 14.44
C LEU B 517 -29.21 -4.60 14.28
N THR B 518 -28.80 -5.08 13.11
CA THR B 518 -28.86 -6.49 12.77
C THR B 518 -27.47 -7.10 12.75
N GLY B 519 -27.40 -8.38 13.09
CA GLY B 519 -26.13 -9.07 13.09
C GLY B 519 -26.29 -10.54 13.41
N THR B 520 -25.16 -11.20 13.62
CA THR B 520 -25.11 -12.60 13.99
C THR B 520 -24.15 -12.79 15.16
N GLY B 521 -24.55 -13.59 16.14
CA GLY B 521 -23.68 -13.83 17.27
C GLY B 521 -24.35 -14.63 18.37
N VAL B 522 -23.67 -14.71 19.50
CA VAL B 522 -24.13 -15.40 20.69
C VAL B 522 -24.38 -14.37 21.78
N LEU B 523 -25.54 -14.43 22.42
CA LEU B 523 -25.96 -13.47 23.43
C LEU B 523 -25.86 -14.10 24.81
N THR B 524 -25.23 -13.39 25.74
CA THR B 524 -25.08 -13.85 27.11
C THR B 524 -25.42 -12.72 28.08
N PRO B 525 -25.75 -13.04 29.33
CA PRO B 525 -25.94 -11.98 30.33
C PRO B 525 -24.64 -11.26 30.62
N SER B 526 -24.74 -9.96 30.91
CA SER B 526 -23.59 -9.09 31.04
C SER B 526 -23.56 -8.45 32.43
N SER B 527 -22.35 -8.17 32.90
CA SER B 527 -22.15 -7.47 34.17
C SER B 527 -21.96 -5.97 34.00
N LYS B 528 -21.91 -5.47 32.77
CA LYS B 528 -21.78 -4.03 32.55
C LYS B 528 -23.04 -3.31 32.99
N ARG B 529 -22.88 -2.05 33.39
CA ARG B 529 -23.99 -1.21 33.86
C ARG B 529 -24.05 0.03 32.99
N PHE B 530 -25.00 0.05 32.07
CA PHE B 530 -25.20 1.22 31.22
C PHE B 530 -25.88 2.34 32.00
N GLN B 531 -25.61 3.57 31.60
CA GLN B 531 -26.37 4.70 32.09
C GLN B 531 -27.66 4.84 31.29
N PRO B 532 -28.65 5.56 31.82
CA PRO B 532 -29.95 5.62 31.14
C PRO B 532 -29.88 6.14 29.71
N PHE B 533 -28.91 7.01 29.39
CA PHE B 533 -28.82 7.59 28.07
C PHE B 533 -27.99 6.75 27.10
N GLN B 534 -27.49 5.59 27.53
CA GLN B 534 -26.67 4.73 26.69
C GLN B 534 -27.48 3.50 26.27
N GLN B 535 -27.40 3.14 24.99
CA GLN B 535 -28.09 1.98 24.45
C GLN B 535 -27.15 0.90 23.94
N PHE B 536 -25.99 1.26 23.41
CA PHE B 536 -25.04 0.30 22.85
C PHE B 536 -23.66 0.51 23.46
N GLY B 537 -22.89 -0.57 23.52
CA GLY B 537 -21.50 -0.49 23.96
C GLY B 537 -20.59 -0.97 22.84
N ARG B 538 -19.34 -0.50 22.87
CA ARG B 538 -18.40 -0.81 21.80
C ARG B 538 -17.03 -1.07 22.39
N ASP B 539 -16.26 -1.91 21.70
CA ASP B 539 -14.92 -2.28 22.11
C ASP B 539 -13.89 -1.46 21.34
N VAL B 540 -12.61 -1.77 21.55
CA VAL B 540 -11.54 -0.97 20.96
C VAL B 540 -11.52 -1.06 19.44
N SER B 541 -12.11 -2.10 18.86
CA SER B 541 -12.21 -2.24 17.42
C SER B 541 -13.47 -1.60 16.85
N ASP B 542 -14.26 -0.91 17.69
CA ASP B 542 -15.53 -0.31 17.30
C ASP B 542 -16.59 -1.36 16.97
N PHE B 543 -16.36 -2.61 17.36
CA PHE B 543 -17.35 -3.66 17.19
C PHE B 543 -18.38 -3.56 18.32
N THR B 544 -19.67 -3.68 17.97
CA THR B 544 -20.73 -3.58 18.97
C THR B 544 -20.75 -4.86 19.79
N ASP B 545 -20.34 -4.75 21.06
CA ASP B 545 -20.17 -5.93 21.90
C ASP B 545 -21.18 -6.03 23.04
N SER B 546 -22.07 -5.06 23.22
CA SER B 546 -23.07 -5.16 24.26
C SER B 546 -24.25 -4.25 23.94
N VAL B 547 -25.42 -4.63 24.44
CA VAL B 547 -26.65 -3.93 24.13
C VAL B 547 -27.63 -4.09 25.28
N ARG B 548 -28.46 -3.07 25.49
CA ARG B 548 -29.54 -3.16 26.46
C ARG B 548 -30.81 -3.62 25.77
N ASP B 549 -31.43 -4.67 26.31
CA ASP B 549 -32.66 -5.18 25.73
C ASP B 549 -33.77 -4.14 25.86
N PRO B 550 -34.48 -3.81 24.78
CA PRO B 550 -35.47 -2.72 24.86
C PRO B 550 -36.73 -3.06 25.62
N LYS B 551 -36.92 -4.31 26.05
CA LYS B 551 -38.12 -4.70 26.76
C LYS B 551 -37.90 -4.93 28.24
N THR B 552 -36.83 -5.64 28.61
CA THR B 552 -36.54 -5.93 30.01
C THR B 552 -35.46 -5.03 30.60
N SER B 553 -34.75 -4.27 29.78
CA SER B 553 -33.65 -3.40 30.22
C SER B 553 -32.46 -4.18 30.72
N GLU B 554 -32.37 -5.47 30.43
CA GLU B 554 -31.22 -6.28 30.79
C GLU B 554 -30.08 -6.03 29.81
N ILE B 555 -28.86 -5.97 30.33
CA ILE B 555 -27.67 -5.76 29.51
C ILE B 555 -27.15 -7.10 29.05
N LEU B 556 -26.91 -7.22 27.75
CA LEU B 556 -26.46 -8.47 27.12
C LEU B 556 -25.13 -8.24 26.42
N ASP B 557 -24.23 -9.21 26.56
CA ASP B 557 -22.99 -9.25 25.81
C ASP B 557 -23.20 -10.03 24.52
N ILE B 558 -22.53 -9.57 23.46
CA ILE B 558 -22.62 -10.16 22.13
C ILE B 558 -21.24 -10.68 21.76
N SER B 559 -21.16 -11.92 21.30
CA SER B 559 -19.88 -12.53 20.96
C SER B 559 -19.94 -13.17 19.59
N PRO B 560 -18.83 -13.18 18.86
CA PRO B 560 -18.81 -13.85 17.55
C PRO B 560 -19.00 -15.35 17.68
N CYS B 561 -19.46 -15.97 16.59
CA CYS B 561 -19.74 -17.39 16.55
C CYS B 561 -18.51 -18.22 16.17
N SER B 562 -17.80 -17.82 15.13
CA SER B 562 -16.64 -18.57 14.67
C SER B 562 -15.40 -18.24 15.49
N PHE B 563 -14.65 -19.29 15.86
CA PHE B 563 -13.50 -19.13 16.74
C PHE B 563 -12.72 -20.44 16.78
N GLY B 564 -11.39 -20.34 16.71
CA GLY B 564 -10.54 -21.50 16.87
C GLY B 564 -9.72 -21.87 15.66
N GLY B 565 -8.54 -22.43 15.88
CA GLY B 565 -7.62 -22.79 14.81
C GLY B 565 -7.74 -24.25 14.40
N VAL B 566 -7.68 -24.49 13.09
CA VAL B 566 -7.87 -25.81 12.51
C VAL B 566 -6.75 -26.08 11.52
N SER B 567 -6.20 -27.30 11.54
CA SER B 567 -5.15 -27.70 10.63
C SER B 567 -5.49 -29.05 10.00
N VAL B 568 -4.99 -29.27 8.79
CA VAL B 568 -5.26 -30.49 8.02
C VAL B 568 -3.94 -31.18 7.73
N ILE B 569 -3.87 -32.48 8.02
CA ILE B 569 -2.70 -33.30 7.80
C ILE B 569 -3.00 -34.30 6.69
N THR B 570 -2.16 -34.31 5.65
CA THR B 570 -2.38 -35.12 4.47
C THR B 570 -1.11 -35.86 4.09
N PRO B 571 -1.21 -37.13 3.68
CA PRO B 571 -0.05 -37.82 3.10
C PRO B 571 0.18 -37.54 1.63
N GLY B 572 -0.56 -36.61 1.04
CA GLY B 572 -0.50 -36.35 -0.38
C GLY B 572 -1.70 -36.90 -1.11
N THR B 573 -2.34 -36.09 -1.95
CA THR B 573 -3.51 -36.56 -2.68
C THR B 573 -3.14 -37.65 -3.68
N ASN B 574 -1.89 -37.66 -4.14
CA ASN B 574 -1.46 -38.74 -5.04
C ASN B 574 -1.51 -40.09 -4.35
N ALA B 575 -1.39 -40.13 -3.02
CA ALA B 575 -1.38 -41.37 -2.27
C ALA B 575 -2.72 -41.73 -1.67
N SER B 576 -3.47 -40.75 -1.15
CA SER B 576 -4.72 -41.03 -0.49
C SER B 576 -5.56 -39.77 -0.43
N SER B 577 -6.85 -39.94 -0.13
CA SER B 577 -7.76 -38.83 0.10
C SER B 577 -8.17 -38.72 1.56
N GLU B 578 -7.65 -39.58 2.43
CA GLU B 578 -7.93 -39.50 3.86
C GLU B 578 -7.01 -38.48 4.52
N VAL B 579 -7.55 -37.73 5.48
CA VAL B 579 -6.80 -36.69 6.18
C VAL B 579 -7.05 -36.82 7.68
N ALA B 580 -6.16 -36.20 8.45
CA ALA B 580 -6.36 -36.01 9.88
C ALA B 580 -6.58 -34.54 10.16
N VAL B 581 -7.40 -34.23 11.16
CA VAL B 581 -7.75 -32.85 11.47
C VAL B 581 -7.31 -32.54 12.91
N LEU B 582 -6.59 -31.44 13.06
CA LEU B 582 -6.10 -30.98 14.36
C LEU B 582 -6.86 -29.71 14.75
N TYR B 583 -7.54 -29.76 15.89
CA TYR B 583 -8.27 -28.62 16.42
C TYR B 583 -7.47 -28.04 17.58
N GLN B 584 -6.81 -26.91 17.33
CA GLN B 584 -6.24 -26.15 18.43
C GLN B 584 -7.39 -25.49 19.18
N ASP B 585 -7.25 -25.38 20.50
CA ASP B 585 -8.25 -24.77 21.36
C ASP B 585 -9.46 -25.65 21.61
N VAL B 586 -9.33 -26.97 21.49
CA VAL B 586 -10.37 -27.90 21.88
C VAL B 586 -9.72 -28.98 22.74
N ASN B 587 -10.35 -29.30 23.87
CA ASN B 587 -9.84 -30.30 24.81
C ASN B 587 -10.74 -31.53 24.76
N CYS B 588 -10.18 -32.66 24.34
CA CYS B 588 -10.91 -33.90 24.14
C CYS B 588 -10.45 -35.01 25.07
N THR B 589 -9.86 -34.67 26.22
CA THR B 589 -9.29 -35.70 27.09
C THR B 589 -10.36 -36.70 27.53
N ASP B 590 -11.53 -36.19 27.95
CA ASP B 590 -12.62 -37.04 28.39
C ASP B 590 -13.56 -37.27 27.22
N VAL B 591 -13.30 -38.32 26.45
CA VAL B 591 -14.11 -38.66 25.29
C VAL B 591 -15.22 -39.58 25.79
N SER B 592 -16.30 -38.98 26.30
CA SER B 592 -17.46 -39.71 26.78
C SER B 592 -18.70 -39.46 25.93
N THR B 593 -18.89 -38.23 25.45
CA THR B 593 -20.02 -37.93 24.58
C THR B 593 -19.78 -38.39 23.14
N LEU B 594 -18.55 -38.70 22.79
CA LEU B 594 -18.24 -39.13 21.42
C LEU B 594 -17.02 -40.06 21.42
N ALA B 603 -21.11 -31.42 22.77
CA ALA B 603 -21.15 -30.07 22.21
C ALA B 603 -19.76 -29.64 21.76
N TRP B 604 -18.92 -30.61 21.40
CA TRP B 604 -17.56 -30.30 20.98
C TRP B 604 -17.58 -29.47 19.71
N ARG B 605 -16.65 -28.53 19.62
CA ARG B 605 -16.51 -27.68 18.44
C ARG B 605 -15.57 -28.35 17.43
N ILE B 606 -16.08 -29.42 16.83
CA ILE B 606 -15.37 -30.16 15.80
C ILE B 606 -16.35 -30.42 14.66
N TYR B 607 -15.79 -30.63 13.46
CA TYR B 607 -16.64 -30.82 12.29
C TYR B 607 -17.23 -32.22 12.25
N SER B 608 -16.48 -33.22 12.71
CA SER B 608 -16.95 -34.60 12.68
C SER B 608 -16.04 -35.44 13.55
N THR B 609 -16.64 -36.35 14.30
CA THR B 609 -15.88 -37.28 15.12
C THR B 609 -15.40 -38.43 14.23
N GLY B 610 -14.90 -39.49 14.85
CA GLY B 610 -14.44 -40.64 14.09
C GLY B 610 -13.72 -41.61 15.00
N ASN B 611 -12.85 -42.41 14.39
CA ASN B 611 -12.03 -43.36 15.13
C ASN B 611 -10.73 -42.70 15.54
N ASN B 612 -10.27 -43.03 16.75
CA ASN B 612 -8.97 -42.57 17.24
C ASN B 612 -8.96 -41.07 17.52
N VAL B 613 -10.06 -40.55 18.05
CA VAL B 613 -10.07 -39.18 18.55
C VAL B 613 -9.31 -39.14 19.86
N PHE B 614 -8.30 -38.26 19.95
CA PHE B 614 -7.58 -38.18 21.22
C PHE B 614 -6.85 -36.84 21.32
N GLN B 615 -6.46 -36.52 22.55
CA GLN B 615 -5.82 -35.24 22.85
C GLN B 615 -4.31 -35.37 22.80
N THR B 616 -3.66 -34.32 22.28
CA THR B 616 -2.22 -34.22 22.24
C THR B 616 -1.83 -32.83 22.71
N GLN B 617 -0.52 -32.64 22.92
CA GLN B 617 -0.04 -31.35 23.43
C GLN B 617 -0.36 -30.21 22.46
N ALA B 618 -0.68 -30.51 21.20
CA ALA B 618 -1.00 -29.50 20.22
C ALA B 618 -2.50 -29.33 20.00
N GLY B 619 -3.35 -30.10 20.69
CA GLY B 619 -4.78 -29.93 20.58
C GLY B 619 -5.47 -31.26 20.38
N CYS B 620 -6.72 -31.20 19.94
CA CYS B 620 -7.53 -32.40 19.74
C CYS B 620 -7.30 -32.93 18.33
N LEU B 621 -6.82 -34.17 18.23
CA LEU B 621 -6.48 -34.78 16.95
C LEU B 621 -7.53 -35.84 16.61
N ILE B 622 -8.07 -35.77 15.40
CA ILE B 622 -9.12 -36.66 14.93
C ILE B 622 -8.70 -37.27 13.60
N GLY B 623 -8.71 -38.59 13.53
CA GLY B 623 -8.41 -39.30 12.30
C GLY B 623 -7.04 -39.94 12.23
N ALA B 624 -6.31 -40.01 13.34
CA ALA B 624 -4.99 -40.60 13.37
C ALA B 624 -4.89 -41.62 14.51
N GLU B 625 -4.09 -42.65 14.30
CA GLU B 625 -3.89 -43.69 15.29
C GLU B 625 -2.62 -43.40 16.10
N HIS B 626 -2.73 -43.56 17.42
CA HIS B 626 -1.62 -43.29 18.31
C HIS B 626 -0.74 -44.54 18.44
N VAL B 627 0.56 -44.36 18.31
CA VAL B 627 1.54 -45.43 18.47
C VAL B 627 2.59 -44.98 19.46
N ASP B 628 3.02 -45.90 20.32
CA ASP B 628 3.93 -45.54 21.41
C ASP B 628 5.39 -45.49 20.98
N THR B 629 5.72 -46.04 19.81
CA THR B 629 7.10 -46.02 19.35
C THR B 629 7.48 -44.62 18.87
N SER B 630 8.77 -44.31 18.94
CA SER B 630 9.29 -43.01 18.52
C SER B 630 10.10 -43.17 17.24
N TYR B 631 9.81 -42.34 16.25
CA TYR B 631 10.55 -42.31 14.99
C TYR B 631 11.04 -40.89 14.73
N GLU B 632 11.84 -40.74 13.69
CA GLU B 632 12.23 -39.41 13.23
C GLU B 632 11.00 -38.68 12.70
N CYS B 633 10.96 -37.38 12.92
CA CYS B 633 9.78 -36.61 12.55
C CYS B 633 9.58 -36.64 11.04
N ASP B 634 8.40 -37.11 10.61
CA ASP B 634 8.02 -37.09 9.20
C ASP B 634 7.20 -35.86 8.86
N ILE B 635 6.04 -35.69 9.50
CA ILE B 635 5.25 -34.47 9.39
C ILE B 635 5.15 -33.84 10.77
N PRO B 636 5.84 -32.75 11.07
CA PRO B 636 5.77 -32.17 12.42
C PRO B 636 4.43 -31.49 12.65
N ILE B 637 3.70 -31.94 13.67
CA ILE B 637 2.42 -31.35 14.03
C ILE B 637 2.62 -30.16 14.97
N GLY B 638 3.51 -30.29 15.93
CA GLY B 638 3.80 -29.23 16.88
C GLY B 638 3.92 -29.78 18.29
N ALA B 639 4.70 -29.08 19.11
CA ALA B 639 4.86 -29.43 20.52
C ALA B 639 5.36 -30.85 20.71
N GLY B 640 6.31 -31.26 19.87
CA GLY B 640 6.94 -32.56 20.03
C GLY B 640 6.20 -33.72 19.44
N ILE B 641 5.16 -33.48 18.64
CA ILE B 641 4.34 -34.53 18.05
C ILE B 641 4.57 -34.56 16.54
N CYS B 642 4.66 -35.75 15.97
CA CYS B 642 4.85 -35.91 14.55
C CYS B 642 3.94 -37.02 14.02
N ALA B 643 3.48 -36.83 12.79
CA ALA B 643 2.59 -37.77 12.12
C ALA B 643 3.27 -38.38 10.90
N SER B 644 2.75 -39.52 10.47
CA SER B 644 3.29 -40.26 9.34
C SER B 644 2.19 -41.13 8.75
N TYR B 645 2.52 -41.82 7.67
CA TYR B 645 1.59 -42.69 6.94
C TYR B 645 2.22 -44.09 6.91
N HIS B 646 1.70 -45.00 7.73
CA HIS B 646 2.34 -46.28 7.97
C HIS B 646 1.41 -47.44 7.63
N THR B 647 2.01 -48.60 7.39
CA THR B 647 1.24 -49.82 7.19
C THR B 647 0.68 -50.31 8.51
N VAL B 648 -0.62 -50.58 8.55
CA VAL B 648 -1.27 -51.04 9.76
C VAL B 648 -0.72 -52.39 10.17
N GLN B 656 -2.76 -52.52 4.23
CA GLN B 656 -3.50 -51.29 4.51
C GLN B 656 -2.61 -50.27 5.22
N LYS B 657 -2.80 -49.00 4.88
CA LYS B 657 -2.02 -47.91 5.44
C LYS B 657 -2.94 -46.89 6.07
N SER B 658 -2.45 -46.23 7.12
CA SER B 658 -3.23 -45.26 7.86
C SER B 658 -2.29 -44.21 8.44
N ILE B 659 -2.89 -43.09 8.84
CA ILE B 659 -2.16 -41.99 9.44
C ILE B 659 -1.92 -42.29 10.92
N VAL B 660 -0.68 -42.13 11.36
CA VAL B 660 -0.29 -42.40 12.73
C VAL B 660 0.36 -41.16 13.31
N ALA B 661 0.30 -41.05 14.62
CA ALA B 661 0.88 -39.93 15.36
C ALA B 661 1.69 -40.46 16.53
N TYR B 662 2.78 -39.76 16.85
CA TYR B 662 3.69 -40.24 17.89
C TYR B 662 4.51 -39.07 18.41
N THR B 663 5.29 -39.34 19.45
CA THR B 663 6.24 -38.39 20.00
C THR B 663 7.59 -38.57 19.31
N MET B 664 8.14 -37.49 18.79
CA MET B 664 9.39 -37.57 18.04
C MET B 664 10.56 -37.87 18.98
N SER B 665 11.56 -38.56 18.43
CA SER B 665 12.76 -38.89 19.17
C SER B 665 13.79 -37.78 19.02
N LEU B 666 14.58 -37.57 20.06
CA LEU B 666 15.56 -36.49 20.10
C LEU B 666 16.96 -36.93 19.66
N GLY B 667 17.17 -38.21 19.42
CA GLY B 667 18.47 -38.71 19.04
C GLY B 667 18.77 -40.01 19.76
N ALA B 668 19.76 -40.73 19.24
CA ALA B 668 20.11 -42.03 19.79
C ALA B 668 20.73 -41.88 21.18
N ASP B 669 20.40 -42.84 22.05
CA ASP B 669 20.91 -42.87 23.41
C ASP B 669 22.36 -43.35 23.42
N SER B 670 23.11 -42.89 24.41
CA SER B 670 24.52 -43.24 24.54
C SER B 670 24.91 -43.25 26.00
N SER B 671 25.99 -43.98 26.29
CA SER B 671 26.56 -44.05 27.64
C SER B 671 28.06 -43.87 27.53
N ILE B 672 28.56 -42.75 28.05
CA ILE B 672 29.99 -42.43 28.03
C ILE B 672 30.48 -42.43 29.47
N ALA B 673 31.56 -43.16 29.72
CA ALA B 673 32.11 -43.32 31.07
C ALA B 673 33.12 -42.22 31.31
N TYR B 674 32.82 -41.31 32.23
CA TYR B 674 33.76 -40.29 32.65
C TYR B 674 34.77 -40.91 33.61
N SER B 675 36.04 -40.92 33.22
CA SER B 675 37.10 -41.53 34.01
C SER B 675 38.05 -40.45 34.53
N ASN B 676 39.10 -40.90 35.22
CA ASN B 676 40.12 -40.00 35.74
C ASN B 676 41.54 -40.48 35.50
N ASN B 677 41.72 -41.69 34.95
CA ASN B 677 43.06 -42.24 34.78
C ASN B 677 43.26 -42.96 33.45
N THR B 678 42.31 -42.88 32.52
CA THR B 678 42.42 -43.58 31.24
C THR B 678 42.02 -42.64 30.10
N ILE B 679 42.56 -42.94 28.92
CA ILE B 679 42.34 -42.14 27.72
C ILE B 679 42.00 -43.08 26.57
N ALA B 680 41.33 -42.52 25.56
CA ALA B 680 40.97 -43.23 24.35
C ALA B 680 41.65 -42.54 23.17
N ILE B 681 42.41 -43.31 22.39
CA ILE B 681 43.20 -42.79 21.28
C ILE B 681 42.77 -43.51 20.01
N PRO B 682 42.48 -42.80 18.92
CA PRO B 682 42.21 -43.49 17.65
C PRO B 682 43.44 -44.22 17.14
N THR B 683 43.22 -45.34 16.44
CA THR B 683 44.28 -46.07 15.79
C THR B 683 44.15 -46.10 14.27
N ASN B 684 43.06 -45.57 13.72
CA ASN B 684 42.84 -45.53 12.28
C ASN B 684 42.10 -44.25 11.93
N PHE B 685 41.82 -44.08 10.64
CA PHE B 685 41.12 -42.89 10.17
C PHE B 685 40.46 -43.21 8.83
N SER B 686 39.56 -42.33 8.41
CA SER B 686 38.91 -42.44 7.12
C SER B 686 38.84 -41.05 6.49
N ILE B 687 38.82 -41.03 5.16
CA ILE B 687 38.69 -39.81 4.39
C ILE B 687 37.22 -39.64 4.02
N SER B 688 36.65 -38.50 4.38
CA SER B 688 35.24 -38.21 4.17
C SER B 688 35.10 -37.00 3.26
N ILE B 689 34.15 -37.07 2.33
CA ILE B 689 33.84 -35.96 1.43
C ILE B 689 32.35 -35.68 1.51
N THR B 690 31.99 -34.44 1.75
CA THR B 690 30.60 -34.02 1.89
C THR B 690 30.34 -32.78 1.05
N THR B 691 29.06 -32.52 0.79
CA THR B 691 28.63 -31.48 -0.12
C THR B 691 27.93 -30.35 0.65
N GLU B 692 28.02 -29.14 0.10
CA GLU B 692 27.34 -27.97 0.66
C GLU B 692 26.84 -27.12 -0.50
N VAL B 693 25.54 -26.86 -0.53
CA VAL B 693 24.88 -26.16 -1.63
C VAL B 693 24.53 -24.75 -1.16
N MET B 694 24.89 -23.74 -1.96
CA MET B 694 24.71 -22.35 -1.58
C MET B 694 24.15 -21.52 -2.74
N PRO B 695 23.00 -20.86 -2.56
CA PRO B 695 22.55 -19.91 -3.58
C PRO B 695 23.49 -18.72 -3.68
N VAL B 696 23.62 -18.17 -4.88
CA VAL B 696 24.49 -17.04 -5.16
C VAL B 696 23.72 -15.88 -5.80
N SER B 697 22.90 -16.17 -6.81
CA SER B 697 22.22 -15.13 -7.55
C SER B 697 20.82 -15.58 -7.91
N MET B 698 19.95 -14.60 -8.14
CA MET B 698 18.57 -14.84 -8.56
C MET B 698 18.30 -14.06 -9.85
N ALA B 699 17.11 -14.23 -10.41
CA ALA B 699 16.79 -13.67 -11.71
C ALA B 699 16.72 -12.14 -11.65
N LYS B 700 17.24 -11.51 -12.70
CA LYS B 700 17.16 -10.06 -12.87
C LYS B 700 15.92 -9.74 -13.70
N THR B 701 15.11 -8.79 -13.24
CA THR B 701 13.86 -8.48 -13.89
C THR B 701 13.68 -6.97 -14.04
N SER B 702 12.84 -6.60 -14.99
CA SER B 702 12.48 -5.22 -15.24
C SER B 702 11.00 -5.14 -15.61
N VAL B 703 10.40 -3.98 -15.37
CA VAL B 703 8.96 -3.78 -15.54
C VAL B 703 8.73 -2.54 -16.39
N ASP B 704 7.78 -2.64 -17.33
CA ASP B 704 7.29 -1.50 -18.09
C ASP B 704 5.95 -1.09 -17.47
N CYS B 705 5.98 -0.05 -16.64
CA CYS B 705 4.78 0.40 -15.95
C CYS B 705 3.62 0.61 -16.90
N ASN B 706 3.84 1.36 -17.98
CA ASN B 706 2.74 1.69 -18.88
C ASN B 706 2.16 0.42 -19.47
N MET B 707 3.01 -0.50 -19.92
CA MET B 707 2.51 -1.75 -20.45
C MET B 707 1.64 -2.47 -19.42
N TYR B 708 2.18 -2.68 -18.22
CA TYR B 708 1.46 -3.48 -17.22
C TYR B 708 0.14 -2.83 -16.82
N ILE B 709 0.13 -1.51 -16.64
CA ILE B 709 -1.06 -0.86 -16.08
C ILE B 709 -2.08 -0.51 -17.14
N CYS B 710 -1.66 0.01 -18.29
CA CYS B 710 -2.59 0.54 -19.29
C CYS B 710 -2.67 -0.31 -20.56
N GLY B 711 -1.76 -1.24 -20.79
CA GLY B 711 -1.75 -1.94 -22.05
C GLY B 711 -1.47 -0.97 -23.19
N ASP B 712 -2.35 -0.96 -24.18
CA ASP B 712 -2.20 -0.12 -25.37
C ASP B 712 -3.18 1.05 -25.38
N SER B 713 -3.75 1.40 -24.23
CA SER B 713 -4.79 2.43 -24.15
C SER B 713 -4.17 3.80 -23.94
N THR B 714 -4.43 4.70 -24.90
CA THR B 714 -3.90 6.06 -24.80
C THR B 714 -4.58 6.87 -23.71
N GLU B 715 -5.88 6.66 -23.48
CA GLU B 715 -6.56 7.35 -22.39
C GLU B 715 -5.93 7.02 -21.05
N CYS B 716 -5.73 5.72 -20.78
CA CYS B 716 -5.09 5.30 -19.55
C CYS B 716 -3.66 5.80 -19.48
N ALA B 717 -2.94 5.76 -20.59
CA ALA B 717 -1.56 6.26 -20.59
C ALA B 717 -1.51 7.73 -20.19
N ASN B 718 -2.43 8.53 -20.73
CA ASN B 718 -2.47 9.95 -20.37
C ASN B 718 -2.81 10.14 -18.91
N LEU B 719 -3.77 9.35 -18.39
CA LEU B 719 -4.12 9.48 -16.98
C LEU B 719 -2.98 9.05 -16.07
N LEU B 720 -2.11 8.15 -16.54
CA LEU B 720 -1.03 7.64 -15.71
C LEU B 720 0.13 8.62 -15.56
N LEU B 721 0.16 9.71 -16.33
CA LEU B 721 1.32 10.58 -16.32
C LEU B 721 1.58 11.20 -14.95
N GLN B 722 0.53 11.46 -14.19
CA GLN B 722 0.68 12.09 -12.87
C GLN B 722 1.21 11.14 -11.80
N TYR B 723 1.65 9.93 -12.18
CA TYR B 723 2.24 8.98 -11.24
C TYR B 723 3.66 8.58 -11.65
N GLY B 724 4.35 9.42 -12.43
CA GLY B 724 5.66 9.05 -12.91
C GLY B 724 6.67 8.82 -11.81
N SER B 725 6.56 9.56 -10.71
CA SER B 725 7.53 9.44 -9.62
C SER B 725 7.53 8.03 -9.04
N PHE B 726 6.35 7.46 -8.81
CA PHE B 726 6.26 6.14 -8.20
C PHE B 726 6.89 5.09 -9.10
N CYS B 727 6.64 5.17 -10.41
CA CYS B 727 7.22 4.20 -11.34
C CYS B 727 8.73 4.36 -11.45
N ARG B 728 9.23 5.59 -11.47
CA ARG B 728 10.68 5.77 -11.46
C ARG B 728 11.27 5.14 -10.20
N GLN B 729 10.60 5.30 -9.06
CA GLN B 729 11.07 4.69 -7.82
C GLN B 729 11.15 3.17 -7.93
N LEU B 730 10.08 2.56 -8.44
CA LEU B 730 10.05 1.10 -8.60
C LEU B 730 11.20 0.63 -9.48
N ASN B 731 11.38 1.28 -10.63
CA ASN B 731 12.40 0.83 -11.57
C ASN B 731 13.80 1.07 -11.02
N ARG B 732 14.00 2.14 -10.24
CA ARG B 732 15.29 2.33 -9.58
C ARG B 732 15.60 1.14 -8.67
N ALA B 733 14.62 0.73 -7.86
CA ALA B 733 14.84 -0.41 -6.97
C ALA B 733 15.19 -1.66 -7.77
N LEU B 734 14.42 -1.94 -8.83
CA LEU B 734 14.65 -3.15 -9.60
C LEU B 734 16.03 -3.15 -10.26
N SER B 735 16.45 -2.00 -10.81
CA SER B 735 17.76 -1.95 -11.46
C SER B 735 18.88 -2.12 -10.45
N GLY B 736 18.72 -1.58 -9.25
CA GLY B 736 19.69 -1.85 -8.20
C GLY B 736 19.84 -3.34 -7.92
N ILE B 737 18.70 -4.04 -7.78
CA ILE B 737 18.74 -5.48 -7.55
C ILE B 737 19.47 -6.18 -8.70
N ALA B 738 19.15 -5.79 -9.94
CA ALA B 738 19.72 -6.45 -11.10
C ALA B 738 21.25 -6.31 -11.11
N ALA B 739 21.75 -5.11 -10.82
CA ALA B 739 23.20 -4.94 -10.74
C ALA B 739 23.80 -5.79 -9.62
N GLU B 740 23.12 -5.84 -8.47
CA GLU B 740 23.65 -6.60 -7.34
C GLU B 740 23.82 -8.07 -7.67
N GLN B 741 22.96 -8.62 -8.53
CA GLN B 741 23.09 -10.05 -8.84
C GLN B 741 24.42 -10.35 -9.53
N ASP B 742 24.78 -9.57 -10.55
CA ASP B 742 26.07 -9.74 -11.20
C ASP B 742 27.21 -9.48 -10.23
N ARG B 743 27.04 -8.50 -9.34
CA ARG B 743 28.06 -8.26 -8.32
C ARG B 743 28.29 -9.51 -7.48
N ASN B 744 27.21 -10.17 -7.05
CA ASN B 744 27.34 -11.38 -6.23
C ASN B 744 28.10 -12.46 -6.98
N THR B 745 27.71 -12.71 -8.24
CA THR B 745 28.38 -13.76 -8.99
C THR B 745 29.86 -13.48 -9.15
N ARG B 746 30.22 -12.23 -9.47
CA ARG B 746 31.62 -11.89 -9.64
C ARG B 746 32.38 -12.07 -8.32
N GLU B 747 31.81 -11.61 -7.21
CA GLU B 747 32.50 -11.73 -5.93
C GLU B 747 32.75 -13.18 -5.58
N VAL B 748 31.78 -14.06 -5.83
CA VAL B 748 31.96 -15.46 -5.48
C VAL B 748 33.02 -16.11 -6.37
N PHE B 749 32.92 -15.93 -7.69
CA PHE B 749 33.67 -16.80 -8.59
C PHE B 749 34.98 -16.22 -9.10
N VAL B 750 35.11 -14.89 -9.20
CA VAL B 750 36.32 -14.29 -9.77
C VAL B 750 37.28 -14.05 -8.60
N GLN B 751 38.04 -15.09 -8.24
CA GLN B 751 39.00 -15.01 -7.15
C GLN B 751 40.39 -15.45 -7.58
N VAL B 752 40.67 -15.40 -8.88
CA VAL B 752 41.97 -15.79 -9.41
C VAL B 752 42.35 -14.82 -10.53
N LYS B 753 43.63 -14.48 -10.62
CA LYS B 753 44.10 -13.55 -11.64
C LYS B 753 44.59 -14.25 -12.90
N GLN B 754 45.01 -15.50 -12.80
CA GLN B 754 45.53 -16.27 -13.92
C GLN B 754 44.57 -17.41 -14.24
N MET B 755 44.25 -17.56 -15.52
CA MET B 755 43.38 -18.66 -15.95
C MET B 755 44.23 -19.90 -16.15
N TYR B 756 44.51 -20.58 -15.04
CA TYR B 756 45.36 -21.77 -15.08
C TYR B 756 44.76 -22.83 -16.00
N LYS B 757 45.59 -23.38 -16.88
CA LYS B 757 45.13 -24.37 -17.84
C LYS B 757 44.92 -25.72 -17.17
N THR B 758 43.95 -26.46 -17.68
CA THR B 758 43.66 -27.78 -17.15
C THR B 758 44.78 -28.74 -17.51
N PRO B 759 45.42 -29.41 -16.54
CA PRO B 759 46.52 -30.31 -16.89
C PRO B 759 46.03 -31.49 -17.72
N THR B 760 46.92 -31.96 -18.60
CA THR B 760 46.58 -33.08 -19.46
C THR B 760 46.52 -34.40 -18.69
N LEU B 761 47.45 -34.60 -17.76
CA LEU B 761 47.50 -35.81 -16.95
C LEU B 761 46.79 -35.52 -15.63
N LYS B 762 45.76 -36.31 -15.32
CA LYS B 762 44.91 -36.09 -14.16
C LYS B 762 45.08 -37.20 -13.13
N ASP B 763 46.32 -37.65 -12.92
CA ASP B 763 46.60 -38.73 -11.98
C ASP B 763 46.92 -38.20 -10.59
N PHE B 764 47.96 -37.37 -10.48
CA PHE B 764 48.34 -36.75 -9.21
C PHE B 764 48.56 -37.79 -8.12
N GLY B 765 49.46 -38.73 -8.41
CA GLY B 765 49.87 -39.70 -7.40
C GLY B 765 48.74 -40.55 -6.87
N GLY B 766 47.86 -41.03 -7.74
CA GLY B 766 46.78 -41.92 -7.35
C GLY B 766 45.48 -41.23 -7.01
N PHE B 767 45.44 -39.91 -6.96
CA PHE B 767 44.21 -39.18 -6.68
C PHE B 767 43.54 -38.83 -8.01
N ASN B 768 42.44 -39.49 -8.30
CA ASN B 768 41.77 -39.38 -9.59
C ASN B 768 40.90 -38.12 -9.61
N PHE B 769 41.30 -37.13 -10.40
CA PHE B 769 40.61 -35.84 -10.47
C PHE B 769 39.67 -35.73 -11.65
N SER B 770 39.66 -36.71 -12.56
CA SER B 770 38.98 -36.55 -13.84
C SER B 770 37.55 -36.08 -13.66
N GLN B 771 36.81 -36.72 -12.76
CA GLN B 771 35.38 -36.46 -12.67
C GLN B 771 35.07 -35.02 -12.28
N ILE B 772 36.01 -34.29 -11.69
CA ILE B 772 35.77 -32.91 -11.30
C ILE B 772 36.44 -31.92 -12.24
N LEU B 773 37.19 -32.39 -13.24
CA LEU B 773 37.77 -31.50 -14.22
C LEU B 773 37.16 -31.75 -15.60
N PRO B 774 37.12 -30.76 -16.47
CA PRO B 774 36.52 -30.96 -17.79
C PRO B 774 37.30 -31.96 -18.62
N ASP B 775 36.58 -32.70 -19.45
CA ASP B 775 37.18 -33.74 -20.29
C ASP B 775 37.34 -33.21 -21.70
N PRO B 776 38.56 -33.13 -22.24
CA PRO B 776 38.73 -32.56 -23.59
C PRO B 776 37.95 -33.31 -24.67
N LEU B 777 37.81 -34.63 -24.54
CA LEU B 777 37.15 -35.39 -25.59
C LEU B 777 35.68 -34.99 -25.75
N LYS B 778 34.97 -34.86 -24.62
CA LYS B 778 33.53 -34.61 -24.70
C LYS B 778 33.25 -33.20 -25.23
N PRO B 779 32.13 -33.02 -25.93
CA PRO B 779 31.80 -31.66 -26.41
C PRO B 779 31.63 -30.65 -25.30
N THR B 780 31.07 -31.06 -24.17
CA THR B 780 30.79 -30.12 -23.09
C THR B 780 32.08 -29.57 -22.50
N LYS B 781 32.02 -28.31 -22.06
CA LYS B 781 33.13 -27.64 -21.42
C LYS B 781 33.10 -27.78 -19.90
N ARG B 782 32.12 -28.50 -19.37
CA ARG B 782 31.98 -28.69 -17.94
C ARG B 782 32.56 -30.06 -17.53
N SER B 783 32.54 -30.34 -16.24
CA SER B 783 32.93 -31.64 -15.72
C SER B 783 31.71 -32.55 -15.60
N PHE B 784 31.97 -33.82 -15.32
CA PHE B 784 30.90 -34.80 -15.21
C PHE B 784 29.95 -34.44 -14.06
N ILE B 785 30.50 -34.09 -12.90
CA ILE B 785 29.67 -33.76 -11.75
C ILE B 785 28.90 -32.47 -12.00
N GLU B 786 29.53 -31.50 -12.67
CA GLU B 786 28.81 -30.29 -13.04
C GLU B 786 27.66 -30.58 -13.98
N ASP B 787 27.86 -31.51 -14.92
CA ASP B 787 26.78 -31.90 -15.81
C ASP B 787 25.63 -32.52 -15.02
N LEU B 788 25.94 -33.39 -14.06
CA LEU B 788 24.89 -33.96 -13.23
C LEU B 788 24.14 -32.86 -12.48
N LEU B 789 24.88 -31.93 -11.89
CA LEU B 789 24.26 -30.85 -11.13
C LEU B 789 23.34 -30.01 -12.01
N PHE B 790 23.78 -29.70 -13.23
CA PHE B 790 22.94 -28.91 -14.13
C PHE B 790 21.73 -29.70 -14.61
N ASN B 791 21.85 -31.03 -14.66
CA ASN B 791 20.69 -31.85 -15.03
C ASN B 791 19.68 -31.93 -13.89
N LYS B 792 20.12 -31.76 -12.64
CA LYS B 792 19.23 -31.95 -11.51
C LYS B 792 18.29 -30.78 -11.24
N VAL B 793 18.47 -29.64 -11.90
CA VAL B 793 17.63 -28.46 -11.68
C VAL B 793 16.93 -28.12 -12.99
N THR B 794 15.61 -27.94 -12.91
CA THR B 794 14.78 -27.68 -14.09
C THR B 794 14.37 -26.22 -14.12
N LEU B 795 14.55 -25.58 -15.28
CA LEU B 795 14.26 -24.17 -15.47
C LEU B 795 13.19 -24.00 -16.54
N ALA B 796 12.34 -22.99 -16.36
CA ALA B 796 11.26 -22.76 -17.33
C ALA B 796 11.82 -22.42 -18.71
N ASP B 797 12.84 -21.57 -18.76
CA ASP B 797 13.46 -21.21 -20.03
C ASP B 797 14.92 -20.86 -19.77
N ALA B 798 15.73 -20.95 -20.82
CA ALA B 798 17.16 -20.70 -20.71
C ALA B 798 17.74 -19.81 -21.80
N GLY B 799 16.94 -19.41 -22.79
CA GLY B 799 17.47 -18.65 -23.90
C GLY B 799 17.46 -17.15 -23.69
N PHE B 800 16.53 -16.65 -22.87
CA PHE B 800 16.33 -15.21 -22.71
C PHE B 800 15.98 -14.54 -24.04
N MET B 801 15.39 -15.29 -24.96
CA MET B 801 14.97 -14.74 -26.25
C MET B 801 13.67 -15.42 -26.65
N LYS B 802 12.61 -14.64 -26.79
CA LYS B 802 11.29 -15.14 -27.17
C LYS B 802 10.73 -14.20 -28.22
N GLN B 803 10.62 -14.67 -29.46
CA GLN B 803 10.28 -13.79 -30.56
C GLN B 803 8.77 -13.61 -30.69
N TYR B 804 8.39 -12.44 -31.19
CA TYR B 804 6.98 -12.12 -31.40
C TYR B 804 6.31 -13.16 -32.28
N GLY B 805 7.03 -13.66 -33.29
CA GLY B 805 6.47 -14.71 -34.14
C GLY B 805 6.25 -16.01 -33.38
N GLU B 806 7.20 -16.36 -32.49
CA GLU B 806 7.03 -17.56 -31.69
C GLU B 806 5.80 -17.45 -30.79
N CYS B 807 5.65 -16.33 -30.09
CA CYS B 807 4.50 -16.16 -29.21
C CYS B 807 3.21 -16.13 -30.02
N LEU B 808 3.23 -15.47 -31.17
CA LEU B 808 2.07 -15.38 -32.06
C LEU B 808 2.18 -16.49 -33.10
N GLY B 809 1.59 -17.64 -32.79
CA GLY B 809 1.76 -18.82 -33.61
C GLY B 809 1.77 -20.08 -32.76
N ASP B 810 2.07 -19.91 -31.47
CA ASP B 810 1.89 -20.96 -30.47
C ASP B 810 0.86 -20.62 -29.40
N ILE B 811 -0.16 -19.85 -29.79
CA ILE B 811 -1.13 -19.34 -28.83
C ILE B 811 -1.79 -20.48 -28.07
N ASN B 812 -2.07 -21.59 -28.76
CA ASN B 812 -2.75 -22.72 -28.13
C ASN B 812 -1.99 -23.20 -26.89
N ALA B 813 -0.66 -23.03 -26.88
CA ALA B 813 0.12 -23.52 -25.74
C ALA B 813 -0.18 -22.74 -24.46
N ARG B 814 -0.58 -21.47 -24.58
CA ARG B 814 -0.80 -20.60 -23.43
C ARG B 814 0.48 -20.51 -22.59
N ASP B 815 1.53 -19.98 -23.22
CA ASP B 815 2.85 -19.96 -22.60
C ASP B 815 2.92 -18.89 -21.51
N LEU B 816 3.41 -19.29 -20.33
CA LEU B 816 3.52 -18.36 -19.21
C LEU B 816 4.49 -17.23 -19.55
N ILE B 817 5.61 -17.55 -20.20
CA ILE B 817 6.57 -16.52 -20.58
C ILE B 817 5.94 -15.54 -21.56
N CYS B 818 5.16 -16.05 -22.52
CA CYS B 818 4.49 -15.17 -23.46
C CYS B 818 3.54 -14.23 -22.73
N ALA B 819 2.78 -14.75 -21.76
CA ALA B 819 1.86 -13.89 -21.01
C ALA B 819 2.63 -12.82 -20.24
N GLN B 820 3.69 -13.22 -19.55
CA GLN B 820 4.52 -12.26 -18.83
C GLN B 820 4.99 -11.15 -19.76
N LYS B 821 5.55 -11.52 -20.90
CA LYS B 821 6.11 -10.53 -21.83
C LYS B 821 5.01 -9.63 -22.38
N PHE B 822 3.85 -10.19 -22.72
CA PHE B 822 2.76 -9.38 -23.24
C PHE B 822 2.22 -8.42 -22.19
N ASN B 823 2.46 -8.69 -20.91
CA ASN B 823 2.06 -7.76 -19.86
C ASN B 823 3.22 -6.91 -19.35
N GLY B 824 4.33 -6.87 -20.08
CA GLY B 824 5.38 -5.91 -19.80
C GLY B 824 6.39 -6.28 -18.75
N LEU B 825 6.58 -7.57 -18.48
CA LEU B 825 7.56 -8.04 -17.50
C LEU B 825 8.69 -8.75 -18.21
N THR B 826 9.92 -8.31 -17.99
CA THR B 826 11.08 -8.82 -18.71
C THR B 826 12.09 -9.42 -17.75
N VAL B 827 12.76 -10.48 -18.19
CA VAL B 827 13.86 -11.11 -17.47
C VAL B 827 15.14 -10.90 -18.27
N LEU B 828 16.17 -10.37 -17.62
CA LEU B 828 17.41 -10.03 -18.30
C LEU B 828 18.45 -11.13 -18.12
N PRO B 829 19.36 -11.30 -19.08
CA PRO B 829 20.39 -12.35 -18.95
C PRO B 829 21.51 -11.91 -18.04
N PRO B 830 22.14 -12.85 -17.33
CA PRO B 830 23.29 -12.49 -16.49
C PRO B 830 24.52 -12.13 -17.34
N LEU B 831 25.41 -11.36 -16.74
CA LEU B 831 26.61 -10.91 -17.44
C LEU B 831 27.51 -12.08 -17.81
N LEU B 832 27.81 -12.95 -16.85
CA LEU B 832 28.68 -14.09 -17.08
C LEU B 832 27.85 -15.31 -17.48
N THR B 833 28.31 -16.03 -18.49
CA THR B 833 27.61 -17.21 -18.95
C THR B 833 28.10 -18.45 -18.20
N ASP B 834 27.33 -19.52 -18.34
CA ASP B 834 27.68 -20.77 -17.67
C ASP B 834 29.05 -21.27 -18.11
N ASP B 835 29.40 -21.07 -19.38
CA ASP B 835 30.70 -21.49 -19.87
C ASP B 835 31.82 -20.75 -19.13
N MET B 836 31.65 -19.44 -18.94
CA MET B 836 32.69 -18.66 -18.26
C MET B 836 32.78 -19.04 -16.79
N ILE B 837 31.63 -19.26 -16.13
CA ILE B 837 31.66 -19.69 -14.73
C ILE B 837 32.36 -21.03 -14.60
N ALA B 838 32.06 -21.97 -15.50
CA ALA B 838 32.71 -23.26 -15.48
C ALA B 838 34.20 -23.13 -15.72
N ALA B 839 34.59 -22.20 -16.60
CA ALA B 839 36.01 -21.96 -16.83
C ALA B 839 36.69 -21.49 -15.55
N TYR B 840 36.03 -20.60 -14.80
CA TYR B 840 36.59 -20.13 -13.54
C TYR B 840 36.74 -21.28 -12.54
N THR B 841 35.73 -22.13 -12.43
CA THR B 841 35.82 -23.25 -11.49
C THR B 841 36.93 -24.22 -11.91
N ALA B 842 37.06 -24.49 -13.21
CA ALA B 842 38.14 -25.35 -13.68
C ALA B 842 39.49 -24.74 -13.36
N ALA B 843 39.63 -23.42 -13.54
CA ALA B 843 40.88 -22.76 -13.19
C ALA B 843 41.19 -22.90 -11.70
N LEU B 844 40.18 -22.73 -10.86
CA LEU B 844 40.41 -22.86 -9.42
C LEU B 844 40.86 -24.29 -9.06
N VAL B 845 40.18 -25.29 -9.62
CA VAL B 845 40.54 -26.68 -9.29
C VAL B 845 41.94 -26.99 -9.77
N SER B 846 42.28 -26.58 -11.00
CA SER B 846 43.62 -26.84 -11.52
C SER B 846 44.68 -26.13 -10.69
N GLY B 847 44.40 -24.88 -10.29
CA GLY B 847 45.36 -24.14 -9.50
C GLY B 847 45.62 -24.79 -8.15
N THR B 848 44.56 -25.25 -7.48
CA THR B 848 44.78 -25.91 -6.20
C THR B 848 45.50 -27.25 -6.38
N ALA B 849 45.17 -27.99 -7.44
CA ALA B 849 45.81 -29.27 -7.65
C ALA B 849 47.27 -29.14 -8.03
N THR B 850 47.67 -28.02 -8.65
CA THR B 850 49.03 -27.86 -9.13
C THR B 850 49.91 -27.03 -8.19
N ALA B 851 49.33 -26.14 -7.39
CA ALA B 851 50.10 -25.27 -6.50
C ALA B 851 49.61 -25.28 -5.05
N GLY B 852 48.40 -25.74 -4.79
CA GLY B 852 47.91 -25.87 -3.42
C GLY B 852 47.32 -24.55 -2.92
N TRP B 853 47.93 -23.98 -1.88
CA TRP B 853 47.42 -22.80 -1.23
C TRP B 853 48.29 -21.56 -1.44
N THR B 854 49.50 -21.72 -1.99
CA THR B 854 50.37 -20.57 -2.17
C THR B 854 49.73 -19.53 -3.08
N PHE B 855 49.09 -19.98 -4.16
CA PHE B 855 48.33 -19.07 -5.00
C PHE B 855 47.10 -18.58 -4.23
N GLY B 856 46.80 -17.29 -4.37
CA GLY B 856 45.82 -16.63 -3.54
C GLY B 856 46.42 -15.79 -2.43
N ALA B 857 47.65 -16.10 -2.02
CA ALA B 857 48.42 -15.24 -1.13
C ALA B 857 49.58 -14.57 -1.85
N GLY B 858 49.62 -14.68 -3.17
CA GLY B 858 50.72 -14.14 -3.96
C GLY B 858 50.87 -14.86 -5.29
N ALA B 859 52.10 -15.22 -5.63
CA ALA B 859 52.38 -15.93 -6.87
C ALA B 859 52.28 -17.43 -6.66
N ALA B 860 51.65 -18.11 -7.62
CA ALA B 860 51.49 -19.56 -7.52
C ALA B 860 52.85 -20.25 -7.47
N LEU B 861 52.97 -21.23 -6.57
CA LEU B 861 54.19 -22.01 -6.41
C LEU B 861 53.81 -23.48 -6.50
N GLN B 862 54.21 -24.14 -7.60
CA GLN B 862 53.81 -25.52 -7.83
C GLN B 862 54.51 -26.45 -6.85
N ILE B 863 53.88 -27.59 -6.59
CA ILE B 863 54.37 -28.57 -5.63
C ILE B 863 53.71 -29.92 -5.90
N PRO B 864 54.40 -31.04 -5.68
CA PRO B 864 53.75 -32.34 -5.88
C PRO B 864 52.58 -32.57 -4.92
N PHE B 865 51.57 -33.27 -5.41
CA PHE B 865 50.33 -33.44 -4.65
C PHE B 865 50.56 -34.23 -3.37
N ALA B 866 51.47 -35.21 -3.39
CA ALA B 866 51.74 -35.97 -2.18
C ALA B 866 52.32 -35.07 -1.09
N MET B 867 53.28 -34.21 -1.45
CA MET B 867 53.83 -33.29 -0.46
C MET B 867 52.77 -32.30 0.01
N GLN B 868 51.89 -31.87 -0.89
CA GLN B 868 50.80 -30.99 -0.49
C GLN B 868 49.91 -31.65 0.56
N MET B 869 49.53 -32.91 0.31
CA MET B 869 48.71 -33.63 1.27
C MET B 869 49.45 -33.85 2.58
N ALA B 870 50.76 -34.06 2.51
CA ALA B 870 51.55 -34.18 3.73
C ALA B 870 51.50 -32.89 4.55
N TYR B 871 51.61 -31.74 3.88
CA TYR B 871 51.47 -30.47 4.59
C TYR B 871 50.09 -30.34 5.23
N ARG B 872 49.05 -30.72 4.48
CA ARG B 872 47.70 -30.62 5.04
C ARG B 872 47.54 -31.50 6.26
N PHE B 873 48.09 -32.72 6.21
CA PHE B 873 48.07 -33.59 7.37
C PHE B 873 48.78 -32.94 8.55
N ASN B 874 49.97 -32.38 8.30
CA ASN B 874 50.68 -31.65 9.35
C ASN B 874 49.83 -30.55 9.95
N GLY B 875 48.97 -29.93 9.13
CA GLY B 875 48.13 -28.84 9.62
C GLY B 875 47.08 -29.24 10.62
N ILE B 876 46.82 -30.53 10.80
CA ILE B 876 45.81 -31.00 11.74
C ILE B 876 46.44 -31.80 12.89
N GLY B 877 47.72 -31.58 13.16
CA GLY B 877 48.37 -32.26 14.27
C GLY B 877 48.71 -33.71 14.04
N VAL B 878 48.83 -34.14 12.79
CA VAL B 878 49.23 -35.50 12.44
C VAL B 878 50.53 -35.42 11.64
N THR B 879 51.52 -36.21 12.04
CA THR B 879 52.79 -36.20 11.32
C THR B 879 52.58 -36.69 9.89
N GLN B 880 53.46 -36.25 8.99
CA GLN B 880 53.31 -36.57 7.57
C GLN B 880 53.86 -37.94 7.21
N ASN B 881 54.62 -38.57 8.11
CA ASN B 881 54.98 -39.97 7.89
C ASN B 881 53.74 -40.84 7.76
N VAL B 882 52.66 -40.50 8.47
CA VAL B 882 51.42 -41.24 8.36
C VAL B 882 50.89 -41.17 6.92
N LEU B 883 50.82 -39.95 6.38
CA LEU B 883 50.35 -39.78 5.01
C LEU B 883 51.23 -40.55 4.04
N TYR B 884 52.55 -40.43 4.17
CA TYR B 884 53.43 -41.09 3.21
C TYR B 884 53.35 -42.61 3.33
N GLU B 885 53.15 -43.14 4.53
CA GLU B 885 53.11 -44.58 4.73
C GLU B 885 51.76 -45.19 4.43
N ASN B 886 50.70 -44.38 4.33
CA ASN B 886 49.38 -44.90 3.97
C ASN B 886 48.84 -44.24 2.71
N GLN B 887 49.74 -43.89 1.79
CA GLN B 887 49.34 -43.10 0.62
C GLN B 887 48.35 -43.86 -0.25
N LYS B 888 48.60 -45.15 -0.50
CA LYS B 888 47.71 -45.91 -1.37
C LYS B 888 46.31 -46.03 -0.77
N GLN B 889 46.23 -46.33 0.52
CA GLN B 889 44.93 -46.43 1.17
C GLN B 889 44.21 -45.09 1.16
N ILE B 890 44.94 -44.01 1.42
CA ILE B 890 44.31 -42.68 1.43
C ILE B 890 43.78 -42.34 0.04
N ALA B 891 44.56 -42.61 -1.00
CA ALA B 891 44.11 -42.34 -2.36
C ALA B 891 42.88 -43.17 -2.71
N ASN B 892 42.89 -44.46 -2.34
CA ASN B 892 41.73 -45.30 -2.63
C ASN B 892 40.49 -44.78 -1.92
N GLN B 893 40.63 -44.36 -0.67
CA GLN B 893 39.48 -43.84 0.07
C GLN B 893 38.97 -42.55 -0.57
N PHE B 894 39.88 -41.68 -1.01
CA PHE B 894 39.47 -40.46 -1.71
C PHE B 894 38.69 -40.78 -2.97
N ASN B 895 39.20 -41.73 -3.77
CA ASN B 895 38.53 -42.11 -5.00
C ASN B 895 37.16 -42.71 -4.71
N LYS B 896 37.06 -43.53 -3.67
CA LYS B 896 35.78 -44.12 -3.30
C LYS B 896 34.78 -43.05 -2.88
N ALA B 897 35.24 -42.04 -2.12
CA ALA B 897 34.36 -40.96 -1.73
C ALA B 897 33.86 -40.20 -2.95
N ILE B 898 34.74 -39.93 -3.92
CA ILE B 898 34.32 -39.27 -5.14
C ILE B 898 33.25 -40.10 -5.85
N SER B 899 33.49 -41.42 -5.94
CA SER B 899 32.53 -42.29 -6.61
C SER B 899 31.18 -42.28 -5.91
N GLN B 900 31.19 -42.31 -4.58
CA GLN B 900 29.94 -42.29 -3.83
C GLN B 900 29.17 -40.98 -4.08
N ILE B 901 29.89 -39.86 -4.11
CA ILE B 901 29.24 -38.59 -4.44
C ILE B 901 28.60 -38.67 -5.82
N GLN B 902 29.34 -39.21 -6.79
CA GLN B 902 28.83 -39.29 -8.16
C GLN B 902 27.57 -40.14 -8.22
N GLU B 903 27.58 -41.29 -7.56
CA GLU B 903 26.41 -42.16 -7.58
C GLU B 903 25.22 -41.50 -6.91
N SER B 904 25.44 -40.86 -5.76
CA SER B 904 24.34 -40.19 -5.07
C SER B 904 23.75 -39.09 -5.94
N LEU B 905 24.60 -38.31 -6.62
CA LEU B 905 24.08 -37.27 -7.49
C LEU B 905 23.31 -37.87 -8.67
N THR B 906 23.80 -38.99 -9.21
CA THR B 906 23.10 -39.64 -10.31
C THR B 906 21.70 -40.08 -9.87
N THR B 907 21.59 -40.67 -8.69
CA THR B 907 20.27 -41.05 -8.18
C THR B 907 19.42 -39.81 -7.94
N THR B 908 18.15 -39.91 -8.34
CA THR B 908 17.24 -38.78 -8.16
C THR B 908 17.01 -38.52 -6.68
N SER B 909 17.05 -37.24 -6.31
CA SER B 909 16.86 -36.84 -4.92
C SER B 909 16.53 -35.34 -4.91
N THR B 910 16.55 -34.75 -3.71
CA THR B 910 16.29 -33.33 -3.55
C THR B 910 17.48 -32.63 -2.94
N ALA B 911 18.68 -32.92 -3.45
CA ALA B 911 19.89 -32.33 -2.91
C ALA B 911 20.03 -30.85 -3.29
N LEU B 912 19.45 -30.44 -4.42
CA LEU B 912 19.54 -29.07 -4.91
C LEU B 912 18.22 -28.32 -4.68
N GLY B 913 17.55 -28.63 -3.58
CA GLY B 913 16.27 -28.01 -3.28
C GLY B 913 16.36 -26.51 -3.14
N LYS B 914 17.47 -26.00 -2.59
CA LYS B 914 17.60 -24.56 -2.40
C LYS B 914 17.60 -23.83 -3.74
N LEU B 915 18.40 -24.31 -4.69
CA LEU B 915 18.44 -23.66 -6.00
C LEU B 915 17.10 -23.82 -6.70
N GLN B 916 16.49 -25.00 -6.60
CA GLN B 916 15.19 -25.22 -7.23
C GLN B 916 14.15 -24.26 -6.69
N ASP B 917 14.14 -24.03 -5.37
CA ASP B 917 13.12 -23.17 -4.79
C ASP B 917 13.40 -21.69 -5.05
N VAL B 918 14.67 -21.31 -5.23
CA VAL B 918 14.93 -19.96 -5.73
C VAL B 918 14.25 -19.76 -7.08
N VAL B 919 14.47 -20.70 -8.00
CA VAL B 919 13.85 -20.62 -9.32
C VAL B 919 12.33 -20.55 -9.18
N ASN B 920 11.77 -21.44 -8.36
CA ASN B 920 10.32 -21.52 -8.20
C ASN B 920 9.75 -20.22 -7.65
N GLN B 921 10.42 -19.62 -6.67
CA GLN B 921 9.92 -18.39 -6.08
C GLN B 921 9.89 -17.27 -7.11
N ASN B 922 10.95 -17.12 -7.91
CA ASN B 922 10.93 -16.07 -8.92
C ASN B 922 9.77 -16.28 -9.90
N ALA B 923 9.63 -17.50 -10.41
CA ALA B 923 8.58 -17.76 -11.37
C ALA B 923 7.20 -17.50 -10.78
N GLN B 924 6.98 -17.95 -9.54
CA GLN B 924 5.68 -17.76 -8.90
C GLN B 924 5.37 -16.29 -8.70
N ALA B 925 6.38 -15.48 -8.32
CA ALA B 925 6.14 -14.05 -8.15
C ALA B 925 5.66 -13.43 -9.45
N LEU B 926 6.36 -13.73 -10.56
CA LEU B 926 5.93 -13.13 -11.83
C LEU B 926 4.53 -13.61 -12.23
N ASN B 927 4.24 -14.89 -12.05
CA ASN B 927 2.93 -15.40 -12.47
C ASN B 927 1.81 -14.83 -11.61
N THR B 928 2.05 -14.65 -10.31
CA THR B 928 1.06 -13.98 -9.46
C THR B 928 0.83 -12.56 -9.94
N LEU B 929 1.90 -11.86 -10.31
CA LEU B 929 1.73 -10.51 -10.85
C LEU B 929 0.83 -10.53 -12.07
N VAL B 930 1.01 -11.51 -12.95
CA VAL B 930 0.15 -11.60 -14.13
C VAL B 930 -1.30 -11.86 -13.72
N LYS B 931 -1.52 -12.78 -12.78
CA LYS B 931 -2.88 -13.15 -12.41
C LYS B 931 -3.63 -12.01 -11.75
N GLN B 932 -2.94 -11.18 -10.95
CA GLN B 932 -3.63 -10.15 -10.19
C GLN B 932 -4.26 -9.06 -11.08
N LEU B 933 -4.07 -9.11 -12.39
CA LEU B 933 -4.70 -8.12 -13.27
C LEU B 933 -6.21 -8.28 -13.36
N SER B 934 -6.78 -9.37 -12.86
CA SER B 934 -8.20 -9.65 -13.02
C SER B 934 -9.07 -9.05 -11.91
N SER B 935 -8.47 -8.35 -10.95
CA SER B 935 -9.25 -7.77 -9.85
C SER B 935 -9.88 -6.46 -10.27
N ASN B 936 -11.10 -6.21 -9.77
CA ASN B 936 -11.81 -4.97 -10.08
C ASN B 936 -11.28 -3.78 -9.31
N PHE B 937 -10.81 -3.99 -8.07
CA PHE B 937 -10.40 -2.91 -7.19
C PHE B 937 -11.54 -1.92 -6.95
N GLY B 938 -12.77 -2.40 -7.01
CA GLY B 938 -13.93 -1.56 -6.79
C GLY B 938 -14.51 -0.91 -8.03
N ALA B 939 -13.90 -1.10 -9.20
CA ALA B 939 -14.46 -0.57 -10.42
C ALA B 939 -15.57 -1.48 -10.94
N ILE B 940 -16.34 -0.96 -11.90
CA ILE B 940 -17.44 -1.74 -12.47
C ILE B 940 -16.92 -2.93 -13.25
N SER B 941 -15.67 -2.90 -13.71
CA SER B 941 -15.08 -4.03 -14.43
C SER B 941 -13.57 -3.90 -14.36
N SER B 942 -12.89 -5.01 -14.64
CA SER B 942 -11.44 -5.05 -14.70
C SER B 942 -10.92 -4.95 -16.13
N VAL B 943 -11.78 -4.67 -17.09
CA VAL B 943 -11.42 -4.61 -18.50
C VAL B 943 -11.52 -3.17 -18.96
N LEU B 944 -10.37 -2.58 -19.29
CA LEU B 944 -10.33 -1.21 -19.76
C LEU B 944 -11.15 -1.04 -21.04
N ASN B 945 -11.07 -2.02 -21.94
CA ASN B 945 -11.83 -1.94 -23.18
C ASN B 945 -13.33 -1.91 -22.91
N ASP B 946 -13.80 -2.73 -21.98
CA ASP B 946 -15.21 -2.71 -21.62
C ASP B 946 -15.62 -1.37 -21.04
N ILE B 947 -14.81 -0.84 -20.11
CA ILE B 947 -15.11 0.44 -19.50
C ILE B 947 -15.22 1.52 -20.58
N LEU B 948 -14.23 1.57 -21.49
CA LEU B 948 -14.19 2.62 -22.49
C LEU B 948 -15.24 2.44 -23.58
N SER B 949 -15.69 1.21 -23.81
CA SER B 949 -16.77 0.98 -24.77
C SER B 949 -18.12 1.35 -24.19
N ARG B 950 -18.30 1.25 -22.87
CA ARG B 950 -19.61 1.53 -22.29
C ARG B 950 -19.77 2.98 -21.82
N LEU B 951 -18.71 3.58 -21.29
CA LEU B 951 -18.83 4.83 -20.55
C LEU B 951 -18.15 5.99 -21.30
N ASP B 952 -18.71 7.18 -21.10
CA ASP B 952 -18.09 8.40 -21.62
C ASP B 952 -16.94 8.83 -20.71
N LYS B 953 -16.18 9.82 -21.19
CA LYS B 953 -14.88 10.13 -20.59
C LYS B 953 -14.99 10.42 -19.10
N VAL B 954 -16.05 11.12 -18.68
CA VAL B 954 -16.09 11.63 -17.31
C VAL B 954 -16.09 10.48 -16.30
N GLU B 955 -17.00 9.51 -16.48
CA GLU B 955 -17.07 8.38 -15.56
C GLU B 955 -15.99 7.34 -15.85
N ALA B 956 -15.63 7.18 -17.12
CA ALA B 956 -14.51 6.32 -17.47
C ALA B 956 -13.27 6.73 -16.69
N GLU B 957 -13.08 8.03 -16.49
CA GLU B 957 -11.91 8.50 -15.75
C GLU B 957 -11.91 8.00 -14.32
N VAL B 958 -13.06 8.04 -13.65
CA VAL B 958 -13.14 7.56 -12.28
C VAL B 958 -12.79 6.07 -12.21
N GLN B 959 -13.42 5.28 -13.09
CA GLN B 959 -13.16 3.84 -13.06
C GLN B 959 -11.69 3.54 -13.35
N ILE B 960 -11.12 4.22 -14.35
CA ILE B 960 -9.73 3.97 -14.72
C ILE B 960 -8.80 4.40 -13.59
N ASP B 961 -9.14 5.47 -12.87
CA ASP B 961 -8.33 5.88 -11.73
C ASP B 961 -8.28 4.78 -10.68
N ARG B 962 -9.44 4.19 -10.39
CA ARG B 962 -9.45 3.07 -9.44
C ARG B 962 -8.53 1.95 -9.91
N LEU B 963 -8.63 1.58 -11.18
CA LEU B 963 -7.79 0.50 -11.70
C LEU B 963 -6.31 0.84 -11.60
N ILE B 964 -5.95 2.09 -11.93
CA ILE B 964 -4.55 2.50 -11.87
C ILE B 964 -4.02 2.39 -10.45
N THR B 965 -4.80 2.85 -9.48
CA THR B 965 -4.37 2.75 -8.09
C THR B 965 -4.09 1.30 -7.71
N GLY B 966 -5.03 0.41 -8.02
CA GLY B 966 -4.86 -1.00 -7.64
C GLY B 966 -3.63 -1.62 -8.28
N ARG B 967 -3.44 -1.41 -9.58
CA ARG B 967 -2.34 -2.07 -10.27
C ARG B 967 -0.99 -1.51 -9.82
N LEU B 968 -0.92 -0.20 -9.56
CA LEU B 968 0.30 0.37 -9.00
C LEU B 968 0.63 -0.28 -7.66
N GLN B 969 -0.39 -0.48 -6.81
CA GLN B 969 -0.14 -1.15 -5.53
C GLN B 969 0.40 -2.56 -5.74
N SER B 970 -0.15 -3.29 -6.72
CA SER B 970 0.36 -4.63 -6.99
C SER B 970 1.85 -4.60 -7.34
N LEU B 971 2.23 -3.67 -8.22
CA LEU B 971 3.64 -3.58 -8.60
C LEU B 971 4.52 -3.24 -7.39
N GLN B 972 4.05 -2.32 -6.53
CA GLN B 972 4.84 -1.96 -5.36
C GLN B 972 5.06 -3.16 -4.44
N THR B 973 4.01 -3.97 -4.24
CA THR B 973 4.17 -5.16 -3.41
C THR B 973 5.21 -6.10 -4.00
N TYR B 974 5.14 -6.32 -5.32
CA TYR B 974 6.13 -7.17 -5.98
C TYR B 974 7.54 -6.65 -5.71
N VAL B 975 7.76 -5.35 -5.86
CA VAL B 975 9.10 -4.80 -5.71
C VAL B 975 9.60 -4.95 -4.28
N THR B 976 8.73 -4.70 -3.29
CA THR B 976 9.14 -4.84 -1.89
C THR B 976 9.61 -6.27 -1.60
N GLN B 977 8.82 -7.25 -2.03
CA GLN B 977 9.20 -8.63 -1.77
C GLN B 977 10.48 -9.00 -2.50
N GLN B 978 10.68 -8.45 -3.71
CA GLN B 978 11.93 -8.68 -4.42
C GLN B 978 13.11 -8.14 -3.64
N LEU B 979 12.96 -6.95 -3.04
CA LEU B 979 14.06 -6.38 -2.27
C LEU B 979 14.43 -7.28 -1.09
N ILE B 980 13.42 -7.79 -0.38
CA ILE B 980 13.72 -8.64 0.78
C ILE B 980 14.42 -9.93 0.33
N ARG B 981 13.90 -10.56 -0.73
CA ARG B 981 14.55 -11.76 -1.24
C ARG B 981 15.99 -11.48 -1.66
N ALA B 982 16.23 -10.32 -2.29
CA ALA B 982 17.57 -9.98 -2.73
C ALA B 982 18.51 -9.83 -1.55
N ALA B 983 18.03 -9.23 -0.45
CA ALA B 983 18.88 -9.12 0.73
C ALA B 983 19.28 -10.50 1.25
N GLU B 984 18.32 -11.43 1.31
CA GLU B 984 18.65 -12.77 1.75
C GLU B 984 19.70 -13.41 0.84
N ILE B 985 19.50 -13.29 -0.47
CA ILE B 985 20.44 -13.88 -1.43
C ILE B 985 21.82 -13.27 -1.27
N ARG B 986 21.90 -11.96 -1.01
CA ARG B 986 23.19 -11.32 -0.84
C ARG B 986 23.91 -11.83 0.39
N ALA B 987 23.19 -12.05 1.47
CA ALA B 987 23.82 -12.64 2.65
C ALA B 987 24.41 -14.01 2.31
N SER B 988 23.64 -14.84 1.60
CA SER B 988 24.13 -16.16 1.24
C SER B 988 25.36 -16.06 0.34
N ALA B 989 25.36 -15.13 -0.60
CA ALA B 989 26.48 -14.98 -1.52
C ALA B 989 27.74 -14.52 -0.80
N ASN B 990 27.60 -13.60 0.17
CA ASN B 990 28.75 -13.20 0.95
C ASN B 990 29.33 -14.38 1.71
N LEU B 991 28.46 -15.20 2.31
CA LEU B 991 28.97 -16.38 3.00
C LEU B 991 29.69 -17.32 2.03
N ALA B 992 29.15 -17.50 0.84
CA ALA B 992 29.79 -18.38 -0.15
C ALA B 992 31.17 -17.85 -0.55
N ALA B 993 31.28 -16.53 -0.75
CA ALA B 993 32.58 -15.97 -1.10
C ALA B 993 33.60 -16.17 0.03
N THR B 994 33.16 -15.97 1.28
CA THR B 994 34.05 -16.23 2.40
C THR B 994 34.49 -17.68 2.43
N LYS B 995 33.56 -18.60 2.17
CA LYS B 995 33.92 -20.02 2.16
C LYS B 995 34.91 -20.33 1.04
N MET B 996 34.71 -19.75 -0.14
CA MET B 996 35.69 -19.93 -1.21
C MET B 996 37.07 -19.53 -0.71
N SER B 997 37.19 -18.31 -0.16
CA SER B 997 38.49 -17.81 0.26
C SER B 997 39.12 -18.69 1.34
N GLU B 998 38.33 -19.12 2.32
CA GLU B 998 38.90 -19.74 3.51
C GLU B 998 39.00 -21.26 3.45
N CYS B 999 38.20 -21.92 2.61
CA CYS B 999 38.24 -23.37 2.47
C CYS B 999 38.90 -23.82 1.18
N VAL B 1000 38.72 -23.10 0.07
CA VAL B 1000 39.31 -23.53 -1.19
C VAL B 1000 40.73 -23.01 -1.35
N LEU B 1001 40.97 -21.77 -0.96
CA LEU B 1001 42.28 -21.14 -1.11
C LEU B 1001 43.17 -21.32 0.10
N GLY B 1002 42.70 -21.98 1.14
CA GLY B 1002 43.52 -22.24 2.32
C GLY B 1002 42.91 -23.33 3.17
N GLN B 1003 43.64 -23.71 4.22
CA GLN B 1003 43.19 -24.73 5.15
C GLN B 1003 42.66 -24.05 6.41
N SER B 1004 41.41 -24.34 6.74
CA SER B 1004 40.71 -23.67 7.83
C SER B 1004 40.84 -24.44 9.13
N LYS B 1005 40.84 -23.71 10.24
CA LYS B 1005 40.82 -24.30 11.57
C LYS B 1005 39.51 -24.01 12.31
N ARG B 1006 38.58 -23.29 11.69
CA ARG B 1006 37.30 -23.02 12.32
C ARG B 1006 36.48 -24.31 12.35
N VAL B 1007 36.03 -24.71 13.54
CA VAL B 1007 35.33 -25.98 13.69
C VAL B 1007 34.04 -25.95 12.90
N ASP B 1008 33.82 -26.97 12.08
CA ASP B 1008 32.60 -27.21 11.32
C ASP B 1008 32.34 -26.14 10.26
N PHE B 1009 33.31 -25.29 9.94
CA PHE B 1009 33.10 -24.29 8.90
C PHE B 1009 33.19 -24.93 7.52
N CYS B 1010 34.28 -25.61 7.23
CA CYS B 1010 34.45 -26.33 5.97
C CYS B 1010 34.15 -27.82 6.15
N GLY B 1011 32.90 -28.12 6.49
CA GLY B 1011 32.47 -29.49 6.68
C GLY B 1011 32.75 -30.01 8.08
N LYS B 1012 32.29 -31.23 8.33
CA LYS B 1012 32.42 -31.86 9.63
C LYS B 1012 33.66 -32.72 9.67
N GLY B 1013 34.49 -32.51 10.70
CA GLY B 1013 35.77 -33.16 10.83
C GLY B 1013 36.91 -32.16 10.76
N TYR B 1014 38.12 -32.69 10.63
CA TYR B 1014 39.32 -31.88 10.50
C TYR B 1014 39.52 -31.57 9.02
N HIS B 1015 39.37 -30.30 8.65
CA HIS B 1015 39.40 -29.92 7.25
C HIS B 1015 40.75 -30.22 6.62
N LEU B 1016 40.72 -30.83 5.43
CA LEU B 1016 41.91 -30.98 4.60
C LEU B 1016 41.89 -30.05 3.39
N MET B 1017 40.83 -30.07 2.59
CA MET B 1017 40.79 -29.19 1.42
C MET B 1017 39.41 -29.26 0.79
N SER B 1018 39.09 -28.26 -0.04
CA SER B 1018 37.78 -28.17 -0.66
C SER B 1018 37.90 -27.87 -2.14
N PHE B 1019 36.88 -28.27 -2.90
CA PHE B 1019 36.82 -28.04 -4.35
C PHE B 1019 35.48 -27.41 -4.71
N PRO B 1020 35.46 -26.37 -5.55
CA PRO B 1020 34.19 -25.79 -5.98
C PRO B 1020 33.68 -26.37 -7.30
N GLN B 1021 32.36 -26.37 -7.44
CA GLN B 1021 31.69 -26.76 -8.68
C GLN B 1021 30.53 -25.82 -8.93
N ALA B 1022 30.35 -25.42 -10.19
CA ALA B 1022 29.28 -24.50 -10.54
C ALA B 1022 27.94 -25.22 -10.58
N ALA B 1023 26.87 -24.49 -10.32
CA ALA B 1023 25.52 -25.05 -10.39
C ALA B 1023 24.58 -23.93 -10.77
N PRO B 1024 23.38 -24.25 -11.28
CA PRO B 1024 22.45 -23.20 -11.68
C PRO B 1024 22.16 -22.25 -10.52
N HIS B 1025 22.50 -20.99 -10.72
CA HIS B 1025 22.27 -19.92 -9.75
C HIS B 1025 23.08 -20.09 -8.47
N GLY B 1026 24.11 -20.94 -8.47
CA GLY B 1026 24.85 -21.12 -7.24
C GLY B 1026 26.11 -21.94 -7.41
N VAL B 1027 26.66 -22.36 -6.27
CA VAL B 1027 27.90 -23.10 -6.21
C VAL B 1027 27.71 -24.29 -5.26
N VAL B 1028 28.53 -25.31 -5.44
CA VAL B 1028 28.54 -26.49 -4.59
C VAL B 1028 29.98 -26.75 -4.16
N PHE B 1029 30.20 -26.85 -2.86
CA PHE B 1029 31.53 -27.10 -2.30
C PHE B 1029 31.63 -28.58 -1.92
N LEU B 1030 32.73 -29.22 -2.34
CA LEU B 1030 33.06 -30.56 -1.91
C LEU B 1030 34.18 -30.46 -0.88
N HIS B 1031 33.85 -30.69 0.38
CA HIS B 1031 34.81 -30.61 1.48
C HIS B 1031 35.42 -31.97 1.73
N VAL B 1032 36.73 -32.00 1.96
CA VAL B 1032 37.48 -33.21 2.25
C VAL B 1032 38.12 -33.01 3.62
N THR B 1033 37.78 -33.91 4.55
CA THR B 1033 38.15 -33.80 5.95
C THR B 1033 38.65 -35.15 6.47
N TYR B 1034 39.26 -35.10 7.64
CA TYR B 1034 39.91 -36.25 8.28
C TYR B 1034 39.08 -36.69 9.48
N VAL B 1035 38.76 -37.97 9.55
CA VAL B 1035 37.87 -38.50 10.58
C VAL B 1035 38.56 -39.60 11.37
N PRO B 1036 38.94 -39.38 12.62
CA PRO B 1036 39.52 -40.47 13.42
C PRO B 1036 38.50 -41.56 13.70
N SER B 1037 39.01 -42.79 13.83
CA SER B 1037 38.15 -43.95 14.02
C SER B 1037 38.92 -45.03 14.77
N GLN B 1038 38.16 -46.01 15.28
CA GLN B 1038 38.74 -47.18 15.95
C GLN B 1038 39.60 -46.77 17.14
N GLU B 1039 38.92 -46.25 18.16
CA GLU B 1039 39.60 -45.84 19.37
C GLU B 1039 39.95 -47.05 20.24
N ARG B 1040 41.09 -46.95 20.92
CA ARG B 1040 41.56 -47.97 21.85
C ARG B 1040 41.92 -47.32 23.18
N ASN B 1041 41.84 -48.12 24.24
CA ASN B 1041 42.07 -47.65 25.60
C ASN B 1041 43.55 -47.63 25.95
N PHE B 1042 43.94 -46.67 26.78
CA PHE B 1042 45.27 -46.63 27.36
C PHE B 1042 45.19 -45.99 28.72
N THR B 1043 46.20 -46.22 29.55
CA THR B 1043 46.31 -45.61 30.87
C THR B 1043 47.23 -44.40 30.77
N THR B 1044 46.77 -43.27 31.30
CA THR B 1044 47.47 -42.00 31.12
C THR B 1044 47.86 -41.41 32.47
N ALA B 1045 48.92 -40.59 32.45
CA ALA B 1045 49.40 -39.89 33.63
C ALA B 1045 49.66 -38.43 33.27
N PRO B 1046 49.22 -37.47 34.10
CA PRO B 1046 49.49 -36.06 33.77
C PRO B 1046 50.97 -35.74 33.64
N ALA B 1047 51.81 -36.34 34.47
CA ALA B 1047 53.25 -36.08 34.45
C ALA B 1047 53.97 -37.28 35.01
N ILE B 1048 55.27 -37.34 34.78
CA ILE B 1048 56.09 -38.45 35.25
C ILE B 1048 57.25 -37.93 36.08
N CYS B 1049 57.52 -38.57 37.21
CA CYS B 1049 58.57 -38.18 38.13
C CYS B 1049 59.82 -39.02 37.87
N HIS B 1050 60.96 -38.36 37.75
CA HIS B 1050 62.23 -39.01 37.49
C HIS B 1050 63.33 -38.26 38.23
N GLU B 1051 64.03 -38.96 39.13
CA GLU B 1051 65.10 -38.36 39.90
C GLU B 1051 64.62 -37.11 40.64
N GLY B 1052 63.38 -37.17 41.12
CA GLY B 1052 62.81 -36.07 41.86
C GLY B 1052 62.34 -34.89 41.03
N LYS B 1053 62.43 -34.97 39.71
CA LYS B 1053 62.03 -33.90 38.82
C LYS B 1053 60.77 -34.32 38.06
N ALA B 1054 59.90 -33.35 37.81
CA ALA B 1054 58.63 -33.60 37.14
C ALA B 1054 58.75 -33.28 35.65
N TYR B 1055 58.31 -34.20 34.82
CA TYR B 1055 58.31 -34.04 33.37
C TYR B 1055 56.87 -34.04 32.88
N PHE B 1056 56.53 -33.09 32.03
CA PHE B 1056 55.21 -32.85 31.50
C PHE B 1056 55.17 -33.03 29.99
N PRO B 1057 53.99 -33.32 29.42
CA PRO B 1057 53.84 -33.28 27.97
C PRO B 1057 53.60 -31.87 27.46
N ARG B 1058 53.63 -31.68 26.14
CA ARG B 1058 53.55 -30.35 25.52
C ARG B 1058 52.56 -30.40 24.35
N GLU B 1059 51.34 -30.86 24.62
CA GLU B 1059 50.27 -31.24 23.70
C GLU B 1059 50.28 -32.73 23.35
N GLY B 1060 51.20 -33.52 23.90
CA GLY B 1060 51.14 -34.96 23.81
C GLY B 1060 50.42 -35.56 25.00
N VAL B 1061 50.41 -36.89 25.03
CA VAL B 1061 49.86 -37.63 26.15
C VAL B 1061 50.77 -38.81 26.49
N PHE B 1062 51.01 -39.02 27.78
CA PHE B 1062 51.64 -40.25 28.24
C PHE B 1062 50.65 -41.40 28.19
N VAL B 1063 51.11 -42.54 27.69
CA VAL B 1063 50.27 -43.73 27.52
C VAL B 1063 51.05 -44.95 27.98
N PHE B 1064 50.38 -45.82 28.73
CA PHE B 1064 50.96 -47.07 29.19
C PHE B 1064 50.43 -48.21 28.31
N SER B 1065 51.34 -48.84 27.57
CA SER B 1065 50.97 -49.95 26.70
C SER B 1065 50.35 -51.09 27.50
N SER B 1068 55.22 -50.62 29.85
CA SER B 1068 56.10 -49.47 29.65
C SER B 1068 55.28 -48.21 29.36
N TRP B 1069 55.92 -47.06 29.52
CA TRP B 1069 55.27 -45.76 29.27
C TRP B 1069 55.87 -45.12 28.03
N PHE B 1070 55.00 -44.49 27.24
CA PHE B 1070 55.37 -43.83 26.01
C PHE B 1070 54.66 -42.48 25.95
N ILE B 1071 54.98 -41.71 24.92
CA ILE B 1071 54.36 -40.43 24.64
C ILE B 1071 53.82 -40.48 23.21
N THR B 1072 52.63 -39.93 23.00
CA THR B 1072 52.01 -40.01 21.69
C THR B 1072 51.17 -38.75 21.43
N GLN B 1073 50.90 -38.52 20.15
CA GLN B 1073 49.98 -37.48 19.72
C GLN B 1073 48.54 -37.97 19.86
N ARG B 1074 47.63 -37.02 20.04
CA ARG B 1074 46.27 -37.34 20.46
C ARG B 1074 45.36 -37.77 19.32
N ASN B 1075 45.73 -37.54 18.07
CA ASN B 1075 44.86 -37.84 16.94
C ASN B 1075 45.23 -39.12 16.21
N PHE B 1076 46.34 -39.75 16.57
CA PHE B 1076 46.75 -40.99 15.94
C PHE B 1076 47.77 -41.67 16.84
N PHE B 1077 47.55 -42.93 17.16
CA PHE B 1077 48.40 -43.64 18.12
C PHE B 1077 49.72 -44.01 17.46
N SER B 1078 50.78 -43.31 17.83
CA SER B 1078 52.14 -43.60 17.38
C SER B 1078 53.05 -43.54 18.60
N PRO B 1079 53.02 -44.55 19.46
CA PRO B 1079 53.75 -44.48 20.73
C PRO B 1079 55.24 -44.28 20.51
N GLN B 1080 55.84 -43.41 21.32
CA GLN B 1080 57.25 -43.09 21.22
C GLN B 1080 57.90 -43.16 22.59
N ILE B 1081 59.17 -43.55 22.63
CA ILE B 1081 59.87 -43.68 23.89
C ILE B 1081 60.14 -42.30 24.48
N ILE B 1082 59.93 -42.15 25.78
CA ILE B 1082 60.11 -40.87 26.43
C ILE B 1082 61.58 -40.50 26.45
N THR B 1083 61.87 -39.23 26.19
CA THR B 1083 63.23 -38.71 26.23
C THR B 1083 63.14 -37.21 26.47
N THR B 1084 64.27 -36.64 26.94
CA THR B 1084 64.31 -35.22 27.22
C THR B 1084 63.86 -34.38 26.03
N ASP B 1085 63.89 -34.94 24.82
CA ASP B 1085 63.46 -34.19 23.65
C ASP B 1085 61.97 -33.87 23.70
N ASN B 1086 61.15 -34.83 24.12
CA ASN B 1086 59.70 -34.69 24.03
C ASN B 1086 59.04 -34.38 25.37
N THR B 1087 59.81 -34.04 26.40
CA THR B 1087 59.27 -33.77 27.73
C THR B 1087 59.75 -32.41 28.21
N PHE B 1088 58.91 -31.75 29.01
CA PHE B 1088 59.22 -30.43 29.55
C PHE B 1088 59.40 -30.55 31.07
N VAL B 1089 60.56 -30.16 31.56
CA VAL B 1089 60.90 -30.32 32.97
C VAL B 1089 60.42 -29.10 33.75
N SER B 1090 59.76 -29.34 34.89
CA SER B 1090 59.25 -28.23 35.69
C SER B 1090 59.05 -28.68 37.13
N GLY B 1091 59.81 -28.09 38.05
CA GLY B 1091 59.57 -28.31 39.46
C GLY B 1091 59.96 -29.69 39.95
N ASN B 1092 59.30 -30.10 41.04
CA ASN B 1092 59.52 -31.38 41.68
C ASN B 1092 58.24 -32.22 41.57
N CYS B 1093 58.22 -33.35 42.27
CA CYS B 1093 57.12 -34.31 42.18
C CYS B 1093 56.15 -34.19 43.35
N ASP B 1094 55.91 -32.98 43.85
CA ASP B 1094 55.04 -32.76 44.99
C ASP B 1094 53.72 -32.11 44.61
N VAL B 1095 53.76 -31.01 43.86
CA VAL B 1095 52.53 -30.28 43.55
C VAL B 1095 51.66 -31.07 42.59
N VAL B 1096 52.27 -31.75 41.61
CA VAL B 1096 51.49 -32.41 40.57
C VAL B 1096 50.60 -33.48 41.17
N ILE B 1097 49.31 -33.41 40.85
CA ILE B 1097 48.34 -34.40 41.32
C ILE B 1097 48.26 -35.53 40.29
N GLY B 1098 48.37 -36.77 40.76
CA GLY B 1098 48.27 -37.92 39.89
C GLY B 1098 49.55 -38.28 39.17
N ILE B 1099 50.69 -37.71 39.58
CA ILE B 1099 51.95 -38.04 38.93
C ILE B 1099 52.37 -39.46 39.28
N ILE B 1100 52.96 -40.15 38.31
CA ILE B 1100 53.46 -41.51 38.50
C ILE B 1100 54.97 -41.49 38.28
N ASN B 1101 55.67 -42.45 38.90
CA ASN B 1101 57.12 -42.51 38.84
C ASN B 1101 57.56 -43.29 37.59
N ASN B 1102 58.55 -42.75 36.88
CA ASN B 1102 59.11 -43.42 35.72
C ASN B 1102 60.54 -42.95 35.51
N THR B 1103 61.16 -43.47 34.46
CA THR B 1103 62.49 -43.09 34.02
C THR B 1103 62.42 -42.42 32.66
N VAL B 1104 63.36 -41.53 32.39
CA VAL B 1104 63.44 -40.80 31.13
C VAL B 1104 64.81 -41.04 30.53
N TYR B 1105 64.84 -41.52 29.29
CA TYR B 1105 66.09 -41.81 28.61
C TYR B 1105 66.80 -40.51 28.20
N LEU C 1 -10.53 47.38 -59.72
CA LEU C 1 -10.08 46.78 -58.47
C LEU C 1 -11.17 46.87 -57.39
N ASP C 2 -12.28 47.51 -57.73
CA ASP C 2 -13.40 47.60 -56.78
C ASP C 2 -13.88 46.21 -56.41
N ARG C 3 -14.07 45.34 -57.40
CA ARG C 3 -14.28 43.92 -57.15
C ARG C 3 -12.92 43.23 -57.06
N CYS C 4 -12.95 41.95 -56.70
CA CYS C 4 -11.72 41.20 -56.54
C CYS C 4 -11.32 40.54 -57.85
N THR C 5 -10.04 40.62 -58.18
CA THR C 5 -9.51 40.21 -59.46
C THR C 5 -8.68 38.94 -59.31
N THR C 6 -8.48 38.27 -60.44
CA THR C 6 -7.64 37.08 -60.53
C THR C 6 -6.39 37.42 -61.33
N PHE C 7 -5.23 37.12 -60.78
CA PHE C 7 -3.98 37.39 -61.47
C PHE C 7 -3.84 36.49 -62.69
N ASP C 8 -3.31 37.06 -63.77
CA ASP C 8 -3.10 36.33 -65.02
C ASP C 8 -1.63 35.96 -65.17
N ASP C 9 -1.38 34.74 -65.65
CA ASP C 9 -0.03 34.25 -65.86
C ASP C 9 0.76 34.19 -64.54
N VAL C 10 0.25 33.39 -63.62
CA VAL C 10 0.87 33.16 -62.32
C VAL C 10 1.36 31.73 -62.28
N GLN C 11 2.64 31.55 -61.94
CA GLN C 11 3.22 30.21 -61.90
C GLN C 11 2.62 29.40 -60.76
N ALA C 12 2.59 28.08 -60.95
CA ALA C 12 2.04 27.20 -59.93
C ALA C 12 2.99 27.07 -58.76
N PRO C 13 2.48 26.79 -57.56
CA PRO C 13 3.35 26.71 -56.38
C PRO C 13 4.34 25.56 -56.48
N ASN C 14 5.51 25.76 -55.86
CA ASN C 14 6.51 24.71 -55.65
C ASN C 14 6.54 24.45 -54.15
N TYR C 15 5.93 23.35 -53.72
CA TYR C 15 5.84 23.03 -52.30
C TYR C 15 7.20 22.52 -51.83
N THR C 16 8.11 23.46 -51.60
CA THR C 16 9.44 23.10 -51.12
C THR C 16 9.34 22.50 -49.72
N GLN C 17 10.25 21.58 -49.43
CA GLN C 17 10.26 20.82 -48.18
C GLN C 17 11.40 21.30 -47.30
N HIS C 18 11.10 21.50 -46.01
CA HIS C 18 12.11 21.87 -45.04
C HIS C 18 11.84 21.08 -43.76
N THR C 19 12.71 21.25 -42.77
CA THR C 19 12.54 20.59 -41.48
C THR C 19 12.42 21.65 -40.38
N SER C 20 11.49 21.42 -39.46
CA SER C 20 11.50 22.16 -38.22
C SER C 20 12.78 21.84 -37.45
N SER C 21 13.11 22.69 -36.49
CA SER C 21 14.30 22.45 -35.67
C SER C 21 14.01 22.99 -34.28
N MET C 22 13.50 22.12 -33.41
CA MET C 22 13.22 22.47 -32.02
C MET C 22 12.39 23.75 -31.93
N ARG C 23 11.59 24.01 -32.95
CA ARG C 23 10.76 25.21 -33.01
C ARG C 23 9.31 24.88 -32.67
N GLY C 24 8.60 25.88 -32.17
CA GLY C 24 7.17 25.77 -31.94
C GLY C 24 6.73 25.51 -30.52
N VAL C 25 7.65 25.51 -29.54
CA VAL C 25 7.25 25.30 -28.16
C VAL C 25 6.57 26.55 -27.62
N TYR C 26 5.53 26.35 -26.81
CA TYR C 26 4.79 27.46 -26.23
C TYR C 26 4.50 27.15 -24.76
N TYR C 27 4.06 28.17 -24.04
CA TYR C 27 3.75 28.02 -22.62
C TYR C 27 2.47 27.23 -22.45
N PRO C 28 2.46 26.11 -21.72
CA PRO C 28 1.27 25.27 -21.66
C PRO C 28 0.13 25.82 -20.83
N ASP C 29 0.44 26.65 -19.83
CA ASP C 29 -0.60 27.21 -18.96
C ASP C 29 -0.15 28.59 -18.49
N GLU C 30 -0.83 29.11 -17.48
CA GLU C 30 -0.58 30.46 -16.96
C GLU C 30 0.08 30.46 -15.59
N ILE C 31 0.68 29.35 -15.18
CA ILE C 31 1.30 29.22 -13.86
C ILE C 31 2.79 29.53 -13.99
N PHE C 32 3.29 30.39 -13.10
CA PHE C 32 4.70 30.72 -13.07
C PHE C 32 5.50 29.60 -12.42
N ARG C 33 6.60 29.21 -13.06
CA ARG C 33 7.51 28.19 -12.54
C ARG C 33 8.94 28.61 -12.87
N SER C 34 9.89 28.13 -12.07
CA SER C 34 11.29 28.49 -12.27
C SER C 34 12.20 27.40 -11.74
N ASP C 35 13.35 27.24 -12.39
CA ASP C 35 14.38 26.30 -11.97
C ASP C 35 13.81 24.90 -11.79
N THR C 36 13.20 24.37 -12.85
CA THR C 36 12.51 23.09 -12.72
C THR C 36 12.33 22.44 -14.08
N LEU C 37 12.02 21.15 -14.04
CA LEU C 37 11.66 20.36 -15.22
C LEU C 37 10.19 19.96 -15.11
N TYR C 38 9.47 20.04 -16.22
CA TYR C 38 8.02 19.84 -16.20
C TYR C 38 7.63 18.94 -17.36
N LEU C 39 7.05 17.79 -17.04
CA LEU C 39 6.57 16.85 -18.05
C LEU C 39 5.10 17.11 -18.34
N THR C 40 4.77 17.24 -19.62
CA THR C 40 3.39 17.53 -19.98
C THR C 40 3.06 16.86 -21.30
N GLN C 41 1.77 16.69 -21.56
CA GLN C 41 1.27 16.08 -22.78
C GLN C 41 0.29 17.02 -23.43
N ASP C 42 0.50 17.33 -24.71
CA ASP C 42 -0.33 18.31 -25.40
C ASP C 42 -0.06 18.22 -26.90
N LEU C 43 -0.70 19.11 -27.64
CA LEU C 43 -0.51 19.19 -29.09
C LEU C 43 0.73 20.03 -29.38
N PHE C 44 1.82 19.38 -29.75
CA PHE C 44 3.10 20.03 -30.00
C PHE C 44 3.58 19.72 -31.41
N LEU C 45 4.52 20.51 -31.88
CA LEU C 45 5.17 20.26 -33.16
C LEU C 45 6.38 19.37 -32.92
N PRO C 46 6.39 18.11 -33.36
CA PRO C 46 7.53 17.24 -33.06
C PRO C 46 8.82 17.80 -33.65
N PHE C 47 9.91 17.60 -32.94
CA PHE C 47 11.20 18.09 -33.41
C PHE C 47 11.54 17.48 -34.76
N TYR C 48 12.05 18.32 -35.67
CA TYR C 48 12.50 17.88 -36.98
C TYR C 48 11.37 17.27 -37.80
N SER C 49 10.18 17.86 -37.69
CA SER C 49 9.06 17.50 -38.55
C SER C 49 9.27 18.09 -39.94
N ASN C 50 8.53 17.56 -40.91
CA ASN C 50 8.58 18.09 -42.26
C ASN C 50 7.59 19.23 -42.40
N VAL C 51 8.08 20.37 -42.87
CA VAL C 51 7.27 21.56 -43.06
C VAL C 51 7.31 21.94 -44.54
N THR C 52 6.27 22.62 -44.98
CA THR C 52 6.13 23.03 -46.37
C THR C 52 6.32 24.54 -46.48
N GLY C 53 7.09 24.95 -47.49
CA GLY C 53 7.36 26.36 -47.71
C GLY C 53 6.58 26.92 -48.89
N PHE C 54 6.22 28.20 -48.78
CA PHE C 54 5.49 28.93 -49.80
C PHE C 54 6.17 30.27 -49.97
N HIS C 55 6.22 30.76 -51.21
CA HIS C 55 7.05 31.90 -51.56
C HIS C 55 6.27 32.89 -52.41
N THR C 56 6.61 34.17 -52.25
CA THR C 56 6.16 35.22 -53.16
C THR C 56 7.40 35.86 -53.77
N ILE C 57 7.54 35.70 -55.09
CA ILE C 57 8.68 36.27 -55.81
C ILE C 57 8.40 36.26 -57.31
N ASN C 58 8.76 37.34 -58.01
CA ASN C 58 8.58 37.44 -59.46
C ASN C 58 7.13 37.19 -59.85
N HIS C 59 6.83 36.05 -60.48
CA HIS C 59 5.48 35.71 -60.90
C HIS C 59 4.86 34.61 -60.07
N THR C 60 5.53 34.16 -59.01
CA THR C 60 4.98 33.17 -58.09
C THR C 60 4.34 33.89 -56.91
N PHE C 61 3.03 33.63 -56.72
CA PHE C 61 2.20 34.24 -55.69
C PHE C 61 1.42 33.10 -55.03
N ASP C 62 2.01 32.49 -54.01
CA ASP C 62 1.49 31.25 -53.44
C ASP C 62 0.49 31.56 -52.34
N ASN C 63 -0.78 31.24 -52.56
CA ASN C 63 -1.81 31.38 -51.55
C ASN C 63 -2.90 30.35 -51.76
N PRO C 64 -2.59 29.06 -51.66
CA PRO C 64 -3.61 28.03 -51.83
C PRO C 64 -4.38 27.78 -50.54
N VAL C 65 -5.46 27.01 -50.67
CA VAL C 65 -6.21 26.57 -49.50
C VAL C 65 -5.45 25.42 -48.85
N ILE C 66 -5.18 25.55 -47.56
CA ILE C 66 -4.35 24.57 -46.85
C ILE C 66 -5.19 23.90 -45.76
N PRO C 67 -5.10 22.58 -45.60
CA PRO C 67 -5.85 21.92 -44.52
C PRO C 67 -5.35 22.34 -43.14
N PHE C 68 -6.28 22.36 -42.19
CA PHE C 68 -5.98 22.74 -40.82
C PHE C 68 -5.63 21.53 -39.95
N LYS C 69 -6.41 20.46 -40.05
CA LYS C 69 -6.15 19.22 -39.32
C LYS C 69 -6.31 19.45 -37.82
N ASP C 70 -5.26 19.23 -37.03
CA ASP C 70 -5.33 19.32 -35.58
C ASP C 70 -4.57 20.51 -35.03
N GLY C 71 -4.38 21.55 -35.83
CA GLY C 71 -3.64 22.72 -35.37
C GLY C 71 -2.42 22.98 -36.22
N ILE C 72 -1.88 24.20 -36.17
CA ILE C 72 -0.92 24.66 -37.16
C ILE C 72 0.22 25.41 -36.48
N TYR C 73 1.43 25.25 -37.03
CA TYR C 73 2.55 26.14 -36.78
C TYR C 73 2.85 26.89 -38.07
N PHE C 74 2.92 28.22 -37.99
CA PHE C 74 3.04 29.08 -39.16
C PHE C 74 4.13 30.10 -38.92
N ALA C 75 5.20 30.05 -39.72
CA ALA C 75 6.35 30.94 -39.52
C ALA C 75 6.67 31.69 -40.80
N ALA C 76 6.77 33.01 -40.71
CA ALA C 76 7.03 33.87 -41.87
C ALA C 76 8.40 34.51 -41.74
N THR C 77 9.18 34.45 -42.83
CA THR C 77 10.44 35.16 -42.97
C THR C 77 10.27 36.25 -44.01
N GLU C 78 10.57 37.49 -43.62
CA GLU C 78 10.32 38.61 -44.52
C GLU C 78 11.17 39.81 -44.13
N LYS C 79 11.09 40.84 -44.99
CA LYS C 79 11.72 42.12 -44.73
C LYS C 79 10.85 43.31 -45.12
N SER C 80 9.65 43.08 -45.69
CA SER C 80 8.81 44.19 -46.12
C SER C 80 7.34 43.97 -45.81
N ASN C 81 7.02 43.11 -44.86
CA ASN C 81 5.65 42.95 -44.37
C ASN C 81 4.69 42.58 -45.51
N VAL C 82 4.94 41.41 -46.10
CA VAL C 82 4.07 40.92 -47.18
C VAL C 82 2.91 40.11 -46.63
N VAL C 83 3.16 39.25 -45.65
CA VAL C 83 2.12 38.41 -45.06
C VAL C 83 1.38 39.23 -44.01
N ARG C 84 0.07 39.38 -44.20
CA ARG C 84 -0.72 40.28 -43.36
C ARG C 84 -1.74 39.58 -42.47
N GLY C 85 -2.04 38.31 -42.71
CA GLY C 85 -3.00 37.62 -41.86
C GLY C 85 -3.51 36.35 -42.52
N TRP C 86 -4.65 35.89 -42.02
CA TRP C 86 -5.22 34.61 -42.44
C TRP C 86 -6.74 34.70 -42.48
N VAL C 87 -7.32 33.75 -43.22
CA VAL C 87 -8.75 33.47 -43.19
C VAL C 87 -8.91 32.00 -42.86
N PHE C 88 -9.68 31.71 -41.81
CA PHE C 88 -9.94 30.34 -41.36
C PHE C 88 -11.42 30.02 -41.58
N GLY C 89 -11.71 28.81 -42.05
CA GLY C 89 -13.07 28.41 -42.27
C GLY C 89 -13.17 26.96 -42.65
N SER C 90 -14.34 26.58 -43.18
CA SER C 90 -14.56 25.21 -43.64
C SER C 90 -14.79 25.14 -45.15
N THR C 91 -15.78 25.86 -45.69
CA THR C 91 -16.04 25.85 -47.12
C THR C 91 -15.43 27.03 -47.85
N MET C 92 -15.04 28.08 -47.13
CA MET C 92 -14.35 29.23 -47.74
C MET C 92 -15.25 29.95 -48.74
N ASN C 93 -16.53 30.07 -48.41
CA ASN C 93 -17.46 30.89 -49.19
C ASN C 93 -18.56 31.35 -48.24
N ASN C 94 -19.61 31.96 -48.78
CA ASN C 94 -20.69 32.52 -47.97
C ASN C 94 -21.70 31.48 -47.53
N LYS C 95 -21.39 30.19 -47.64
CA LYS C 95 -22.28 29.14 -47.18
C LYS C 95 -22.01 28.74 -45.72
N SER C 96 -21.00 29.32 -45.09
CA SER C 96 -20.67 29.01 -43.71
C SER C 96 -19.86 30.16 -43.14
N GLN C 97 -19.72 30.15 -41.82
CA GLN C 97 -19.00 31.22 -41.13
C GLN C 97 -17.50 31.06 -41.30
N SER C 98 -16.81 32.19 -41.50
CA SER C 98 -15.37 32.24 -41.57
C SER C 98 -14.88 33.38 -40.70
N VAL C 99 -13.62 33.28 -40.27
CA VAL C 99 -12.98 34.30 -39.44
C VAL C 99 -11.76 34.86 -40.18
N ILE C 100 -11.70 36.18 -40.27
CA ILE C 100 -10.59 36.90 -40.87
C ILE C 100 -9.78 37.53 -39.74
N ILE C 101 -8.46 37.32 -39.77
CA ILE C 101 -7.54 37.93 -38.82
C ILE C 101 -6.46 38.63 -39.65
N ILE C 102 -6.50 39.96 -39.70
CA ILE C 102 -5.60 40.70 -40.57
C ILE C 102 -4.96 41.85 -39.82
N ASN C 103 -3.80 42.27 -40.29
CA ASN C 103 -3.12 43.48 -39.83
C ASN C 103 -3.15 44.46 -41.00
N ASN C 104 -4.21 45.26 -41.08
CA ASN C 104 -4.20 46.31 -42.07
C ASN C 104 -3.29 47.44 -41.57
N SER C 105 -2.86 48.28 -42.50
CA SER C 105 -1.72 49.17 -42.25
C SER C 105 -1.82 49.90 -40.92
N THR C 106 -3.01 50.01 -40.34
CA THR C 106 -3.20 50.78 -39.12
C THR C 106 -3.80 50.00 -37.95
N ASN C 107 -4.41 48.84 -38.19
CA ASN C 107 -5.12 48.15 -37.12
C ASN C 107 -5.05 46.64 -37.29
N VAL C 108 -5.11 45.94 -36.17
CA VAL C 108 -5.35 44.50 -36.16
C VAL C 108 -6.84 44.28 -36.06
N VAL C 109 -7.41 43.62 -37.07
CA VAL C 109 -8.86 43.42 -37.18
C VAL C 109 -9.16 41.93 -37.18
N ILE C 110 -10.12 41.53 -36.37
CA ILE C 110 -10.60 40.15 -36.32
C ILE C 110 -12.12 40.18 -36.48
N ARG C 111 -12.63 39.42 -37.45
CA ARG C 111 -14.06 39.45 -37.73
C ARG C 111 -14.56 38.08 -38.14
N ALA C 112 -15.67 37.63 -37.56
CA ALA C 112 -16.29 36.37 -37.90
C ALA C 112 -17.65 36.64 -38.55
N CYS C 113 -17.82 36.19 -39.79
CA CYS C 113 -19.04 36.50 -40.53
C CYS C 113 -19.25 35.46 -41.62
N ASN C 114 -20.39 35.56 -42.29
CA ASN C 114 -20.62 34.90 -43.57
C ASN C 114 -19.96 35.75 -44.65
N PHE C 115 -18.79 35.34 -45.10
CA PHE C 115 -17.97 36.13 -46.02
C PHE C 115 -18.14 35.62 -47.44
N GLU C 116 -18.38 36.54 -48.38
CA GLU C 116 -18.27 36.22 -49.79
C GLU C 116 -16.80 36.33 -50.18
N LEU C 117 -16.03 35.35 -49.70
CA LEU C 117 -14.58 35.41 -49.85
C LEU C 117 -14.18 35.39 -51.31
N CYS C 118 -13.09 36.09 -51.61
CA CYS C 118 -12.50 36.11 -52.94
C CYS C 118 -11.32 35.17 -52.99
N ASP C 119 -11.27 34.36 -54.05
CA ASP C 119 -10.27 33.30 -54.13
C ASP C 119 -8.84 33.84 -54.16
N ASN C 120 -8.66 35.12 -54.47
CA ASN C 120 -7.34 35.75 -54.48
C ASN C 120 -7.40 37.02 -53.65
N PRO C 121 -7.32 36.90 -52.33
CA PRO C 121 -7.33 38.08 -51.47
C PRO C 121 -5.93 38.63 -51.24
N PHE C 122 -5.82 39.96 -51.33
CA PHE C 122 -4.51 40.59 -51.24
C PHE C 122 -4.67 42.06 -50.87
N PHE C 123 -3.56 42.65 -50.42
CA PHE C 123 -3.41 44.08 -50.30
C PHE C 123 -2.59 44.61 -51.47
N VAL C 124 -2.75 45.89 -51.77
CA VAL C 124 -2.07 46.54 -52.89
C VAL C 124 -1.23 47.68 -52.35
N VAL C 125 0.05 47.71 -52.74
CA VAL C 125 0.98 48.75 -52.34
C VAL C 125 1.69 49.27 -53.59
N SER C 126 1.86 50.58 -53.66
CA SER C 126 2.50 51.21 -54.82
C SER C 126 4.00 51.32 -54.57
N LYS C 127 4.80 50.75 -55.47
CA LYS C 127 6.25 50.81 -55.33
C LYS C 127 6.77 52.23 -55.35
N PRO C 128 6.45 53.08 -56.34
CA PRO C 128 7.02 54.43 -56.36
C PRO C 128 6.68 55.25 -55.13
N MET C 129 5.47 55.09 -54.59
CA MET C 129 5.01 55.91 -53.47
C MET C 129 5.19 55.22 -52.11
N GLY C 130 5.18 53.89 -52.08
CA GLY C 130 5.27 53.20 -50.80
C GLY C 130 4.08 53.44 -49.90
N THR C 131 2.88 53.42 -50.46
CA THR C 131 1.66 53.65 -49.71
C THR C 131 0.62 52.60 -50.10
N GLN C 132 -0.13 52.12 -49.10
CA GLN C 132 -1.18 51.14 -49.38
C GLN C 132 -2.33 51.82 -50.11
N THR C 133 -2.80 51.18 -51.18
CA THR C 133 -3.82 51.75 -52.05
C THR C 133 -5.17 51.03 -51.95
N HIS C 134 -5.18 49.70 -51.97
CA HIS C 134 -6.42 48.95 -51.98
C HIS C 134 -6.32 47.75 -51.06
N THR C 135 -7.48 47.30 -50.58
CA THR C 135 -7.63 46.03 -49.88
C THR C 135 -8.82 45.30 -50.51
N MET C 136 -8.61 44.05 -50.88
CA MET C 136 -9.57 43.29 -51.68
C MET C 136 -9.76 41.89 -51.11
N ILE C 137 -10.01 41.80 -49.80
CA ILE C 137 -10.11 40.50 -49.15
C ILE C 137 -11.44 39.84 -49.46
N PHE C 138 -12.55 40.59 -49.38
CA PHE C 138 -13.86 40.00 -49.56
C PHE C 138 -14.80 40.99 -50.23
N ASP C 139 -15.87 40.46 -50.81
CA ASP C 139 -16.85 41.26 -51.53
C ASP C 139 -18.07 41.62 -50.68
N ASN C 140 -18.47 40.77 -49.74
CA ASN C 140 -19.66 41.01 -48.95
C ASN C 140 -19.56 40.26 -47.64
N ALA C 141 -20.34 40.69 -46.66
CA ALA C 141 -20.33 40.08 -45.34
C ALA C 141 -21.68 40.33 -44.68
N PHE C 142 -22.18 39.31 -43.98
CA PHE C 142 -23.45 39.42 -43.27
C PHE C 142 -23.51 38.37 -42.18
N ASN C 143 -24.49 38.51 -41.29
CA ASN C 143 -24.64 37.64 -40.13
C ASN C 143 -23.35 37.58 -39.31
N CYS C 144 -22.79 38.74 -39.02
CA CYS C 144 -21.56 38.83 -38.27
C CYS C 144 -21.82 38.55 -36.79
N THR C 145 -20.97 37.73 -36.18
CA THR C 145 -21.15 37.32 -34.80
C THR C 145 -20.02 37.74 -33.86
N PHE C 146 -18.85 38.09 -34.37
CA PHE C 146 -17.73 38.49 -33.51
C PHE C 146 -16.89 39.53 -34.23
N GLU C 147 -16.42 40.51 -33.47
CA GLU C 147 -15.59 41.58 -34.01
C GLU C 147 -14.62 42.06 -32.93
N TYR C 148 -13.41 42.39 -33.36
CA TYR C 148 -12.41 42.98 -32.46
C TYR C 148 -11.48 43.87 -33.27
N ILE C 149 -11.28 45.10 -32.79
CA ILE C 149 -10.39 46.07 -33.42
C ILE C 149 -9.46 46.61 -32.35
N SER C 150 -8.17 46.65 -32.66
CA SER C 150 -7.17 47.07 -31.70
C SER C 150 -6.90 48.57 -31.79
N ASP C 151 -6.02 49.06 -30.93
CA ASP C 151 -5.63 50.46 -30.97
C ASP C 151 -4.84 50.76 -32.23
N ALA C 152 -5.00 51.99 -32.72
CA ALA C 152 -4.35 52.39 -33.97
C ALA C 152 -2.84 52.43 -33.81
N PHE C 153 -2.14 52.12 -34.91
CA PHE C 153 -0.68 52.22 -34.96
C PHE C 153 -0.31 52.62 -36.38
N SER C 154 0.99 52.53 -36.69
CA SER C 154 1.49 52.83 -38.02
C SER C 154 2.50 51.77 -38.43
N LEU C 155 2.38 51.27 -39.65
CA LEU C 155 3.27 50.26 -40.18
C LEU C 155 4.06 50.81 -41.36
N ASP C 156 5.30 50.34 -41.49
CA ASP C 156 6.14 50.68 -42.65
C ASP C 156 5.80 49.69 -43.76
N VAL C 157 5.01 50.16 -44.73
CA VAL C 157 4.53 49.29 -45.80
C VAL C 157 5.43 49.32 -47.04
N SER C 158 6.44 50.20 -47.06
CA SER C 158 7.26 50.36 -48.25
C SER C 158 8.13 49.12 -48.48
N GLU C 159 8.46 48.90 -49.75
CA GLU C 159 9.32 47.78 -50.12
C GLU C 159 10.74 48.02 -49.65
N LYS C 160 11.45 46.91 -49.38
CA LYS C 160 12.82 46.94 -48.89
C LYS C 160 13.66 45.99 -49.73
N SER C 161 14.98 46.06 -49.52
CA SER C 161 15.92 45.24 -50.27
C SER C 161 16.94 44.65 -49.30
N GLY C 162 17.51 43.51 -49.69
CA GLY C 162 18.52 42.84 -48.91
C GLY C 162 18.09 41.45 -48.47
N ASN C 163 18.55 41.06 -47.29
CA ASN C 163 18.23 39.76 -46.71
C ASN C 163 17.00 39.86 -45.82
N PHE C 164 16.32 38.73 -45.64
CA PHE C 164 15.19 38.68 -44.73
C PHE C 164 15.64 39.05 -43.32
N LYS C 165 14.86 39.91 -42.67
CA LYS C 165 15.23 40.45 -41.37
C LYS C 165 14.36 39.96 -40.22
N HIS C 166 13.09 39.65 -40.46
CA HIS C 166 12.16 39.32 -39.39
C HIS C 166 11.63 37.91 -39.57
N LEU C 167 11.61 37.14 -38.47
CA LEU C 167 10.96 35.84 -38.40
C LEU C 167 9.83 35.93 -37.39
N ARG C 168 8.60 35.75 -37.84
CA ARG C 168 7.42 35.82 -36.98
C ARG C 168 6.76 34.44 -36.95
N GLU C 169 6.58 33.89 -35.75
CA GLU C 169 6.06 32.54 -35.57
C GLU C 169 4.72 32.59 -34.84
N PHE C 170 3.80 31.73 -35.28
CA PHE C 170 2.48 31.63 -34.69
C PHE C 170 2.10 30.16 -34.52
N VAL C 171 1.28 29.89 -33.51
CA VAL C 171 0.69 28.57 -33.29
C VAL C 171 -0.81 28.75 -33.14
N PHE C 172 -1.59 27.96 -33.88
CA PHE C 172 -3.04 28.03 -33.88
C PHE C 172 -3.63 26.69 -33.45
N LYS C 173 -4.57 26.75 -32.50
CA LYS C 173 -5.29 25.57 -32.03
C LYS C 173 -6.78 25.86 -31.96
N ASN C 174 -7.59 24.80 -32.07
CA ASN C 174 -9.04 24.92 -32.01
C ASN C 174 -9.58 23.90 -31.03
N LYS C 175 -10.31 24.37 -30.02
CA LYS C 175 -10.77 23.47 -28.96
C LYS C 175 -11.97 24.09 -28.25
N ASP C 176 -13.06 23.32 -28.16
CA ASP C 176 -14.25 23.72 -27.40
C ASP C 176 -14.72 25.11 -27.80
N GLY C 177 -14.72 25.38 -29.10
CA GLY C 177 -15.21 26.64 -29.61
C GLY C 177 -14.27 27.81 -29.46
N PHE C 178 -13.03 27.57 -29.01
CA PHE C 178 -12.03 28.62 -28.86
C PHE C 178 -10.90 28.41 -29.85
N LEU C 179 -10.43 29.51 -30.45
CA LEU C 179 -9.26 29.49 -31.32
C LEU C 179 -8.09 30.09 -30.54
N TYR C 180 -7.21 29.24 -30.04
CA TYR C 180 -6.02 29.68 -29.33
C TYR C 180 -4.96 30.17 -30.32
N VAL C 181 -4.37 31.32 -30.02
CA VAL C 181 -3.33 31.93 -30.83
C VAL C 181 -2.11 32.21 -29.94
N TYR C 182 -0.95 31.72 -30.36
CA TYR C 182 0.32 32.01 -29.70
C TYR C 182 1.25 32.66 -30.72
N LYS C 183 2.11 33.56 -30.22
CA LYS C 183 2.96 34.37 -31.08
C LYS C 183 4.39 34.44 -30.53
N GLY C 184 5.34 34.63 -31.44
CA GLY C 184 6.73 34.86 -31.08
C GLY C 184 7.45 35.56 -32.22
N TYR C 185 8.59 36.17 -31.89
CA TYR C 185 9.34 36.98 -32.84
C TYR C 185 10.83 36.76 -32.68
N GLN C 186 11.56 36.89 -33.81
CA GLN C 186 13.02 36.82 -33.79
C GLN C 186 13.63 37.69 -34.88
N PRO C 187 14.74 38.37 -34.61
CA PRO C 187 15.52 38.97 -35.70
C PRO C 187 16.44 37.95 -36.33
N ILE C 188 16.55 38.02 -37.65
CA ILE C 188 17.33 37.06 -38.43
C ILE C 188 18.11 37.79 -39.51
N ASP C 189 19.07 37.08 -40.11
CA ASP C 189 19.79 37.56 -41.29
C ASP C 189 20.13 36.34 -42.12
N VAL C 190 19.26 36.02 -43.08
CA VAL C 190 19.38 34.83 -43.90
C VAL C 190 18.87 35.15 -45.31
N VAL C 191 18.90 34.16 -46.18
CA VAL C 191 18.58 34.35 -47.58
C VAL C 191 17.31 33.59 -47.96
N ARG C 192 17.31 32.27 -47.78
CA ARG C 192 16.26 31.42 -48.34
C ARG C 192 15.49 30.62 -47.30
N ASP C 193 16.18 29.93 -46.40
CA ASP C 193 15.57 28.82 -45.67
C ASP C 193 14.86 29.30 -44.40
N LEU C 194 14.41 28.35 -43.58
CA LEU C 194 13.85 28.63 -42.27
C LEU C 194 14.91 28.41 -41.22
N PRO C 195 15.36 29.45 -40.49
CA PRO C 195 16.49 29.27 -39.60
C PRO C 195 16.23 28.23 -38.52
N SER C 196 17.29 27.54 -38.11
CA SER C 196 17.22 26.54 -37.05
C SER C 196 17.48 27.18 -35.70
N GLY C 197 16.68 26.80 -34.71
CA GLY C 197 16.86 27.33 -33.37
C GLY C 197 15.65 27.04 -32.50
N PHE C 198 15.66 27.63 -31.31
CA PHE C 198 14.65 27.41 -30.30
C PHE C 198 14.09 28.76 -29.85
N ASN C 199 12.77 28.84 -29.70
CA ASN C 199 12.13 30.09 -29.30
C ASN C 199 10.72 29.79 -28.83
N THR C 200 10.41 30.17 -27.59
CA THR C 200 9.11 29.89 -27.00
C THR C 200 8.10 30.97 -27.35
N LEU C 201 6.88 30.55 -27.68
CA LEU C 201 5.79 31.45 -28.03
C LEU C 201 4.92 31.73 -26.80
N LYS C 202 4.22 32.86 -26.84
CA LYS C 202 3.38 33.30 -25.75
C LYS C 202 1.93 33.43 -26.19
N PRO C 203 0.97 33.19 -25.30
CA PRO C 203 -0.44 33.31 -25.70
C PRO C 203 -0.82 34.76 -25.93
N ILE C 204 -1.62 35.00 -26.98
CA ILE C 204 -2.06 36.33 -27.35
C ILE C 204 -3.58 36.45 -27.32
N PHE C 205 -4.28 35.46 -27.87
CA PHE C 205 -5.73 35.51 -27.99
C PHE C 205 -6.33 34.16 -27.62
N LYS C 206 -7.57 34.20 -27.15
CA LYS C 206 -8.43 33.01 -27.05
C LYS C 206 -9.80 33.45 -27.53
N LEU C 207 -10.09 33.20 -28.80
CA LEU C 207 -11.24 33.82 -29.46
C LEU C 207 -12.47 32.94 -29.34
N PRO C 208 -13.56 33.41 -28.73
CA PRO C 208 -14.80 32.61 -28.64
C PRO C 208 -15.64 32.65 -29.91
N LEU C 209 -15.20 31.92 -30.92
CA LEU C 209 -15.83 31.98 -32.24
C LEU C 209 -16.92 30.92 -32.42
N GLY C 210 -16.65 29.69 -32.01
CA GLY C 210 -17.62 28.62 -32.17
C GLY C 210 -17.92 28.26 -33.61
N ILE C 211 -16.89 28.15 -34.44
CA ILE C 211 -17.05 27.77 -35.84
C ILE C 211 -16.16 26.57 -36.14
N LYS C 212 -16.56 25.81 -37.16
CA LYS C 212 -15.79 24.67 -37.62
C LYS C 212 -14.64 25.17 -38.50
N ILE C 213 -13.42 24.75 -38.17
CA ILE C 213 -12.23 25.16 -38.90
C ILE C 213 -11.57 23.91 -39.46
N THR C 214 -11.56 23.77 -40.78
CA THR C 214 -10.87 22.70 -41.47
C THR C 214 -9.87 23.18 -42.51
N ASN C 215 -9.98 24.43 -42.97
CA ASN C 215 -9.11 24.97 -44.01
C ASN C 215 -8.74 26.40 -43.65
N PHE C 216 -7.58 26.83 -44.15
CA PHE C 216 -7.14 28.20 -43.95
C PHE C 216 -6.35 28.67 -45.16
N ARG C 217 -6.35 29.97 -45.39
CA ARG C 217 -5.59 30.60 -46.46
C ARG C 217 -4.93 31.87 -45.96
N ALA C 218 -3.72 32.14 -46.45
CA ALA C 218 -2.96 33.31 -46.07
C ALA C 218 -3.33 34.51 -46.92
N ILE C 219 -3.21 35.70 -46.34
CA ILE C 219 -3.47 36.97 -47.02
C ILE C 219 -2.13 37.65 -47.26
N LEU C 220 -1.85 38.02 -48.51
CA LEU C 220 -0.56 38.53 -48.91
C LEU C 220 -0.70 39.95 -49.45
N THR C 221 0.43 40.53 -49.83
CA THR C 221 0.51 41.88 -50.38
C THR C 221 1.10 41.83 -51.78
N ALA C 222 0.50 42.59 -52.69
CA ALA C 222 0.97 42.71 -54.06
C ALA C 222 1.46 44.13 -54.31
N PHE C 223 2.68 44.25 -54.81
CA PHE C 223 3.30 45.55 -55.08
C PHE C 223 3.12 45.89 -56.56
N SER C 224 2.40 46.98 -56.83
CA SER C 224 2.06 47.35 -58.20
C SER C 224 3.05 48.39 -58.71
N PRO C 225 3.75 48.15 -59.82
CA PRO C 225 4.62 49.20 -60.37
C PRO C 225 3.85 50.28 -61.13
N ALA C 226 2.60 50.02 -61.50
CA ALA C 226 1.79 50.99 -62.22
C ALA C 226 0.34 50.79 -61.80
N GLN C 227 -0.58 51.38 -62.56
CA GLN C 227 -2.00 51.31 -62.20
C GLN C 227 -2.53 49.89 -62.31
N GLY C 228 -2.49 49.31 -63.51
CA GLY C 228 -3.06 48.01 -63.74
C GLY C 228 -2.13 46.84 -63.50
N THR C 229 -0.82 47.07 -63.68
CA THR C 229 0.14 45.99 -63.55
C THR C 229 0.22 45.51 -62.10
N TRP C 230 0.40 44.20 -61.93
CA TRP C 230 0.53 43.58 -60.63
C TRP C 230 1.91 42.98 -60.48
N GLY C 231 2.54 43.24 -59.33
CA GLY C 231 3.86 42.72 -59.03
C GLY C 231 3.91 42.13 -57.63
N THR C 232 5.09 41.63 -57.28
CA THR C 232 5.29 40.98 -55.99
C THR C 232 6.65 41.35 -55.45
N SER C 233 6.85 41.06 -54.16
CA SER C 233 8.13 41.23 -53.49
C SER C 233 8.47 39.94 -52.77
N ALA C 234 9.77 39.74 -52.53
CA ALA C 234 10.23 38.50 -51.94
C ALA C 234 9.66 38.30 -50.54
N ALA C 235 9.19 37.08 -50.26
CA ALA C 235 8.79 36.73 -48.89
C ALA C 235 8.54 35.23 -48.84
N ALA C 236 8.65 34.66 -47.64
CA ALA C 236 8.40 33.22 -47.49
C ALA C 236 7.61 32.95 -46.22
N TYR C 237 6.76 31.91 -46.26
CA TYR C 237 6.10 31.42 -45.06
C TYR C 237 6.02 29.90 -45.09
N PHE C 238 6.12 29.29 -43.92
CA PHE C 238 6.26 27.85 -43.76
C PHE C 238 5.20 27.32 -42.81
N VAL C 239 4.73 26.11 -43.08
CA VAL C 239 3.61 25.50 -42.37
C VAL C 239 4.03 24.12 -41.86
N GLY C 240 3.64 23.83 -40.61
CA GLY C 240 3.81 22.50 -40.04
C GLY C 240 2.60 22.13 -39.21
N TYR C 241 2.48 20.83 -38.91
CA TYR C 241 1.29 20.27 -38.28
C TYR C 241 1.58 19.78 -36.88
N LEU C 242 0.66 20.07 -35.96
CA LEU C 242 0.78 19.64 -34.57
C LEU C 242 0.33 18.20 -34.40
N LYS C 243 0.88 17.54 -33.39
CA LYS C 243 0.55 16.17 -33.05
C LYS C 243 0.51 16.04 -31.53
N PRO C 244 -0.32 15.15 -30.99
CA PRO C 244 -0.31 14.90 -29.54
C PRO C 244 0.97 14.19 -29.13
N THR C 245 1.69 14.78 -28.17
CA THR C 245 2.98 14.26 -27.75
C THR C 245 3.27 14.68 -26.32
N THR C 246 4.25 14.02 -25.72
CA THR C 246 4.73 14.34 -24.39
C THR C 246 6.06 15.07 -24.51
N PHE C 247 6.14 16.25 -23.91
CA PHE C 247 7.33 17.08 -23.88
C PHE C 247 7.82 17.23 -22.45
N MET C 248 9.11 17.48 -22.31
CA MET C 248 9.72 17.82 -21.02
C MET C 248 10.33 19.21 -21.16
N LEU C 249 9.74 20.19 -20.48
CA LEU C 249 10.13 21.58 -20.59
C LEU C 249 11.04 21.98 -19.43
N LYS C 250 11.96 22.91 -19.68
CA LYS C 250 12.89 23.39 -18.67
C LYS C 250 12.62 24.86 -18.38
N TYR C 251 12.35 25.17 -17.11
CA TYR C 251 12.24 26.55 -16.63
C TYR C 251 13.55 26.92 -15.93
N ASP C 252 14.11 28.07 -16.31
CA ASP C 252 15.40 28.52 -15.80
C ASP C 252 15.21 29.35 -14.53
N GLU C 253 16.27 30.06 -14.13
CA GLU C 253 16.22 30.86 -12.91
C GLU C 253 15.09 31.89 -12.97
N ASN C 254 14.94 32.55 -14.10
CA ASN C 254 13.76 33.36 -14.36
C ASN C 254 12.62 32.42 -14.75
N GLY C 255 11.49 32.96 -15.18
CA GLY C 255 10.34 32.13 -15.48
C GLY C 255 10.26 31.69 -16.93
N THR C 256 11.37 31.77 -17.66
CA THR C 256 11.37 31.57 -19.09
C THR C 256 11.76 30.14 -19.45
N ILE C 257 11.02 29.56 -20.38
CA ILE C 257 11.33 28.22 -20.90
C ILE C 257 12.47 28.35 -21.91
N THR C 258 13.59 27.69 -21.64
CA THR C 258 14.77 27.83 -22.47
C THR C 258 15.15 26.55 -23.22
N ASP C 259 14.55 25.41 -22.88
CA ASP C 259 14.91 24.16 -23.54
C ASP C 259 13.78 23.15 -23.34
N ALA C 260 13.78 22.14 -24.19
CA ALA C 260 12.77 21.09 -24.13
C ALA C 260 13.33 19.80 -24.70
N VAL C 261 12.69 18.70 -24.33
CA VAL C 261 12.98 17.38 -24.87
C VAL C 261 11.68 16.79 -25.41
N ASP C 262 11.70 16.36 -26.67
CA ASP C 262 10.56 15.70 -27.30
C ASP C 262 10.71 14.20 -27.09
N CYS C 263 9.83 13.62 -26.28
CA CYS C 263 10.02 12.25 -25.81
C CYS C 263 9.89 11.22 -26.93
N SER C 264 9.29 11.57 -28.07
CA SER C 264 9.04 10.63 -29.15
C SER C 264 10.03 10.79 -30.31
N GLN C 265 11.09 11.58 -30.14
CA GLN C 265 12.01 11.83 -31.24
C GLN C 265 12.87 10.60 -31.52
N ASN C 266 13.41 9.98 -30.49
CA ASN C 266 14.28 8.82 -30.67
C ASN C 266 14.55 8.13 -29.34
N PRO C 267 15.21 6.98 -29.33
CA PRO C 267 15.41 6.25 -28.06
C PRO C 267 16.14 7.05 -27.00
N LEU C 268 17.11 7.87 -27.36
CA LEU C 268 17.80 8.68 -26.36
C LEU C 268 16.84 9.67 -25.70
N ALA C 269 15.99 10.30 -26.51
CA ALA C 269 14.98 11.20 -25.96
C ALA C 269 14.00 10.45 -25.05
N GLU C 270 13.63 9.22 -25.45
CA GLU C 270 12.76 8.41 -24.61
C GLU C 270 13.42 8.14 -23.26
N LEU C 271 14.71 7.79 -23.26
CA LEU C 271 15.42 7.54 -22.01
C LEU C 271 15.48 8.80 -21.16
N LYS C 272 15.74 9.95 -21.80
CA LYS C 272 15.80 11.20 -21.06
C LYS C 272 14.46 11.50 -20.39
N CYS C 273 13.36 11.28 -21.10
CA CYS C 273 12.05 11.51 -20.50
C CYS C 273 11.74 10.49 -19.42
N SER C 274 12.22 9.25 -19.57
CA SER C 274 11.89 8.21 -18.60
C SER C 274 12.66 8.39 -17.30
N VAL C 275 13.84 9.00 -17.34
CA VAL C 275 14.57 9.31 -16.12
C VAL C 275 14.41 10.76 -15.69
N LYS C 276 13.70 11.57 -16.47
CA LYS C 276 13.43 12.98 -16.14
C LYS C 276 14.73 13.73 -15.84
N SER C 277 15.62 13.74 -16.82
CA SER C 277 16.85 14.51 -16.70
C SER C 277 17.41 14.75 -18.10
N PHE C 278 18.03 15.93 -18.26
CA PHE C 278 18.62 16.29 -19.54
C PHE C 278 19.98 15.66 -19.77
N GLU C 279 20.61 15.13 -18.74
CA GLU C 279 21.95 14.56 -18.82
C GLU C 279 21.92 13.09 -18.40
N ILE C 280 22.71 12.27 -19.08
CA ILE C 280 22.78 10.84 -18.84
C ILE C 280 24.23 10.44 -18.70
N ASP C 281 24.54 9.65 -17.68
CA ASP C 281 25.89 9.14 -17.51
C ASP C 281 26.12 7.90 -18.39
N LYS C 282 27.40 7.58 -18.60
CA LYS C 282 27.76 6.44 -19.42
C LYS C 282 27.20 5.15 -18.84
N GLY C 283 26.60 4.33 -19.70
CA GLY C 283 26.09 3.05 -19.27
C GLY C 283 24.99 2.55 -20.19
N ILE C 284 24.33 1.49 -19.73
CA ILE C 284 23.25 0.83 -20.44
C ILE C 284 21.99 0.94 -19.59
N TYR C 285 20.88 1.31 -20.22
CA TYR C 285 19.64 1.59 -19.51
C TYR C 285 18.47 0.90 -20.19
N GLN C 286 17.55 0.38 -19.38
CA GLN C 286 16.30 -0.16 -19.89
C GLN C 286 15.38 0.97 -20.30
N THR C 287 14.81 0.87 -21.49
CA THR C 287 13.80 1.79 -21.98
C THR C 287 12.48 1.02 -22.14
N SER C 288 11.46 1.71 -22.65
CA SER C 288 10.17 1.09 -22.80
C SER C 288 10.23 -0.06 -23.81
N ASN C 289 9.28 -0.97 -23.70
CA ASN C 289 9.22 -2.11 -24.60
C ASN C 289 8.87 -1.65 -26.01
N PHE C 290 9.29 -2.44 -27.00
CA PHE C 290 9.11 -2.04 -28.40
C PHE C 290 7.64 -1.78 -28.69
N ARG C 291 7.37 -0.64 -29.33
CA ARG C 291 6.02 -0.14 -29.53
C ARG C 291 5.64 -0.16 -31.00
N VAL C 292 4.38 -0.48 -31.27
CA VAL C 292 3.81 -0.48 -32.61
C VAL C 292 2.47 0.25 -32.56
N VAL C 293 2.21 1.07 -33.57
CA VAL C 293 0.97 1.84 -33.63
C VAL C 293 0.05 1.23 -34.68
N PRO C 294 -1.27 1.27 -34.49
CA PRO C 294 -2.17 0.65 -35.47
C PRO C 294 -2.14 1.37 -36.81
N SER C 295 -2.41 0.62 -37.87
CA SER C 295 -2.43 1.14 -39.23
C SER C 295 -3.62 0.59 -40.00
N GLY C 296 -4.78 0.57 -39.36
CA GLY C 296 -5.98 0.06 -40.02
C GLY C 296 -7.17 0.20 -39.10
N ASP C 297 -8.34 -0.17 -39.63
CA ASP C 297 -9.59 -0.07 -38.89
C ASP C 297 -10.51 -1.18 -39.34
N VAL C 298 -11.06 -1.93 -38.39
CA VAL C 298 -11.96 -3.05 -38.65
C VAL C 298 -13.22 -2.86 -37.83
N VAL C 299 -14.38 -2.95 -38.48
CA VAL C 299 -15.67 -2.90 -37.81
C VAL C 299 -16.47 -4.10 -38.28
N ARG C 300 -16.91 -4.94 -37.35
CA ARG C 300 -17.68 -6.14 -37.69
C ARG C 300 -18.95 -6.19 -36.86
N PHE C 301 -20.09 -5.99 -37.51
CA PHE C 301 -21.41 -6.10 -36.93
C PHE C 301 -22.19 -7.19 -37.66
N PRO C 302 -23.29 -7.68 -37.08
CA PRO C 302 -24.07 -8.72 -37.76
C PRO C 302 -24.85 -8.15 -38.94
N ASN C 303 -25.30 -9.06 -39.81
CA ASN C 303 -26.17 -8.70 -40.93
C ASN C 303 -27.54 -8.31 -40.39
N ILE C 304 -27.87 -7.03 -40.44
CA ILE C 304 -29.17 -6.53 -39.99
C ILE C 304 -29.69 -5.56 -41.04
N THR C 305 -30.96 -5.71 -41.40
CA THR C 305 -31.60 -4.86 -42.40
C THR C 305 -32.75 -4.05 -41.86
N ASN C 306 -33.61 -4.63 -41.04
CA ASN C 306 -34.82 -3.97 -40.59
C ASN C 306 -34.54 -2.94 -39.50
N LEU C 307 -35.33 -1.87 -39.51
CA LEU C 307 -35.32 -0.91 -38.42
C LEU C 307 -36.20 -1.42 -37.27
N CYS C 308 -35.79 -1.07 -36.05
CA CYS C 308 -36.51 -1.56 -34.88
C CYS C 308 -37.93 -0.98 -34.84
N PRO C 309 -38.85 -1.66 -34.14
CA PRO C 309 -40.28 -1.28 -34.18
C PRO C 309 -40.61 -0.09 -33.27
N PHE C 310 -39.96 1.05 -33.55
CA PHE C 310 -40.23 2.25 -32.77
C PHE C 310 -41.70 2.66 -32.86
N GLY C 311 -42.27 2.60 -34.07
CA GLY C 311 -43.67 2.94 -34.22
C GLY C 311 -44.56 2.02 -33.42
N GLU C 312 -44.32 0.71 -33.52
CA GLU C 312 -45.15 -0.25 -32.80
C GLU C 312 -45.09 -0.01 -31.30
N VAL C 313 -43.91 0.26 -30.76
CA VAL C 313 -43.76 0.38 -29.31
C VAL C 313 -44.30 1.72 -28.81
N PHE C 314 -43.78 2.82 -29.37
CA PHE C 314 -44.07 4.15 -28.82
C PHE C 314 -45.33 4.78 -29.38
N ASN C 315 -45.94 4.23 -30.42
CA ASN C 315 -47.12 4.82 -31.04
C ASN C 315 -48.32 3.88 -30.98
N ALA C 316 -48.29 2.88 -30.10
CA ALA C 316 -49.38 1.93 -30.00
C ALA C 316 -50.67 2.63 -29.58
N THR C 317 -51.80 2.15 -30.11
CA THR C 317 -53.08 2.75 -29.77
C THR C 317 -53.42 2.57 -28.31
N LYS C 318 -53.14 1.38 -27.76
CA LYS C 318 -53.54 1.03 -26.40
C LYS C 318 -52.31 0.68 -25.57
N PHE C 319 -52.33 1.10 -24.30
CA PHE C 319 -51.32 0.75 -23.32
C PHE C 319 -51.97 0.01 -22.16
N PRO C 320 -51.24 -0.88 -21.50
CA PRO C 320 -51.84 -1.65 -20.40
C PRO C 320 -51.76 -0.92 -19.07
N SER C 321 -52.59 -1.40 -18.13
CA SER C 321 -52.54 -0.91 -16.76
C SER C 321 -51.24 -1.35 -16.08
N VAL C 322 -50.78 -0.54 -15.13
CA VAL C 322 -49.48 -0.79 -14.50
C VAL C 322 -49.48 -2.15 -13.82
N TYR C 323 -50.53 -2.47 -13.08
CA TYR C 323 -50.58 -3.74 -12.37
C TYR C 323 -50.48 -4.92 -13.34
N ALA C 324 -50.84 -4.72 -14.60
CA ALA C 324 -50.73 -5.73 -15.64
C ALA C 324 -49.76 -5.27 -16.74
N TRP C 325 -48.63 -4.69 -16.34
CA TRP C 325 -47.65 -4.21 -17.31
C TRP C 325 -47.28 -5.31 -18.30
N GLU C 326 -46.93 -4.93 -19.53
CA GLU C 326 -46.71 -5.90 -20.60
C GLU C 326 -45.27 -5.83 -21.11
N ARG C 327 -44.75 -6.99 -21.52
CA ARG C 327 -43.37 -7.16 -21.95
C ARG C 327 -43.31 -7.62 -23.40
N LYS C 328 -42.31 -7.12 -24.13
CA LYS C 328 -42.14 -7.43 -25.55
C LYS C 328 -40.68 -7.61 -25.89
N ARG C 329 -40.36 -8.67 -26.63
CA ARG C 329 -38.98 -8.95 -27.02
C ARG C 329 -38.61 -8.16 -28.28
N ILE C 330 -37.36 -7.69 -28.32
CA ILE C 330 -36.83 -6.95 -29.47
C ILE C 330 -35.60 -7.69 -29.98
N SER C 331 -35.56 -7.96 -31.28
CA SER C 331 -34.42 -8.66 -31.85
C SER C 331 -34.33 -8.40 -33.35
N ASN C 332 -33.12 -8.54 -33.88
CA ASN C 332 -32.84 -8.47 -35.32
C ASN C 332 -33.37 -7.17 -35.92
N CYS C 333 -32.81 -6.05 -35.46
CA CYS C 333 -33.19 -4.74 -35.99
C CYS C 333 -32.09 -3.74 -35.67
N VAL C 334 -32.18 -2.58 -36.32
CA VAL C 334 -31.22 -1.50 -36.15
C VAL C 334 -31.84 -0.43 -35.26
N ALA C 335 -31.14 -0.08 -34.18
CA ALA C 335 -31.67 0.85 -33.18
C ALA C 335 -31.21 2.27 -33.50
N ASP C 336 -31.77 2.80 -34.58
CA ASP C 336 -31.49 4.18 -35.01
C ASP C 336 -32.57 5.07 -34.43
N TYR C 337 -32.37 5.50 -33.18
CA TYR C 337 -33.42 6.21 -32.45
C TYR C 337 -33.64 7.64 -32.94
N SER C 338 -32.74 8.18 -33.75
CA SER C 338 -32.90 9.55 -34.22
C SER C 338 -34.21 9.76 -34.97
N VAL C 339 -34.78 8.69 -35.54
CA VAL C 339 -36.05 8.82 -36.25
C VAL C 339 -37.14 9.34 -35.33
N LEU C 340 -37.00 9.14 -34.02
CA LEU C 340 -38.00 9.65 -33.08
C LEU C 340 -38.01 11.17 -33.00
N TYR C 341 -36.92 11.83 -33.38
CA TYR C 341 -36.80 13.26 -33.13
C TYR C 341 -37.94 14.05 -33.76
N ASN C 342 -38.53 13.55 -34.84
CA ASN C 342 -39.56 14.29 -35.56
C ASN C 342 -40.97 13.99 -35.08
N SER C 343 -41.16 13.06 -34.13
CA SER C 343 -42.50 12.63 -33.74
C SER C 343 -42.75 12.57 -32.25
N THR C 344 -41.73 12.47 -31.41
CA THR C 344 -41.92 12.23 -29.98
C THR C 344 -41.10 13.20 -29.16
N SER C 345 -41.63 13.54 -27.99
CA SER C 345 -40.95 14.35 -26.99
C SER C 345 -41.10 13.67 -25.63
N PHE C 346 -39.99 13.47 -24.94
CA PHE C 346 -39.97 12.72 -23.70
C PHE C 346 -39.69 13.63 -22.52
N SER C 347 -40.59 13.61 -21.52
CA SER C 347 -40.34 14.34 -20.29
C SER C 347 -39.24 13.68 -19.48
N THR C 348 -39.18 12.35 -19.47
CA THR C 348 -38.18 11.61 -18.70
C THR C 348 -37.41 10.69 -19.62
N PHE C 349 -36.08 10.74 -19.54
CA PHE C 349 -35.21 9.80 -20.24
C PHE C 349 -33.96 9.61 -19.40
N LYS C 350 -33.80 8.43 -18.82
CA LYS C 350 -32.63 8.15 -17.98
C LYS C 350 -32.08 6.77 -18.28
N CYS C 351 -30.77 6.62 -18.25
CA CYS C 351 -30.13 5.35 -18.57
C CYS C 351 -29.19 4.93 -17.45
N TYR C 352 -29.09 3.61 -17.26
CA TYR C 352 -28.32 3.00 -16.19
C TYR C 352 -27.39 1.96 -16.78
N GLY C 353 -26.12 2.02 -16.40
CA GLY C 353 -25.12 1.08 -16.87
C GLY C 353 -24.40 1.46 -18.15
N VAL C 354 -24.77 2.59 -18.76
CA VAL C 354 -24.19 3.01 -20.03
C VAL C 354 -24.44 4.49 -20.20
N SER C 355 -23.53 5.18 -20.89
CA SER C 355 -23.68 6.60 -21.15
C SER C 355 -24.54 6.82 -22.39
N ALA C 356 -25.42 7.81 -22.31
CA ALA C 356 -26.36 8.06 -23.40
C ALA C 356 -25.64 8.39 -24.70
N THR C 357 -24.41 8.90 -24.62
CA THR C 357 -23.66 9.27 -25.81
C THR C 357 -22.94 8.09 -26.46
N LYS C 358 -23.00 6.90 -25.86
CA LYS C 358 -22.40 5.71 -26.46
C LYS C 358 -23.41 4.81 -27.15
N LEU C 359 -24.71 5.09 -27.00
CA LEU C 359 -25.72 4.17 -27.50
C LEU C 359 -25.57 3.88 -28.98
N ASN C 360 -25.11 4.85 -29.77
CA ASN C 360 -25.01 4.66 -31.21
C ASN C 360 -23.87 3.74 -31.62
N ASP C 361 -22.95 3.40 -30.71
CA ASP C 361 -21.76 2.63 -31.05
C ASP C 361 -21.79 1.21 -30.52
N LEU C 362 -22.91 0.75 -29.99
CA LEU C 362 -22.97 -0.52 -29.26
C LEU C 362 -23.97 -1.46 -29.89
N CYS C 363 -23.86 -2.73 -29.50
CA CYS C 363 -24.84 -3.77 -29.79
C CYS C 363 -25.35 -4.35 -28.48
N PHE C 364 -26.65 -4.60 -28.42
CA PHE C 364 -27.34 -4.94 -27.18
C PHE C 364 -27.84 -6.38 -27.25
N SER C 365 -27.71 -7.11 -26.15
CA SER C 365 -28.14 -8.51 -26.07
C SER C 365 -29.39 -8.62 -25.21
N ASN C 366 -30.32 -9.48 -25.65
CA ASN C 366 -31.49 -9.86 -24.86
C ASN C 366 -32.31 -8.64 -24.46
N VAL C 367 -32.89 -7.99 -25.47
CA VAL C 367 -33.56 -6.71 -25.31
C VAL C 367 -35.05 -6.94 -25.10
N TYR C 368 -35.59 -6.34 -24.05
CA TYR C 368 -37.01 -6.34 -23.77
C TYR C 368 -37.50 -4.91 -23.57
N ALA C 369 -38.79 -4.70 -23.82
CA ALA C 369 -39.45 -3.42 -23.58
C ALA C 369 -40.70 -3.67 -22.76
N ASP C 370 -40.84 -2.94 -21.65
CA ASP C 370 -42.00 -3.03 -20.78
C ASP C 370 -42.84 -1.76 -20.89
N SER C 371 -44.15 -1.92 -20.99
CA SER C 371 -45.05 -0.80 -21.17
C SER C 371 -46.19 -0.85 -20.15
N PHE C 372 -46.61 0.36 -19.74
CA PHE C 372 -47.71 0.58 -18.81
C PHE C 372 -47.99 2.08 -18.65
N VAL C 373 -48.99 2.44 -17.85
CA VAL C 373 -49.39 3.83 -17.62
C VAL C 373 -49.46 4.09 -16.13
N VAL C 374 -48.99 5.27 -15.70
CA VAL C 374 -49.05 5.69 -14.31
C VAL C 374 -49.44 7.17 -14.25
N LYS C 375 -49.54 7.68 -13.03
CA LYS C 375 -49.85 9.07 -12.74
C LYS C 375 -48.58 9.92 -12.78
N GLY C 376 -48.78 11.23 -12.91
CA GLY C 376 -47.63 12.13 -12.99
C GLY C 376 -46.74 12.06 -11.76
N ASP C 377 -47.35 12.02 -10.58
CA ASP C 377 -46.58 11.96 -9.33
C ASP C 377 -45.92 10.59 -9.12
N ASP C 378 -46.35 9.57 -9.85
CA ASP C 378 -45.81 8.22 -9.69
C ASP C 378 -44.62 7.93 -10.59
N VAL C 379 -44.34 8.77 -11.58
CA VAL C 379 -43.26 8.50 -12.52
C VAL C 379 -41.93 8.38 -11.77
N ARG C 380 -41.73 9.23 -10.76
CA ARG C 380 -40.48 9.20 -10.00
C ARG C 380 -40.23 7.85 -9.36
N GLN C 381 -41.26 7.04 -9.16
CA GLN C 381 -41.10 5.74 -8.52
C GLN C 381 -40.54 4.68 -9.46
N ILE C 382 -40.47 4.94 -10.76
CA ILE C 382 -39.92 3.95 -11.71
C ILE C 382 -38.43 4.22 -11.76
N ALA C 383 -37.73 3.65 -10.78
CA ALA C 383 -36.28 3.79 -10.66
C ALA C 383 -35.78 2.83 -9.58
N PRO C 384 -34.53 2.36 -9.67
CA PRO C 384 -34.03 1.44 -8.64
C PRO C 384 -34.07 2.07 -7.25
N GLY C 385 -34.41 1.25 -6.26
CA GLY C 385 -34.33 1.65 -4.87
C GLY C 385 -35.45 2.53 -4.38
N GLN C 386 -36.56 2.62 -5.10
CA GLN C 386 -37.67 3.48 -4.70
C GLN C 386 -38.65 2.73 -3.80
N THR C 387 -39.47 3.50 -3.11
CA THR C 387 -40.59 2.99 -2.32
C THR C 387 -41.85 3.75 -2.72
N GLY C 388 -42.98 3.30 -2.18
CA GLY C 388 -44.28 3.79 -2.58
C GLY C 388 -45.16 2.68 -3.11
N VAL C 389 -46.42 3.05 -3.39
CA VAL C 389 -47.42 2.05 -3.75
C VAL C 389 -47.03 1.34 -5.04
N ILE C 390 -46.61 2.11 -6.05
CA ILE C 390 -46.27 1.52 -7.35
C ILE C 390 -45.06 0.60 -7.22
N ALA C 391 -43.98 1.11 -6.62
CA ALA C 391 -42.76 0.32 -6.50
C ALA C 391 -42.94 -0.88 -5.57
N ASP C 392 -43.91 -0.83 -4.66
CA ASP C 392 -44.11 -1.91 -3.70
C ASP C 392 -45.02 -3.00 -4.22
N TYR C 393 -46.07 -2.66 -4.97
CA TYR C 393 -47.09 -3.63 -5.33
C TYR C 393 -47.35 -3.79 -6.82
N ASN C 394 -46.76 -2.96 -7.68
CA ASN C 394 -47.12 -2.99 -9.10
C ASN C 394 -45.95 -3.29 -10.02
N TYR C 395 -44.82 -2.59 -9.85
CA TYR C 395 -43.69 -2.75 -10.77
C TYR C 395 -42.44 -2.32 -10.05
N LYS C 396 -41.45 -3.22 -9.95
CA LYS C 396 -40.20 -2.94 -9.26
C LYS C 396 -39.03 -3.25 -10.17
N LEU C 397 -38.01 -2.38 -10.15
CA LEU C 397 -36.79 -2.59 -10.92
C LEU C 397 -35.72 -3.25 -10.05
N PRO C 398 -34.85 -4.08 -10.62
CA PRO C 398 -33.77 -4.67 -9.82
C PRO C 398 -32.74 -3.64 -9.41
N ASP C 399 -32.01 -3.97 -8.33
CA ASP C 399 -31.01 -3.05 -7.80
C ASP C 399 -29.88 -2.82 -8.78
N ASP C 400 -29.50 -3.83 -9.56
CA ASP C 400 -28.42 -3.74 -10.53
C ASP C 400 -28.97 -3.56 -11.95
N PHE C 401 -30.03 -2.78 -12.08
CA PHE C 401 -30.68 -2.59 -13.38
C PHE C 401 -29.70 -2.00 -14.40
N MET C 402 -29.80 -2.47 -15.63
CA MET C 402 -29.11 -1.89 -16.77
C MET C 402 -30.12 -1.68 -17.89
N GLY C 403 -30.21 -0.46 -18.38
CA GLY C 403 -31.21 -0.17 -19.40
C GLY C 403 -31.53 1.32 -19.43
N CYS C 404 -32.76 1.62 -19.86
CA CYS C 404 -33.21 3.01 -19.90
C CYS C 404 -34.69 3.08 -19.58
N VAL C 405 -35.11 4.23 -19.06
CA VAL C 405 -36.49 4.51 -18.68
C VAL C 405 -36.92 5.77 -19.41
N LEU C 406 -38.08 5.70 -20.07
CA LEU C 406 -38.62 6.80 -20.86
C LEU C 406 -40.06 7.05 -20.44
N ALA C 407 -40.47 8.32 -20.39
CA ALA C 407 -41.84 8.64 -20.02
C ALA C 407 -42.25 9.96 -20.64
N TRP C 408 -43.52 10.03 -21.04
CA TRP C 408 -44.05 11.25 -21.64
C TRP C 408 -45.52 11.43 -21.29
N ASN C 409 -45.99 12.67 -21.40
CA ASN C 409 -47.33 13.05 -20.99
C ASN C 409 -48.33 12.77 -22.12
N THR C 410 -49.46 12.17 -21.78
CA THR C 410 -50.48 11.78 -22.76
C THR C 410 -51.87 12.22 -22.29
N ARG C 411 -51.98 13.46 -21.82
CA ARG C 411 -53.27 13.95 -21.35
C ARG C 411 -54.29 13.96 -22.48
N ASN C 412 -53.89 14.44 -23.66
CA ASN C 412 -54.84 14.57 -24.77
C ASN C 412 -55.38 13.21 -25.22
N ILE C 413 -54.59 12.15 -25.06
CA ILE C 413 -55.01 10.82 -25.50
C ILE C 413 -55.75 10.07 -24.41
N ASP C 414 -55.30 10.17 -23.16
CA ASP C 414 -55.77 9.28 -22.10
C ASP C 414 -56.63 9.99 -21.06
N ALA C 415 -57.00 11.25 -21.27
CA ALA C 415 -57.87 11.97 -20.34
C ALA C 415 -59.12 12.43 -21.07
N THR C 416 -60.24 12.41 -20.35
CA THR C 416 -61.52 12.86 -20.89
C THR C 416 -62.18 13.82 -19.90
N SER C 417 -63.09 14.64 -20.42
CA SER C 417 -63.76 15.63 -19.58
C SER C 417 -64.55 14.97 -18.46
N THR C 418 -65.25 13.87 -18.79
CA THR C 418 -66.04 13.17 -17.78
C THR C 418 -65.17 12.36 -16.83
N GLY C 419 -63.97 11.98 -17.24
CA GLY C 419 -63.08 11.20 -16.39
C GLY C 419 -62.94 9.77 -16.85
N ASN C 420 -61.71 9.35 -17.12
CA ASN C 420 -61.42 8.00 -17.60
C ASN C 420 -60.87 7.17 -16.46
N TYR C 421 -61.52 6.04 -16.18
CA TYR C 421 -61.16 5.18 -15.05
C TYR C 421 -60.68 3.80 -15.50
N ASN C 422 -60.30 3.65 -16.77
CA ASN C 422 -59.95 2.34 -17.28
C ASN C 422 -58.57 1.87 -16.81
N TYR C 423 -57.70 2.78 -16.39
CA TYR C 423 -56.38 2.42 -15.90
C TYR C 423 -56.43 2.21 -14.39
N LYS C 424 -55.79 1.13 -13.92
CA LYS C 424 -55.93 0.71 -12.54
C LYS C 424 -54.56 0.36 -11.96
N TYR C 425 -54.50 0.33 -10.63
CA TYR C 425 -53.31 -0.10 -9.92
C TYR C 425 -53.72 -0.78 -8.62
N ARG C 426 -52.83 -1.63 -8.12
CA ARG C 426 -53.06 -2.34 -6.87
C ARG C 426 -52.56 -1.51 -5.69
N TYR C 427 -53.38 -1.40 -4.64
CA TYR C 427 -53.01 -0.65 -3.45
C TYR C 427 -53.09 -1.44 -2.15
N LEU C 428 -53.40 -2.74 -2.21
CA LEU C 428 -53.37 -3.59 -1.03
C LEU C 428 -52.71 -4.92 -1.39
N ARG C 429 -51.82 -5.39 -0.52
CA ARG C 429 -51.13 -6.65 -0.77
C ARG C 429 -50.47 -7.13 0.51
N HIS C 430 -50.19 -8.42 0.57
CA HIS C 430 -49.43 -9.04 1.65
C HIS C 430 -48.01 -9.24 1.16
N GLY C 431 -47.15 -8.27 1.42
CA GLY C 431 -45.76 -8.33 1.02
C GLY C 431 -45.48 -7.52 -0.24
N LYS C 432 -44.20 -7.34 -0.51
CA LYS C 432 -43.73 -6.54 -1.63
C LYS C 432 -43.32 -7.43 -2.79
N LEU C 433 -43.47 -6.92 -4.00
CA LEU C 433 -43.09 -7.65 -5.20
C LEU C 433 -41.58 -7.77 -5.30
N ARG C 434 -41.13 -8.83 -5.96
CA ARG C 434 -39.72 -8.98 -6.33
C ARG C 434 -39.48 -8.35 -7.70
N PRO C 435 -38.22 -8.07 -8.04
CA PRO C 435 -37.95 -7.36 -9.30
C PRO C 435 -38.52 -8.10 -10.50
N PHE C 436 -39.13 -7.32 -11.41
CA PHE C 436 -39.69 -7.85 -12.65
C PHE C 436 -40.71 -8.96 -12.39
N GLU C 437 -41.50 -8.80 -11.34
CA GLU C 437 -42.59 -9.72 -11.03
C GLU C 437 -43.91 -9.00 -11.22
N ARG C 438 -44.92 -9.73 -11.69
CA ARG C 438 -46.26 -9.18 -11.87
C ARG C 438 -47.27 -10.04 -11.15
N ASP C 439 -48.30 -9.39 -10.63
CA ASP C 439 -49.41 -10.06 -9.94
C ASP C 439 -50.70 -9.54 -10.54
N ILE C 440 -51.46 -10.42 -11.18
CA ILE C 440 -52.68 -10.03 -11.87
C ILE C 440 -53.92 -10.68 -11.23
N SER C 441 -53.78 -11.22 -10.02
CA SER C 441 -54.92 -11.78 -9.32
C SER C 441 -55.84 -10.67 -8.82
N ASN C 442 -57.09 -11.03 -8.54
CA ASN C 442 -58.10 -10.08 -8.08
C ASN C 442 -58.87 -10.67 -6.90
N VAL C 443 -58.15 -11.21 -5.93
CA VAL C 443 -58.76 -11.83 -4.75
C VAL C 443 -59.12 -10.75 -3.74
N PRO C 444 -60.34 -10.76 -3.17
CA PRO C 444 -60.67 -9.76 -2.16
C PRO C 444 -59.72 -9.82 -0.96
N PHE C 445 -59.45 -8.64 -0.41
CA PHE C 445 -58.36 -8.44 0.55
C PHE C 445 -58.82 -8.15 1.97
N SER C 446 -58.20 -8.82 2.94
CA SER C 446 -58.45 -8.57 4.36
C SER C 446 -57.12 -8.56 5.09
N SER C 447 -56.99 -7.64 6.05
CA SER C 447 -55.74 -7.53 6.80
C SER C 447 -55.45 -8.80 7.59
N ASP C 448 -56.49 -9.43 8.14
CA ASP C 448 -56.30 -10.65 8.92
C ASP C 448 -55.67 -11.77 8.10
N GLY C 449 -55.86 -11.75 6.78
CA GLY C 449 -55.30 -12.77 5.92
C GLY C 449 -56.25 -13.90 5.56
N LYS C 450 -57.41 -13.99 6.23
CA LYS C 450 -58.34 -15.06 5.93
C LYS C 450 -59.28 -14.66 4.79
N PRO C 451 -59.82 -15.63 4.05
CA PRO C 451 -60.75 -15.29 2.96
C PRO C 451 -61.96 -14.53 3.49
N CYS C 452 -62.45 -13.59 2.68
CA CYS C 452 -63.60 -12.78 3.04
C CYS C 452 -64.47 -12.57 1.81
N THR C 453 -65.70 -12.14 2.04
CA THR C 453 -66.63 -11.79 0.97
C THR C 453 -66.72 -10.28 0.84
N PRO C 454 -66.74 -9.74 -0.37
CA PRO C 454 -66.58 -8.29 -0.55
C PRO C 454 -67.54 -7.48 0.30
N PRO C 455 -68.83 -7.87 0.40
CA PRO C 455 -69.77 -7.07 1.20
C PRO C 455 -69.71 -7.42 2.69
N ALA C 456 -68.53 -7.24 3.28
CA ALA C 456 -68.30 -7.50 4.68
C ALA C 456 -67.31 -6.47 5.22
N PRO C 457 -67.33 -6.21 6.52
CA PRO C 457 -66.35 -5.26 7.08
C PRO C 457 -64.94 -5.81 7.01
N ASN C 458 -63.99 -4.90 6.84
CA ASN C 458 -62.57 -5.23 6.76
C ASN C 458 -62.28 -6.15 5.57
N CYS C 459 -63.02 -5.99 4.49
CA CYS C 459 -62.79 -6.74 3.25
C CYS C 459 -62.88 -5.77 2.09
N TYR C 460 -61.82 -5.69 1.28
CA TYR C 460 -61.73 -4.70 0.21
C TYR C 460 -61.27 -5.35 -1.08
N TRP C 461 -61.70 -4.75 -2.19
CA TRP C 461 -61.16 -5.11 -3.50
C TRP C 461 -59.78 -4.47 -3.68
N PRO C 462 -58.76 -5.24 -4.03
CA PRO C 462 -57.38 -4.71 -3.97
C PRO C 462 -57.00 -3.77 -5.10
N LEU C 463 -57.81 -3.63 -6.14
CA LEU C 463 -57.48 -2.81 -7.29
C LEU C 463 -58.30 -1.53 -7.28
N ARG C 464 -57.64 -0.42 -7.58
CA ARG C 464 -58.25 0.91 -7.61
C ARG C 464 -58.04 1.53 -8.99
N GLY C 465 -58.89 2.48 -9.33
CA GLY C 465 -58.87 3.11 -10.65
C GLY C 465 -58.38 4.54 -10.57
N TYR C 466 -57.43 4.86 -11.45
CA TYR C 466 -57.02 6.24 -11.63
C TYR C 466 -58.17 7.08 -12.15
N GLY C 467 -58.24 8.33 -11.70
CA GLY C 467 -59.18 9.27 -12.27
C GLY C 467 -58.48 10.32 -13.10
N PHE C 468 -58.57 10.20 -14.42
CA PHE C 468 -57.87 11.09 -15.34
C PHE C 468 -58.87 12.05 -15.97
N TYR C 469 -58.84 13.31 -15.54
CA TYR C 469 -59.70 14.35 -16.06
C TYR C 469 -58.91 15.33 -16.90
N THR C 470 -59.57 15.93 -17.90
CA THR C 470 -58.90 16.92 -18.74
C THR C 470 -58.45 18.13 -17.92
N THR C 471 -59.15 18.45 -16.84
CA THR C 471 -58.87 19.63 -16.04
C THR C 471 -58.00 19.32 -14.82
N SER C 472 -57.43 18.12 -14.74
CA SER C 472 -56.60 17.77 -13.59
C SER C 472 -55.28 18.52 -13.61
N GLY C 473 -54.69 18.64 -12.43
CA GLY C 473 -53.35 19.20 -12.32
C GLY C 473 -52.30 18.24 -12.87
N ILE C 474 -51.11 18.78 -13.08
CA ILE C 474 -50.06 18.01 -13.75
C ILE C 474 -49.73 16.76 -12.96
N GLY C 475 -49.74 16.85 -11.62
CA GLY C 475 -49.45 15.69 -10.80
C GLY C 475 -50.44 14.56 -10.95
N TYR C 476 -51.66 14.87 -11.41
CA TYR C 476 -52.71 13.86 -11.59
C TYR C 476 -53.04 13.63 -13.07
N GLN C 477 -52.07 13.84 -13.95
CA GLN C 477 -52.31 13.60 -15.36
C GLN C 477 -51.64 12.31 -15.79
N PRO C 478 -52.18 11.63 -16.81
CA PRO C 478 -51.60 10.34 -17.22
C PRO C 478 -50.28 10.50 -17.94
N TYR C 479 -49.40 9.52 -17.73
CA TYR C 479 -48.13 9.46 -18.44
C TYR C 479 -47.94 8.04 -18.96
N ARG C 480 -47.37 7.92 -20.16
CA ARG C 480 -46.99 6.64 -20.71
C ARG C 480 -45.51 6.42 -20.47
N VAL C 481 -45.15 5.18 -20.15
CA VAL C 481 -43.81 4.82 -19.69
C VAL C 481 -43.36 3.59 -20.47
N VAL C 482 -42.09 3.60 -20.90
CA VAL C 482 -41.46 2.46 -21.55
C VAL C 482 -40.12 2.21 -20.87
N VAL C 483 -39.88 0.96 -20.47
CA VAL C 483 -38.65 0.56 -19.81
C VAL C 483 -37.94 -0.44 -20.70
N LEU C 484 -36.70 -0.14 -21.08
CA LEU C 484 -35.88 -1.01 -21.90
C LEU C 484 -34.79 -1.62 -21.04
N SER C 485 -34.62 -2.94 -21.14
CA SER C 485 -33.58 -3.66 -20.43
C SER C 485 -32.78 -4.50 -21.41
N PHE C 486 -31.48 -4.63 -21.15
CA PHE C 486 -30.58 -5.33 -22.06
C PHE C 486 -29.27 -5.62 -21.33
N GLU C 487 -28.38 -6.33 -22.01
CA GLU C 487 -27.04 -6.63 -21.52
C GLU C 487 -26.03 -6.25 -22.58
N LEU C 488 -24.78 -6.03 -22.16
CA LEU C 488 -23.77 -5.41 -23.01
C LEU C 488 -22.46 -6.19 -22.98
N LEU C 489 -21.95 -6.50 -24.18
CA LEU C 489 -20.57 -6.92 -24.40
C LEU C 489 -20.20 -8.21 -23.66
N ASN C 490 -21.14 -9.14 -23.52
CA ASN C 490 -20.86 -10.39 -22.84
C ASN C 490 -21.48 -11.61 -23.51
N ALA C 491 -22.20 -11.45 -24.61
CA ALA C 491 -22.93 -12.57 -25.21
C ALA C 491 -23.39 -12.17 -26.61
N PRO C 492 -23.96 -13.10 -27.38
CA PRO C 492 -24.41 -12.74 -28.73
C PRO C 492 -25.48 -11.66 -28.70
N ALA C 493 -25.50 -10.86 -29.76
CA ALA C 493 -26.45 -9.76 -29.88
C ALA C 493 -26.99 -9.71 -31.31
N THR C 494 -28.22 -9.22 -31.44
CA THR C 494 -28.85 -9.04 -32.75
C THR C 494 -29.52 -7.68 -32.88
N VAL C 495 -29.33 -6.78 -31.94
CA VAL C 495 -29.79 -5.40 -32.03
C VAL C 495 -28.56 -4.51 -31.97
N CYS C 496 -28.44 -3.58 -32.92
CA CYS C 496 -27.22 -2.80 -33.03
C CYS C 496 -27.57 -1.39 -33.49
N GLY C 497 -26.66 -0.46 -33.20
CA GLY C 497 -26.77 0.89 -33.70
C GLY C 497 -26.38 0.98 -35.15
N PRO C 498 -26.73 2.11 -35.78
CA PRO C 498 -26.43 2.27 -37.20
C PRO C 498 -24.95 2.49 -37.47
N LYS C 499 -24.28 1.49 -38.02
CA LYS C 499 -22.85 1.58 -38.28
C LYS C 499 -22.52 0.76 -39.51
N LEU C 500 -21.48 1.17 -40.22
CA LEU C 500 -21.03 0.49 -41.44
C LEU C 500 -19.92 -0.48 -41.09
N SER C 501 -20.06 -1.72 -41.53
CA SER C 501 -19.04 -2.73 -41.33
C SER C 501 -18.02 -2.68 -42.48
N THR C 502 -16.79 -3.05 -42.17
CA THR C 502 -15.70 -3.08 -43.13
C THR C 502 -15.21 -4.51 -43.31
N ASP C 503 -14.13 -4.66 -44.07
CA ASP C 503 -13.55 -5.97 -44.30
C ASP C 503 -12.62 -6.35 -43.14
N LEU C 504 -12.21 -7.61 -43.14
CA LEU C 504 -11.40 -8.17 -42.08
C LEU C 504 -9.92 -8.12 -42.49
N ILE C 505 -9.09 -7.54 -41.62
CA ILE C 505 -7.65 -7.43 -41.85
C ILE C 505 -6.95 -8.27 -40.81
N LYS C 506 -6.06 -9.15 -41.25
CA LYS C 506 -5.39 -10.10 -40.37
C LYS C 506 -3.87 -9.93 -40.46
N ASN C 507 -3.20 -10.30 -39.37
CA ASN C 507 -1.74 -10.20 -39.26
C ASN C 507 -1.27 -8.75 -39.40
N GLN C 508 -1.97 -7.83 -38.75
CA GLN C 508 -1.63 -6.42 -38.83
C GLN C 508 -2.25 -5.70 -37.64
N CYS C 509 -1.47 -4.82 -37.01
CA CYS C 509 -1.95 -4.06 -35.86
C CYS C 509 -3.00 -3.06 -36.32
N VAL C 510 -4.23 -3.23 -35.84
CA VAL C 510 -5.36 -2.40 -36.24
C VAL C 510 -6.22 -2.07 -35.03
N ASN C 511 -6.98 -0.99 -35.17
CA ASN C 511 -8.11 -0.75 -34.30
C ASN C 511 -9.29 -1.61 -34.75
N PHE C 512 -10.00 -2.19 -33.79
CA PHE C 512 -11.09 -3.10 -34.10
C PHE C 512 -12.30 -2.78 -33.24
N ASN C 513 -13.48 -3.11 -33.78
CA ASN C 513 -14.75 -2.97 -33.08
C ASN C 513 -15.63 -4.17 -33.45
N PHE C 514 -15.84 -5.06 -32.48
CA PHE C 514 -16.63 -6.26 -32.66
C PHE C 514 -17.90 -6.14 -31.82
N ASN C 515 -19.03 -5.93 -32.48
CA ASN C 515 -20.33 -5.85 -31.80
C ASN C 515 -20.32 -4.82 -30.67
N GLY C 516 -19.48 -3.79 -30.80
CA GLY C 516 -19.39 -2.73 -29.82
C GLY C 516 -18.17 -2.80 -28.92
N LEU C 517 -17.51 -3.95 -28.84
CA LEU C 517 -16.28 -4.05 -28.08
C LEU C 517 -15.12 -3.53 -28.91
N THR C 518 -14.52 -2.43 -28.46
CA THR C 518 -13.48 -1.74 -29.22
C THR C 518 -12.12 -1.98 -28.58
N GLY C 519 -11.08 -1.95 -29.43
CA GLY C 519 -9.73 -2.13 -28.92
C GLY C 519 -8.72 -2.01 -30.04
N THR C 520 -7.49 -2.40 -29.72
CA THR C 520 -6.38 -2.39 -30.67
C THR C 520 -5.62 -3.70 -30.55
N GLY C 521 -5.19 -4.25 -31.68
CA GLY C 521 -4.42 -5.47 -31.64
C GLY C 521 -4.25 -6.09 -33.01
N VAL C 522 -3.75 -7.33 -33.00
CA VAL C 522 -3.52 -8.12 -34.20
C VAL C 522 -4.46 -9.32 -34.17
N LEU C 523 -5.15 -9.55 -35.28
CA LEU C 523 -6.15 -10.62 -35.40
C LEU C 523 -5.58 -11.75 -36.24
N THR C 524 -5.70 -12.98 -35.73
CA THR C 524 -5.25 -14.16 -36.43
C THR C 524 -6.32 -15.24 -36.38
N PRO C 525 -6.27 -16.22 -37.28
CA PRO C 525 -7.19 -17.35 -37.18
C PRO C 525 -6.91 -18.20 -35.95
N SER C 526 -7.97 -18.78 -35.39
CA SER C 526 -7.90 -19.48 -34.12
C SER C 526 -8.35 -20.93 -34.28
N SER C 527 -7.84 -21.79 -33.40
CA SER C 527 -8.25 -23.19 -33.34
C SER C 527 -9.25 -23.47 -32.22
N LYS C 528 -9.64 -22.46 -31.46
CA LYS C 528 -10.64 -22.66 -30.41
C LYS C 528 -12.01 -22.90 -31.03
N ARG C 529 -12.85 -23.63 -30.30
CA ARG C 529 -14.18 -24.00 -30.75
C ARG C 529 -15.21 -23.49 -29.73
N PHE C 530 -15.81 -22.34 -30.03
CA PHE C 530 -16.85 -21.78 -29.18
C PHE C 530 -18.14 -22.58 -29.33
N GLN C 531 -18.88 -22.69 -28.24
CA GLN C 531 -20.25 -23.19 -28.31
C GLN C 531 -21.17 -22.10 -28.85
N PRO C 532 -22.34 -22.47 -29.35
CA PRO C 532 -23.21 -21.47 -29.98
C PRO C 532 -23.60 -20.32 -29.06
N PHE C 533 -23.64 -20.53 -27.75
CA PHE C 533 -24.04 -19.48 -26.82
C PHE C 533 -22.88 -18.62 -26.36
N GLN C 534 -21.66 -18.86 -26.86
CA GLN C 534 -20.48 -18.12 -26.46
C GLN C 534 -20.05 -17.18 -27.58
N GLN C 535 -19.79 -15.92 -27.25
CA GLN C 535 -19.35 -14.92 -28.22
C GLN C 535 -17.92 -14.45 -27.98
N PHE C 536 -17.44 -14.43 -26.74
CA PHE C 536 -16.12 -13.92 -26.41
C PHE C 536 -15.38 -14.93 -25.54
N GLY C 537 -14.06 -14.94 -25.65
CA GLY C 537 -13.22 -15.73 -24.79
C GLY C 537 -12.28 -14.84 -24.00
N ARG C 538 -11.85 -15.33 -22.84
CA ARG C 538 -11.02 -14.54 -21.95
C ARG C 538 -9.95 -15.41 -21.32
N ASP C 539 -8.81 -14.79 -20.99
CA ASP C 539 -7.68 -15.49 -20.42
C ASP C 539 -7.63 -15.28 -18.90
N VAL C 540 -6.56 -15.75 -18.27
CA VAL C 540 -6.48 -15.73 -16.82
C VAL C 540 -6.45 -14.30 -16.29
N SER C 541 -5.97 -13.37 -17.09
CA SER C 541 -5.92 -11.96 -16.70
C SER C 541 -7.22 -11.22 -16.99
N ASP C 542 -8.25 -11.92 -17.48
CA ASP C 542 -9.53 -11.36 -17.88
C ASP C 542 -9.43 -10.48 -19.13
N PHE C 543 -8.28 -10.50 -19.81
CA PHE C 543 -8.15 -9.82 -21.09
C PHE C 543 -8.90 -10.62 -22.16
N THR C 544 -9.57 -9.90 -23.07
CA THR C 544 -10.34 -10.55 -24.12
C THR C 544 -9.38 -10.98 -25.23
N ASP C 545 -9.20 -12.29 -25.38
CA ASP C 545 -8.18 -12.83 -26.28
C ASP C 545 -8.76 -13.56 -27.49
N SER C 546 -10.07 -13.73 -27.58
CA SER C 546 -10.63 -14.38 -28.77
C SER C 546 -12.09 -13.96 -28.94
N VAL C 547 -12.54 -13.95 -30.18
CA VAL C 547 -13.89 -13.50 -30.52
C VAL C 547 -14.37 -14.23 -31.77
N ARG C 548 -15.68 -14.42 -31.85
CA ARG C 548 -16.30 -15.01 -33.03
C ARG C 548 -16.78 -13.89 -33.95
N ASP C 549 -16.40 -13.98 -35.23
CA ASP C 549 -16.79 -12.96 -36.18
C ASP C 549 -18.30 -13.01 -36.40
N PRO C 550 -19.02 -11.89 -36.26
CA PRO C 550 -20.49 -11.95 -36.35
C PRO C 550 -21.02 -12.24 -37.74
N LYS C 551 -20.19 -12.18 -38.79
CA LYS C 551 -20.66 -12.38 -40.15
C LYS C 551 -20.32 -13.77 -40.69
N THR C 552 -19.09 -14.24 -40.48
CA THR C 552 -18.66 -15.54 -41.00
C THR C 552 -18.65 -16.63 -39.94
N SER C 553 -18.78 -16.29 -38.66
CA SER C 553 -18.74 -17.22 -37.54
C SER C 553 -17.36 -17.81 -37.31
N GLU C 554 -16.32 -17.26 -37.93
CA GLU C 554 -14.97 -17.73 -37.71
C GLU C 554 -14.44 -17.23 -36.37
N ILE C 555 -13.66 -18.07 -35.70
CA ILE C 555 -13.07 -17.72 -34.41
C ILE C 555 -11.71 -17.09 -34.65
N LEU C 556 -11.47 -15.94 -34.04
CA LEU C 556 -10.25 -15.17 -34.21
C LEU C 556 -9.57 -14.94 -32.88
N ASP C 557 -8.24 -15.10 -32.86
CA ASP C 557 -7.42 -14.74 -31.72
C ASP C 557 -7.00 -13.29 -31.85
N ILE C 558 -6.90 -12.62 -30.69
CA ILE C 558 -6.52 -11.21 -30.60
C ILE C 558 -5.26 -11.12 -29.76
N SER C 559 -4.26 -10.43 -30.27
CA SER C 559 -2.97 -10.33 -29.58
C SER C 559 -2.53 -8.87 -29.48
N PRO C 560 -1.81 -8.52 -28.42
CA PRO C 560 -1.29 -7.15 -28.31
C PRO C 560 -0.27 -6.83 -29.40
N CYS C 561 -0.10 -5.53 -29.65
CA CYS C 561 0.82 -5.06 -30.67
C CYS C 561 2.23 -4.83 -30.15
N SER C 562 2.38 -4.24 -28.97
CA SER C 562 3.70 -3.93 -28.41
C SER C 562 4.24 -5.14 -27.66
N PHE C 563 5.53 -5.44 -27.88
CA PHE C 563 6.14 -6.63 -27.33
C PHE C 563 7.64 -6.56 -27.58
N GLY C 564 8.44 -6.88 -26.56
CA GLY C 564 9.88 -6.97 -26.72
C GLY C 564 10.68 -6.00 -25.88
N GLY C 565 11.87 -6.42 -25.46
CA GLY C 565 12.73 -5.61 -24.59
C GLY C 565 13.76 -4.82 -25.37
N VAL C 566 13.94 -3.56 -24.98
CA VAL C 566 14.82 -2.62 -25.66
C VAL C 566 15.74 -1.96 -24.62
N SER C 567 17.02 -1.86 -24.96
CA SER C 567 18.00 -1.21 -24.10
C SER C 567 18.81 -0.20 -24.90
N VAL C 568 19.29 0.84 -24.21
CA VAL C 568 20.04 1.93 -24.83
C VAL C 568 21.41 2.00 -24.19
N ILE C 569 22.45 2.02 -25.02
CA ILE C 569 23.84 2.10 -24.59
C ILE C 569 24.38 3.47 -24.96
N THR C 570 24.91 4.19 -23.97
CA THR C 570 25.37 5.55 -24.14
C THR C 570 26.76 5.72 -23.53
N PRO C 571 27.65 6.47 -24.18
CA PRO C 571 28.92 6.84 -23.55
C PRO C 571 28.84 8.05 -22.65
N GLY C 572 27.64 8.60 -22.41
CA GLY C 572 27.47 9.82 -21.65
C GLY C 572 27.15 10.99 -22.54
N THR C 573 26.06 11.70 -22.23
CA THR C 573 25.67 12.84 -23.06
C THR C 573 26.75 13.92 -23.08
N ASN C 574 27.51 14.04 -22.00
CA ASN C 574 28.62 14.99 -21.99
C ASN C 574 29.63 14.70 -23.08
N ALA C 575 29.79 13.43 -23.46
CA ALA C 575 30.77 13.05 -24.45
C ALA C 575 30.20 13.03 -25.87
N SER C 576 28.96 12.57 -26.04
CA SER C 576 28.37 12.45 -27.37
C SER C 576 26.88 12.20 -27.22
N SER C 577 26.15 12.39 -28.32
CA SER C 577 24.73 12.11 -28.38
C SER C 577 24.41 10.86 -29.20
N GLU C 578 25.42 10.12 -29.63
CA GLU C 578 25.18 8.88 -30.35
C GLU C 578 25.00 7.73 -29.37
N VAL C 579 24.10 6.81 -29.71
CA VAL C 579 23.76 5.68 -28.86
C VAL C 579 23.73 4.40 -29.68
N ALA C 580 23.79 3.28 -28.99
CA ALA C 580 23.54 1.98 -29.59
C ALA C 580 22.28 1.38 -28.98
N VAL C 581 21.52 0.62 -29.77
CA VAL C 581 20.25 0.07 -29.33
C VAL C 581 20.32 -1.45 -29.38
N LEU C 582 19.95 -2.09 -28.28
CA LEU C 582 19.93 -3.54 -28.17
C LEU C 582 18.48 -4.00 -28.10
N TYR C 583 18.07 -4.84 -29.06
CA TYR C 583 16.74 -5.40 -29.11
C TYR C 583 16.84 -6.86 -28.66
N GLN C 584 16.41 -7.12 -27.43
CA GLN C 584 16.22 -8.49 -26.98
C GLN C 584 14.96 -9.02 -27.65
N ASP C 585 14.96 -10.30 -28.02
CA ASP C 585 13.86 -10.95 -28.71
C ASP C 585 13.76 -10.59 -30.19
N VAL C 586 14.86 -10.18 -30.81
CA VAL C 586 14.91 -10.00 -32.26
C VAL C 586 16.16 -10.70 -32.76
N ASN C 587 16.01 -11.46 -33.85
CA ASN C 587 17.11 -12.22 -34.45
C ASN C 587 17.46 -11.58 -35.79
N CYS C 588 18.70 -11.13 -35.92
CA CYS C 588 19.18 -10.39 -37.09
C CYS C 588 20.35 -11.10 -37.76
N THR C 589 20.46 -12.41 -37.61
CA THR C 589 21.63 -13.10 -38.12
C THR C 589 21.74 -12.96 -39.63
N ASP C 590 20.62 -13.12 -40.35
CA ASP C 590 20.60 -12.99 -41.80
C ASP C 590 20.14 -11.57 -42.14
N VAL C 591 21.11 -10.67 -42.28
CA VAL C 591 20.81 -9.26 -42.61
C VAL C 591 20.81 -9.18 -44.13
N SER C 592 19.67 -9.50 -44.72
CA SER C 592 19.48 -9.41 -46.17
C SER C 592 18.49 -8.33 -46.58
N THR C 593 17.45 -8.09 -45.77
CA THR C 593 16.49 -7.04 -46.06
C THR C 593 16.98 -5.66 -45.63
N LEU C 594 18.02 -5.59 -44.80
CA LEU C 594 18.54 -4.32 -44.33
C LEU C 594 20.02 -4.43 -43.99
N ALA C 603 10.67 -6.75 -42.33
CA ALA C 603 9.62 -6.63 -41.32
C ALA C 603 10.18 -6.75 -39.91
N TRP C 604 11.47 -6.42 -39.76
CA TRP C 604 12.11 -6.51 -38.47
C TRP C 604 11.46 -5.54 -37.49
N ARG C 605 11.38 -5.95 -36.22
CA ARG C 605 10.79 -5.13 -35.17
C ARG C 605 11.88 -4.30 -34.50
N ILE C 606 12.37 -3.32 -35.27
CA ILE C 606 13.36 -2.36 -34.80
C ILE C 606 12.92 -0.97 -35.21
N TYR C 607 13.41 0.04 -34.48
CA TYR C 607 13.01 1.41 -34.76
C TYR C 607 13.71 1.96 -35.99
N SER C 608 14.97 1.60 -36.20
CA SER C 608 15.73 2.11 -37.32
C SER C 608 16.99 1.28 -37.54
N THR C 609 17.29 0.96 -38.80
CA THR C 609 18.50 0.22 -39.13
C THR C 609 19.67 1.18 -39.13
N GLY C 610 20.81 0.71 -39.63
CA GLY C 610 21.98 1.56 -39.69
C GLY C 610 23.20 0.75 -40.11
N ASN C 611 24.36 1.29 -39.78
CA ASN C 611 25.62 0.60 -40.05
C ASN C 611 25.98 -0.29 -38.88
N ASN C 612 26.54 -1.47 -39.19
CA ASN C 612 27.04 -2.38 -38.18
C ASN C 612 25.90 -3.02 -37.38
N VAL C 613 24.79 -3.31 -38.05
CA VAL C 613 23.73 -4.10 -37.44
C VAL C 613 24.17 -5.56 -37.38
N PHE C 614 24.18 -6.14 -36.18
CA PHE C 614 24.58 -7.54 -36.11
C PHE C 614 24.03 -8.19 -34.85
N GLN C 615 24.04 -9.52 -34.85
CA GLN C 615 23.46 -10.32 -33.78
C GLN C 615 24.52 -10.68 -32.76
N THR C 616 24.15 -10.65 -31.49
CA THR C 616 25.00 -11.06 -30.39
C THR C 616 24.20 -11.97 -29.47
N GLN C 617 24.89 -12.62 -28.54
CA GLN C 617 24.23 -13.56 -27.64
C GLN C 617 23.15 -12.87 -26.81
N ALA C 618 23.19 -11.55 -26.69
CA ALA C 618 22.19 -10.80 -25.92
C ALA C 618 21.07 -10.24 -26.78
N GLY C 619 21.16 -10.31 -28.11
CA GLY C 619 20.10 -9.84 -28.97
C GLY C 619 20.66 -9.13 -30.18
N CYS C 620 19.78 -8.41 -30.89
CA CYS C 620 20.17 -7.70 -32.09
C CYS C 620 20.70 -6.33 -31.71
N LEU C 621 21.96 -6.05 -32.03
CA LEU C 621 22.64 -4.82 -31.66
C LEU C 621 22.76 -3.94 -32.90
N ILE C 622 22.33 -2.67 -32.77
CA ILE C 622 22.33 -1.72 -33.87
C ILE C 622 23.06 -0.46 -33.42
N GLY C 623 24.05 -0.05 -34.21
CA GLY C 623 24.79 1.17 -33.93
C GLY C 623 26.14 0.99 -33.28
N ALA C 624 26.70 -0.22 -33.28
CA ALA C 624 28.00 -0.48 -32.70
C ALA C 624 28.84 -1.29 -33.66
N GLU C 625 30.15 -1.05 -33.63
CA GLU C 625 31.10 -1.75 -34.49
C GLU C 625 31.68 -2.93 -33.74
N HIS C 626 31.77 -4.07 -34.42
CA HIS C 626 32.30 -5.28 -33.81
C HIS C 626 33.81 -5.34 -33.97
N VAL C 627 34.50 -5.69 -32.88
CA VAL C 627 35.95 -5.82 -32.88
C VAL C 627 36.30 -7.17 -32.25
N ASP C 628 37.30 -7.84 -32.83
CA ASP C 628 37.65 -9.19 -32.38
C ASP C 628 38.50 -9.21 -31.14
N THR C 629 39.18 -8.10 -30.80
CA THR C 629 40.02 -8.07 -29.62
C THR C 629 39.16 -8.10 -28.36
N SER C 630 39.76 -8.59 -27.27
CA SER C 630 39.09 -8.69 -25.98
C SER C 630 39.73 -7.73 -24.99
N TYR C 631 38.90 -6.95 -24.30
CA TYR C 631 39.34 -6.01 -23.28
C TYR C 631 38.56 -6.28 -21.99
N GLU C 632 38.96 -5.58 -20.93
CA GLU C 632 38.18 -5.60 -19.71
C GLU C 632 36.83 -4.95 -19.95
N CYS C 633 35.80 -5.47 -19.29
CA CYS C 633 34.44 -5.00 -19.53
C CYS C 633 34.30 -3.54 -19.12
N ASP C 634 33.89 -2.70 -20.07
CA ASP C 634 33.62 -1.29 -19.78
C ASP C 634 32.13 -1.07 -19.51
N ILE C 635 31.28 -1.40 -20.47
CA ILE C 635 29.83 -1.36 -20.27
C ILE C 635 29.29 -2.77 -20.52
N PRO C 636 28.91 -3.52 -19.49
CA PRO C 636 28.44 -4.90 -19.71
C PRO C 636 27.06 -4.91 -20.37
N ILE C 637 26.98 -5.47 -21.58
CA ILE C 637 25.70 -5.59 -22.26
C ILE C 637 24.93 -6.80 -21.76
N GLY C 638 25.60 -7.93 -21.60
CA GLY C 638 25.00 -9.16 -21.14
C GLY C 638 25.53 -10.35 -21.89
N ALA C 639 25.53 -11.50 -21.23
CA ALA C 639 25.92 -12.78 -21.84
C ALA C 639 27.33 -12.72 -22.44
N GLY C 640 28.26 -12.13 -21.70
CA GLY C 640 29.65 -12.12 -22.10
C GLY C 640 30.04 -11.03 -23.07
N ILE C 641 29.14 -10.11 -23.40
CA ILE C 641 29.40 -9.04 -24.36
C ILE C 641 29.54 -7.73 -23.60
N CYS C 642 30.53 -6.92 -23.99
CA CYS C 642 30.75 -5.62 -23.39
C CYS C 642 31.00 -4.59 -24.48
N ALA C 643 30.57 -3.36 -24.22
CA ALA C 643 30.71 -2.25 -25.16
C ALA C 643 31.59 -1.17 -24.55
N SER C 644 32.15 -0.35 -25.44
CA SER C 644 33.04 0.74 -25.05
C SER C 644 32.98 1.83 -26.11
N TYR C 645 33.71 2.92 -25.87
CA TYR C 645 33.76 4.08 -26.75
C TYR C 645 35.22 4.31 -27.12
N HIS C 646 35.60 3.92 -28.33
CA HIS C 646 37.01 3.86 -28.72
C HIS C 646 37.28 4.75 -29.93
N THR C 647 38.56 5.08 -30.10
CA THR C 647 38.99 5.79 -31.31
C THR C 647 39.00 4.83 -32.49
N VAL C 648 38.37 5.23 -33.59
CA VAL C 648 38.27 4.39 -34.77
C VAL C 648 39.66 4.03 -35.27
N GLN C 656 38.46 10.43 -34.56
CA GLN C 656 37.06 10.03 -34.51
C GLN C 656 36.86 8.87 -33.54
N LYS C 657 35.73 8.88 -32.83
CA LYS C 657 35.42 7.85 -31.85
C LYS C 657 34.04 7.28 -32.13
N SER C 658 33.87 6.00 -31.78
CA SER C 658 32.63 5.30 -32.03
C SER C 658 32.44 4.22 -30.97
N ILE C 659 31.21 3.72 -30.90
CA ILE C 659 30.85 2.67 -29.96
C ILE C 659 31.25 1.32 -30.54
N VAL C 660 31.95 0.52 -29.75
CA VAL C 660 32.43 -0.79 -30.17
C VAL C 660 31.89 -1.83 -29.20
N ALA C 661 31.75 -3.06 -29.70
CA ALA C 661 31.28 -4.19 -28.92
C ALA C 661 32.23 -5.36 -29.09
N TYR C 662 32.40 -6.15 -28.03
CA TYR C 662 33.36 -7.23 -28.06
C TYR C 662 33.01 -8.24 -26.97
N THR C 663 33.74 -9.36 -26.99
CA THR C 663 33.63 -10.38 -25.96
C THR C 663 34.64 -10.08 -24.84
N MET C 664 34.15 -10.02 -23.61
CA MET C 664 35.01 -9.67 -22.49
C MET C 664 36.01 -10.78 -22.21
N SER C 665 37.20 -10.38 -21.76
CA SER C 665 38.24 -11.33 -21.39
C SER C 665 38.04 -11.79 -19.95
N LEU C 666 38.44 -13.03 -19.69
CA LEU C 666 38.24 -13.66 -18.40
C LEU C 666 39.46 -13.60 -17.50
N GLY C 667 40.55 -12.99 -17.95
CA GLY C 667 41.77 -12.95 -17.17
C GLY C 667 42.98 -13.38 -17.97
N ALA C 668 44.17 -13.02 -17.51
CA ALA C 668 45.37 -13.31 -18.26
C ALA C 668 45.65 -14.82 -18.28
N ASP C 669 46.17 -15.29 -19.40
CA ASP C 669 46.53 -16.69 -19.56
C ASP C 669 47.82 -16.98 -18.80
N SER C 670 47.98 -18.24 -18.40
CA SER C 670 49.14 -18.66 -17.65
C SER C 670 49.41 -20.13 -17.90
N SER C 671 50.68 -20.51 -17.79
CA SER C 671 51.10 -21.90 -17.91
C SER C 671 51.93 -22.26 -16.69
N ILE C 672 51.43 -23.20 -15.89
CA ILE C 672 52.10 -23.65 -14.68
C ILE C 672 52.45 -25.13 -14.86
N ALA C 673 53.72 -25.46 -14.65
CA ALA C 673 54.22 -26.82 -14.86
C ALA C 673 54.02 -27.62 -13.59
N TYR C 674 53.09 -28.58 -13.63
CA TYR C 674 52.91 -29.50 -12.52
C TYR C 674 54.03 -30.53 -12.55
N SER C 675 54.83 -30.56 -11.50
CA SER C 675 56.00 -31.43 -11.41
C SER C 675 55.78 -32.47 -10.31
N ASN C 676 56.80 -33.30 -10.09
CA ASN C 676 56.77 -34.31 -9.05
C ASN C 676 58.05 -34.39 -8.24
N ASN C 677 59.10 -33.62 -8.60
CA ASN C 677 60.38 -33.72 -7.91
C ASN C 677 61.04 -32.37 -7.68
N THR C 678 60.37 -31.25 -7.94
CA THR C 678 60.97 -29.94 -7.77
C THR C 678 59.99 -29.02 -7.06
N ILE C 679 60.56 -28.01 -6.39
CA ILE C 679 59.79 -27.04 -5.61
C ILE C 679 60.28 -25.64 -5.95
N ALA C 680 59.42 -24.66 -5.67
CA ALA C 680 59.74 -23.26 -5.88
C ALA C 680 59.63 -22.53 -4.54
N ILE C 681 60.69 -21.84 -4.15
CA ILE C 681 60.78 -21.17 -2.86
C ILE C 681 61.03 -19.69 -3.10
N PRO C 682 60.29 -18.78 -2.49
CA PRO C 682 60.63 -17.36 -2.59
C PRO C 682 61.97 -17.06 -1.94
N THR C 683 62.67 -16.07 -2.49
CA THR C 683 63.92 -15.58 -1.91
C THR C 683 63.83 -14.15 -1.42
N ASN C 684 62.71 -13.46 -1.67
CA ASN C 684 62.55 -12.07 -1.27
C ASN C 684 61.09 -11.84 -0.94
N PHE C 685 60.78 -10.61 -0.51
CA PHE C 685 59.42 -10.27 -0.11
C PHE C 685 59.24 -8.77 -0.23
N SER C 686 57.98 -8.35 -0.19
CA SER C 686 57.62 -6.94 -0.21
C SER C 686 56.51 -6.69 0.79
N ILE C 687 56.44 -5.47 1.30
CA ILE C 687 55.40 -5.04 2.21
C ILE C 687 54.32 -4.32 1.41
N SER C 688 53.09 -4.77 1.55
CA SER C 688 51.96 -4.23 0.81
C SER C 688 50.93 -3.66 1.77
N ILE C 689 50.37 -2.51 1.42
CA ILE C 689 49.31 -1.89 2.21
C ILE C 689 48.14 -1.60 1.27
N THR C 690 46.95 -2.08 1.63
CA THR C 690 45.75 -1.90 0.83
C THR C 690 44.63 -1.36 1.72
N THR C 691 43.59 -0.86 1.08
CA THR C 691 42.51 -0.13 1.74
C THR C 691 41.20 -0.89 1.62
N GLU C 692 40.35 -0.75 2.64
CA GLU C 692 39.02 -1.36 2.64
C GLU C 692 38.03 -0.35 3.22
N VAL C 693 37.00 -0.03 2.46
CA VAL C 693 36.02 1.00 2.81
C VAL C 693 34.71 0.31 3.19
N MET C 694 34.16 0.67 4.34
CA MET C 694 32.96 0.02 4.85
C MET C 694 31.96 1.03 5.42
N PRO C 695 30.71 1.05 4.94
CA PRO C 695 29.69 1.87 5.58
C PRO C 695 29.42 1.41 7.01
N VAL C 696 29.08 2.36 7.88
CA VAL C 696 28.79 2.09 9.28
C VAL C 696 27.40 2.57 9.67
N SER C 697 27.04 3.79 9.28
CA SER C 697 25.77 4.38 9.70
C SER C 697 25.20 5.23 8.57
N MET C 698 23.90 5.44 8.62
CA MET C 698 23.18 6.30 7.69
C MET C 698 22.43 7.39 8.47
N ALA C 699 21.79 8.29 7.74
CA ALA C 699 21.15 9.44 8.36
C ALA C 699 19.93 9.03 9.19
N LYS C 700 19.77 9.68 10.33
CA LYS C 700 18.61 9.48 11.19
C LYS C 700 17.55 10.51 10.83
N THR C 701 16.31 10.05 10.63
CA THR C 701 15.25 10.92 10.16
C THR C 701 14.01 10.77 11.03
N SER C 702 13.14 11.78 10.94
CA SER C 702 11.85 11.77 11.61
C SER C 702 10.85 12.52 10.76
N VAL C 703 9.57 12.17 10.92
CA VAL C 703 8.49 12.70 10.09
C VAL C 703 7.38 13.23 10.98
N ASP C 704 6.87 14.41 10.63
CA ASP C 704 5.67 14.96 11.25
C ASP C 704 4.50 14.66 10.31
N CYS C 705 3.73 13.63 10.67
CA CYS C 705 2.62 13.20 9.82
C CYS C 705 1.69 14.36 9.48
N ASN C 706 1.25 15.10 10.50
CA ASN C 706 0.29 16.16 10.27
C ASN C 706 0.86 17.21 9.32
N MET C 707 2.11 17.61 9.54
CA MET C 707 2.73 18.59 8.66
C MET C 707 2.75 18.08 7.23
N TYR C 708 3.28 16.87 7.02
CA TYR C 708 3.43 16.37 5.65
C TYR C 708 2.08 16.22 4.95
N ILE C 709 1.07 15.71 5.66
CA ILE C 709 -0.18 15.36 5.00
C ILE C 709 -1.10 16.57 4.86
N CYS C 710 -1.26 17.37 5.92
CA CYS C 710 -2.26 18.41 5.95
C CYS C 710 -1.69 19.82 5.91
N GLY C 711 -0.39 20.01 6.08
CA GLY C 711 0.13 21.36 6.15
C GLY C 711 -0.44 22.08 7.36
N ASP C 712 -1.03 23.26 7.11
CA ASP C 712 -1.62 24.08 8.17
C ASP C 712 -3.15 24.05 8.15
N SER C 713 -3.75 23.06 7.50
CA SER C 713 -5.19 23.01 7.33
C SER C 713 -5.85 22.30 8.51
N THR C 714 -6.72 23.03 9.22
CA THR C 714 -7.40 22.46 10.38
C THR C 714 -8.46 21.44 9.97
N GLU C 715 -9.13 21.64 8.84
CA GLU C 715 -10.09 20.64 8.37
C GLU C 715 -9.41 19.32 8.10
N CYS C 716 -8.29 19.35 7.37
CA CYS C 716 -7.53 18.13 7.11
C CYS C 716 -7.00 17.53 8.39
N ALA C 717 -6.52 18.37 9.32
CA ALA C 717 -6.01 17.86 10.58
C ALA C 717 -7.11 17.11 11.34
N ASN C 718 -8.32 17.66 11.37
CA ASN C 718 -9.43 16.98 12.03
C ASN C 718 -9.75 15.67 11.33
N LEU C 719 -9.76 15.66 9.99
CA LEU C 719 -10.07 14.42 9.28
C LEU C 719 -8.99 13.36 9.50
N LEU C 720 -7.74 13.78 9.76
CA LEU C 720 -6.65 12.83 9.91
C LEU C 720 -6.66 12.09 11.24
N LEU C 721 -7.47 12.54 12.22
CA LEU C 721 -7.39 11.96 13.56
C LEU C 721 -7.69 10.46 13.56
N GLN C 722 -8.56 10.00 12.66
CA GLN C 722 -8.95 8.59 12.65
C GLN C 722 -7.86 7.68 12.09
N TYR C 723 -6.69 8.21 11.72
CA TYR C 723 -5.59 7.39 11.24
C TYR C 723 -4.38 7.44 12.16
N GLY C 724 -4.57 7.79 13.43
CA GLY C 724 -3.44 7.99 14.31
C GLY C 724 -2.59 6.75 14.52
N SER C 725 -3.21 5.57 14.46
CA SER C 725 -2.48 4.33 14.67
C SER C 725 -1.40 4.15 13.61
N PHE C 726 -1.73 4.42 12.35
CA PHE C 726 -0.77 4.24 11.26
C PHE C 726 0.44 5.15 11.45
N CYS C 727 0.21 6.40 11.83
CA CYS C 727 1.30 7.33 12.01
C CYS C 727 2.16 6.96 13.22
N ARG C 728 1.53 6.52 14.32
CA ARG C 728 2.32 6.05 15.45
C ARG C 728 3.20 4.87 15.03
N GLN C 729 2.66 3.96 14.21
CA GLN C 729 3.44 2.82 13.74
C GLN C 729 4.65 3.27 12.90
N LEU C 730 4.41 4.21 11.98
CA LEU C 730 5.49 4.71 11.14
C LEU C 730 6.60 5.32 11.99
N ASN C 731 6.22 6.16 12.95
CA ASN C 731 7.23 6.83 13.76
C ASN C 731 7.95 5.86 14.68
N ARG C 732 7.26 4.82 15.15
CA ARG C 732 7.94 3.77 15.91
C ARG C 732 9.06 3.16 15.09
N ALA C 733 8.76 2.80 13.84
CA ALA C 733 9.78 2.20 12.98
C ALA C 733 10.95 3.15 12.78
N LEU C 734 10.66 4.42 12.46
CA LEU C 734 11.74 5.36 12.18
C LEU C 734 12.61 5.60 13.41
N SER C 735 12.00 5.70 14.59
CA SER C 735 12.80 5.92 15.80
C SER C 735 13.67 4.71 16.11
N GLY C 736 13.16 3.50 15.86
CA GLY C 736 14.00 2.33 16.01
C GLY C 736 15.23 2.39 15.12
N ILE C 737 15.04 2.76 13.86
CA ILE C 737 16.18 2.92 12.94
C ILE C 737 17.17 3.95 13.49
N ALA C 738 16.64 5.08 13.97
CA ALA C 738 17.51 6.15 14.44
C ALA C 738 18.37 5.69 15.59
N ALA C 739 17.79 4.96 16.55
CA ALA C 739 18.59 4.45 17.66
C ALA C 739 19.64 3.45 17.16
N GLU C 740 19.25 2.60 16.20
CA GLU C 740 20.20 1.60 15.71
C GLU C 740 21.42 2.24 15.07
N GLN C 741 21.28 3.42 14.46
CA GLN C 741 22.45 4.04 13.84
C GLN C 741 23.53 4.37 14.87
N ASP C 742 23.15 5.00 15.98
CA ASP C 742 24.10 5.29 17.04
C ASP C 742 24.65 4.01 17.63
N ARG C 743 23.81 2.97 17.75
CA ARG C 743 24.32 1.69 18.22
C ARG C 743 25.42 1.17 17.30
N ASN C 744 25.22 1.26 15.99
CA ASN C 744 26.22 0.80 15.03
C ASN C 744 27.55 1.53 15.24
N THR C 745 27.49 2.87 15.31
CA THR C 745 28.72 3.63 15.45
C THR C 745 29.45 3.27 16.73
N ARG C 746 28.71 3.14 17.84
CA ARG C 746 29.35 2.78 19.10
C ARG C 746 30.01 1.41 19.01
N GLU C 747 29.28 0.43 18.46
CA GLU C 747 29.82 -0.93 18.40
C GLU C 747 31.09 -0.97 17.55
N VAL C 748 31.14 -0.19 16.48
CA VAL C 748 32.32 -0.21 15.62
C VAL C 748 33.50 0.45 16.32
N PHE C 749 33.31 1.65 16.86
CA PHE C 749 34.46 2.47 17.24
C PHE C 749 34.85 2.39 18.70
N VAL C 750 33.93 2.13 19.62
CA VAL C 750 34.24 2.12 21.05
C VAL C 750 34.67 0.70 21.42
N GLN C 751 35.96 0.40 21.20
CA GLN C 751 36.52 -0.89 21.52
C GLN C 751 37.72 -0.77 22.44
N VAL C 752 37.88 0.36 23.13
CA VAL C 752 39.00 0.59 24.03
C VAL C 752 38.48 1.24 25.30
N LYS C 753 39.04 0.85 26.43
CA LYS C 753 38.64 1.41 27.72
C LYS C 753 39.48 2.61 28.12
N GLN C 754 40.71 2.71 27.62
CA GLN C 754 41.64 3.78 27.95
C GLN C 754 41.89 4.63 26.73
N MET C 755 41.80 5.95 26.90
CA MET C 755 42.06 6.90 25.82
C MET C 755 43.57 7.16 25.78
N TYR C 756 44.27 6.23 25.15
CA TYR C 756 45.73 6.32 25.08
C TYR C 756 46.16 7.62 24.41
N LYS C 757 47.09 8.33 25.04
CA LYS C 757 47.54 9.61 24.52
C LYS C 757 48.44 9.40 23.31
N THR C 758 48.36 10.35 22.37
CA THR C 758 49.17 10.29 21.17
C THR C 758 50.64 10.54 21.51
N PRO C 759 51.56 9.62 21.20
CA PRO C 759 52.96 9.85 21.55
C PRO C 759 53.53 11.07 20.86
N THR C 760 54.44 11.75 21.56
CA THR C 760 55.07 12.95 21.00
C THR C 760 56.05 12.60 19.89
N LEU C 761 56.81 11.52 20.06
CA LEU C 761 57.77 11.06 19.06
C LEU C 761 57.14 9.96 18.23
N LYS C 762 57.07 10.17 16.92
CA LYS C 762 56.38 9.28 15.99
C LYS C 762 57.36 8.55 15.08
N ASP C 763 58.51 8.13 15.63
CA ASP C 763 59.53 7.45 14.84
C ASP C 763 59.34 5.94 14.82
N PHE C 764 59.35 5.31 16.00
CA PHE C 764 59.14 3.87 16.12
C PHE C 764 60.09 3.09 15.22
N GLY C 765 61.37 3.31 15.43
CA GLY C 765 62.38 2.51 14.74
C GLY C 765 62.32 2.58 13.22
N GLY C 766 62.11 3.78 12.68
CA GLY C 766 62.09 3.98 11.25
C GLY C 766 60.74 3.88 10.59
N PHE C 767 59.70 3.50 11.33
CA PHE C 767 58.35 3.42 10.79
C PHE C 767 57.65 4.76 11.04
N ASN C 768 57.41 5.51 9.97
CA ASN C 768 56.89 6.87 10.07
C ASN C 768 55.38 6.82 10.19
N PHE C 769 54.84 7.16 11.37
CA PHE C 769 53.41 7.11 11.64
C PHE C 769 52.71 8.45 11.50
N SER C 770 53.45 9.53 11.25
CA SER C 770 52.88 10.86 11.36
C SER C 770 51.59 10.99 10.56
N GLN C 771 51.61 10.54 9.30
CA GLN C 771 50.48 10.76 8.41
C GLN C 771 49.19 10.13 8.91
N ILE C 772 49.27 9.11 9.79
CA ILE C 772 48.06 8.47 10.29
C ILE C 772 47.73 8.91 11.71
N LEU C 773 48.55 9.75 12.33
CA LEU C 773 48.26 10.25 13.66
C LEU C 773 48.05 11.76 13.61
N PRO C 774 47.25 12.32 14.53
CA PRO C 774 47.00 13.76 14.49
C PRO C 774 48.26 14.56 14.79
N ASP C 775 48.34 15.74 14.19
CA ASP C 775 49.49 16.61 14.33
C ASP C 775 49.18 17.73 15.30
N PRO C 776 49.91 17.88 16.42
CA PRO C 776 49.57 18.95 17.37
C PRO C 776 49.65 20.34 16.77
N LEU C 777 50.55 20.57 15.81
CA LEU C 777 50.72 21.91 15.26
C LEU C 777 49.47 22.37 14.54
N LYS C 778 48.92 21.53 13.67
CA LYS C 778 47.79 21.95 12.84
C LYS C 778 46.53 22.14 13.70
N PRO C 779 45.65 23.07 13.31
CA PRO C 779 44.41 23.25 14.08
C PRO C 779 43.54 22.01 14.12
N THR C 780 43.51 21.23 13.04
CA THR C 780 42.63 20.08 12.98
C THR C 780 43.03 19.03 14.00
N LYS C 781 42.03 18.33 14.52
CA LYS C 781 42.24 17.23 15.46
C LYS C 781 42.33 15.88 14.77
N ARG C 782 42.26 15.85 13.43
CA ARG C 782 42.34 14.62 12.66
C ARG C 782 43.75 14.45 12.10
N SER C 783 43.98 13.33 11.44
CA SER C 783 45.23 13.08 10.76
C SER C 783 45.14 13.55 9.30
N PHE C 784 46.28 13.52 8.61
CA PHE C 784 46.35 14.00 7.24
C PHE C 784 45.49 13.13 6.31
N ILE C 785 45.60 11.81 6.46
CA ILE C 785 44.82 10.91 5.61
C ILE C 785 43.34 11.03 5.94
N GLU C 786 43.01 11.22 7.21
CA GLU C 786 41.62 11.44 7.58
C GLU C 786 41.08 12.73 6.96
N ASP C 787 41.91 13.78 6.92
CA ASP C 787 41.49 15.00 6.25
C ASP C 787 41.22 14.75 4.77
N LEU C 788 42.11 14.01 4.10
CA LEU C 788 41.87 13.68 2.70
C LEU C 788 40.56 12.93 2.54
N LEU C 789 40.32 11.94 3.39
CA LEU C 789 39.10 11.15 3.29
C LEU C 789 37.86 12.02 3.47
N PHE C 790 37.89 12.93 4.44
CA PHE C 790 36.74 13.79 4.65
C PHE C 790 36.57 14.79 3.51
N ASN C 791 37.66 15.15 2.83
CA ASN C 791 37.55 16.02 1.68
C ASN C 791 36.99 15.29 0.46
N LYS C 792 37.13 13.97 0.39
CA LYS C 792 36.71 13.23 -0.80
C LYS C 792 35.21 12.98 -0.87
N VAL C 793 34.44 13.25 0.18
CA VAL C 793 33.00 12.99 0.21
C VAL C 793 32.27 14.31 0.42
N THR C 794 31.29 14.58 -0.44
CA THR C 794 30.55 15.84 -0.41
C THR C 794 29.16 15.59 0.18
N LEU C 795 28.77 16.43 1.13
CA LEU C 795 27.50 16.32 1.81
C LEU C 795 26.66 17.57 1.57
N ALA C 796 25.34 17.39 1.52
CA ALA C 796 24.46 18.52 1.27
C ALA C 796 24.56 19.56 2.37
N ASP C 797 24.59 19.13 3.62
CA ASP C 797 24.71 20.04 4.75
C ASP C 797 25.34 19.29 5.91
N ALA C 798 26.02 20.03 6.79
CA ALA C 798 26.71 19.46 7.93
C ALA C 798 26.33 20.04 9.27
N GLY C 799 25.55 21.13 9.31
CA GLY C 799 25.27 21.78 10.57
C GLY C 799 24.12 21.16 11.35
N PHE C 800 23.17 20.53 10.66
CA PHE C 800 21.95 20.05 11.30
C PHE C 800 21.17 21.19 11.96
N MET C 801 21.33 22.41 11.44
CA MET C 801 20.66 23.57 12.01
C MET C 801 20.35 24.53 10.88
N LYS C 802 19.06 24.77 10.63
CA LYS C 802 18.60 25.66 9.57
C LYS C 802 17.51 26.54 10.15
N GLN C 803 17.78 27.84 10.27
CA GLN C 803 16.88 28.74 10.97
C GLN C 803 15.75 29.23 10.07
N TYR C 804 14.62 29.56 10.71
CA TYR C 804 13.46 30.05 9.98
C TYR C 804 13.79 31.32 9.22
N GLY C 805 14.58 32.21 9.83
CA GLY C 805 15.00 33.41 9.12
C GLY C 805 15.88 33.11 7.92
N GLU C 806 16.75 32.11 8.06
CA GLU C 806 17.59 31.72 6.94
C GLU C 806 16.76 31.20 5.77
N CYS C 807 15.81 30.30 6.04
CA CYS C 807 14.97 29.78 4.97
C CYS C 807 14.10 30.90 4.38
N LEU C 808 13.59 31.78 5.23
CA LEU C 808 12.75 32.90 4.80
C LEU C 808 13.66 34.12 4.63
N GLY C 809 14.15 34.30 3.42
CA GLY C 809 15.14 35.32 3.15
C GLY C 809 16.12 34.87 2.08
N ASP C 810 16.22 33.56 1.89
CA ASP C 810 16.92 32.98 0.75
C ASP C 810 16.02 32.19 -0.19
N ILE C 811 14.76 32.63 -0.32
CA ILE C 811 13.77 31.88 -1.07
C ILE C 811 14.23 31.68 -2.51
N ASN C 812 14.90 32.68 -3.07
CA ASN C 812 15.33 32.59 -4.47
C ASN C 812 16.21 31.38 -4.70
N ALA C 813 16.90 30.89 -3.67
CA ALA C 813 17.77 29.75 -3.84
C ALA C 813 17.01 28.44 -4.05
N ARG C 814 15.77 28.36 -3.57
CA ARG C 814 15.00 27.12 -3.64
C ARG C 814 15.77 25.95 -3.02
N ASP C 815 16.01 26.08 -1.71
CA ASP C 815 16.83 25.12 -1.00
C ASP C 815 16.07 23.82 -0.76
N LEU C 816 16.72 22.70 -1.10
CA LEU C 816 16.11 21.39 -0.90
C LEU C 816 15.87 21.13 0.58
N ILE C 817 16.81 21.50 1.44
CA ILE C 817 16.64 21.31 2.87
C ILE C 817 15.47 22.15 3.37
N CYS C 818 15.35 23.38 2.89
CA CYS C 818 14.23 24.22 3.29
C CYS C 818 12.90 23.58 2.89
N ALA C 819 12.83 23.04 1.67
CA ALA C 819 11.58 22.39 1.25
C ALA C 819 11.28 21.18 2.13
N GLN C 820 12.28 20.33 2.37
CA GLN C 820 12.09 19.18 3.25
C GLN C 820 11.53 19.62 4.59
N LYS C 821 12.17 20.61 5.22
CA LYS C 821 11.74 21.04 6.54
C LYS C 821 10.35 21.63 6.52
N PHE C 822 10.03 22.46 5.52
CA PHE C 822 8.70 23.04 5.44
C PHE C 822 7.64 21.98 5.22
N ASN C 823 8.01 20.79 4.74
CA ASN C 823 7.06 19.70 4.57
C ASN C 823 7.14 18.66 5.68
N GLY C 824 7.82 18.97 6.79
CA GLY C 824 7.73 18.14 7.97
C GLY C 824 8.70 16.99 8.06
N LEU C 825 9.82 17.04 7.35
CA LEU C 825 10.83 15.99 7.38
C LEU C 825 12.09 16.53 8.03
N THR C 826 12.58 15.84 9.06
CA THR C 826 13.70 16.31 9.86
C THR C 826 14.81 15.27 9.86
N VAL C 827 16.06 15.76 9.88
CA VAL C 827 17.25 14.92 10.01
C VAL C 827 17.90 15.25 11.35
N LEU C 828 18.14 14.20 12.16
CA LEU C 828 18.68 14.38 13.50
C LEU C 828 20.19 14.19 13.52
N PRO C 829 20.88 14.85 14.45
CA PRO C 829 22.35 14.75 14.49
C PRO C 829 22.80 13.47 15.20
N PRO C 830 23.90 12.87 14.77
CA PRO C 830 24.41 11.69 15.47
C PRO C 830 24.90 12.03 16.87
N LEU C 831 24.86 11.03 17.75
CA LEU C 831 25.26 11.24 19.13
C LEU C 831 26.76 11.57 19.24
N LEU C 832 27.59 10.82 18.54
CA LEU C 832 29.04 11.04 18.59
C LEU C 832 29.45 11.99 17.47
N THR C 833 30.30 12.95 17.81
CA THR C 833 30.78 13.91 16.83
C THR C 833 32.00 13.35 16.10
N ASP C 834 32.33 14.01 14.99
CA ASP C 834 33.51 13.62 14.21
C ASP C 834 34.77 13.75 15.05
N ASP C 835 34.85 14.77 15.90
CA ASP C 835 36.01 14.92 16.76
C ASP C 835 36.14 13.73 17.71
N MET C 836 35.03 13.28 18.29
CA MET C 836 35.09 12.15 19.21
C MET C 836 35.47 10.87 18.48
N ILE C 837 34.92 10.65 17.29
CA ILE C 837 35.28 9.46 16.52
C ILE C 837 36.77 9.47 16.16
N ALA C 838 37.27 10.64 15.74
CA ALA C 838 38.68 10.76 15.43
C ALA C 838 39.54 10.52 16.67
N ALA C 839 39.07 10.97 17.83
CA ALA C 839 39.79 10.70 19.07
C ALA C 839 39.87 9.20 19.33
N TYR C 840 38.77 8.48 19.11
CA TYR C 840 38.80 7.03 19.29
C TYR C 840 39.79 6.37 18.33
N THR C 841 39.79 6.79 17.06
CA THR C 841 40.72 6.18 16.11
C THR C 841 42.17 6.49 16.48
N ALA C 842 42.44 7.72 16.92
CA ALA C 842 43.79 8.06 17.36
C ALA C 842 44.20 7.22 18.55
N ALA C 843 43.28 7.01 19.50
CA ALA C 843 43.58 6.15 20.63
C ALA C 843 43.92 4.73 20.18
N LEU C 844 43.15 4.20 19.22
CA LEU C 844 43.42 2.85 18.75
C LEU C 844 44.79 2.74 18.09
N VAL C 845 45.12 3.72 17.23
CA VAL C 845 46.42 3.68 16.55
C VAL C 845 47.55 3.80 17.56
N SER C 846 47.43 4.72 18.52
CA SER C 846 48.49 4.88 19.52
C SER C 846 48.64 3.62 20.36
N GLY C 847 47.51 3.00 20.74
CA GLY C 847 47.58 1.80 21.54
C GLY C 847 48.26 0.66 20.81
N THR C 848 47.93 0.47 19.53
CA THR C 848 48.60 -0.60 18.79
C THR C 848 50.08 -0.30 18.60
N ALA C 849 50.42 0.98 18.36
CA ALA C 849 51.82 1.32 18.13
C ALA C 849 52.65 1.19 19.40
N THR C 850 52.06 1.39 20.57
CA THR C 850 52.81 1.36 21.82
C THR C 850 52.76 0.04 22.54
N ALA C 851 51.68 -0.75 22.38
CA ALA C 851 51.54 -2.01 23.08
C ALA C 851 51.19 -3.19 22.17
N GLY C 852 50.86 -2.95 20.91
CA GLY C 852 50.61 -4.04 19.99
C GLY C 852 49.23 -4.65 20.12
N TRP C 853 49.17 -5.91 20.52
CA TRP C 853 47.93 -6.66 20.60
C TRP C 853 47.54 -7.06 22.02
N THR C 854 48.44 -6.89 22.99
CA THR C 854 48.13 -7.30 24.36
C THR C 854 46.92 -6.55 24.89
N PHE C 855 46.83 -5.26 24.61
CA PHE C 855 45.64 -4.50 24.96
C PHE C 855 44.47 -4.96 24.09
N GLY C 856 43.29 -5.05 24.68
CA GLY C 856 42.15 -5.68 24.08
C GLY C 856 41.91 -7.10 24.54
N ALA C 857 42.94 -7.76 25.06
CA ALA C 857 42.80 -9.03 25.77
C ALA C 857 43.04 -8.87 27.26
N GLY C 858 43.11 -7.64 27.75
CA GLY C 858 43.42 -7.38 29.14
C GLY C 858 44.06 -6.02 29.33
N ALA C 859 45.12 -5.95 30.12
CA ALA C 859 45.83 -4.70 30.36
C ALA C 859 46.91 -4.50 29.31
N ALA C 860 47.02 -3.26 28.81
CA ALA C 860 48.02 -2.96 27.81
C ALA C 860 49.43 -3.19 28.35
N LEU C 861 50.26 -3.83 27.54
CA LEU C 861 51.65 -4.11 27.88
C LEU C 861 52.54 -3.55 26.78
N GLN C 862 53.27 -2.48 27.09
CA GLN C 862 54.06 -1.81 26.07
C GLN C 862 55.25 -2.67 25.65
N ILE C 863 55.73 -2.41 24.44
CA ILE C 863 56.81 -3.20 23.85
C ILE C 863 57.40 -2.42 22.68
N PRO C 864 58.71 -2.53 22.40
CA PRO C 864 59.27 -1.83 21.25
C PRO C 864 58.71 -2.33 19.92
N PHE C 865 58.58 -1.40 18.97
CA PHE C 865 57.93 -1.71 17.70
C PHE C 865 58.71 -2.75 16.91
N ALA C 866 60.03 -2.75 17.00
CA ALA C 866 60.81 -3.76 16.28
C ALA C 866 60.51 -5.16 16.81
N MET C 867 60.45 -5.32 18.14
CA MET C 867 60.09 -6.61 18.71
C MET C 867 58.66 -6.99 18.34
N GLN C 868 57.77 -6.01 18.29
CA GLN C 868 56.40 -6.27 17.85
C GLN C 868 56.38 -6.83 16.43
N MET C 869 57.12 -6.19 15.53
CA MET C 869 57.16 -6.64 14.14
C MET C 869 57.80 -8.03 14.05
N ALA C 870 58.81 -8.29 14.88
CA ALA C 870 59.41 -9.62 14.90
C ALA C 870 58.40 -10.68 15.31
N TYR C 871 57.58 -10.37 16.31
CA TYR C 871 56.53 -11.32 16.72
C TYR C 871 55.54 -11.54 15.58
N ARG C 872 55.14 -10.47 14.90
CA ARG C 872 54.19 -10.61 13.80
C ARG C 872 54.78 -11.47 12.68
N PHE C 873 56.06 -11.26 12.37
CA PHE C 873 56.73 -12.11 11.38
C PHE C 873 56.71 -13.56 11.82
N ASN C 874 57.05 -13.82 13.09
CA ASN C 874 56.97 -15.17 13.61
C ASN C 874 55.58 -15.76 13.45
N GLY C 875 54.55 -14.92 13.49
CA GLY C 875 53.18 -15.40 13.38
C GLY C 875 52.79 -15.90 12.00
N ILE C 876 53.63 -15.69 10.98
CA ILE C 876 53.33 -16.12 9.63
C ILE C 876 54.33 -17.16 9.14
N GLY C 877 55.02 -17.83 10.05
CA GLY C 877 55.95 -18.88 9.68
C GLY C 877 57.29 -18.41 9.17
N VAL C 878 57.70 -17.20 9.51
CA VAL C 878 59.00 -16.66 9.13
C VAL C 878 59.76 -16.31 10.40
N THR C 879 61.00 -16.76 10.49
CA THR C 879 61.80 -16.44 11.67
C THR C 879 62.03 -14.94 11.78
N GLN C 880 62.21 -14.48 13.01
CA GLN C 880 62.35 -13.05 13.27
C GLN C 880 63.75 -12.53 12.96
N ASN C 881 64.73 -13.42 12.80
CA ASN C 881 66.03 -12.98 12.30
C ASN C 881 65.90 -12.27 10.96
N VAL C 882 64.95 -12.69 10.12
CA VAL C 882 64.72 -12.03 8.85
C VAL C 882 64.32 -10.57 9.08
N LEU C 883 63.32 -10.36 9.94
CA LEU C 883 62.87 -9.00 10.23
C LEU C 883 64.01 -8.16 10.78
N TYR C 884 64.77 -8.70 11.74
CA TYR C 884 65.83 -7.91 12.35
C TYR C 884 66.96 -7.61 11.36
N GLU C 885 67.26 -8.53 10.45
CA GLU C 885 68.35 -8.33 9.50
C GLU C 885 67.94 -7.49 8.30
N ASN C 886 66.64 -7.30 8.06
CA ASN C 886 66.17 -6.47 6.96
C ASN C 886 65.30 -5.31 7.45
N GLN C 887 65.62 -4.79 8.65
CA GLN C 887 64.76 -3.78 9.26
C GLN C 887 64.71 -2.50 8.42
N LYS C 888 65.86 -2.04 7.93
CA LYS C 888 65.87 -0.79 7.17
C LYS C 888 65.04 -0.92 5.89
N GLN C 889 65.23 -2.03 5.17
CA GLN C 889 64.46 -2.25 3.95
C GLN C 889 62.97 -2.34 4.26
N ILE C 890 62.60 -3.05 5.32
CA ILE C 890 61.19 -3.21 5.66
C ILE C 890 60.57 -1.87 6.01
N ALA C 891 61.28 -1.06 6.81
CA ALA C 891 60.77 0.25 7.17
C ALA C 891 60.63 1.15 5.95
N ASN C 892 61.61 1.12 5.05
CA ASN C 892 61.52 1.93 3.84
C ASN C 892 60.32 1.52 3.00
N GLN C 893 60.09 0.21 2.86
CA GLN C 893 58.94 -0.25 2.09
C GLN C 893 57.63 0.16 2.75
N PHE C 894 57.56 0.10 4.07
CA PHE C 894 56.36 0.54 4.77
C PHE C 894 56.09 2.02 4.52
N ASN C 895 57.13 2.86 4.65
CA ASN C 895 56.98 4.28 4.41
C ASN C 895 56.55 4.56 2.98
N LYS C 896 57.13 3.84 2.02
CA LYS C 896 56.77 4.04 0.63
C LYS C 896 55.32 3.65 0.37
N ALA C 897 54.86 2.56 0.99
CA ALA C 897 53.46 2.18 0.84
C ALA C 897 52.54 3.25 1.41
N ILE C 898 52.89 3.81 2.57
CA ILE C 898 52.09 4.89 3.14
C ILE C 898 52.04 6.07 2.18
N SER C 899 53.19 6.44 1.61
CA SER C 899 53.23 7.56 0.68
C SER C 899 52.37 7.29 -0.55
N GLN C 900 52.42 6.06 -1.07
CA GLN C 900 51.60 5.72 -2.23
C GLN C 900 50.12 5.84 -1.91
N ILE C 901 49.71 5.37 -0.73
CA ILE C 901 48.30 5.53 -0.33
C ILE C 901 47.94 7.00 -0.29
N GLN C 902 48.81 7.83 0.30
CA GLN C 902 48.51 9.24 0.42
C GLN C 902 48.37 9.91 -0.94
N GLU C 903 49.29 9.59 -1.87
CA GLU C 903 49.20 10.17 -3.21
C GLU C 903 47.94 9.73 -3.92
N SER C 904 47.60 8.44 -3.84
CA SER C 904 46.40 7.96 -4.50
C SER C 904 45.16 8.63 -3.94
N LEU C 905 45.10 8.81 -2.62
CA LEU C 905 43.96 9.50 -2.03
C LEU C 905 43.91 10.96 -2.46
N THR C 906 45.08 11.60 -2.58
CA THR C 906 45.11 12.98 -3.04
C THR C 906 44.55 13.10 -4.45
N THR C 907 44.93 12.18 -5.33
CA THR C 907 44.38 12.20 -6.68
C THR C 907 42.88 11.92 -6.65
N THR C 908 42.13 12.70 -7.44
CA THR C 908 40.69 12.52 -7.49
C THR C 908 40.35 11.15 -8.09
N SER C 909 39.40 10.46 -7.47
CA SER C 909 38.99 9.14 -7.90
C SER C 909 37.63 8.82 -7.27
N THR C 910 37.22 7.57 -7.38
CA THR C 910 35.96 7.12 -6.79
C THR C 910 36.22 6.04 -5.74
N ALA C 911 37.20 6.26 -4.86
CA ALA C 911 37.53 5.27 -3.85
C ALA C 911 36.49 5.19 -2.75
N LEU C 912 35.79 6.29 -2.48
CA LEU C 912 34.77 6.34 -1.43
C LEU C 912 33.35 6.32 -2.00
N GLY C 913 33.16 5.56 -3.08
CA GLY C 913 31.87 5.50 -3.72
C GLY C 913 30.77 4.96 -2.84
N LYS C 914 31.11 4.01 -1.97
CA LYS C 914 30.09 3.41 -1.09
C LYS C 914 29.52 4.45 -0.12
N LEU C 915 30.40 5.21 0.53
CA LEU C 915 29.92 6.26 1.43
C LEU C 915 29.16 7.31 0.65
N GLN C 916 29.68 7.69 -0.53
CA GLN C 916 29.00 8.70 -1.34
C GLN C 916 27.58 8.26 -1.70
N ASP C 917 27.41 6.99 -2.10
CA ASP C 917 26.08 6.58 -2.55
C ASP C 917 25.15 6.33 -1.38
N VAL C 918 25.68 6.05 -0.17
CA VAL C 918 24.83 6.09 1.02
C VAL C 918 24.23 7.47 1.19
N VAL C 919 25.09 8.50 1.13
CA VAL C 919 24.60 9.88 1.25
C VAL C 919 23.56 10.16 0.16
N ASN C 920 23.88 9.77 -1.07
CA ASN C 920 23.00 10.08 -2.20
C ASN C 920 21.66 9.40 -2.05
N GLN C 921 21.64 8.14 -1.59
CA GLN C 921 20.38 7.43 -1.43
C GLN C 921 19.49 8.12 -0.41
N ASN C 922 20.07 8.52 0.73
CA ASN C 922 19.25 9.20 1.73
C ASN C 922 18.65 10.49 1.16
N ALA C 923 19.48 11.30 0.51
CA ALA C 923 19.00 12.57 -0.03
C ALA C 923 17.92 12.34 -1.07
N GLN C 924 18.12 11.36 -1.95
CA GLN C 924 17.14 11.08 -3.00
C GLN C 924 15.82 10.63 -2.41
N ALA C 925 15.86 9.79 -1.38
CA ALA C 925 14.61 9.35 -0.76
C ALA C 925 13.82 10.55 -0.24
N LEU C 926 14.49 11.45 0.49
CA LEU C 926 13.76 12.60 1.02
C LEU C 926 13.21 13.50 -0.09
N ASN C 927 14.01 13.73 -1.14
CA ASN C 927 13.57 14.62 -2.21
C ASN C 927 12.40 14.02 -2.98
N THR C 928 12.43 12.71 -3.22
CA THR C 928 11.29 12.03 -3.84
C THR C 928 10.05 12.18 -2.97
N LEU C 929 10.20 12.01 -1.66
CA LEU C 929 9.05 12.20 -0.77
C LEU C 929 8.46 13.58 -0.94
N VAL C 930 9.31 14.61 -1.04
CA VAL C 930 8.80 15.97 -1.25
C VAL C 930 8.07 16.06 -2.58
N LYS C 931 8.66 15.51 -3.65
CA LYS C 931 8.08 15.67 -4.97
C LYS C 931 6.74 14.95 -5.11
N GLN C 932 6.53 13.87 -4.37
CA GLN C 932 5.33 13.08 -4.56
C GLN C 932 4.06 13.78 -4.06
N LEU C 933 4.17 14.94 -3.41
CA LEU C 933 3.01 15.67 -2.96
C LEU C 933 2.16 16.24 -4.10
N SER C 934 2.67 16.23 -5.33
CA SER C 934 1.96 16.84 -6.45
C SER C 934 0.97 15.90 -7.13
N SER C 935 0.82 14.67 -6.66
CA SER C 935 -0.11 13.73 -7.27
C SER C 935 -1.53 13.98 -6.77
N ASN C 936 -2.50 13.84 -7.70
CA ASN C 936 -3.90 14.02 -7.34
C ASN C 936 -4.48 12.83 -6.60
N PHE C 937 -3.98 11.62 -6.88
CA PHE C 937 -4.54 10.39 -6.31
C PHE C 937 -6.03 10.26 -6.61
N GLY C 938 -6.46 10.76 -7.77
CA GLY C 938 -7.85 10.68 -8.17
C GLY C 938 -8.73 11.82 -7.72
N ALA C 939 -8.21 12.76 -6.93
CA ALA C 939 -8.99 13.91 -6.53
C ALA C 939 -9.01 14.97 -7.64
N ILE C 940 -9.95 15.91 -7.53
CA ILE C 940 -10.06 16.95 -8.54
C ILE C 940 -8.82 17.83 -8.60
N SER C 941 -8.06 17.89 -7.51
CA SER C 941 -6.85 18.69 -7.48
C SER C 941 -5.95 18.15 -6.37
N SER C 942 -4.67 18.49 -6.46
CA SER C 942 -3.69 18.14 -5.45
C SER C 942 -3.43 19.28 -4.46
N VAL C 943 -4.21 20.36 -4.53
CA VAL C 943 -4.01 21.54 -3.70
C VAL C 943 -5.18 21.64 -2.73
N LEU C 944 -4.87 21.47 -1.44
CA LEU C 944 -5.91 21.51 -0.41
C LEU C 944 -6.59 22.88 -0.39
N ASN C 945 -5.81 23.95 -0.54
CA ASN C 945 -6.39 25.28 -0.53
C ASN C 945 -7.37 25.46 -1.68
N ASP C 946 -7.02 24.97 -2.87
CA ASP C 946 -7.94 25.07 -4.00
C ASP C 946 -9.22 24.29 -3.73
N ILE C 947 -9.09 23.07 -3.21
CA ILE C 947 -10.27 22.25 -2.91
C ILE C 947 -11.18 22.99 -1.92
N LEU C 948 -10.59 23.52 -0.85
CA LEU C 948 -11.39 24.15 0.20
C LEU C 948 -11.94 25.51 -0.24
N SER C 949 -11.30 26.17 -1.21
CA SER C 949 -11.83 27.42 -1.73
C SER C 949 -12.99 27.18 -2.69
N ARG C 950 -12.99 26.07 -3.41
CA ARG C 950 -14.05 25.83 -4.39
C ARG C 950 -15.23 25.05 -3.83
N LEU C 951 -15.01 24.11 -2.92
CA LEU C 951 -16.03 23.14 -2.54
C LEU C 951 -16.48 23.34 -1.11
N ASP C 952 -17.76 23.02 -0.87
CA ASP C 952 -18.31 23.00 0.47
C ASP C 952 -17.90 21.72 1.19
N LYS C 953 -18.20 21.68 2.49
CA LYS C 953 -17.59 20.68 3.37
C LYS C 953 -17.85 19.26 2.89
N VAL C 954 -19.05 18.98 2.39
CA VAL C 954 -19.44 17.59 2.12
C VAL C 954 -18.54 16.97 1.05
N GLU C 955 -18.40 17.65 -0.08
CA GLU C 955 -17.56 17.13 -1.16
C GLU C 955 -16.08 17.35 -0.89
N ALA C 956 -15.74 18.46 -0.22
CA ALA C 956 -14.37 18.68 0.19
C ALA C 956 -13.86 17.51 1.02
N GLU C 957 -14.75 16.91 1.82
CA GLU C 957 -14.34 15.78 2.65
C GLU C 957 -13.94 14.59 1.80
N VAL C 958 -14.70 14.29 0.74
CA VAL C 958 -14.35 13.18 -0.14
C VAL C 958 -12.99 13.41 -0.78
N GLN C 959 -12.80 14.61 -1.34
CA GLN C 959 -11.53 14.90 -2.00
C GLN C 959 -10.37 14.79 -1.01
N ILE C 960 -10.53 15.37 0.18
CA ILE C 960 -9.47 15.36 1.17
C ILE C 960 -9.18 13.94 1.65
N ASP C 961 -10.20 13.10 1.74
CA ASP C 961 -9.97 11.70 2.11
C ASP C 961 -9.10 11.00 1.08
N ARG C 962 -9.38 11.23 -0.20
CA ARG C 962 -8.53 10.65 -1.24
C ARG C 962 -7.08 11.10 -1.07
N LEU C 963 -6.88 12.40 -0.87
CA LEU C 963 -5.52 12.91 -0.72
C LEU C 963 -4.82 12.31 0.50
N ILE C 964 -5.55 12.19 1.62
CA ILE C 964 -4.96 11.63 2.83
C ILE C 964 -4.51 10.20 2.58
N THR C 965 -5.37 9.40 1.94
CA THR C 965 -4.99 8.03 1.65
C THR C 965 -3.70 7.98 0.84
N GLY C 966 -3.63 8.76 -0.23
CA GLY C 966 -2.44 8.71 -1.07
C GLY C 966 -1.17 9.10 -0.34
N ARG C 967 -1.23 10.19 0.42
CA ARG C 967 -0.02 10.69 1.08
C ARG C 967 0.43 9.74 2.20
N LEU C 968 -0.53 9.15 2.92
CA LEU C 968 -0.17 8.14 3.89
C LEU C 968 0.54 6.96 3.23
N GLN C 969 0.04 6.52 2.07
CA GLN C 969 0.72 5.45 1.35
C GLN C 969 2.15 5.83 1.01
N SER C 970 2.36 7.07 0.56
CA SER C 970 3.72 7.51 0.22
C SER C 970 4.64 7.41 1.44
N LEU C 971 4.16 7.88 2.59
CA LEU C 971 4.98 7.80 3.80
C LEU C 971 5.31 6.35 4.16
N GLN C 972 4.33 5.46 4.04
CA GLN C 972 4.58 4.06 4.37
C GLN C 972 5.64 3.45 3.46
N THR C 973 5.59 3.79 2.16
CA THR C 973 6.61 3.29 1.24
C THR C 973 8.00 3.78 1.64
N TYR C 974 8.10 5.07 1.98
CA TYR C 974 9.38 5.60 2.45
C TYR C 974 9.90 4.79 3.64
N VAL C 975 9.03 4.54 4.61
CA VAL C 975 9.48 3.86 5.83
C VAL C 975 9.92 2.44 5.53
N THR C 976 9.19 1.73 4.67
CA THR C 976 9.58 0.35 4.34
C THR C 976 10.97 0.32 3.71
N GLN C 977 11.21 1.19 2.72
CA GLN C 977 12.52 1.18 2.06
C GLN C 977 13.61 1.57 3.05
N GLN C 978 13.31 2.49 3.98
CA GLN C 978 14.27 2.84 5.00
C GLN C 978 14.64 1.64 5.87
N LEU C 979 13.63 0.84 6.25
CA LEU C 979 13.91 -0.34 7.07
C LEU C 979 14.84 -1.31 6.35
N ILE C 980 14.59 -1.54 5.06
CA ILE C 980 15.45 -2.47 4.32
C ILE C 980 16.88 -1.94 4.22
N ARG C 981 17.02 -0.65 3.90
CA ARG C 981 18.35 -0.05 3.84
C ARG C 981 19.06 -0.17 5.18
N ALA C 982 18.32 0.04 6.27
CA ALA C 982 18.93 -0.02 7.60
C ALA C 982 19.42 -1.42 7.92
N ALA C 983 18.67 -2.44 7.49
CA ALA C 983 19.14 -3.81 7.69
C ALA C 983 20.47 -4.04 6.97
N GLU C 984 20.56 -3.57 5.72
CA GLU C 984 21.82 -3.73 4.98
C GLU C 984 22.96 -3.02 5.71
N ILE C 985 22.71 -1.79 6.15
CA ILE C 985 23.75 -1.02 6.84
C ILE C 985 24.19 -1.72 8.11
N ARG C 986 23.24 -2.32 8.84
CA ARG C 986 23.57 -3.02 10.07
C ARG C 986 24.46 -4.23 9.79
N ALA C 987 24.17 -4.96 8.72
CA ALA C 987 25.07 -6.07 8.36
C ALA C 987 26.48 -5.56 8.10
N SER C 988 26.59 -4.44 7.36
CA SER C 988 27.91 -3.87 7.10
C SER C 988 28.61 -3.47 8.40
N ALA C 989 27.87 -2.86 9.33
CA ALA C 989 28.46 -2.41 10.59
C ALA C 989 28.94 -3.58 11.42
N ASN C 990 28.18 -4.68 11.45
CA ASN C 990 28.62 -5.87 12.18
C ASN C 990 29.91 -6.42 11.59
N LEU C 991 29.99 -6.49 10.26
CA LEU C 991 31.24 -6.94 9.65
C LEU C 991 32.39 -6.00 10.01
N ALA C 992 32.15 -4.69 10.02
CA ALA C 992 33.21 -3.74 10.35
C ALA C 992 33.70 -3.92 11.78
N ALA C 993 32.78 -4.14 12.72
CA ALA C 993 33.18 -4.36 14.11
C ALA C 993 34.00 -5.64 14.25
N THR C 994 33.58 -6.70 13.55
CA THR C 994 34.36 -7.93 13.59
C THR C 994 35.76 -7.70 13.03
N LYS C 995 35.86 -6.95 11.93
CA LYS C 995 37.17 -6.67 11.36
C LYS C 995 38.03 -5.87 12.32
N MET C 996 37.45 -4.86 12.98
CA MET C 996 38.20 -4.12 13.97
C MET C 996 38.80 -5.07 15.00
N SER C 997 37.95 -5.92 15.59
CA SER C 997 38.42 -6.82 16.63
C SER C 997 39.51 -7.75 16.13
N GLU C 998 39.34 -8.33 14.94
CA GLU C 998 40.18 -9.44 14.52
C GLU C 998 41.41 -9.02 13.71
N CYS C 999 41.42 -7.83 13.13
CA CYS C 999 42.56 -7.33 12.36
C CYS C 999 43.31 -6.20 13.07
N VAL C 1000 42.62 -5.33 13.81
CA VAL C 1000 43.30 -4.22 14.47
C VAL C 1000 43.81 -4.64 15.84
N LEU C 1001 43.01 -5.36 16.62
CA LEU C 1001 43.38 -5.78 17.96
C LEU C 1001 44.10 -7.12 17.99
N GLY C 1002 44.32 -7.75 16.83
CA GLY C 1002 45.04 -9.00 16.79
C GLY C 1002 45.51 -9.31 15.39
N GLN C 1003 46.27 -10.39 15.27
CA GLN C 1003 46.79 -10.85 13.98
C GLN C 1003 45.95 -12.04 13.52
N SER C 1004 45.35 -11.93 12.34
CA SER C 1004 44.40 -12.91 11.84
C SER C 1004 45.10 -13.96 10.99
N LYS C 1005 44.55 -15.18 11.01
CA LYS C 1005 44.99 -16.26 10.14
C LYS C 1005 43.95 -16.64 9.10
N ARG C 1006 42.80 -15.94 9.07
CA ARG C 1006 41.77 -16.24 8.08
C ARG C 1006 42.21 -15.69 6.73
N VAL C 1007 42.25 -16.57 5.73
CA VAL C 1007 42.75 -16.18 4.42
C VAL C 1007 41.89 -15.08 3.84
N ASP C 1008 42.52 -14.00 3.40
CA ASP C 1008 41.89 -12.89 2.68
C ASP C 1008 40.88 -12.13 3.53
N PHE C 1009 40.91 -12.29 4.85
CA PHE C 1009 39.99 -11.53 5.69
C PHE C 1009 40.51 -10.12 5.94
N CYS C 1010 41.75 -10.01 6.41
CA CYS C 1010 42.40 -8.71 6.59
C CYS C 1010 43.34 -8.42 5.42
N GLY C 1011 42.76 -8.29 4.23
CA GLY C 1011 43.52 -7.99 3.04
C GLY C 1011 44.11 -9.22 2.38
N LYS C 1012 44.78 -8.98 1.26
CA LYS C 1012 45.36 -10.05 0.46
C LYS C 1012 46.82 -10.25 0.84
N GLY C 1013 47.19 -11.50 1.09
CA GLY C 1013 48.51 -11.85 1.57
C GLY C 1013 48.46 -12.36 3.00
N TYR C 1014 49.64 -12.49 3.59
CA TYR C 1014 49.76 -12.92 4.98
C TYR C 1014 49.64 -11.69 5.88
N HIS C 1015 48.56 -11.62 6.64
CA HIS C 1015 48.27 -10.43 7.43
C HIS C 1015 49.38 -10.18 8.45
N LEU C 1016 49.78 -8.91 8.54
CA LEU C 1016 50.69 -8.44 9.59
C LEU C 1016 49.98 -7.55 10.60
N MET C 1017 49.30 -6.50 10.14
CA MET C 1017 48.63 -5.61 11.09
C MET C 1017 47.79 -4.58 10.33
N SER C 1018 46.81 -4.01 11.03
CA SER C 1018 45.87 -3.09 10.40
C SER C 1018 45.73 -1.81 11.22
N PHE C 1019 45.36 -0.72 10.54
CA PHE C 1019 45.14 0.57 11.18
C PHE C 1019 43.80 1.14 10.73
N PRO C 1020 42.95 1.60 11.64
CA PRO C 1020 41.69 2.22 11.24
C PRO C 1020 41.79 3.73 11.07
N GLN C 1021 40.90 4.25 10.21
CA GLN C 1021 40.77 5.69 10.00
C GLN C 1021 39.30 6.03 9.84
N ALA C 1022 38.85 7.09 10.50
CA ALA C 1022 37.46 7.51 10.41
C ALA C 1022 37.16 8.12 9.04
N ALA C 1023 35.91 8.04 8.63
CA ALA C 1023 35.47 8.65 7.39
C ALA C 1023 33.98 8.97 7.50
N PRO C 1024 33.46 9.85 6.67
CA PRO C 1024 32.04 10.22 6.78
C PRO C 1024 31.15 8.99 6.67
N HIS C 1025 30.41 8.72 7.74
CA HIS C 1025 29.46 7.61 7.82
C HIS C 1025 30.14 6.25 7.79
N GLY C 1026 31.44 6.17 8.02
CA GLY C 1026 32.08 4.87 7.94
C GLY C 1026 33.51 4.88 8.42
N VAL C 1027 34.20 3.76 8.15
CA VAL C 1027 35.57 3.54 8.55
C VAL C 1027 36.35 3.03 7.35
N VAL C 1028 37.67 3.24 7.38
CA VAL C 1028 38.58 2.78 6.34
C VAL C 1028 39.72 2.03 7.04
N PHE C 1029 39.92 0.78 6.66
CA PHE C 1029 40.99 -0.05 7.22
C PHE C 1029 42.18 -0.04 6.27
N LEU C 1030 43.38 0.15 6.83
CA LEU C 1030 44.63 0.02 6.10
C LEU C 1030 45.28 -1.27 6.56
N HIS C 1031 45.30 -2.28 5.69
CA HIS C 1031 45.83 -3.60 5.99
C HIS C 1031 47.27 -3.69 5.51
N VAL C 1032 48.14 -4.22 6.37
CA VAL C 1032 49.55 -4.41 6.08
C VAL C 1032 49.82 -5.89 6.10
N THR C 1033 50.31 -6.42 4.97
CA THR C 1033 50.49 -7.85 4.76
C THR C 1033 51.84 -8.12 4.11
N TYR C 1034 52.25 -9.39 4.16
CA TYR C 1034 53.54 -9.85 3.69
C TYR C 1034 53.35 -10.62 2.38
N VAL C 1035 54.12 -10.27 1.37
CA VAL C 1035 53.95 -10.85 0.03
C VAL C 1035 55.25 -11.48 -0.46
N PRO C 1036 55.34 -12.81 -0.56
CA PRO C 1036 56.55 -13.42 -1.10
C PRO C 1036 56.73 -13.09 -2.58
N SER C 1037 57.99 -13.06 -3.01
CA SER C 1037 58.32 -12.70 -4.38
C SER C 1037 59.67 -13.33 -4.75
N GLN C 1038 59.94 -13.34 -6.05
CA GLN C 1038 61.23 -13.82 -6.58
C GLN C 1038 61.47 -15.28 -6.18
N GLU C 1039 60.65 -16.15 -6.75
CA GLU C 1039 60.79 -17.57 -6.49
C GLU C 1039 61.95 -18.16 -7.28
N ARG C 1040 62.61 -19.16 -6.68
CA ARG C 1040 63.70 -19.89 -7.29
C ARG C 1040 63.44 -21.38 -7.19
N ASN C 1041 64.02 -22.12 -8.12
CA ASN C 1041 63.81 -23.56 -8.22
C ASN C 1041 64.76 -24.33 -7.31
N PHE C 1042 64.28 -25.45 -6.78
CA PHE C 1042 65.12 -26.39 -6.05
C PHE C 1042 64.58 -27.79 -6.26
N THR C 1043 65.43 -28.78 -6.02
CA THR C 1043 65.05 -30.18 -6.11
C THR C 1043 64.71 -30.68 -4.70
N THR C 1044 63.55 -31.31 -4.56
CA THR C 1044 63.03 -31.67 -3.25
C THR C 1044 62.83 -33.18 -3.14
N ALA C 1045 62.91 -33.68 -1.91
CA ALA C 1045 62.68 -35.09 -1.61
C ALA C 1045 61.74 -35.19 -0.41
N PRO C 1046 60.73 -36.07 -0.46
CA PRO C 1046 59.83 -36.19 0.70
C PRO C 1046 60.54 -36.57 1.99
N ALA C 1047 61.55 -37.44 1.92
CA ALA C 1047 62.26 -37.91 3.10
C ALA C 1047 63.66 -38.33 2.68
N ILE C 1048 64.53 -38.50 3.67
CA ILE C 1048 65.92 -38.88 3.41
C ILE C 1048 66.26 -40.13 4.23
N CYS C 1049 66.95 -41.07 3.59
CA CYS C 1049 67.34 -42.32 4.22
C CYS C 1049 68.78 -42.22 4.72
N HIS C 1050 68.99 -42.62 5.97
CA HIS C 1050 70.31 -42.58 6.59
C HIS C 1050 70.44 -43.78 7.51
N GLU C 1051 71.44 -44.63 7.25
CA GLU C 1051 71.67 -45.83 8.05
C GLU C 1051 70.41 -46.68 8.14
N GLY C 1052 69.66 -46.73 7.05
CA GLY C 1052 68.46 -47.54 6.99
C GLY C 1052 67.25 -46.94 7.67
N LYS C 1053 67.36 -45.72 8.20
CA LYS C 1053 66.27 -45.06 8.89
C LYS C 1053 65.77 -43.88 8.07
N ALA C 1054 64.46 -43.66 8.09
CA ALA C 1054 63.85 -42.59 7.31
C ALA C 1054 63.66 -41.35 8.18
N TYR C 1055 64.06 -40.20 7.64
CA TYR C 1055 63.90 -38.91 8.30
C TYR C 1055 62.97 -38.04 7.46
N PHE C 1056 62.04 -37.39 8.14
CA PHE C 1056 60.98 -36.57 7.55
C PHE C 1056 61.07 -35.13 8.04
N PRO C 1057 60.50 -34.18 7.29
CA PRO C 1057 60.40 -32.81 7.78
C PRO C 1057 59.18 -32.58 8.65
N ARG C 1058 59.05 -31.36 9.18
CA ARG C 1058 57.98 -31.01 10.10
C ARG C 1058 57.35 -29.67 9.74
N GLU C 1059 56.88 -29.53 8.50
CA GLU C 1059 56.45 -28.30 7.85
C GLU C 1059 57.61 -27.57 7.17
N GLY C 1060 58.83 -28.13 7.20
CA GLY C 1060 59.89 -27.69 6.34
C GLY C 1060 59.92 -28.47 5.03
N VAL C 1061 60.95 -28.20 4.24
CA VAL C 1061 61.17 -28.92 2.99
C VAL C 1061 62.66 -29.18 2.82
N PHE C 1062 62.99 -30.37 2.35
CA PHE C 1062 64.35 -30.67 1.90
C PHE C 1062 64.59 -30.04 0.53
N VAL C 1063 65.77 -29.46 0.35
CA VAL C 1063 66.11 -28.76 -0.88
C VAL C 1063 67.56 -29.09 -1.25
N PHE C 1064 67.81 -29.36 -2.52
CA PHE C 1064 69.14 -29.62 -3.03
C PHE C 1064 69.66 -28.36 -3.71
N SER C 1065 70.71 -27.77 -3.13
CA SER C 1065 71.30 -26.56 -3.68
C SER C 1065 71.78 -26.80 -5.12
N SER C 1068 74.57 -30.65 -2.33
CA SER C 1068 74.26 -30.93 -0.94
C SER C 1068 72.77 -30.76 -0.68
N TRP C 1069 72.28 -31.35 0.40
CA TRP C 1069 70.88 -31.25 0.79
C TRP C 1069 70.76 -30.43 2.07
N PHE C 1070 69.73 -29.60 2.13
CA PHE C 1070 69.46 -28.74 3.27
C PHE C 1070 67.98 -28.83 3.59
N ILE C 1071 67.59 -28.20 4.69
CA ILE C 1071 66.20 -28.08 5.12
C ILE C 1071 65.88 -26.60 5.26
N THR C 1072 64.69 -26.21 4.80
CA THR C 1072 64.33 -24.81 4.80
C THR C 1072 62.84 -24.64 5.05
N GLN C 1073 62.47 -23.43 5.47
CA GLN C 1073 61.07 -23.06 5.61
C GLN C 1073 60.49 -22.67 4.27
N ARG C 1074 59.17 -22.84 4.14
CA ARG C 1074 58.50 -22.74 2.85
C ARG C 1074 58.24 -21.32 2.38
N ASN C 1075 58.34 -20.31 3.27
CA ASN C 1075 58.00 -18.95 2.91
C ASN C 1075 59.21 -18.05 2.67
N PHE C 1076 60.41 -18.51 2.99
CA PHE C 1076 61.61 -17.73 2.77
C PHE C 1076 62.80 -18.67 2.75
N PHE C 1077 63.61 -18.58 1.69
CA PHE C 1077 64.71 -19.53 1.51
C PHE C 1077 65.83 -19.20 2.48
N SER C 1078 66.04 -20.06 3.47
CA SER C 1078 67.13 -19.94 4.42
C SER C 1078 67.69 -21.34 4.66
N PRO C 1079 68.47 -21.85 3.72
CA PRO C 1079 68.89 -23.27 3.81
C PRO C 1079 69.69 -23.54 5.08
N GLN C 1080 69.41 -24.69 5.68
CA GLN C 1080 70.06 -25.09 6.93
C GLN C 1080 70.54 -26.54 6.80
N ILE C 1081 71.65 -26.84 7.48
CA ILE C 1081 72.22 -28.18 7.41
C ILE C 1081 71.33 -29.14 8.18
N ILE C 1082 71.11 -30.33 7.61
CA ILE C 1082 70.24 -31.32 8.22
C ILE C 1082 70.89 -31.88 9.48
N THR C 1083 70.10 -32.00 10.54
CA THR C 1083 70.56 -32.59 11.79
C THR C 1083 69.35 -33.16 12.52
N THR C 1084 69.63 -34.05 13.48
CA THR C 1084 68.56 -34.70 14.22
C THR C 1084 67.63 -33.69 14.89
N ASP C 1085 68.09 -32.44 15.07
CA ASP C 1085 67.24 -31.43 15.67
C ASP C 1085 66.03 -31.11 14.80
N ASN C 1086 66.22 -31.06 13.48
CA ASN C 1086 65.19 -30.59 12.57
C ASN C 1086 64.59 -31.70 11.72
N THR C 1087 64.75 -32.96 12.14
CA THR C 1087 64.24 -34.10 11.38
C THR C 1087 63.51 -35.05 12.33
N PHE C 1088 62.48 -35.71 11.79
CA PHE C 1088 61.68 -36.67 12.55
C PHE C 1088 61.95 -38.07 12.01
N VAL C 1089 62.41 -38.96 12.88
CA VAL C 1089 62.75 -40.32 12.48
C VAL C 1089 61.51 -41.19 12.55
N SER C 1090 61.30 -42.00 11.51
CA SER C 1090 60.13 -42.89 11.49
C SER C 1090 60.36 -44.02 10.51
N GLY C 1091 60.37 -45.25 11.03
CA GLY C 1091 60.40 -46.43 10.17
C GLY C 1091 61.72 -46.62 9.45
N ASN C 1092 61.62 -47.33 8.32
CA ASN C 1092 62.75 -47.65 7.46
C ASN C 1092 62.57 -46.95 6.11
N CYS C 1093 63.43 -47.29 5.16
CA CYS C 1093 63.47 -46.64 3.85
C CYS C 1093 62.78 -47.46 2.78
N ASP C 1094 61.71 -48.17 3.13
CA ASP C 1094 60.99 -49.02 2.18
C ASP C 1094 59.63 -48.47 1.78
N VAL C 1095 58.80 -48.09 2.75
CA VAL C 1095 57.45 -47.63 2.44
C VAL C 1095 57.48 -46.28 1.75
N VAL C 1096 58.38 -45.39 2.20
CA VAL C 1096 58.38 -44.02 1.68
C VAL C 1096 58.64 -44.04 0.19
N ILE C 1097 57.74 -43.41 -0.57
CA ILE C 1097 57.87 -43.30 -2.02
C ILE C 1097 58.69 -42.05 -2.34
N GLY C 1098 59.72 -42.21 -3.16
CA GLY C 1098 60.54 -41.10 -3.58
C GLY C 1098 61.62 -40.69 -2.60
N ILE C 1099 61.95 -41.55 -1.63
CA ILE C 1099 62.99 -41.21 -0.67
C ILE C 1099 64.36 -41.28 -1.33
N ILE C 1100 65.21 -40.31 -1.04
CA ILE C 1100 66.58 -40.26 -1.54
C ILE C 1100 67.52 -40.57 -0.36
N ASN C 1101 68.70 -41.09 -0.69
CA ASN C 1101 69.67 -41.46 0.33
C ASN C 1101 70.57 -40.27 0.65
N ASN C 1102 70.76 -40.00 1.95
CA ASN C 1102 71.67 -38.96 2.39
C ASN C 1102 72.19 -39.30 3.79
N THR C 1103 73.02 -38.40 4.31
CA THR C 1103 73.54 -38.48 5.66
C THR C 1103 72.93 -37.37 6.52
N VAL C 1104 72.94 -37.58 7.82
CA VAL C 1104 72.41 -36.62 8.79
C VAL C 1104 73.48 -36.38 9.86
N TYR C 1105 73.82 -35.13 10.07
CA TYR C 1105 74.84 -34.77 11.06
C TYR C 1105 74.31 -34.96 12.48
#